data_8CYA
#
_entry.id   8CYA
#
_cell.length_a   1.00
_cell.length_b   1.00
_cell.length_c   1.00
_cell.angle_alpha   90.00
_cell.angle_beta   90.00
_cell.angle_gamma   90.00
#
_symmetry.space_group_name_H-M   'P 1'
#
loop_
_entity.id
_entity.type
_entity.pdbx_description
1 polymer 'Spike glycoprotein'
2 polymer 'pan-sarbecovirus nanobody 2-67'
3 branched beta-D-mannopyranose-(1-4)-2-acetamido-2-deoxy-beta-D-glucopyranose-(1-4)-2-acetamido-2-deoxy-beta-D-glucopyranose
4 branched 2-acetamido-2-deoxy-beta-D-glucopyranose-(1-4)-2-acetamido-2-deoxy-beta-D-glucopyranose
5 branched 2-acetamido-2-deoxy-beta-D-glucopyranose-(1-4)-[alpha-L-fucopyranose-(1-6)]2-acetamido-2-deoxy-beta-D-glucopyranose
6 non-polymer 2-acetamido-2-deoxy-beta-D-glucopyranose
#
loop_
_entity_poly.entity_id
_entity_poly.type
_entity_poly.pdbx_seq_one_letter_code
_entity_poly.pdbx_strand_id
1 'polypeptide(L)'
;MFVFLVLLPLVSSQCVNLTTRTQLPPAYTNSFTRGVYYPDKVFRSSVLHSTQDLFLPFFSNVTWFHAIHVSGTNGTKRFD
NPVLPFNDGVYFASTEKSNIIRGWIFGTTLDSKTQSLLIVNNATNVVIKVCEFQFCNDPFLGVYYHKNNKSWMESEFRVY
SSANNCTFEYVSQPFLMDLEGKQGNFKNLREFVFKNIDGYFKIYSKHTPINLVRDLPQGFSALEPLVDLPIGINITRFQT
LLALHRSYLTPGDSSSGWTAGAAAYYVGYLQPRTFLLKYNENGTITDAVDCALDPLSETKCTLKSFTVEKGIYQTSNFRV
QPTESIVRFPNITNLCPFGEVFNATRFASVYAWNRKRISNCVADYSVLYNSASFSTFKCYGVSPTKLNDLCFTNVYADSF
VIRGDEVRQIAPGQTGKIADYNYKLPDDFTGCVIAWNSNNLDSKVGGNYNYLYRLFRKSNLKPFERDISTEIYQAGSTPC
NGVEGFNCYFPLQSYGFQPTNGVGYQPYRVVVLSFELLHAPATVCGPKKSTNLVKNKCVNFNFNGLTGTGVLTESNKKFL
PFQQFGRDIADTTDAVRDPQTLEILDITPCSFGGVSVITPGTNTSNQVAVLYQDVNCTEVPVAIHADQLTPTWRVYSTGS
NVFQTRAGCLIGAEHVNNSYECDIPIGAGICASYQTQTNSPRRARSVASQSIIAYTMSLGAENSVAYSNNSIAIPTNFTI
SVTTEILPVSMTKTSVDCTMYICGDSTECSNLLLQYGSFCTQLNRALTGIAVEQDKNTQEVFAQVKQIYKTPPIKDFGGF
NFSQILPDPSKPSKRSFIEDLLFNKVTLADAGFIKQYGDCLGDIAARDLICAQKFNGLTVLPPLLTDEMIAQYTSALLAG
TITSGWTFGAGAALQIPFAMQMAYRFNGIGVTQNVLYENQKLIANQFNSAIGKIQDSLSSTASALGKLQDVVNQNAQALN
TLVKQLSSNFGAISSVLNDILSRLDPPEAEVQIDRLITGRLQSLQTYVTQQLIRAAEIRASANLAATKMSECVLGQSKRV
DFCGKGYHLMSFPQSAPHGVVFLHVTYVPAQEKNFTTAPAICHDGKAHFPREGVFVSNGTHWFVTQRNFYEPQIITTDNT
FVSGNCDVVIGIVNNTVYDPLQPELDSFKEELDKYFKNHTSPDVDLGDISGINASVVNIQKEIDRLNEVAKNLNESLIDL
QELGKYEQYIKWPWYIWLGFIAGLIAIVMVTIMLCCMTSCCSCLKGCCSCGSCCKFDEDDSEPVLKGVKLHYT
;
B,A,C
2 'polypeptide(L)'
;EVQLVESGGGLVQTGGSLRLSCALSGYTFSIFPTAWFRQAPGKEREFVAGIRWNGSTRDYTEYADFVKGRFTISRDNAKN
MVYLQMISLKPEDTALYYCAASDGVIDGTNANAYRYWGQGTQVTVSS
;
D,E,F
#
# COMPACT_ATOMS: atom_id res chain seq x y z
N CYS A 15 -37.85 -28.65 -44.03
CA CYS A 15 -38.54 -28.27 -45.26
C CYS A 15 -39.96 -28.80 -45.29
N VAL A 16 -40.28 -29.71 -44.36
CA VAL A 16 -41.59 -30.32 -44.26
C VAL A 16 -42.15 -30.00 -42.88
N ASN A 17 -43.38 -29.48 -42.85
CA ASN A 17 -44.03 -29.14 -41.59
C ASN A 17 -44.69 -30.38 -40.98
N LEU A 18 -44.52 -30.53 -39.67
CA LEU A 18 -45.14 -31.64 -38.97
C LEU A 18 -46.66 -31.50 -39.02
N THR A 19 -47.34 -32.64 -39.20
CA THR A 19 -48.79 -32.67 -39.33
C THR A 19 -49.38 -33.56 -38.24
N THR A 20 -50.46 -33.10 -37.63
CA THR A 20 -51.17 -33.86 -36.59
C THR A 20 -50.24 -34.19 -35.42
N ARG A 21 -49.75 -33.13 -34.76
CA ARG A 21 -48.89 -33.25 -33.60
C ARG A 21 -49.70 -32.92 -32.35
N THR A 22 -49.72 -33.84 -31.39
CA THR A 22 -50.45 -33.63 -30.16
C THR A 22 -49.71 -32.68 -29.23
N GLN A 23 -50.48 -31.95 -28.43
CA GLN A 23 -49.95 -31.02 -27.44
C GLN A 23 -50.33 -31.50 -26.04
N LEU A 24 -49.34 -31.70 -25.19
CA LEU A 24 -49.53 -32.18 -23.83
C LEU A 24 -48.80 -31.27 -22.86
N PRO A 25 -49.23 -31.24 -21.60
CA PRO A 25 -48.56 -30.38 -20.63
C PRO A 25 -47.11 -30.82 -20.44
N PRO A 26 -46.21 -29.88 -20.15
CA PRO A 26 -44.80 -30.24 -19.95
C PRO A 26 -44.58 -30.86 -18.58
N ALA A 27 -44.09 -32.09 -18.55
CA ALA A 27 -43.82 -32.77 -17.31
C ALA A 27 -42.57 -32.19 -16.64
N TYR A 28 -42.48 -32.36 -15.33
CA TYR A 28 -41.38 -31.84 -14.54
C TYR A 28 -40.89 -32.92 -13.58
N THR A 29 -39.61 -32.82 -13.21
CA THR A 29 -39.00 -33.77 -12.29
C THR A 29 -37.81 -33.10 -11.61
N ASN A 30 -37.42 -33.66 -10.48
CA ASN A 30 -36.26 -33.16 -9.75
C ASN A 30 -34.97 -33.70 -10.37
N SER A 31 -33.97 -32.83 -10.48
CA SER A 31 -32.71 -33.22 -11.10
C SER A 31 -31.87 -34.15 -10.24
N PHE A 32 -32.26 -34.38 -8.99
CA PHE A 32 -31.50 -35.24 -8.06
C PHE A 32 -30.11 -34.62 -7.94
N THR A 33 -29.03 -35.38 -8.11
CA THR A 33 -27.67 -34.87 -8.02
C THR A 33 -26.94 -35.03 -9.35
N ARG A 34 -27.64 -34.77 -10.45
CA ARG A 34 -27.10 -34.89 -11.79
C ARG A 34 -26.65 -33.53 -12.31
N GLY A 35 -25.91 -33.57 -13.40
CA GLY A 35 -25.41 -32.35 -14.02
C GLY A 35 -24.11 -31.84 -13.41
N VAL A 36 -23.19 -32.74 -13.08
CA VAL A 36 -21.92 -32.39 -12.46
C VAL A 36 -20.82 -32.71 -13.47
N TYR A 37 -19.95 -31.73 -13.72
CA TYR A 37 -18.84 -31.89 -14.65
C TYR A 37 -17.58 -31.34 -14.01
N TYR A 38 -16.43 -31.81 -14.50
CA TYR A 38 -15.15 -31.35 -13.97
C TYR A 38 -14.92 -29.90 -14.40
N PRO A 39 -14.75 -28.97 -13.46
CA PRO A 39 -14.54 -27.57 -13.87
C PRO A 39 -13.24 -27.35 -14.62
N ASP A 40 -12.26 -28.23 -14.48
CA ASP A 40 -10.97 -28.06 -15.12
C ASP A 40 -10.30 -29.43 -15.26
N LYS A 41 -9.27 -29.46 -16.11
CA LYS A 41 -8.53 -30.69 -16.38
C LYS A 41 -7.45 -30.98 -15.34
N VAL A 42 -7.49 -30.33 -14.19
CA VAL A 42 -6.49 -30.57 -13.16
C VAL A 42 -6.82 -31.85 -12.40
N PHE A 43 -5.78 -32.47 -11.85
CA PHE A 43 -5.88 -33.72 -11.13
C PHE A 43 -5.72 -33.47 -9.64
N ARG A 44 -6.64 -34.00 -8.83
CA ARG A 44 -6.59 -33.88 -7.39
C ARG A 44 -6.94 -35.22 -6.76
N SER A 45 -6.26 -35.54 -5.66
CA SER A 45 -6.45 -36.80 -4.95
C SER A 45 -6.96 -36.52 -3.55
N SER A 46 -8.11 -37.09 -3.21
CA SER A 46 -8.69 -36.96 -1.87
C SER A 46 -8.76 -35.48 -1.46
N VAL A 47 -9.26 -34.65 -2.37
CA VAL A 47 -9.28 -33.21 -2.19
C VAL A 47 -10.73 -32.74 -2.23
N LEU A 48 -11.11 -31.93 -1.25
CA LEU A 48 -12.43 -31.29 -1.21
C LEU A 48 -12.24 -29.88 -1.76
N HIS A 49 -12.52 -29.72 -3.05
CA HIS A 49 -12.25 -28.47 -3.76
C HIS A 49 -13.54 -27.70 -3.97
N SER A 50 -13.51 -26.42 -3.59
CA SER A 50 -14.65 -25.53 -3.77
C SER A 50 -14.44 -24.69 -5.02
N THR A 51 -15.45 -24.67 -5.89
CA THR A 51 -15.37 -23.94 -7.15
C THR A 51 -16.64 -23.13 -7.34
N GLN A 52 -16.53 -22.05 -8.12
CA GLN A 52 -17.66 -21.20 -8.47
C GLN A 52 -17.75 -21.14 -9.99
N ASP A 53 -18.87 -21.61 -10.55
CA ASP A 53 -19.01 -21.68 -11.99
C ASP A 53 -20.46 -22.02 -12.32
N LEU A 54 -20.74 -22.21 -13.61
CA LEU A 54 -22.06 -22.62 -14.04
C LEU A 54 -22.29 -24.08 -13.68
N PHE A 55 -23.44 -24.36 -13.05
CA PHE A 55 -23.76 -25.72 -12.64
C PHE A 55 -25.28 -25.86 -12.55
N LEU A 56 -25.73 -27.11 -12.53
CA LEU A 56 -27.15 -27.42 -12.38
C LEU A 56 -27.45 -27.63 -10.90
N PRO A 57 -28.25 -26.78 -10.26
CA PRO A 57 -28.56 -27.00 -8.84
C PRO A 57 -29.26 -28.34 -8.63
N PHE A 58 -28.93 -28.98 -7.51
CA PHE A 58 -29.56 -30.25 -7.18
C PHE A 58 -31.05 -30.07 -6.92
N PHE A 59 -31.82 -31.10 -7.29
CA PHE A 59 -33.27 -31.08 -7.12
C PHE A 59 -33.88 -29.87 -7.81
N SER A 60 -33.38 -29.55 -9.00
CA SER A 60 -33.86 -28.43 -9.78
C SER A 60 -34.87 -28.89 -10.82
N ASN A 61 -35.64 -27.94 -11.34
CA ASN A 61 -36.65 -28.25 -12.34
C ASN A 61 -36.00 -28.70 -13.64
N VAL A 62 -36.57 -29.74 -14.23
CA VAL A 62 -36.13 -30.25 -15.53
C VAL A 62 -37.35 -30.30 -16.45
N THR A 63 -37.21 -29.74 -17.65
CA THR A 63 -38.30 -29.70 -18.61
C THR A 63 -38.36 -31.03 -19.34
N TRP A 64 -38.94 -32.02 -18.67
CA TRP A 64 -39.05 -33.36 -19.25
C TRP A 64 -39.84 -33.30 -20.54
N PHE A 65 -39.32 -33.95 -21.58
CA PHE A 65 -39.95 -34.02 -22.89
C PHE A 65 -40.13 -35.47 -23.30
N HIS A 66 -41.14 -35.71 -24.13
CA HIS A 66 -41.49 -37.04 -24.60
C HIS A 66 -41.58 -37.05 -26.11
N ALA A 67 -41.06 -38.11 -26.73
CA ALA A 67 -41.16 -38.34 -28.16
C ALA A 67 -41.66 -39.78 -28.33
N ILE A 68 -42.98 -39.94 -28.32
CA ILE A 68 -43.60 -41.26 -28.30
C ILE A 68 -44.87 -41.24 -29.15
N HIS A 69 -45.08 -42.31 -29.91
CA HIS A 69 -46.29 -42.51 -30.70
C HIS A 69 -47.01 -43.75 -30.18
N VAL A 70 -48.27 -43.57 -29.80
CA VAL A 70 -49.12 -44.66 -29.32
C VAL A 70 -50.45 -44.60 -30.06
N SER A 71 -50.92 -45.76 -30.51
CA SER A 71 -52.16 -45.85 -31.26
C SER A 71 -53.35 -46.02 -30.32
N GLY A 72 -54.54 -46.11 -30.90
CA GLY A 72 -55.76 -46.27 -30.15
C GLY A 72 -56.41 -44.95 -29.77
N THR A 73 -57.63 -45.05 -29.22
CA THR A 73 -58.35 -43.86 -28.82
C THR A 73 -57.60 -43.09 -27.73
N ASN A 74 -57.04 -43.81 -26.76
CA ASN A 74 -56.24 -43.19 -25.71
C ASN A 74 -54.79 -42.97 -26.12
N GLY A 75 -54.42 -43.37 -27.33
CA GLY A 75 -53.05 -43.20 -27.78
C GLY A 75 -52.70 -41.75 -28.01
N THR A 76 -51.40 -41.51 -28.16
CA THR A 76 -50.87 -40.16 -28.34
C THR A 76 -49.67 -40.22 -29.26
N LYS A 77 -49.51 -39.21 -30.10
CA LYS A 77 -48.35 -39.06 -30.98
C LYS A 77 -47.72 -37.71 -30.66
N ARG A 78 -46.84 -37.69 -29.67
CA ARG A 78 -46.20 -36.48 -29.19
C ARG A 78 -44.74 -36.47 -29.63
N PHE A 79 -44.29 -35.35 -30.18
CA PHE A 79 -42.91 -35.15 -30.60
C PHE A 79 -42.46 -33.79 -30.11
N ASP A 80 -41.46 -33.76 -29.24
CA ASP A 80 -41.02 -32.54 -28.58
C ASP A 80 -39.74 -32.04 -29.24
N ASN A 81 -39.85 -30.94 -29.99
CA ASN A 81 -38.69 -30.23 -30.52
C ASN A 81 -38.94 -28.73 -30.53
N PRO A 82 -39.42 -28.13 -29.43
CA PRO A 82 -39.52 -26.67 -29.38
C PRO A 82 -38.18 -25.97 -29.50
N VAL A 83 -38.21 -24.65 -29.40
CA VAL A 83 -37.01 -23.83 -29.36
C VAL A 83 -36.78 -23.46 -27.89
N LEU A 84 -35.86 -24.16 -27.25
CA LEU A 84 -35.57 -23.91 -25.84
C LEU A 84 -34.45 -22.88 -25.72
N PRO A 85 -34.66 -21.78 -24.99
CA PRO A 85 -33.57 -20.81 -24.81
C PRO A 85 -32.35 -21.46 -24.18
N PHE A 86 -31.17 -21.06 -24.65
CA PHE A 86 -29.92 -21.61 -24.14
C PHE A 86 -29.45 -20.94 -22.86
N ASN A 87 -29.86 -19.68 -22.63
CA ASN A 87 -29.45 -18.96 -21.42
C ASN A 87 -27.93 -18.91 -21.33
N ASP A 88 -27.35 -19.60 -20.35
CA ASP A 88 -25.90 -19.63 -20.13
C ASP A 88 -25.45 -21.05 -19.86
N GLY A 89 -25.93 -21.99 -20.66
CA GLY A 89 -25.61 -23.39 -20.51
C GLY A 89 -26.85 -24.18 -20.14
N VAL A 90 -27.08 -25.28 -20.87
CA VAL A 90 -28.26 -26.11 -20.68
C VAL A 90 -27.82 -27.56 -20.51
N TYR A 91 -28.11 -28.14 -19.35
CA TYR A 91 -27.85 -29.56 -19.14
C TYR A 91 -28.84 -30.39 -19.95
N PHE A 92 -28.34 -31.47 -20.54
CA PHE A 92 -29.15 -32.33 -21.40
C PHE A 92 -28.88 -33.78 -21.04
N ALA A 93 -29.95 -34.58 -20.98
CA ALA A 93 -29.86 -36.00 -20.71
C ALA A 93 -30.77 -36.76 -21.66
N SER A 94 -30.41 -38.01 -21.93
CA SER A 94 -31.19 -38.85 -22.84
C SER A 94 -31.16 -40.28 -22.30
N THR A 95 -32.31 -40.77 -21.87
CA THR A 95 -32.46 -42.14 -21.38
C THR A 95 -33.24 -42.93 -22.41
N GLU A 96 -32.58 -43.89 -23.05
CA GLU A 96 -33.18 -44.66 -24.13
C GLU A 96 -32.26 -45.83 -24.45
N LYS A 97 -32.64 -46.59 -25.48
CA LYS A 97 -31.83 -47.72 -25.95
C LYS A 97 -31.63 -47.73 -27.46
N SER A 98 -32.51 -47.10 -28.24
CA SER A 98 -32.40 -47.07 -29.69
C SER A 98 -31.71 -45.82 -30.21
N ASN A 99 -31.25 -44.94 -29.33
CA ASN A 99 -30.51 -43.74 -29.72
C ASN A 99 -31.32 -42.88 -30.68
N ILE A 100 -32.57 -42.60 -30.30
CA ILE A 100 -33.41 -41.73 -31.12
C ILE A 100 -32.83 -40.31 -31.15
N ILE A 101 -32.36 -39.82 -30.00
CA ILE A 101 -31.71 -38.51 -29.97
C ILE A 101 -30.39 -38.61 -30.70
N ARG A 102 -30.18 -37.71 -31.66
CA ARG A 102 -29.01 -37.81 -32.53
C ARG A 102 -28.16 -36.55 -32.55
N GLY A 103 -28.78 -35.37 -32.46
CA GLY A 103 -28.02 -34.14 -32.55
C GLY A 103 -28.77 -32.98 -31.95
N TRP A 104 -28.14 -31.80 -32.03
CA TRP A 104 -28.70 -30.59 -31.46
C TRP A 104 -28.48 -29.44 -32.44
N ILE A 105 -29.32 -28.41 -32.30
CA ILE A 105 -29.22 -27.18 -33.09
C ILE A 105 -29.06 -26.02 -32.12
N PHE A 106 -28.07 -25.17 -32.37
CA PHE A 106 -27.81 -23.99 -31.55
C PHE A 106 -27.78 -22.76 -32.44
N GLY A 107 -27.47 -21.62 -31.82
CA GLY A 107 -27.39 -20.35 -32.51
C GLY A 107 -28.27 -19.31 -31.88
N THR A 108 -28.15 -18.09 -32.41
CA THR A 108 -28.94 -16.95 -31.92
C THR A 108 -30.28 -16.84 -32.65
N THR A 109 -30.24 -16.74 -33.98
CA THR A 109 -31.45 -16.63 -34.78
C THR A 109 -31.95 -17.96 -35.32
N LEU A 110 -31.10 -19.00 -35.27
CA LEU A 110 -31.48 -20.32 -35.80
C LEU A 110 -31.98 -20.21 -37.23
N ASP A 111 -31.27 -19.44 -38.04
CA ASP A 111 -31.66 -19.21 -39.43
C ASP A 111 -30.42 -18.85 -40.22
N SER A 112 -30.56 -18.87 -41.55
CA SER A 112 -29.43 -18.54 -42.43
C SER A 112 -28.97 -17.10 -42.26
N LYS A 113 -29.78 -16.26 -41.62
CA LYS A 113 -29.37 -14.87 -41.42
C LYS A 113 -28.07 -14.77 -40.63
N THR A 114 -27.94 -15.60 -39.60
CA THR A 114 -26.74 -15.62 -38.76
C THR A 114 -26.21 -17.04 -38.65
N GLN A 115 -24.90 -17.16 -38.52
CA GLN A 115 -24.28 -18.46 -38.40
C GLN A 115 -24.80 -19.20 -37.17
N SER A 116 -25.06 -20.50 -37.34
CA SER A 116 -25.64 -21.32 -36.28
C SER A 116 -24.87 -22.63 -36.18
N LEU A 117 -24.53 -23.02 -34.96
CA LEU A 117 -23.86 -24.30 -34.74
C LEU A 117 -24.83 -25.45 -34.95
N LEU A 118 -24.33 -26.54 -35.50
CA LEU A 118 -25.15 -27.72 -35.79
C LEU A 118 -24.34 -28.97 -35.48
N ILE A 119 -24.85 -29.80 -34.58
CA ILE A 119 -24.25 -31.09 -34.24
C ILE A 119 -25.25 -32.18 -34.64
N VAL A 120 -24.80 -33.13 -35.45
CA VAL A 120 -25.68 -34.16 -35.98
C VAL A 120 -24.91 -35.46 -36.10
N ASN A 121 -25.61 -36.57 -35.91
CA ASN A 121 -25.04 -37.92 -36.02
C ASN A 121 -26.04 -38.81 -36.75
N ASN A 122 -25.81 -39.03 -38.04
CA ASN A 122 -26.66 -39.90 -38.85
C ASN A 122 -26.17 -41.34 -38.95
N ALA A 123 -24.88 -41.61 -38.78
CA ALA A 123 -24.34 -42.95 -38.94
C ALA A 123 -22.81 -42.97 -38.85
N THR A 124 -22.14 -42.62 -39.95
CA THR A 124 -20.71 -42.87 -40.10
C THR A 124 -19.85 -42.13 -39.07
N ASN A 125 -19.83 -40.79 -39.15
CA ASN A 125 -18.90 -40.00 -38.36
C ASN A 125 -19.56 -38.70 -37.91
N VAL A 126 -19.53 -38.45 -36.61
CA VAL A 126 -20.21 -37.29 -36.04
C VAL A 126 -19.87 -36.04 -36.84
N VAL A 127 -20.86 -35.20 -37.08
CA VAL A 127 -20.70 -33.99 -37.87
C VAL A 127 -21.00 -32.79 -36.99
N ILE A 128 -20.07 -31.84 -36.96
CA ILE A 128 -20.27 -30.55 -36.31
C ILE A 128 -19.94 -29.47 -37.32
N LYS A 129 -20.84 -28.50 -37.47
CA LYS A 129 -20.68 -27.46 -38.47
C LYS A 129 -21.09 -26.11 -37.90
N VAL A 130 -20.50 -25.05 -38.46
CA VAL A 130 -20.84 -23.68 -38.11
C VAL A 130 -20.99 -22.93 -39.43
N CYS A 131 -22.23 -22.80 -39.92
CA CYS A 131 -22.50 -22.15 -41.18
C CYS A 131 -23.81 -21.38 -41.07
N GLU A 132 -24.18 -20.68 -42.15
CA GLU A 132 -25.43 -19.95 -42.21
C GLU A 132 -26.57 -20.88 -42.65
N PHE A 133 -26.82 -21.89 -41.82
CA PHE A 133 -27.83 -22.88 -42.14
C PHE A 133 -29.22 -22.27 -42.17
N GLN A 134 -30.02 -22.70 -43.14
CA GLN A 134 -31.40 -22.22 -43.28
C GLN A 134 -32.32 -23.23 -42.60
N PHE A 135 -32.36 -23.16 -41.27
CA PHE A 135 -33.20 -24.06 -40.52
C PHE A 135 -34.67 -23.84 -40.85
N CYS A 136 -35.41 -24.94 -40.97
CA CYS A 136 -36.84 -24.85 -41.21
C CYS A 136 -37.59 -24.66 -39.89
N ASN A 137 -38.91 -24.59 -39.97
CA ASN A 137 -39.71 -24.37 -38.77
C ASN A 137 -39.68 -25.59 -37.86
N ASP A 138 -39.52 -26.78 -38.42
CA ASP A 138 -39.47 -28.03 -37.65
C ASP A 138 -38.26 -28.84 -38.09
N PRO A 139 -37.05 -28.41 -37.70
CA PRO A 139 -35.86 -29.18 -38.08
C PRO A 139 -35.89 -30.59 -37.52
N PHE A 140 -35.42 -31.54 -38.32
CA PHE A 140 -35.34 -32.94 -37.90
C PHE A 140 -34.63 -33.72 -39.00
N LEU A 141 -34.20 -34.93 -38.65
CA LEU A 141 -33.62 -35.88 -39.60
C LEU A 141 -34.55 -37.08 -39.64
N GLY A 142 -34.89 -37.51 -40.84
CA GLY A 142 -35.77 -38.66 -41.02
C GLY A 142 -35.13 -39.82 -41.74
N VAL A 143 -35.21 -41.00 -41.14
CA VAL A 143 -34.65 -42.22 -41.72
C VAL A 143 -35.80 -43.14 -42.10
N TYR A 144 -35.84 -43.54 -43.36
CA TYR A 144 -36.85 -44.46 -43.86
C TYR A 144 -36.34 -45.89 -43.76
N TYR A 145 -37.25 -46.83 -43.50
CA TYR A 145 -36.92 -48.24 -43.41
C TYR A 145 -36.98 -48.82 -44.82
N HIS A 146 -35.85 -48.74 -45.52
CA HIS A 146 -35.79 -49.22 -46.89
C HIS A 146 -36.11 -50.71 -46.94
N LYS A 147 -36.97 -51.09 -47.89
CA LYS A 147 -37.48 -52.45 -47.98
C LYS A 147 -36.66 -53.36 -48.88
N ASN A 148 -35.78 -52.81 -49.72
CA ASN A 148 -35.00 -53.66 -50.62
C ASN A 148 -34.08 -54.58 -49.82
N ASN A 149 -33.44 -54.07 -48.78
CA ASN A 149 -32.56 -54.86 -47.93
C ASN A 149 -33.06 -54.94 -46.49
N LYS A 150 -34.19 -54.33 -46.18
CA LYS A 150 -34.77 -54.37 -44.83
C LYS A 150 -33.79 -53.76 -43.82
N SER A 151 -33.43 -52.50 -44.07
CA SER A 151 -32.51 -51.79 -43.19
C SER A 151 -32.88 -50.31 -43.18
N TRP A 152 -32.54 -49.65 -42.08
CA TRP A 152 -32.80 -48.22 -41.94
C TRP A 152 -31.74 -47.41 -42.67
N MET A 153 -32.16 -46.27 -43.21
CA MET A 153 -31.25 -45.38 -43.91
C MET A 153 -31.83 -43.97 -43.89
N GLU A 154 -30.96 -42.98 -44.06
CA GLU A 154 -31.33 -41.59 -43.91
C GLU A 154 -31.67 -40.98 -45.28
N SER A 155 -32.89 -40.44 -45.40
CA SER A 155 -33.32 -39.81 -46.63
C SER A 155 -34.12 -38.53 -46.41
N GLU A 156 -34.20 -38.00 -45.20
CA GLU A 156 -34.95 -36.80 -44.89
C GLU A 156 -34.11 -35.87 -44.02
N PHE A 157 -32.90 -35.56 -44.48
CA PHE A 157 -32.04 -34.61 -43.80
C PHE A 157 -32.52 -33.20 -44.07
N ARG A 158 -33.71 -32.86 -43.57
CA ARG A 158 -34.33 -31.55 -43.79
C ARG A 158 -34.04 -30.58 -42.65
N VAL A 159 -32.91 -30.73 -41.96
CA VAL A 159 -32.59 -29.84 -40.85
C VAL A 159 -32.46 -28.41 -41.35
N TYR A 160 -31.76 -28.21 -42.46
CA TYR A 160 -31.57 -26.89 -43.05
C TYR A 160 -31.77 -26.98 -44.54
N SER A 161 -32.41 -25.95 -45.11
CA SER A 161 -32.64 -25.92 -46.55
C SER A 161 -31.31 -25.85 -47.32
N SER A 162 -30.38 -25.02 -46.84
CA SER A 162 -29.10 -24.86 -47.51
C SER A 162 -28.07 -24.40 -46.49
N ALA A 163 -26.80 -24.55 -46.85
CA ALA A 163 -25.68 -24.15 -46.00
C ALA A 163 -24.73 -23.27 -46.79
N ASN A 164 -24.23 -22.22 -46.15
CA ASN A 164 -23.32 -21.30 -46.80
C ASN A 164 -22.50 -20.57 -45.74
N ASN A 165 -21.42 -19.93 -46.17
CA ASN A 165 -20.54 -19.17 -45.28
C ASN A 165 -20.02 -20.06 -44.16
N CYS A 166 -19.52 -21.25 -44.53
CA CYS A 166 -18.97 -22.15 -43.54
C CYS A 166 -17.72 -21.56 -42.91
N THR A 167 -17.62 -21.70 -41.58
CA THR A 167 -16.49 -21.19 -40.82
C THR A 167 -15.82 -22.23 -39.93
N PHE A 168 -16.45 -23.37 -39.72
CA PHE A 168 -15.88 -24.41 -38.87
C PHE A 168 -16.58 -25.73 -39.16
N GLU A 169 -15.79 -26.80 -39.27
CA GLU A 169 -16.33 -28.12 -39.53
C GLU A 169 -15.45 -29.16 -38.86
N TYR A 170 -16.09 -30.06 -38.09
CA TYR A 170 -15.40 -31.15 -37.41
C TYR A 170 -16.09 -32.46 -37.76
N VAL A 171 -15.29 -33.45 -38.13
CA VAL A 171 -15.77 -34.77 -38.53
C VAL A 171 -15.04 -35.82 -37.69
N SER A 172 -15.80 -36.77 -37.16
CA SER A 172 -15.24 -37.82 -36.31
C SER A 172 -14.84 -39.01 -37.17
N GLN A 173 -14.52 -40.13 -36.52
CA GLN A 173 -14.14 -41.34 -37.23
C GLN A 173 -15.39 -42.11 -37.67
N PRO A 174 -15.24 -43.00 -38.65
CA PRO A 174 -16.39 -43.81 -39.07
C PRO A 174 -16.85 -44.76 -37.97
N PHE A 175 -18.16 -45.04 -37.96
CA PHE A 175 -18.76 -45.98 -37.03
C PHE A 175 -20.20 -46.20 -37.46
N LEU A 176 -20.90 -47.07 -36.73
CA LEU A 176 -22.30 -47.35 -37.02
C LEU A 176 -22.95 -47.93 -35.78
N MET A 177 -24.28 -47.86 -35.74
CA MET A 177 -25.05 -48.38 -34.62
C MET A 177 -26.43 -48.77 -35.13
N ASP A 178 -27.14 -49.56 -34.31
CA ASP A 178 -28.48 -49.98 -34.67
C ASP A 178 -29.42 -48.78 -34.78
N LEU A 179 -30.29 -48.82 -35.78
CA LEU A 179 -31.26 -47.75 -36.00
C LEU A 179 -32.69 -48.16 -35.67
N GLU A 180 -32.95 -49.45 -35.47
CA GLU A 180 -34.30 -49.90 -35.17
C GLU A 180 -34.77 -49.34 -33.83
N GLY A 181 -36.05 -49.00 -33.75
CA GLY A 181 -36.62 -48.47 -32.53
C GLY A 181 -37.00 -49.57 -31.55
N LYS A 182 -36.01 -50.16 -30.89
CA LYS A 182 -36.27 -51.24 -29.95
C LYS A 182 -37.13 -50.73 -28.79
N GLN A 183 -38.04 -51.59 -28.34
CA GLN A 183 -38.94 -51.26 -27.24
C GLN A 183 -38.38 -51.82 -25.94
N GLY A 184 -39.12 -51.60 -24.86
CA GLY A 184 -38.73 -52.05 -23.53
C GLY A 184 -38.21 -50.92 -22.67
N ASN A 185 -37.89 -51.27 -21.44
CA ASN A 185 -37.37 -50.28 -20.49
C ASN A 185 -36.05 -49.71 -20.99
N PHE A 186 -35.92 -48.38 -20.90
CA PHE A 186 -34.69 -47.74 -21.32
C PHE A 186 -33.52 -48.18 -20.44
N LYS A 187 -32.37 -48.43 -21.07
CA LYS A 187 -31.20 -48.94 -20.37
C LYS A 187 -29.96 -48.08 -20.50
N ASN A 188 -29.83 -47.28 -21.55
CA ASN A 188 -28.65 -46.46 -21.78
C ASN A 188 -28.98 -45.01 -21.46
N LEU A 189 -28.22 -44.41 -20.53
CA LEU A 189 -28.39 -43.02 -20.15
C LEU A 189 -27.15 -42.25 -20.61
N ARG A 190 -27.36 -41.27 -21.48
CA ARG A 190 -26.30 -40.40 -21.98
C ARG A 190 -26.55 -39.00 -21.44
N GLU A 191 -25.70 -38.55 -20.54
CA GLU A 191 -25.79 -37.23 -19.94
C GLU A 191 -24.86 -36.27 -20.67
N PHE A 192 -25.40 -35.13 -21.11
CA PHE A 192 -24.65 -34.14 -21.85
C PHE A 192 -24.81 -32.77 -21.21
N VAL A 193 -23.72 -32.03 -21.15
CA VAL A 193 -23.70 -30.66 -20.64
C VAL A 193 -23.12 -29.76 -21.71
N PHE A 194 -23.86 -28.72 -22.09
CA PHE A 194 -23.44 -27.74 -23.08
C PHE A 194 -23.15 -26.44 -22.37
N LYS A 195 -21.99 -25.85 -22.65
CA LYS A 195 -21.62 -24.57 -22.05
C LYS A 195 -21.06 -23.66 -23.13
N ASN A 196 -21.23 -22.35 -22.92
CA ASN A 196 -20.70 -21.33 -23.82
C ASN A 196 -20.10 -20.23 -22.94
N ILE A 197 -18.79 -20.30 -22.71
CA ILE A 197 -18.10 -19.39 -21.82
C ILE A 197 -17.06 -18.62 -22.63
N ASP A 198 -17.10 -17.29 -22.55
CA ASP A 198 -16.15 -16.42 -23.24
C ASP A 198 -16.08 -16.75 -24.72
N GLY A 199 -17.23 -16.97 -25.35
CA GLY A 199 -17.25 -17.36 -26.76
C GLY A 199 -16.53 -18.65 -27.04
N TYR A 200 -16.66 -19.64 -26.17
CA TYR A 200 -15.95 -20.91 -26.28
C TYR A 200 -16.94 -22.00 -25.86
N PHE A 201 -17.17 -22.97 -26.74
CA PHE A 201 -18.21 -23.95 -26.50
C PHE A 201 -17.60 -25.22 -25.91
N LYS A 202 -18.26 -25.76 -24.89
CA LYS A 202 -17.78 -26.93 -24.17
C LYS A 202 -18.88 -27.98 -24.17
N ILE A 203 -18.53 -29.21 -24.54
CA ILE A 203 -19.44 -30.34 -24.56
C ILE A 203 -18.88 -31.39 -23.62
N TYR A 204 -19.60 -31.66 -22.52
CA TYR A 204 -19.26 -32.73 -21.60
C TYR A 204 -20.24 -33.87 -21.78
N SER A 205 -19.74 -35.10 -21.84
CA SER A 205 -20.59 -36.25 -22.09
C SER A 205 -20.23 -37.38 -21.15
N LYS A 206 -21.24 -38.20 -20.83
CA LYS A 206 -21.03 -39.41 -20.07
C LYS A 206 -22.10 -40.43 -20.45
N HIS A 207 -21.71 -41.70 -20.47
CA HIS A 207 -22.60 -42.80 -20.80
C HIS A 207 -22.65 -43.79 -19.65
N THR A 208 -23.85 -44.26 -19.33
CA THR A 208 -24.04 -45.18 -18.22
C THR A 208 -25.11 -46.21 -18.59
N PRO A 209 -25.02 -47.42 -18.06
CA PRO A 209 -26.14 -48.35 -18.17
C PRO A 209 -27.05 -48.29 -16.95
N ILE A 210 -28.35 -48.37 -17.22
CA ILE A 210 -29.38 -48.26 -16.20
C ILE A 210 -30.48 -49.28 -16.50
N ASN A 211 -31.47 -49.33 -15.61
CA ASN A 211 -32.61 -50.23 -15.77
C ASN A 211 -33.94 -49.55 -15.47
N LEU A 212 -33.94 -48.25 -15.14
CA LEU A 212 -35.17 -47.55 -14.85
C LEU A 212 -35.91 -47.21 -16.13
N VAL A 213 -37.16 -46.79 -15.97
CA VAL A 213 -38.01 -46.46 -17.11
C VAL A 213 -38.34 -44.97 -17.19
N ARG A 214 -38.31 -44.24 -16.08
CA ARG A 214 -38.66 -42.83 -16.09
C ARG A 214 -37.84 -42.11 -15.02
N ASP A 215 -37.74 -40.79 -15.18
CA ASP A 215 -37.06 -39.94 -14.21
C ASP A 215 -35.56 -40.23 -14.16
N LEU A 216 -34.77 -39.21 -13.80
CA LEU A 216 -33.33 -39.39 -13.72
C LEU A 216 -32.99 -40.25 -12.50
N PRO A 217 -32.17 -41.29 -12.66
CA PRO A 217 -31.77 -42.09 -11.48
C PRO A 217 -31.05 -41.22 -10.45
N GLN A 218 -31.27 -41.55 -9.19
CA GLN A 218 -30.67 -40.79 -8.09
C GLN A 218 -29.15 -40.94 -8.04
N GLY A 219 -28.57 -41.88 -8.78
CA GLY A 219 -27.14 -42.08 -8.75
C GLY A 219 -26.36 -40.85 -9.16
N PHE A 220 -25.10 -40.77 -8.72
CA PHE A 220 -24.25 -39.63 -9.00
C PHE A 220 -23.09 -40.05 -9.90
N SER A 221 -22.84 -39.26 -10.94
CA SER A 221 -21.76 -39.55 -11.89
C SER A 221 -21.32 -38.25 -12.53
N ALA A 222 -20.04 -37.91 -12.37
CA ALA A 222 -19.51 -36.69 -12.96
C ALA A 222 -19.40 -36.83 -14.47
N LEU A 223 -19.60 -35.71 -15.16
CA LEU A 223 -19.54 -35.66 -16.62
C LEU A 223 -18.19 -35.09 -17.03
N GLU A 224 -17.28 -35.96 -17.46
CA GLU A 224 -15.96 -35.53 -17.86
C GLU A 224 -16.03 -34.75 -19.17
N PRO A 225 -15.08 -33.84 -19.40
CA PRO A 225 -15.08 -33.10 -20.67
C PRO A 225 -14.93 -34.03 -21.86
N LEU A 226 -15.64 -33.71 -22.93
CA LEU A 226 -15.58 -34.49 -24.17
C LEU A 226 -14.99 -33.70 -25.32
N VAL A 227 -15.55 -32.53 -25.64
CA VAL A 227 -15.15 -31.79 -26.82
C VAL A 227 -15.17 -30.30 -26.51
N ASP A 228 -14.34 -29.54 -27.22
CA ASP A 228 -14.27 -28.09 -27.09
C ASP A 228 -14.25 -27.47 -28.48
N LEU A 229 -14.95 -26.36 -28.65
CA LEU A 229 -15.09 -25.70 -29.95
C LEU A 229 -14.78 -24.22 -29.81
N PRO A 230 -13.81 -23.67 -30.54
CA PRO A 230 -13.68 -22.21 -30.63
C PRO A 230 -14.62 -21.65 -31.68
N ILE A 231 -15.68 -20.97 -31.22
CA ILE A 231 -16.68 -20.40 -32.10
C ILE A 231 -17.07 -19.02 -31.56
N GLY A 232 -17.19 -18.05 -32.47
CA GLY A 232 -17.58 -16.70 -32.11
C GLY A 232 -19.07 -16.48 -32.04
N ILE A 233 -19.88 -17.51 -32.25
CA ILE A 233 -21.33 -17.35 -32.24
C ILE A 233 -21.82 -17.21 -30.80
N ASN A 234 -22.78 -16.32 -30.59
CA ASN A 234 -23.36 -16.09 -29.26
C ASN A 234 -24.71 -16.82 -29.22
N ILE A 235 -24.65 -18.08 -28.80
CA ILE A 235 -25.85 -18.91 -28.76
C ILE A 235 -26.81 -18.37 -27.71
N THR A 236 -28.09 -18.28 -28.08
CA THR A 236 -29.13 -17.83 -27.16
C THR A 236 -30.28 -18.82 -27.12
N ARG A 237 -30.49 -19.56 -28.21
CA ARG A 237 -31.55 -20.55 -28.29
C ARG A 237 -31.00 -21.81 -28.95
N PHE A 238 -31.64 -22.94 -28.66
CA PHE A 238 -31.19 -24.23 -29.16
C PHE A 238 -32.38 -25.17 -29.27
N GLN A 239 -32.17 -26.26 -30.01
CA GLN A 239 -33.20 -27.26 -30.23
C GLN A 239 -32.54 -28.64 -30.09
N THR A 240 -33.30 -29.68 -30.43
CA THR A 240 -32.82 -31.06 -30.36
C THR A 240 -33.23 -31.79 -31.64
N LEU A 241 -32.43 -32.82 -31.98
CA LEU A 241 -32.67 -33.62 -33.18
C LEU A 241 -33.03 -35.04 -32.76
N LEU A 242 -34.18 -35.51 -33.24
CA LEU A 242 -34.68 -36.84 -32.96
C LEU A 242 -34.62 -37.69 -34.22
N ALA A 243 -34.31 -38.98 -34.04
CA ALA A 243 -34.27 -39.92 -35.17
C ALA A 243 -35.70 -40.26 -35.55
N LEU A 244 -36.35 -39.31 -36.22
CA LEU A 244 -37.75 -39.46 -36.59
C LEU A 244 -37.91 -40.66 -37.51
N HIS A 245 -38.91 -41.48 -37.22
CA HIS A 245 -39.21 -42.69 -38.00
C HIS A 245 -40.43 -42.43 -38.86
N ARG A 246 -40.21 -42.19 -40.16
CA ARG A 246 -41.32 -41.93 -41.07
C ARG A 246 -42.29 -43.11 -41.06
N SER A 247 -43.56 -42.85 -40.75
CA SER A 247 -44.54 -43.93 -40.69
C SER A 247 -44.72 -44.61 -42.04
N TYR A 248 -44.46 -43.87 -43.14
CA TYR A 248 -44.67 -44.45 -44.46
C TYR A 248 -43.75 -45.64 -44.70
N LEU A 249 -42.50 -45.55 -44.27
CA LEU A 249 -41.52 -46.62 -44.43
C LEU A 249 -41.09 -47.08 -43.04
N THR A 250 -41.78 -48.07 -42.51
CA THR A 250 -41.50 -48.67 -41.21
C THR A 250 -41.48 -50.17 -41.33
N PRO A 251 -40.79 -50.86 -40.41
CA PRO A 251 -40.76 -52.33 -40.47
C PRO A 251 -42.10 -52.93 -40.08
N GLY A 252 -42.79 -53.51 -41.07
CA GLY A 252 -44.05 -54.19 -40.85
C GLY A 252 -45.28 -53.38 -41.17
N ASP A 253 -45.14 -52.06 -41.33
CA ASP A 253 -46.30 -51.21 -41.62
C ASP A 253 -45.82 -50.01 -42.43
N SER A 254 -46.77 -49.40 -43.15
CA SER A 254 -46.51 -48.23 -43.98
C SER A 254 -47.62 -47.20 -43.81
N SER A 255 -48.03 -46.96 -42.57
CA SER A 255 -49.10 -46.00 -42.30
C SER A 255 -48.62 -44.58 -42.59
N SER A 256 -49.59 -43.69 -42.76
CA SER A 256 -49.29 -42.29 -43.05
C SER A 256 -48.87 -41.57 -41.75
N GLY A 257 -48.47 -40.32 -41.89
CA GLY A 257 -48.08 -39.52 -40.75
C GLY A 257 -46.66 -39.79 -40.30
N TRP A 258 -46.36 -39.28 -39.11
CA TRP A 258 -45.03 -39.41 -38.51
C TRP A 258 -45.16 -40.18 -37.20
N THR A 259 -44.22 -41.10 -36.97
CA THR A 259 -44.25 -41.95 -35.79
C THR A 259 -42.83 -42.13 -35.27
N ALA A 260 -42.73 -42.63 -34.03
CA ALA A 260 -41.43 -42.92 -33.43
C ALA A 260 -41.64 -43.92 -32.30
N GLY A 261 -40.55 -44.59 -31.94
CA GLY A 261 -40.57 -45.56 -30.86
C GLY A 261 -40.39 -44.90 -29.50
N ALA A 262 -40.30 -45.75 -28.47
CA ALA A 262 -40.13 -45.26 -27.12
C ALA A 262 -38.81 -44.51 -27.00
N ALA A 263 -38.88 -43.32 -26.40
CA ALA A 263 -37.70 -42.49 -26.21
C ALA A 263 -38.05 -41.35 -25.27
N ALA A 264 -37.16 -41.08 -24.31
CA ALA A 264 -37.37 -40.02 -23.34
C ALA A 264 -36.07 -39.25 -23.15
N TYR A 265 -36.18 -37.93 -23.06
CA TYR A 265 -35.03 -37.07 -22.80
C TYR A 265 -35.47 -35.90 -21.93
N TYR A 266 -34.52 -35.36 -21.18
CA TYR A 266 -34.79 -34.29 -20.22
C TYR A 266 -33.92 -33.07 -20.55
N VAL A 267 -34.24 -31.96 -19.89
CA VAL A 267 -33.52 -30.70 -20.07
C VAL A 267 -33.21 -30.14 -18.69
N GLY A 268 -32.14 -29.33 -18.65
CA GLY A 268 -31.74 -28.68 -17.42
C GLY A 268 -30.96 -27.41 -17.68
N TYR A 269 -31.32 -26.33 -16.98
CA TYR A 269 -30.72 -25.02 -17.19
C TYR A 269 -29.67 -24.77 -16.11
N LEU A 270 -28.45 -24.46 -16.54
CA LEU A 270 -27.37 -24.17 -15.62
C LEU A 270 -27.46 -22.74 -15.12
N GLN A 271 -27.01 -22.53 -13.89
CA GLN A 271 -26.98 -21.21 -13.26
C GLN A 271 -25.62 -21.01 -12.62
N PRO A 272 -25.18 -19.77 -12.44
CA PRO A 272 -23.89 -19.52 -11.78
C PRO A 272 -23.98 -19.78 -10.28
N ARG A 273 -23.40 -20.90 -9.83
CA ARG A 273 -23.48 -21.32 -8.44
C ARG A 273 -22.09 -21.67 -7.94
N THR A 274 -22.05 -22.22 -6.73
CA THR A 274 -20.82 -22.70 -6.10
C THR A 274 -21.03 -24.17 -5.75
N PHE A 275 -19.98 -24.97 -5.94
CA PHE A 275 -20.04 -26.40 -5.71
C PHE A 275 -18.81 -26.86 -4.94
N LEU A 276 -18.96 -27.95 -4.21
CA LEU A 276 -17.88 -28.61 -3.50
C LEU A 276 -17.71 -30.00 -4.09
N LEU A 277 -16.54 -30.30 -4.63
CA LEU A 277 -16.28 -31.56 -5.30
C LEU A 277 -15.26 -32.38 -4.50
N LYS A 278 -15.55 -33.66 -4.34
CA LYS A 278 -14.69 -34.58 -3.59
C LYS A 278 -13.93 -35.45 -4.58
N TYR A 279 -12.70 -35.05 -4.90
CA TYR A 279 -11.85 -35.83 -5.80
C TYR A 279 -11.21 -36.95 -5.00
N ASN A 280 -11.48 -38.20 -5.40
CA ASN A 280 -10.97 -39.35 -4.70
C ASN A 280 -9.52 -39.61 -5.09
N GLU A 281 -8.93 -40.70 -4.59
CA GLU A 281 -7.54 -41.00 -4.88
C GLU A 281 -7.32 -41.19 -6.37
N ASN A 282 -8.26 -41.84 -7.05
CA ASN A 282 -8.12 -42.09 -8.48
C ASN A 282 -8.24 -40.82 -9.32
N GLY A 283 -8.63 -39.70 -8.72
CA GLY A 283 -8.79 -38.46 -9.44
C GLY A 283 -10.13 -38.26 -10.09
N THR A 284 -11.07 -39.19 -9.91
CA THR A 284 -12.41 -39.08 -10.47
C THR A 284 -13.35 -38.52 -9.42
N ILE A 285 -14.19 -37.57 -9.84
CA ILE A 285 -15.16 -36.95 -8.93
C ILE A 285 -16.10 -38.05 -8.43
N THR A 286 -16.17 -38.21 -7.11
CA THR A 286 -17.03 -39.21 -6.49
C THR A 286 -18.26 -38.60 -5.83
N ASP A 287 -18.21 -37.32 -5.45
CA ASP A 287 -19.35 -36.68 -4.79
C ASP A 287 -19.29 -35.19 -5.04
N ALA A 288 -20.48 -34.59 -5.16
CA ALA A 288 -20.61 -33.16 -5.35
C ALA A 288 -21.70 -32.63 -4.44
N VAL A 289 -21.48 -31.43 -3.89
CA VAL A 289 -22.43 -30.77 -3.01
C VAL A 289 -22.72 -29.38 -3.57
N ASP A 290 -23.99 -29.09 -3.77
CA ASP A 290 -24.43 -27.76 -4.21
C ASP A 290 -24.33 -26.82 -3.02
N CYS A 291 -23.66 -25.68 -3.22
CA CYS A 291 -23.33 -24.80 -2.10
C CYS A 291 -24.50 -23.94 -1.64
N ALA A 292 -25.60 -23.90 -2.40
CA ALA A 292 -26.77 -23.10 -2.03
C ALA A 292 -28.04 -23.93 -1.93
N LEU A 293 -27.92 -25.26 -1.97
CA LEU A 293 -29.11 -26.11 -1.90
C LEU A 293 -29.83 -25.94 -0.56
N ASP A 294 -29.07 -25.92 0.53
CA ASP A 294 -29.65 -25.86 1.87
C ASP A 294 -28.60 -25.31 2.82
N PRO A 295 -29.02 -24.83 4.00
CA PRO A 295 -28.02 -24.30 4.95
C PRO A 295 -26.96 -25.33 5.34
N LEU A 296 -27.31 -26.62 5.38
CA LEU A 296 -26.31 -27.64 5.68
C LEU A 296 -25.19 -27.63 4.64
N SER A 297 -25.55 -27.50 3.37
CA SER A 297 -24.53 -27.44 2.33
C SER A 297 -23.69 -26.17 2.44
N GLU A 298 -24.29 -25.05 2.84
CA GLU A 298 -23.51 -23.84 3.07
C GLU A 298 -22.51 -24.04 4.20
N THR A 299 -22.95 -24.70 5.28
CA THR A 299 -22.02 -25.01 6.37
C THR A 299 -20.88 -25.90 5.89
N LYS A 300 -21.22 -26.91 5.07
CA LYS A 300 -20.19 -27.78 4.52
C LYS A 300 -19.19 -26.99 3.68
N CYS A 301 -19.71 -26.06 2.85
CA CYS A 301 -18.83 -25.18 2.08
C CYS A 301 -17.90 -24.40 2.98
N THR A 302 -18.44 -23.73 4.01
CA THR A 302 -17.60 -22.91 4.87
C THR A 302 -16.57 -23.76 5.60
N LEU A 303 -16.92 -24.99 5.95
CA LEU A 303 -15.97 -25.89 6.59
C LEU A 303 -15.16 -26.69 5.57
N LYS A 304 -15.47 -26.60 4.28
CA LYS A 304 -14.73 -27.31 3.24
C LYS A 304 -14.63 -28.80 3.54
N SER A 305 -15.73 -29.38 4.00
CA SER A 305 -15.77 -30.80 4.33
C SER A 305 -17.18 -31.32 4.09
N PHE A 306 -17.27 -32.64 3.89
CA PHE A 306 -18.55 -33.31 3.69
C PHE A 306 -19.21 -33.72 4.99
N THR A 307 -18.53 -33.60 6.12
CA THR A 307 -19.07 -33.93 7.42
C THR A 307 -18.92 -32.74 8.35
N VAL A 308 -19.97 -32.46 9.12
CA VAL A 308 -20.00 -31.33 10.04
C VAL A 308 -20.30 -31.88 11.44
N GLU A 309 -19.47 -31.49 12.40
CA GLU A 309 -19.68 -31.91 13.78
C GLU A 309 -20.76 -31.07 14.45
N LYS A 310 -21.22 -31.54 15.59
CA LYS A 310 -22.26 -30.83 16.34
C LYS A 310 -21.75 -29.44 16.70
N GLY A 311 -22.59 -28.43 16.47
CA GLY A 311 -22.26 -27.08 16.86
C GLY A 311 -22.94 -26.06 15.96
N ILE A 312 -22.56 -24.81 16.18
CA ILE A 312 -23.09 -23.67 15.44
C ILE A 312 -21.96 -23.04 14.65
N TYR A 313 -22.18 -22.84 13.35
CA TYR A 313 -21.17 -22.28 12.46
C TYR A 313 -21.76 -21.08 11.72
N GLN A 314 -21.03 -19.97 11.72
CA GLN A 314 -21.45 -18.77 11.01
C GLN A 314 -21.14 -18.96 9.53
N THR A 315 -22.18 -19.06 8.72
CA THR A 315 -22.00 -19.38 7.31
C THR A 315 -21.70 -18.13 6.48
N SER A 316 -22.57 -17.14 6.56
CA SER A 316 -22.44 -15.93 5.73
C SER A 316 -23.19 -14.79 6.42
N ASN A 317 -23.42 -13.72 5.68
CA ASN A 317 -24.14 -12.56 6.16
C ASN A 317 -25.37 -12.31 5.27
N PHE A 318 -26.24 -11.42 5.73
CA PHE A 318 -27.45 -11.08 5.00
C PHE A 318 -27.80 -9.63 5.28
N ARG A 319 -28.41 -8.99 4.28
CA ARG A 319 -28.84 -7.61 4.38
C ARG A 319 -30.11 -7.45 3.55
N VAL A 320 -31.04 -6.63 4.01
CA VAL A 320 -32.23 -6.37 3.21
C VAL A 320 -31.88 -5.36 2.13
N GLN A 321 -31.96 -5.79 0.87
CA GLN A 321 -31.57 -4.94 -0.23
C GLN A 321 -32.56 -3.78 -0.38
N PRO A 322 -32.13 -2.68 -0.99
CA PRO A 322 -33.03 -1.52 -1.16
C PRO A 322 -34.26 -1.91 -1.95
N THR A 323 -35.43 -1.75 -1.32
CA THR A 323 -36.69 -2.07 -1.99
C THR A 323 -36.91 -1.15 -3.19
N GLU A 324 -36.57 0.14 -3.05
CA GLU A 324 -36.75 1.11 -4.11
C GLU A 324 -35.77 2.25 -3.88
N SER A 325 -35.60 3.07 -4.93
CA SER A 325 -34.71 4.22 -4.88
C SER A 325 -35.54 5.49 -4.77
N ILE A 326 -35.20 6.33 -3.79
CA ILE A 326 -35.93 7.56 -3.52
C ILE A 326 -34.94 8.72 -3.57
N VAL A 327 -35.28 9.76 -4.33
CA VAL A 327 -34.49 10.98 -4.41
C VAL A 327 -35.40 12.16 -4.10
N ARG A 328 -34.98 12.99 -3.15
CA ARG A 328 -35.79 14.12 -2.69
C ARG A 328 -34.91 15.36 -2.65
N PHE A 329 -35.38 16.43 -3.25
CA PHE A 329 -34.70 17.72 -3.30
C PHE A 329 -35.68 18.82 -2.95
N PRO A 330 -35.19 20.00 -2.57
CA PRO A 330 -36.08 21.07 -2.11
C PRO A 330 -37.12 21.42 -3.17
N ASN A 331 -38.31 21.78 -2.70
CA ASN A 331 -39.40 22.14 -3.59
C ASN A 331 -38.97 23.28 -4.52
N ILE A 332 -39.68 23.41 -5.64
CA ILE A 332 -39.26 24.34 -6.68
C ILE A 332 -39.97 25.67 -6.51
N THR A 333 -39.21 26.76 -6.56
CA THR A 333 -39.78 28.09 -6.41
C THR A 333 -40.74 28.39 -7.57
N ASN A 334 -41.72 29.24 -7.29
CA ASN A 334 -42.80 29.51 -8.23
C ASN A 334 -42.35 30.50 -9.28
N LEU A 335 -42.27 30.05 -10.54
CA LEU A 335 -42.06 30.94 -11.69
C LEU A 335 -40.78 31.75 -11.55
N CYS A 336 -39.65 31.04 -11.53
CA CYS A 336 -38.36 31.70 -11.54
C CYS A 336 -38.10 32.33 -12.91
N PRO A 337 -37.21 33.31 -12.99
CA PRO A 337 -36.98 33.99 -14.28
C PRO A 337 -36.38 33.11 -15.35
N PHE A 338 -35.89 31.91 -15.00
CA PHE A 338 -35.30 31.03 -16.02
C PHE A 338 -36.32 30.69 -17.09
N GLY A 339 -37.54 30.31 -16.68
CA GLY A 339 -38.58 30.03 -17.65
C GLY A 339 -39.09 31.28 -18.33
N GLU A 340 -39.03 32.43 -17.65
CA GLU A 340 -39.43 33.68 -18.27
C GLU A 340 -38.52 34.04 -19.43
N VAL A 341 -37.21 33.79 -19.29
CA VAL A 341 -36.27 34.12 -20.35
C VAL A 341 -36.62 33.37 -21.62
N PHE A 342 -36.87 32.06 -21.50
CA PHE A 342 -37.26 31.27 -22.65
C PHE A 342 -38.72 31.51 -22.98
N ASN A 343 -39.04 31.57 -24.28
CA ASN A 343 -40.40 31.82 -24.73
C ASN A 343 -40.90 33.18 -24.24
N ALA A 344 -39.97 34.12 -24.10
CA ALA A 344 -40.33 35.46 -23.63
C ALA A 344 -41.18 36.17 -24.67
N THR A 345 -42.01 37.11 -24.19
CA THR A 345 -42.89 37.85 -25.08
C THR A 345 -42.09 38.64 -26.12
N ARG A 346 -41.01 39.28 -25.68
CA ARG A 346 -40.15 40.06 -26.56
C ARG A 346 -38.72 39.55 -26.43
N PHE A 347 -38.07 39.31 -27.57
CA PHE A 347 -36.71 38.83 -27.62
C PHE A 347 -35.83 39.89 -28.28
N ALA A 348 -34.74 40.25 -27.61
CA ALA A 348 -33.81 41.22 -28.17
C ALA A 348 -33.03 40.61 -29.34
N SER A 349 -32.53 41.49 -30.21
CA SER A 349 -31.75 41.03 -31.35
C SER A 349 -30.48 40.33 -30.88
N VAL A 350 -29.80 39.69 -31.83
CA VAL A 350 -28.57 38.97 -31.51
C VAL A 350 -27.53 39.94 -30.98
N TYR A 351 -27.37 41.08 -31.63
CA TYR A 351 -26.41 42.08 -31.14
C TYR A 351 -26.87 42.70 -29.83
N ALA A 352 -28.19 42.72 -29.59
CA ALA A 352 -28.75 43.26 -28.35
C ALA A 352 -29.01 42.19 -27.31
N TRP A 353 -28.29 41.08 -27.37
CA TRP A 353 -28.48 40.02 -26.38
C TRP A 353 -28.14 40.53 -24.98
N ASN A 354 -28.90 40.07 -24.00
CA ASN A 354 -28.75 40.51 -22.61
C ASN A 354 -28.32 39.32 -21.75
N ARG A 355 -27.28 39.53 -20.94
CA ARG A 355 -26.82 38.51 -20.00
C ARG A 355 -27.74 38.46 -18.78
N LYS A 356 -28.93 37.92 -19.00
CA LYS A 356 -29.96 37.84 -17.97
C LYS A 356 -29.67 36.65 -17.06
N ARG A 357 -28.75 36.86 -16.13
CA ARG A 357 -28.41 35.81 -15.17
C ARG A 357 -29.54 35.62 -14.17
N ILE A 358 -29.53 34.47 -13.51
CA ILE A 358 -30.58 34.09 -12.56
C ILE A 358 -29.94 33.72 -11.23
N SER A 359 -30.63 34.07 -10.16
CA SER A 359 -30.21 33.73 -8.80
C SER A 359 -31.40 33.99 -7.88
N ASN A 360 -31.20 33.80 -6.58
CA ASN A 360 -32.19 34.06 -5.53
C ASN A 360 -33.32 33.05 -5.50
N CYS A 361 -33.35 32.08 -6.41
CA CYS A 361 -34.34 31.01 -6.36
C CYS A 361 -33.77 29.81 -7.08
N VAL A 362 -34.48 28.68 -6.97
CA VAL A 362 -34.10 27.43 -7.64
C VAL A 362 -35.02 27.28 -8.85
N ALA A 363 -34.46 27.49 -10.04
CA ALA A 363 -35.24 27.44 -11.28
C ALA A 363 -35.04 26.08 -11.96
N ASP A 364 -35.64 25.05 -11.35
CA ASP A 364 -35.55 23.71 -11.91
C ASP A 364 -36.25 23.66 -13.26
N TYR A 365 -35.72 22.84 -14.16
CA TYR A 365 -36.23 22.72 -15.52
C TYR A 365 -37.29 21.64 -15.66
N SER A 366 -37.61 20.92 -14.58
CA SER A 366 -38.63 19.88 -14.67
C SER A 366 -39.99 20.45 -15.04
N VAL A 367 -40.35 21.59 -14.44
CA VAL A 367 -41.63 22.22 -14.76
C VAL A 367 -41.52 23.19 -15.93
N LEU A 368 -40.31 23.57 -16.33
CA LEU A 368 -40.11 24.50 -17.43
C LEU A 368 -39.97 23.80 -18.78
N TYR A 369 -40.10 22.48 -18.82
CA TYR A 369 -40.00 21.71 -20.05
C TYR A 369 -41.37 21.40 -20.66
N ASN A 370 -42.43 22.04 -20.16
CA ASN A 370 -43.77 21.75 -20.67
C ASN A 370 -43.85 22.01 -22.17
N SER A 371 -43.14 23.03 -22.66
CA SER A 371 -43.19 23.34 -24.08
C SER A 371 -42.69 22.17 -24.91
N ALA A 372 -41.41 21.82 -24.76
CA ALA A 372 -40.82 20.68 -25.48
C ALA A 372 -41.03 20.81 -26.99
N SER A 373 -40.92 22.02 -27.52
CA SER A 373 -41.10 22.29 -28.94
C SER A 373 -39.85 22.88 -29.58
N PHE A 374 -38.69 22.68 -28.95
CA PHE A 374 -37.46 23.27 -29.47
C PHE A 374 -37.06 22.59 -30.77
N SER A 375 -36.59 23.41 -31.73
CA SER A 375 -36.20 22.87 -33.03
C SER A 375 -34.98 21.96 -32.91
N THR A 376 -34.00 22.34 -32.09
CA THR A 376 -32.79 21.55 -31.92
C THR A 376 -32.51 21.31 -30.45
N PHE A 377 -31.86 20.18 -30.16
CA PHE A 377 -31.48 19.79 -28.81
C PHE A 377 -30.00 19.43 -28.83
N LYS A 378 -29.15 20.44 -28.62
CA LYS A 378 -27.70 20.27 -28.62
C LYS A 378 -27.18 20.48 -27.20
N CYS A 379 -26.55 19.44 -26.64
CA CYS A 379 -26.02 19.48 -25.29
C CYS A 379 -24.64 18.83 -25.27
N TYR A 380 -23.78 19.34 -24.39
CA TYR A 380 -22.43 18.78 -24.24
C TYR A 380 -22.00 18.59 -22.80
N GLY A 381 -22.68 19.18 -21.82
CA GLY A 381 -22.37 18.95 -20.42
C GLY A 381 -23.48 18.23 -19.72
N VAL A 382 -23.81 18.66 -18.50
CA VAL A 382 -24.94 18.11 -17.75
C VAL A 382 -26.14 19.01 -18.07
N SER A 383 -27.03 18.52 -18.93
CA SER A 383 -28.16 19.31 -19.36
C SER A 383 -29.18 19.43 -18.24
N PRO A 384 -30.06 20.44 -18.31
CA PRO A 384 -31.06 20.61 -17.25
C PRO A 384 -32.18 19.58 -17.29
N THR A 385 -32.17 18.65 -18.24
CA THR A 385 -33.27 17.71 -18.42
C THR A 385 -32.87 16.26 -18.15
N LYS A 386 -31.87 15.74 -18.84
CA LYS A 386 -31.56 14.32 -18.78
C LYS A 386 -30.57 13.95 -17.69
N LEU A 387 -29.94 14.93 -17.04
CA LEU A 387 -28.92 14.70 -16.01
C LEU A 387 -29.18 15.58 -14.80
N ASN A 388 -30.40 15.48 -14.26
CA ASN A 388 -30.85 16.39 -13.21
C ASN A 388 -30.15 16.08 -11.89
N ASP A 389 -28.88 16.45 -11.78
CA ASP A 389 -28.10 16.17 -10.58
C ASP A 389 -27.59 17.43 -9.89
N LEU A 390 -26.92 18.30 -10.65
CA LEU A 390 -26.18 19.41 -10.06
C LEU A 390 -26.91 20.73 -10.33
N CYS A 391 -26.40 21.80 -9.72
CA CYS A 391 -27.05 23.12 -9.76
C CYS A 391 -26.45 24.06 -10.79
N PHE A 392 -25.15 24.37 -10.69
CA PHE A 392 -24.47 25.24 -11.66
C PHE A 392 -25.16 26.61 -11.74
N THR A 393 -25.04 27.34 -10.64
CA THR A 393 -25.65 28.66 -10.49
C THR A 393 -25.61 29.48 -11.77
N ASN A 394 -24.45 29.55 -12.42
CA ASN A 394 -24.30 30.36 -13.62
C ASN A 394 -24.99 29.65 -14.79
N VAL A 395 -26.31 29.57 -14.68
CA VAL A 395 -27.15 28.95 -15.71
C VAL A 395 -27.81 30.04 -16.52
N TYR A 396 -27.18 31.22 -16.56
CA TYR A 396 -27.74 32.36 -17.26
C TYR A 396 -28.21 31.98 -18.65
N ALA A 397 -29.43 32.41 -18.99
CA ALA A 397 -30.02 32.16 -20.29
C ALA A 397 -29.97 33.45 -21.12
N ASP A 398 -29.38 33.35 -22.31
CA ASP A 398 -29.21 34.51 -23.18
C ASP A 398 -30.47 34.72 -24.01
N SER A 399 -31.22 35.77 -23.72
CA SER A 399 -32.45 36.08 -24.43
C SER A 399 -32.09 36.83 -25.71
N PHE A 400 -31.99 36.11 -26.82
CA PHE A 400 -31.67 36.72 -28.09
C PHE A 400 -32.27 35.88 -29.22
N VAL A 401 -32.41 36.50 -30.38
CA VAL A 401 -32.99 35.87 -31.55
C VAL A 401 -32.05 36.07 -32.73
N ILE A 402 -31.84 35.00 -33.50
CA ILE A 402 -30.92 35.01 -34.63
C ILE A 402 -31.69 34.61 -35.88
N ARG A 403 -31.02 34.77 -37.02
CA ARG A 403 -31.62 34.41 -38.30
C ARG A 403 -31.70 32.89 -38.44
N GLY A 404 -32.51 32.45 -39.41
CA GLY A 404 -32.68 31.02 -39.61
C GLY A 404 -31.39 30.31 -39.96
N ASP A 405 -30.56 30.94 -40.79
CA ASP A 405 -29.31 30.31 -41.20
C ASP A 405 -28.33 30.22 -40.04
N GLU A 406 -28.27 31.26 -39.20
CA GLU A 406 -27.25 31.31 -38.15
C GLU A 406 -27.38 30.17 -37.16
N VAL A 407 -28.54 29.52 -37.09
CA VAL A 407 -28.69 28.39 -36.16
C VAL A 407 -27.70 27.29 -36.52
N ARG A 408 -27.33 27.19 -37.80
CA ARG A 408 -26.35 26.18 -38.20
C ARG A 408 -25.01 26.41 -37.51
N GLN A 409 -24.68 27.65 -37.19
CA GLN A 409 -23.41 27.98 -36.55
C GLN A 409 -23.51 28.01 -35.03
N ILE A 410 -24.65 27.65 -34.46
CA ILE A 410 -24.84 27.66 -33.01
C ILE A 410 -24.35 26.31 -32.50
N ALA A 411 -23.05 26.23 -32.23
CA ALA A 411 -22.44 25.00 -31.71
C ALA A 411 -21.04 25.33 -31.20
N PRO A 412 -20.53 24.59 -30.20
CA PRO A 412 -19.20 24.91 -29.66
C PRO A 412 -18.11 24.85 -30.71
N GLY A 413 -17.57 26.01 -31.07
CA GLY A 413 -16.51 26.10 -32.05
C GLY A 413 -17.03 26.42 -33.43
N GLN A 414 -16.84 27.66 -33.86
CA GLN A 414 -17.34 28.09 -35.17
C GLN A 414 -16.89 29.51 -35.47
N THR A 415 -16.79 29.86 -36.75
CA THR A 415 -16.43 31.20 -37.18
C THR A 415 -17.19 31.54 -38.46
N GLY A 416 -17.75 32.75 -38.49
CA GLY A 416 -18.48 33.21 -39.66
C GLY A 416 -19.80 33.86 -39.33
N LYS A 417 -20.03 35.06 -39.88
CA LYS A 417 -21.28 35.78 -39.68
C LYS A 417 -21.60 35.93 -38.19
N ILE A 418 -22.45 35.04 -37.66
CA ILE A 418 -22.84 35.14 -36.25
C ILE A 418 -21.63 34.95 -35.36
N ALA A 419 -20.77 33.98 -35.68
CA ALA A 419 -19.60 33.68 -34.86
C ALA A 419 -18.47 34.68 -35.07
N ASP A 420 -18.58 35.58 -36.03
CA ASP A 420 -17.52 36.54 -36.33
C ASP A 420 -17.77 37.91 -35.72
N TYR A 421 -18.91 38.54 -36.03
CA TYR A 421 -19.19 39.91 -35.58
C TYR A 421 -20.55 40.00 -34.90
N ASN A 422 -20.90 38.99 -34.10
CA ASN A 422 -22.15 38.98 -33.36
C ASN A 422 -21.91 38.27 -32.03
N TYR A 423 -22.98 37.76 -31.42
CA TYR A 423 -22.86 37.07 -30.14
C TYR A 423 -22.27 35.69 -30.37
N LYS A 424 -20.94 35.65 -30.46
CA LYS A 424 -20.23 34.39 -30.66
C LYS A 424 -20.16 33.63 -29.35
N LEU A 425 -20.74 32.43 -29.33
CA LEU A 425 -20.69 31.60 -28.14
C LEU A 425 -19.27 31.08 -27.93
N PRO A 426 -18.96 30.66 -26.70
CA PRO A 426 -17.59 30.18 -26.44
C PRO A 426 -17.24 28.99 -27.32
N ASP A 427 -15.97 28.94 -27.74
CA ASP A 427 -15.54 27.88 -28.64
C ASP A 427 -15.69 26.50 -28.00
N ASP A 428 -15.50 26.41 -26.69
CA ASP A 428 -15.62 25.13 -25.99
C ASP A 428 -16.23 25.40 -24.62
N PHE A 429 -17.53 25.18 -24.50
CA PHE A 429 -18.26 25.38 -23.25
C PHE A 429 -19.07 24.14 -22.93
N THR A 430 -19.11 23.79 -21.64
CA THR A 430 -19.95 22.70 -21.16
C THR A 430 -21.37 23.23 -20.98
N GLY A 431 -22.11 23.23 -22.09
CA GLY A 431 -23.45 23.80 -22.06
C GLY A 431 -24.25 23.36 -23.27
N CYS A 432 -25.52 23.73 -23.25
CA CYS A 432 -26.47 23.41 -24.31
C CYS A 432 -26.85 24.68 -25.08
N VAL A 433 -27.36 24.48 -26.28
CA VAL A 433 -27.93 25.55 -27.09
C VAL A 433 -29.29 25.10 -27.58
N ILE A 434 -30.32 25.92 -27.32
CA ILE A 434 -31.70 25.56 -27.61
C ILE A 434 -32.23 26.51 -28.67
N ALA A 435 -32.64 25.96 -29.80
CA ALA A 435 -33.16 26.74 -30.93
C ALA A 435 -34.58 26.27 -31.24
N TRP A 436 -35.49 27.24 -31.32
CA TRP A 436 -36.89 26.97 -31.65
C TRP A 436 -37.38 28.02 -32.63
N ASN A 437 -38.58 27.81 -33.16
CA ASN A 437 -39.21 28.72 -34.11
C ASN A 437 -40.53 29.21 -33.54
N SER A 438 -40.72 30.52 -33.50
CA SER A 438 -41.95 31.10 -33.00
C SER A 438 -42.93 31.40 -34.14
N ASN A 439 -42.51 32.23 -35.09
CA ASN A 439 -43.29 32.58 -36.27
C ASN A 439 -44.59 33.29 -35.94
N ASN A 440 -44.78 33.72 -34.70
CA ASN A 440 -46.02 34.38 -34.29
C ASN A 440 -45.77 35.72 -33.60
N LEU A 441 -44.71 35.84 -32.82
CA LEU A 441 -44.43 37.08 -32.10
C LEU A 441 -44.12 38.23 -33.04
N ASP A 442 -43.64 37.94 -34.25
CA ASP A 442 -43.27 38.98 -35.22
C ASP A 442 -44.38 39.27 -36.22
N SER A 443 -45.54 38.63 -36.08
CA SER A 443 -46.67 38.80 -36.98
C SER A 443 -46.38 38.33 -38.40
N LYS A 444 -45.27 37.64 -38.61
CA LYS A 444 -44.87 37.15 -39.92
C LYS A 444 -43.64 36.26 -39.73
N VAL A 445 -43.43 35.35 -40.67
CA VAL A 445 -42.30 34.43 -40.62
C VAL A 445 -41.44 34.73 -41.85
N GLY A 446 -40.53 35.69 -41.70
CA GLY A 446 -39.47 35.91 -42.66
C GLY A 446 -38.19 36.38 -42.01
N GLY A 447 -38.21 36.51 -40.68
CA GLY A 447 -37.16 37.20 -39.96
C GLY A 447 -37.54 38.64 -39.72
N ASN A 448 -37.83 38.98 -38.47
CA ASN A 448 -38.36 40.31 -38.16
C ASN A 448 -37.36 41.38 -38.58
N TYR A 449 -37.89 42.48 -39.12
CA TYR A 449 -37.05 43.61 -39.50
C TYR A 449 -36.40 44.29 -38.31
N ASN A 450 -36.88 44.03 -37.09
CA ASN A 450 -36.25 44.55 -35.88
C ASN A 450 -35.14 43.65 -35.38
N TYR A 451 -35.04 42.42 -35.88
CA TYR A 451 -33.98 41.49 -35.50
C TYR A 451 -32.90 41.53 -36.57
N LEU A 452 -31.74 42.05 -36.22
CA LEU A 452 -30.65 42.26 -37.16
C LEU A 452 -29.38 41.61 -36.64
N TYR A 453 -28.54 41.14 -37.56
CA TYR A 453 -27.28 40.50 -37.23
C TYR A 453 -26.13 41.35 -37.78
N ARG A 454 -25.16 41.65 -36.92
CA ARG A 454 -24.03 42.49 -37.31
C ARG A 454 -23.06 41.70 -38.19
N LEU A 455 -22.33 42.43 -39.04
CA LEU A 455 -21.36 41.82 -39.92
C LEU A 455 -20.30 42.86 -40.27
N PHE A 456 -19.16 42.37 -40.74
CA PHE A 456 -18.06 43.24 -41.20
C PHE A 456 -17.53 44.02 -39.99
N ARG A 457 -17.00 45.23 -40.24
CA ARG A 457 -16.36 46.11 -39.27
C ARG A 457 -14.91 45.69 -38.99
N LYS A 458 -14.44 44.59 -39.59
CA LYS A 458 -13.04 44.16 -39.48
C LYS A 458 -12.61 43.99 -38.02
N SER A 459 -13.56 43.76 -37.11
CA SER A 459 -13.25 43.54 -35.69
C SER A 459 -14.13 42.39 -35.22
N ASN A 460 -13.58 41.17 -35.31
CA ASN A 460 -14.33 39.99 -34.92
C ASN A 460 -14.56 39.99 -33.41
N LEU A 461 -15.80 39.77 -33.00
CA LEU A 461 -16.13 39.72 -31.59
C LEU A 461 -15.57 38.45 -30.97
N LYS A 462 -15.07 38.57 -29.74
CA LYS A 462 -14.52 37.42 -29.04
C LYS A 462 -15.64 36.48 -28.60
N PRO A 463 -15.32 35.23 -28.29
CA PRO A 463 -16.37 34.27 -27.90
C PRO A 463 -17.11 34.66 -26.63
N PHE A 464 -16.66 35.69 -25.91
CA PHE A 464 -17.34 36.14 -24.70
C PHE A 464 -17.71 37.62 -24.74
N GLU A 465 -16.89 38.45 -25.38
CA GLU A 465 -17.18 39.87 -25.45
C GLU A 465 -18.20 40.17 -26.55
N ARG A 466 -18.77 41.37 -26.49
CA ARG A 466 -19.75 41.80 -27.48
C ARG A 466 -19.77 43.31 -27.52
N ASP A 467 -20.14 43.85 -28.69
CA ASP A 467 -20.27 45.29 -28.88
C ASP A 467 -21.63 45.59 -29.47
N ILE A 468 -22.24 46.70 -29.03
CA ILE A 468 -23.53 47.15 -29.51
C ILE A 468 -23.33 48.50 -30.19
N SER A 469 -23.70 48.58 -31.46
CA SER A 469 -23.56 49.83 -32.21
C SER A 469 -24.29 49.69 -33.54
N THR A 470 -25.06 50.73 -33.88
CA THR A 470 -25.75 50.80 -35.17
C THR A 470 -24.95 51.59 -36.21
N GLU A 471 -23.74 52.03 -35.87
CA GLU A 471 -22.95 52.83 -36.79
C GLU A 471 -22.72 52.09 -38.10
N ILE A 472 -22.84 52.83 -39.20
CA ILE A 472 -22.64 52.25 -40.52
C ILE A 472 -21.17 51.92 -40.71
N TYR A 473 -20.90 50.80 -41.40
CA TYR A 473 -19.53 50.33 -41.54
C TYR A 473 -18.67 51.35 -42.27
N GLN A 474 -17.49 51.62 -41.72
CA GLN A 474 -16.57 52.56 -42.34
C GLN A 474 -15.98 51.97 -43.61
N ALA A 475 -15.97 52.75 -44.67
CA ALA A 475 -15.43 52.27 -45.94
C ALA A 475 -13.92 52.09 -45.82
N GLY A 476 -13.38 51.20 -46.67
CA GLY A 476 -11.96 50.90 -46.63
C GLY A 476 -11.08 52.07 -47.01
N SER A 477 -11.64 53.11 -47.64
CA SER A 477 -10.88 54.27 -48.08
C SER A 477 -11.37 55.59 -47.52
N THR A 478 -12.63 55.69 -47.10
CA THR A 478 -13.19 56.92 -46.57
C THR A 478 -13.99 56.63 -45.32
N PRO A 479 -14.18 57.61 -44.45
CA PRO A 479 -15.01 57.41 -43.26
C PRO A 479 -16.48 57.71 -43.52
N CYS A 480 -17.33 56.93 -42.86
CA CYS A 480 -18.77 57.10 -42.97
C CYS A 480 -19.46 56.28 -41.90
N ASN A 481 -20.47 56.87 -41.26
CA ASN A 481 -21.25 56.19 -40.24
C ASN A 481 -22.74 56.50 -40.36
N GLY A 482 -23.21 56.78 -41.57
CA GLY A 482 -24.60 57.10 -41.77
C GLY A 482 -24.87 57.51 -43.20
N VAL A 483 -26.09 57.99 -43.42
CA VAL A 483 -26.54 58.47 -44.72
C VAL A 483 -26.09 57.53 -45.83
N GLU A 484 -25.88 58.06 -47.04
CA GLU A 484 -25.50 57.28 -48.21
C GLU A 484 -24.23 57.84 -48.83
N GLY A 485 -23.22 58.06 -47.99
CA GLY A 485 -21.96 58.61 -48.46
C GLY A 485 -21.15 57.62 -49.27
N PHE A 486 -19.81 57.70 -49.16
CA PHE A 486 -18.93 56.87 -49.96
C PHE A 486 -18.78 55.50 -49.29
N ASN A 487 -19.29 54.46 -49.97
CA ASN A 487 -19.10 53.07 -49.54
C ASN A 487 -19.55 52.88 -48.09
N CYS A 488 -20.67 53.51 -47.73
CA CYS A 488 -21.29 53.29 -46.42
C CYS A 488 -22.11 52.00 -46.48
N TYR A 489 -21.78 51.05 -45.62
CA TYR A 489 -22.41 49.74 -45.61
C TYR A 489 -23.03 49.48 -44.24
N PHE A 490 -24.25 48.98 -44.24
CA PHE A 490 -24.97 48.69 -43.00
C PHE A 490 -24.55 47.34 -42.45
N PRO A 491 -23.70 47.28 -41.42
CA PRO A 491 -23.24 45.97 -40.92
C PRO A 491 -24.38 45.11 -40.42
N LEU A 492 -25.42 45.73 -39.85
CA LEU A 492 -26.58 45.00 -39.34
C LEU A 492 -27.56 44.71 -40.48
N GLN A 493 -27.26 43.63 -41.22
CA GLN A 493 -28.09 43.26 -42.36
C GLN A 493 -29.46 42.79 -41.89
N SER A 494 -30.51 43.40 -42.44
CA SER A 494 -31.86 43.03 -42.07
C SER A 494 -32.21 41.65 -42.62
N TYR A 495 -33.04 40.93 -41.87
CA TYR A 495 -33.48 39.61 -42.28
C TYR A 495 -34.40 39.72 -43.51
N GLY A 496 -34.85 38.57 -44.00
CA GLY A 496 -35.75 38.54 -45.12
C GLY A 496 -37.19 38.78 -44.71
N PHE A 497 -37.51 40.05 -44.43
CA PHE A 497 -38.83 40.37 -43.89
C PHE A 497 -39.95 39.85 -44.78
N GLN A 498 -39.71 39.75 -46.09
CA GLN A 498 -40.71 39.20 -46.99
C GLN A 498 -41.10 37.80 -46.54
N PRO A 499 -42.21 37.26 -47.04
CA PRO A 499 -42.65 35.93 -46.61
C PRO A 499 -41.73 34.82 -47.12
N THR A 500 -40.52 34.76 -46.56
CA THR A 500 -39.57 33.72 -46.95
C THR A 500 -40.03 32.37 -46.41
N ASN A 501 -40.00 31.36 -47.27
CA ASN A 501 -40.42 30.01 -46.87
C ASN A 501 -39.26 29.17 -46.34
N GLY A 502 -38.04 29.43 -46.79
CA GLY A 502 -36.91 28.65 -46.33
C GLY A 502 -36.66 28.83 -44.85
N VAL A 503 -36.15 27.78 -44.22
CA VAL A 503 -35.85 27.81 -42.79
C VAL A 503 -34.59 28.60 -42.47
N GLY A 504 -33.84 29.03 -43.48
CA GLY A 504 -32.61 29.77 -43.28
C GLY A 504 -32.78 31.24 -43.04
N TYR A 505 -34.02 31.75 -43.06
CA TYR A 505 -34.26 33.17 -42.85
C TYR A 505 -35.42 33.45 -41.89
N GLN A 506 -36.08 32.43 -41.36
CA GLN A 506 -37.17 32.65 -40.43
C GLN A 506 -36.63 33.16 -39.10
N PRO A 507 -37.47 33.82 -38.29
CA PRO A 507 -36.99 34.39 -37.02
C PRO A 507 -36.84 33.34 -35.93
N TYR A 508 -35.83 32.48 -36.10
CA TYR A 508 -35.55 31.42 -35.15
C TYR A 508 -35.01 32.04 -33.86
N ARG A 509 -35.62 31.67 -32.73
CA ARG A 509 -35.15 32.13 -31.43
C ARG A 509 -34.22 31.08 -30.85
N VAL A 510 -32.97 31.47 -30.59
CA VAL A 510 -31.93 30.56 -30.12
C VAL A 510 -31.32 31.15 -28.86
N VAL A 511 -31.23 30.33 -27.81
CA VAL A 511 -30.64 30.72 -26.54
C VAL A 511 -29.46 29.80 -26.26
N VAL A 512 -28.30 30.39 -25.98
CA VAL A 512 -27.11 29.62 -25.66
C VAL A 512 -27.15 29.28 -24.17
N LEU A 513 -27.69 28.10 -23.84
CA LEU A 513 -27.75 27.63 -22.46
C LEU A 513 -26.36 27.15 -22.03
N SER A 514 -25.43 28.10 -21.96
CA SER A 514 -24.04 27.82 -21.61
C SER A 514 -23.86 28.07 -20.12
N PHE A 515 -23.76 26.98 -19.35
CA PHE A 515 -23.52 27.08 -17.92
C PHE A 515 -22.03 26.87 -17.66
N GLU A 516 -21.41 27.87 -17.04
CA GLU A 516 -19.99 27.84 -16.67
C GLU A 516 -19.87 28.52 -15.31
N LEU A 517 -19.95 27.72 -14.25
CA LEU A 517 -19.89 28.27 -12.90
C LEU A 517 -18.48 28.76 -12.61
N LEU A 518 -18.39 29.88 -11.89
CA LEU A 518 -17.11 30.42 -11.45
C LEU A 518 -16.65 29.66 -10.22
N HIS A 519 -15.61 30.16 -9.55
CA HIS A 519 -15.09 29.49 -8.37
C HIS A 519 -16.13 29.41 -7.25
N ALA A 520 -17.15 30.27 -7.28
CA ALA A 520 -18.17 30.25 -6.25
C ALA A 520 -19.03 28.99 -6.36
N PRO A 521 -19.62 28.53 -5.25
CA PRO A 521 -20.51 27.37 -5.32
C PRO A 521 -21.79 27.66 -6.10
N ALA A 522 -22.68 26.68 -6.19
CA ALA A 522 -23.92 26.79 -6.95
C ALA A 522 -25.10 26.87 -6.00
N THR A 523 -25.98 27.85 -6.22
CA THR A 523 -27.20 28.02 -5.43
C THR A 523 -28.45 27.77 -6.26
N VAL A 524 -28.64 28.48 -7.37
CA VAL A 524 -29.78 28.26 -8.24
C VAL A 524 -29.52 27.02 -9.08
N CYS A 525 -30.46 26.07 -9.05
CA CYS A 525 -30.28 24.76 -9.68
C CYS A 525 -31.29 24.61 -10.81
N GLY A 526 -30.78 24.33 -12.01
CA GLY A 526 -31.62 24.03 -13.14
C GLY A 526 -31.92 22.55 -13.22
N PRO A 527 -30.87 21.71 -13.26
CA PRO A 527 -31.07 20.26 -13.25
C PRO A 527 -31.30 19.73 -11.85
N LYS A 528 -32.53 19.30 -11.57
CA LYS A 528 -32.87 18.66 -10.31
C LYS A 528 -34.24 18.02 -10.45
N LYS A 529 -34.50 17.02 -9.60
CA LYS A 529 -35.75 16.29 -9.62
C LYS A 529 -36.13 15.91 -8.18
N SER A 530 -37.25 15.23 -8.03
CA SER A 530 -37.73 14.80 -6.73
C SER A 530 -38.64 13.59 -6.90
N THR A 531 -38.87 12.88 -5.80
CA THR A 531 -39.70 11.69 -5.79
C THR A 531 -40.55 11.67 -4.53
N ASN A 532 -41.46 10.71 -4.46
CA ASN A 532 -42.35 10.58 -3.32
C ASN A 532 -41.59 10.09 -2.09
N LEU A 533 -42.18 10.34 -0.92
CA LEU A 533 -41.57 9.97 0.35
C LEU A 533 -41.94 8.54 0.72
N VAL A 534 -40.96 7.80 1.24
CA VAL A 534 -41.15 6.42 1.67
C VAL A 534 -40.64 6.29 3.09
N LYS A 535 -41.41 5.62 3.94
CA LYS A 535 -41.06 5.43 5.34
C LYS A 535 -41.20 3.95 5.70
N ASN A 536 -40.44 3.53 6.72
CA ASN A 536 -40.49 2.17 7.22
C ASN A 536 -40.24 1.16 6.09
N LYS A 537 -39.26 1.46 5.24
CA LYS A 537 -38.93 0.57 4.14
C LYS A 537 -37.50 0.84 3.72
N CYS A 538 -36.69 -0.23 3.66
CA CYS A 538 -35.30 -0.12 3.25
C CYS A 538 -35.20 0.41 1.83
N VAL A 539 -34.62 1.61 1.67
CA VAL A 539 -34.51 2.26 0.37
C VAL A 539 -33.21 3.02 0.28
N ASN A 540 -32.85 3.38 -0.95
CA ASN A 540 -31.70 4.23 -1.22
C ASN A 540 -32.18 5.67 -1.28
N PHE A 541 -31.74 6.48 -0.31
CA PHE A 541 -32.18 7.86 -0.17
C PHE A 541 -31.06 8.81 -0.53
N ASN A 542 -31.41 9.87 -1.27
CA ASN A 542 -30.50 10.95 -1.61
C ASN A 542 -31.16 12.26 -1.21
N PHE A 543 -30.53 12.99 -0.30
CA PHE A 543 -31.06 14.26 0.21
C PHE A 543 -30.00 15.33 -0.04
N ASN A 544 -30.19 16.11 -1.11
CA ASN A 544 -29.26 17.18 -1.48
C ASN A 544 -27.84 16.64 -1.58
N GLY A 545 -27.71 15.47 -2.23
CA GLY A 545 -26.44 14.82 -2.39
C GLY A 545 -26.05 13.88 -1.27
N LEU A 546 -26.88 13.77 -0.22
CA LEU A 546 -26.60 12.87 0.90
C LEU A 546 -27.02 11.46 0.51
N THR A 547 -26.21 10.84 -0.34
CA THR A 547 -26.48 9.48 -0.78
C THR A 547 -26.31 8.51 0.38
N GLY A 548 -27.25 7.58 0.51
CA GLY A 548 -27.18 6.58 1.55
C GLY A 548 -28.25 5.53 1.34
N THR A 549 -28.19 4.50 2.18
CA THR A 549 -29.17 3.41 2.15
C THR A 549 -29.64 3.12 3.56
N GLY A 550 -30.94 2.95 3.72
CA GLY A 550 -31.48 2.67 5.04
C GLY A 550 -33.00 2.78 5.04
N VAL A 551 -33.56 2.64 6.23
CA VAL A 551 -35.00 2.66 6.45
C VAL A 551 -35.34 4.01 7.06
N LEU A 552 -36.12 4.82 6.35
CA LEU A 552 -36.55 6.11 6.87
C LEU A 552 -37.74 5.93 7.80
N THR A 553 -37.72 6.64 8.93
CA THR A 553 -38.79 6.55 9.92
C THR A 553 -39.00 7.93 10.53
N GLU A 554 -40.22 8.17 11.00
CA GLU A 554 -40.54 9.43 11.64
C GLU A 554 -39.66 9.65 12.87
N SER A 555 -39.13 10.85 13.00
CA SER A 555 -38.22 11.20 14.09
C SER A 555 -38.84 12.30 14.95
N ASN A 556 -38.67 12.15 16.26
CA ASN A 556 -39.16 13.13 17.22
C ASN A 556 -38.13 14.18 17.59
N LYS A 557 -36.93 14.12 17.02
CA LYS A 557 -35.90 15.10 17.33
C LYS A 557 -36.35 16.49 16.87
N LYS A 558 -36.01 17.50 17.67
CA LYS A 558 -36.39 18.89 17.38
C LYS A 558 -35.18 19.59 16.77
N PHE A 559 -35.01 19.43 15.46
CA PHE A 559 -33.93 20.10 14.76
C PHE A 559 -34.16 21.61 14.74
N LEU A 560 -33.06 22.36 14.79
CA LEU A 560 -33.15 23.81 14.71
C LEU A 560 -33.59 24.24 13.32
N PRO A 561 -34.16 25.44 13.19
CA PRO A 561 -34.65 25.87 11.87
C PRO A 561 -33.59 25.83 10.78
N PHE A 562 -32.35 26.20 11.10
CA PHE A 562 -31.29 26.18 10.10
C PHE A 562 -30.67 24.79 9.96
N GLN A 563 -30.77 23.95 10.99
CA GLN A 563 -30.16 22.63 10.93
C GLN A 563 -30.82 21.78 9.86
N GLN A 564 -30.02 21.00 9.14
CA GLN A 564 -30.49 20.17 8.06
C GLN A 564 -30.28 18.68 8.32
N PHE A 565 -29.07 18.28 8.70
CA PHE A 565 -28.72 16.87 8.89
C PHE A 565 -28.35 16.62 10.34
N GLY A 566 -28.56 15.39 10.78
CA GLY A 566 -28.19 14.98 12.12
C GLY A 566 -27.01 14.03 12.12
N ARG A 567 -26.35 13.87 13.27
CA ARG A 567 -25.20 12.99 13.36
C ARG A 567 -25.05 12.54 14.80
N ASP A 568 -24.27 11.46 14.97
CA ASP A 568 -24.00 10.86 16.28
C ASP A 568 -22.52 11.04 16.63
N ILE A 569 -22.13 10.44 17.76
CA ILE A 569 -20.75 10.52 18.20
C ILE A 569 -19.82 9.87 17.19
N ALA A 570 -20.29 8.81 16.52
CA ALA A 570 -19.47 8.12 15.52
C ALA A 570 -19.27 8.94 14.26
N ASP A 571 -19.94 10.08 14.12
CA ASP A 571 -19.85 10.92 12.92
C ASP A 571 -20.52 10.23 11.73
N THR A 572 -21.66 9.60 11.98
CA THR A 572 -22.46 8.95 10.94
C THR A 572 -23.88 9.50 11.01
N THR A 573 -24.49 9.68 9.83
CA THR A 573 -25.83 10.23 9.77
C THR A 573 -26.81 9.33 10.52
N ASP A 574 -27.65 9.96 11.35
CA ASP A 574 -28.68 9.24 12.10
C ASP A 574 -30.06 9.86 11.90
N ALA A 575 -30.14 11.06 11.33
CA ALA A 575 -31.41 11.70 11.05
C ALA A 575 -31.21 12.62 9.86
N VAL A 576 -32.32 12.98 9.22
CA VAL A 576 -32.29 13.83 8.03
C VAL A 576 -33.57 14.63 7.98
N ARG A 577 -33.48 15.85 7.46
CA ARG A 577 -34.64 16.72 7.29
C ARG A 577 -35.09 16.68 5.84
N ASP A 578 -36.39 16.53 5.62
CA ASP A 578 -36.93 16.54 4.27
C ASP A 578 -36.80 17.94 3.70
N PRO A 579 -36.10 18.14 2.57
CA PRO A 579 -35.95 19.50 2.04
C PRO A 579 -37.26 20.11 1.57
N GLN A 580 -38.28 19.30 1.29
CA GLN A 580 -39.57 19.80 0.83
C GLN A 580 -40.55 20.08 1.96
N THR A 581 -40.22 19.72 3.20
CA THR A 581 -41.11 19.96 4.33
C THR A 581 -40.30 19.90 5.61
N LEU A 582 -40.73 20.69 6.60
CA LEU A 582 -40.03 20.76 7.87
C LEU A 582 -40.30 19.51 8.68
N GLU A 583 -39.79 18.37 8.22
CA GLU A 583 -39.97 17.08 8.89
C GLU A 583 -38.60 16.43 9.06
N ILE A 584 -38.43 15.71 10.17
CA ILE A 584 -37.18 15.04 10.49
C ILE A 584 -37.43 13.53 10.51
N LEU A 585 -36.58 12.79 9.79
CA LEU A 585 -36.72 11.34 9.67
C LEU A 585 -35.40 10.68 10.07
N ASP A 586 -35.51 9.58 10.81
CA ASP A 586 -34.34 8.84 11.26
C ASP A 586 -33.82 7.92 10.15
N ILE A 587 -32.57 7.51 10.29
CA ILE A 587 -31.91 6.63 9.34
C ILE A 587 -31.25 5.50 10.12
N THR A 588 -31.48 4.26 9.68
CA THR A 588 -30.92 3.08 10.31
C THR A 588 -30.59 2.06 9.24
N PRO A 589 -29.71 1.11 9.52
CA PRO A 589 -29.46 0.02 8.57
C PRO A 589 -30.73 -0.78 8.32
N CYS A 590 -30.84 -1.32 7.11
CA CYS A 590 -32.08 -1.96 6.70
C CYS A 590 -32.45 -3.11 7.63
N SER A 591 -31.70 -4.21 7.58
CA SER A 591 -31.76 -5.20 8.65
C SER A 591 -30.39 -5.67 9.11
N PHE A 592 -29.46 -5.91 8.18
CA PHE A 592 -28.13 -6.42 8.49
C PHE A 592 -28.15 -7.64 9.40
N GLY A 593 -27.16 -8.53 9.25
CA GLY A 593 -26.98 -9.58 10.23
C GLY A 593 -26.29 -10.83 9.73
N GLY A 594 -25.53 -11.49 10.60
CA GLY A 594 -24.94 -12.76 10.25
C GLY A 594 -25.96 -13.89 10.30
N VAL A 595 -25.63 -14.98 9.59
CA VAL A 595 -26.46 -16.18 9.56
C VAL A 595 -25.65 -17.33 10.10
N SER A 596 -26.20 -18.04 11.08
CA SER A 596 -25.55 -19.17 11.72
C SER A 596 -26.38 -20.41 11.55
N VAL A 597 -25.71 -21.53 11.28
CA VAL A 597 -26.35 -22.83 11.14
C VAL A 597 -26.00 -23.65 12.37
N ILE A 598 -27.03 -24.06 13.12
CA ILE A 598 -26.87 -24.94 14.25
C ILE A 598 -27.23 -26.35 13.79
N THR A 599 -26.26 -27.27 13.83
CA THR A 599 -26.46 -28.60 13.30
C THR A 599 -25.77 -29.62 14.20
N PRO A 600 -26.42 -30.74 14.52
CA PRO A 600 -25.72 -31.84 15.19
C PRO A 600 -24.82 -32.59 14.23
N GLY A 601 -24.21 -33.68 14.68
CA GLY A 601 -23.37 -34.48 13.81
C GLY A 601 -24.11 -34.93 12.56
N THR A 602 -23.51 -34.71 11.39
CA THR A 602 -24.17 -35.07 10.14
C THR A 602 -24.53 -36.55 10.11
N ASN A 603 -23.70 -37.40 10.69
CA ASN A 603 -24.00 -38.83 10.75
C ASN A 603 -25.18 -39.13 11.66
N THR A 604 -25.63 -38.18 12.47
CA THR A 604 -26.79 -38.36 13.34
C THR A 604 -28.08 -37.83 12.73
N SER A 605 -28.04 -36.65 12.12
CA SER A 605 -29.23 -36.06 11.51
C SER A 605 -28.79 -35.04 10.46
N ASN A 606 -29.74 -34.67 9.60
CA ASN A 606 -29.49 -33.72 8.54
C ASN A 606 -30.19 -32.38 8.73
N GLN A 607 -31.33 -32.36 9.41
CA GLN A 607 -32.05 -31.11 9.64
C GLN A 607 -31.23 -30.19 10.55
N VAL A 608 -31.26 -28.90 10.23
CA VAL A 608 -30.49 -27.90 10.96
C VAL A 608 -31.38 -26.69 11.25
N ALA A 609 -30.93 -25.87 12.19
CA ALA A 609 -31.61 -24.65 12.56
C ALA A 609 -30.83 -23.44 12.05
N VAL A 610 -31.56 -22.37 11.73
CA VAL A 610 -30.98 -21.16 11.16
C VAL A 610 -31.22 -20.01 12.13
N LEU A 611 -30.15 -19.31 12.47
CA LEU A 611 -30.21 -18.16 13.37
C LEU A 611 -29.79 -16.92 12.59
N TYR A 612 -30.67 -15.91 12.60
CA TYR A 612 -30.37 -14.61 11.99
C TYR A 612 -30.10 -13.62 13.12
N GLN A 613 -28.93 -13.00 13.09
CA GLN A 613 -28.46 -12.21 14.21
C GLN A 613 -29.21 -10.89 14.31
N ASP A 614 -29.65 -10.56 15.53
CA ASP A 614 -30.24 -9.27 15.86
C ASP A 614 -31.20 -8.79 14.78
N VAL A 615 -32.23 -9.61 14.53
CA VAL A 615 -33.29 -9.25 13.60
C VAL A 615 -34.59 -9.91 14.06
N ASN A 616 -35.65 -9.11 14.18
CA ASN A 616 -36.96 -9.67 14.50
C ASN A 616 -37.44 -10.57 13.37
N CYS A 617 -38.13 -11.64 13.74
CA CYS A 617 -38.45 -12.69 12.77
C CYS A 617 -39.30 -12.17 11.62
N THR A 618 -40.07 -11.09 11.84
CA THR A 618 -40.96 -10.59 10.80
C THR A 618 -40.20 -10.26 9.52
N GLU A 619 -38.94 -9.81 9.64
CA GLU A 619 -38.15 -9.44 8.48
C GLU A 619 -37.36 -10.60 7.90
N VAL A 620 -37.36 -11.77 8.56
CA VAL A 620 -36.57 -12.90 8.06
C VAL A 620 -37.03 -13.33 6.68
N PRO A 621 -38.33 -13.47 6.39
CA PRO A 621 -38.73 -13.89 5.03
C PRO A 621 -38.17 -12.99 3.95
N VAL A 622 -38.11 -11.67 4.19
CA VAL A 622 -37.50 -10.74 3.25
C VAL A 622 -36.00 -10.60 3.47
N ALA A 623 -35.47 -11.12 4.57
CA ALA A 623 -34.05 -10.95 4.88
C ALA A 623 -33.17 -11.56 3.79
N ILE A 624 -33.52 -12.77 3.34
CA ILE A 624 -32.74 -13.46 2.31
C ILE A 624 -33.41 -13.40 0.95
N HIS A 625 -34.48 -12.62 0.82
CA HIS A 625 -35.25 -12.37 -0.40
C HIS A 625 -36.11 -13.57 -0.79
N ALA A 626 -36.01 -14.71 -0.11
CA ALA A 626 -36.83 -15.88 -0.40
C ALA A 626 -36.79 -16.23 -1.89
N ASP A 627 -35.62 -16.07 -2.51
CA ASP A 627 -35.44 -16.33 -3.93
C ASP A 627 -34.55 -17.55 -4.19
N GLN A 628 -34.32 -18.38 -3.17
CA GLN A 628 -33.48 -19.55 -3.31
C GLN A 628 -34.31 -20.71 -3.87
N LEU A 629 -33.74 -21.91 -3.88
CA LEU A 629 -34.44 -23.06 -4.41
C LEU A 629 -35.70 -23.33 -3.60
N THR A 630 -36.77 -23.75 -4.29
CA THR A 630 -38.09 -23.75 -3.67
C THR A 630 -38.18 -24.63 -2.42
N PRO A 631 -37.68 -25.86 -2.39
CA PRO A 631 -37.55 -26.58 -1.12
C PRO A 631 -36.33 -26.11 -0.34
N THR A 632 -36.10 -26.78 0.79
CA THR A 632 -34.93 -26.51 1.63
C THR A 632 -34.97 -25.11 2.23
N TRP A 633 -34.28 -24.17 1.60
CA TRP A 633 -34.09 -22.85 2.21
C TRP A 633 -35.43 -22.17 2.49
N ARG A 634 -36.38 -22.28 1.56
CA ARG A 634 -37.69 -21.67 1.77
C ARG A 634 -38.32 -22.16 3.07
N VAL A 635 -38.12 -23.42 3.42
CA VAL A 635 -38.66 -23.95 4.67
C VAL A 635 -37.99 -23.25 5.86
N TYR A 636 -36.68 -23.05 5.79
CA TYR A 636 -35.94 -22.45 6.90
C TYR A 636 -36.16 -20.95 7.02
N SER A 637 -36.73 -20.30 5.99
CA SER A 637 -36.98 -18.88 6.06
C SER A 637 -38.26 -18.53 6.82
N THR A 638 -39.12 -19.51 7.08
CA THR A 638 -40.36 -19.28 7.82
C THR A 638 -41.00 -20.62 8.11
N GLY A 639 -41.68 -20.71 9.26
CA GLY A 639 -42.32 -21.94 9.65
C GLY A 639 -43.02 -21.78 10.98
N SER A 640 -43.64 -22.87 11.42
CA SER A 640 -44.32 -22.86 12.71
C SER A 640 -43.35 -22.66 13.86
N ASN A 641 -42.18 -23.31 13.79
CA ASN A 641 -41.19 -23.24 14.86
C ASN A 641 -40.28 -22.04 14.60
N VAL A 642 -40.72 -20.88 15.09
CA VAL A 642 -39.97 -19.63 14.98
C VAL A 642 -39.90 -19.02 16.37
N PHE A 643 -38.69 -18.64 16.79
CA PHE A 643 -38.46 -18.10 18.13
C PHE A 643 -37.63 -16.84 18.04
N GLN A 644 -37.86 -15.93 19.00
CA GLN A 644 -37.15 -14.66 19.06
C GLN A 644 -36.37 -14.58 20.37
N THR A 645 -35.13 -14.08 20.28
CA THR A 645 -34.27 -13.97 21.44
C THR A 645 -33.37 -12.76 21.25
N ARG A 646 -32.72 -12.34 22.33
CA ARG A 646 -31.77 -11.23 22.24
C ARG A 646 -30.71 -11.51 21.19
N ALA A 647 -30.32 -12.78 21.02
CA ALA A 647 -29.35 -13.13 19.98
C ALA A 647 -29.91 -12.85 18.59
N GLY A 648 -31.18 -13.19 18.37
CA GLY A 648 -31.78 -12.98 17.06
C GLY A 648 -32.99 -13.89 16.87
N CYS A 649 -33.26 -14.20 15.60
CA CYS A 649 -34.40 -15.03 15.23
C CYS A 649 -33.92 -16.43 14.89
N LEU A 650 -34.53 -17.43 15.54
CA LEU A 650 -34.17 -18.83 15.34
C LEU A 650 -35.33 -19.54 14.65
N ILE A 651 -35.02 -20.26 13.58
CA ILE A 651 -36.01 -21.00 12.80
C ILE A 651 -35.54 -22.44 12.69
N GLY A 652 -36.48 -23.38 12.77
CA GLY A 652 -36.18 -24.79 12.76
C GLY A 652 -35.96 -25.41 14.12
N ALA A 653 -35.99 -24.61 15.18
CA ALA A 653 -35.82 -25.09 16.55
C ALA A 653 -37.12 -24.84 17.31
N GLU A 654 -37.61 -25.88 18.00
CA GLU A 654 -38.84 -25.79 18.76
C GLU A 654 -38.50 -25.35 20.19
N HIS A 655 -38.94 -24.15 20.56
CA HIS A 655 -38.68 -23.65 21.90
C HIS A 655 -39.44 -24.48 22.93
N VAL A 656 -38.78 -24.78 24.05
CA VAL A 656 -39.36 -25.56 25.13
C VAL A 656 -39.06 -24.89 26.46
N ASN A 657 -39.92 -25.15 27.44
CA ASN A 657 -39.73 -24.58 28.77
C ASN A 657 -38.64 -25.31 29.55
N ASN A 658 -38.43 -26.60 29.27
CA ASN A 658 -37.45 -27.37 30.00
C ASN A 658 -36.04 -26.82 29.77
N SER A 659 -35.21 -26.90 30.80
CA SER A 659 -33.84 -26.42 30.75
C SER A 659 -32.88 -27.59 30.88
N TYR A 660 -31.88 -27.64 30.01
CA TYR A 660 -30.87 -28.69 30.01
C TYR A 660 -29.49 -28.05 29.89
N GLU A 661 -28.46 -28.88 29.98
CA GLU A 661 -27.10 -28.39 29.81
C GLU A 661 -26.91 -27.83 28.40
N CYS A 662 -26.16 -26.73 28.30
CA CYS A 662 -25.92 -26.10 27.01
C CYS A 662 -25.17 -27.05 26.08
N ASP A 663 -25.84 -27.52 25.03
CA ASP A 663 -25.23 -28.41 24.06
C ASP A 663 -24.56 -27.64 22.93
N ILE A 664 -25.35 -26.84 22.21
CA ILE A 664 -24.82 -25.97 21.16
C ILE A 664 -25.14 -24.53 21.53
N PRO A 665 -24.17 -23.76 22.04
CA PRO A 665 -24.49 -22.40 22.49
C PRO A 665 -25.00 -21.54 21.34
N ILE A 666 -26.00 -20.72 21.66
CA ILE A 666 -26.55 -19.73 20.73
C ILE A 666 -26.28 -18.30 21.21
N GLY A 667 -26.62 -18.02 22.46
CA GLY A 667 -26.35 -16.74 23.07
C GLY A 667 -27.48 -16.26 23.95
N ALA A 668 -27.21 -15.22 24.72
CA ALA A 668 -28.20 -14.65 25.64
C ALA A 668 -28.74 -15.72 26.59
N GLY A 669 -27.86 -16.60 27.04
CA GLY A 669 -28.27 -17.67 27.92
C GLY A 669 -29.19 -18.68 27.27
N ILE A 670 -29.12 -18.83 25.95
CA ILE A 670 -29.99 -19.73 25.21
C ILE A 670 -29.12 -20.64 24.36
N CYS A 671 -29.42 -21.95 24.41
CA CYS A 671 -28.70 -22.97 23.67
C CYS A 671 -29.69 -23.93 23.02
N ALA A 672 -29.24 -24.57 21.94
CA ALA A 672 -30.06 -25.52 21.19
C ALA A 672 -29.44 -26.91 21.29
N SER A 673 -30.32 -27.91 21.40
CA SER A 673 -29.92 -29.31 21.45
C SER A 673 -30.80 -30.11 20.49
N TYR A 674 -30.20 -31.14 19.90
CA TYR A 674 -30.93 -31.99 18.97
C TYR A 674 -31.86 -32.98 19.65
N GLN A 675 -31.64 -33.25 20.94
CA GLN A 675 -32.45 -34.24 21.63
C GLN A 675 -33.92 -33.82 21.64
N THR A 676 -34.80 -34.80 21.49
CA THR A 676 -36.24 -34.54 21.47
C THR A 676 -36.69 -33.90 22.78
N SER A 689 -40.75 -37.90 17.40
CA SER A 689 -39.54 -37.98 16.58
C SER A 689 -38.52 -36.96 17.04
N GLN A 690 -37.24 -37.26 16.80
CA GLN A 690 -36.17 -36.35 17.21
C GLN A 690 -36.24 -35.07 16.39
N SER A 691 -36.04 -33.94 17.07
CA SER A 691 -36.07 -32.63 16.43
C SER A 691 -35.19 -31.67 17.20
N ILE A 692 -34.77 -30.61 16.54
CA ILE A 692 -33.94 -29.59 17.15
C ILE A 692 -34.80 -28.71 18.05
N ILE A 693 -34.36 -28.49 19.28
CA ILE A 693 -35.08 -27.68 20.25
C ILE A 693 -34.13 -26.61 20.79
N ALA A 694 -34.72 -25.51 21.25
CA ALA A 694 -33.98 -24.40 21.84
C ALA A 694 -34.53 -24.12 23.23
N TYR A 695 -33.63 -23.84 24.17
CA TYR A 695 -34.02 -23.63 25.56
C TYR A 695 -33.02 -22.69 26.20
N THR A 696 -33.26 -22.39 27.48
CA THR A 696 -32.34 -21.59 28.29
C THR A 696 -31.44 -22.54 29.07
N MET A 697 -30.13 -22.46 28.83
CA MET A 697 -29.20 -23.36 29.49
C MET A 697 -29.30 -23.25 31.00
N SER A 698 -29.31 -24.40 31.67
CA SER A 698 -29.36 -24.46 33.13
C SER A 698 -27.93 -24.42 33.67
N LEU A 699 -27.67 -23.46 34.56
CA LEU A 699 -26.33 -23.34 35.13
C LEU A 699 -25.95 -24.56 35.95
N GLY A 700 -26.91 -25.36 36.38
CA GLY A 700 -26.62 -26.56 37.14
C GLY A 700 -27.89 -27.09 37.78
N ALA A 701 -27.69 -28.11 38.63
CA ALA A 701 -28.77 -28.74 39.37
C ALA A 701 -28.87 -28.11 40.75
N GLU A 702 -30.06 -27.67 41.13
CA GLU A 702 -30.26 -27.06 42.43
C GLU A 702 -29.88 -28.04 43.54
N ASN A 703 -29.14 -27.54 44.53
CA ASN A 703 -28.70 -28.38 45.65
C ASN A 703 -28.72 -27.49 46.90
N SER A 704 -29.80 -27.58 47.66
CA SER A 704 -29.96 -26.81 48.89
C SER A 704 -29.23 -27.55 50.00
N VAL A 705 -28.06 -27.02 50.40
CA VAL A 705 -27.29 -27.65 51.45
C VAL A 705 -28.04 -27.53 52.77
N ALA A 706 -28.16 -28.64 53.49
CA ALA A 706 -28.85 -28.65 54.78
C ALA A 706 -27.97 -27.99 55.83
N TYR A 707 -27.82 -26.67 55.76
CA TYR A 707 -26.94 -25.95 56.67
C TYR A 707 -27.62 -25.72 58.01
N SER A 708 -26.87 -25.92 59.08
CA SER A 708 -27.32 -25.59 60.43
C SER A 708 -26.11 -25.22 61.25
N ASN A 709 -26.34 -24.53 62.37
CA ASN A 709 -25.25 -24.00 63.16
C ASN A 709 -24.68 -25.03 64.13
N ASN A 710 -25.21 -26.25 64.17
CA ASN A 710 -24.71 -27.28 65.08
C ASN A 710 -24.61 -28.64 64.41
N SER A 711 -24.47 -28.67 63.08
CA SER A 711 -24.36 -29.91 62.34
C SER A 711 -23.21 -29.82 61.34
N ILE A 712 -22.49 -30.93 61.18
CA ILE A 712 -21.38 -31.04 60.25
C ILE A 712 -21.57 -32.32 59.43
N ALA A 713 -20.84 -32.40 58.33
CA ALA A 713 -20.85 -33.56 57.45
C ALA A 713 -19.42 -34.06 57.27
N ILE A 714 -19.19 -35.35 57.51
CA ILE A 714 -17.87 -35.94 57.41
C ILE A 714 -17.91 -37.07 56.38
N PRO A 715 -16.92 -37.20 55.50
CA PRO A 715 -16.90 -38.34 54.59
C PRO A 715 -16.65 -39.65 55.33
N THR A 716 -17.19 -40.73 54.76
CA THR A 716 -16.98 -42.08 55.28
C THR A 716 -15.94 -42.84 54.48
N ASN A 717 -16.05 -42.84 53.15
CA ASN A 717 -15.05 -43.40 52.26
C ASN A 717 -14.65 -42.34 51.24
N PHE A 718 -13.71 -42.68 50.37
CA PHE A 718 -13.13 -41.72 49.44
C PHE A 718 -13.00 -42.36 48.06
N THR A 719 -12.54 -41.56 47.10
CA THR A 719 -12.29 -42.03 45.75
C THR A 719 -11.01 -41.39 45.24
N ILE A 720 -10.16 -42.19 44.62
CA ILE A 720 -8.91 -41.71 44.02
C ILE A 720 -9.20 -41.48 42.54
N SER A 721 -9.66 -40.27 42.22
CA SER A 721 -10.00 -39.95 40.84
C SER A 721 -8.74 -39.53 40.08
N VAL A 722 -8.76 -39.77 38.78
CA VAL A 722 -7.66 -39.35 37.89
C VAL A 722 -8.27 -38.55 36.75
N THR A 723 -7.73 -37.35 36.53
CA THR A 723 -8.22 -36.46 35.49
C THR A 723 -7.08 -36.08 34.57
N THR A 724 -7.37 -36.06 33.26
CA THR A 724 -6.36 -35.75 32.26
C THR A 724 -6.42 -34.27 31.90
N GLU A 725 -5.30 -33.57 32.07
CA GLU A 725 -5.17 -32.17 31.70
C GLU A 725 -4.16 -32.06 30.57
N ILE A 726 -4.58 -31.52 29.43
CA ILE A 726 -3.77 -31.45 28.23
C ILE A 726 -3.37 -30.00 28.01
N LEU A 727 -2.07 -29.76 27.84
CA LEU A 727 -1.54 -28.41 27.67
C LEU A 727 -0.59 -28.39 26.49
N PRO A 728 -0.79 -27.52 25.49
CA PRO A 728 0.23 -27.36 24.45
C PRO A 728 1.53 -26.86 25.04
N VAL A 729 2.64 -27.32 24.47
CA VAL A 729 3.96 -26.99 24.98
C VAL A 729 4.76 -26.23 23.92
N SER A 730 4.44 -26.46 22.65
CA SER A 730 5.17 -25.85 21.56
C SER A 730 4.34 -25.95 20.28
N MET A 731 4.87 -25.37 19.21
CA MET A 731 4.27 -25.43 17.90
C MET A 731 5.35 -25.69 16.86
N THR A 732 4.92 -26.02 15.64
CA THR A 732 5.86 -26.30 14.57
C THR A 732 6.79 -25.12 14.35
N LYS A 733 8.09 -25.41 14.25
CA LYS A 733 9.11 -24.38 14.08
C LYS A 733 9.18 -23.93 12.62
N THR A 734 8.14 -23.21 12.19
CA THR A 734 8.07 -22.75 10.82
C THR A 734 9.07 -21.63 10.57
N SER A 735 9.75 -21.70 9.44
CA SER A 735 10.65 -20.66 8.96
C SER A 735 10.32 -20.35 7.52
N VAL A 736 10.19 -19.07 7.19
CA VAL A 736 9.75 -18.61 5.88
C VAL A 736 10.87 -17.79 5.26
N ASP A 737 11.27 -18.13 4.05
CA ASP A 737 12.24 -17.34 3.29
C ASP A 737 11.47 -16.19 2.65
N CYS A 738 11.55 -15.02 3.27
CA CYS A 738 10.74 -13.89 2.83
C CYS A 738 11.02 -13.54 1.37
N THR A 739 12.29 -13.41 1.01
CA THR A 739 12.63 -13.03 -0.35
C THR A 739 12.16 -14.07 -1.35
N MET A 740 12.40 -15.35 -1.06
CA MET A 740 11.98 -16.40 -1.97
C MET A 740 10.46 -16.47 -2.08
N TYR A 741 9.77 -16.37 -0.94
CA TYR A 741 8.31 -16.44 -0.95
C TYR A 741 7.71 -15.29 -1.75
N ILE A 742 8.24 -14.08 -1.56
CA ILE A 742 7.69 -12.93 -2.27
C ILE A 742 8.02 -12.98 -3.75
N CYS A 743 9.24 -13.42 -4.09
CA CYS A 743 9.74 -13.37 -5.45
C CYS A 743 9.82 -14.73 -6.12
N GLY A 744 10.40 -15.72 -5.45
CA GLY A 744 10.58 -17.02 -6.06
C GLY A 744 11.66 -16.99 -7.13
N ASP A 745 12.91 -16.80 -6.72
CA ASP A 745 14.07 -16.79 -7.62
C ASP A 745 13.82 -15.87 -8.82
N SER A 746 13.28 -14.68 -8.54
CA SER A 746 13.06 -13.65 -9.55
C SER A 746 14.02 -12.50 -9.27
N THR A 747 15.01 -12.32 -10.14
CA THR A 747 16.01 -11.27 -9.92
C THR A 747 15.38 -9.88 -9.92
N GLU A 748 14.47 -9.62 -10.85
CA GLU A 748 13.83 -8.31 -10.90
C GLU A 748 13.01 -8.05 -9.65
N CYS A 749 12.25 -9.04 -9.20
CA CYS A 749 11.47 -8.88 -7.97
C CYS A 749 12.37 -8.66 -6.78
N SER A 750 13.49 -9.38 -6.71
CA SER A 750 14.43 -9.17 -5.61
C SER A 750 14.99 -7.75 -5.63
N ASN A 751 15.35 -7.26 -6.82
CA ASN A 751 15.86 -5.89 -6.92
C ASN A 751 14.82 -4.88 -6.47
N LEU A 752 13.57 -5.06 -6.89
CA LEU A 752 12.51 -4.15 -6.47
C LEU A 752 12.30 -4.21 -4.96
N LEU A 753 12.33 -5.42 -4.39
CA LEU A 753 12.08 -5.57 -2.96
C LEU A 753 13.24 -5.03 -2.13
N LEU A 754 14.44 -5.01 -2.69
CA LEU A 754 15.59 -4.48 -1.95
C LEU A 754 15.35 -3.02 -1.54
N GLN A 755 14.51 -2.29 -2.28
CA GLN A 755 14.23 -0.90 -1.96
C GLN A 755 13.32 -0.75 -0.76
N TYR A 756 12.72 -1.83 -0.26
CA TYR A 756 11.78 -1.76 0.85
C TYR A 756 12.46 -1.81 2.21
N GLY A 757 13.78 -1.92 2.26
CA GLY A 757 14.49 -1.91 3.52
C GLY A 757 14.82 -3.33 3.98
N SER A 758 14.59 -3.60 5.26
CA SER A 758 14.92 -4.88 5.88
C SER A 758 13.68 -5.58 6.44
N PHE A 759 12.54 -5.46 5.76
CA PHE A 759 11.33 -6.13 6.22
C PHE A 759 11.54 -7.65 6.25
N CYS A 760 12.15 -8.20 5.20
CA CYS A 760 12.41 -9.64 5.18
C CYS A 760 13.32 -10.04 6.33
N THR A 761 14.32 -9.21 6.65
CA THR A 761 15.17 -9.50 7.79
C THR A 761 14.35 -9.50 9.08
N GLN A 762 13.45 -8.54 9.24
CA GLN A 762 12.60 -8.49 10.42
C GLN A 762 11.79 -9.78 10.55
N LEU A 763 11.14 -10.19 9.46
CA LEU A 763 10.29 -11.37 9.52
C LEU A 763 11.10 -12.64 9.79
N ASN A 764 12.26 -12.76 9.15
CA ASN A 764 13.12 -13.93 9.40
C ASN A 764 13.59 -13.97 10.84
N ARG A 765 13.98 -12.82 11.39
CA ARG A 765 14.40 -12.77 12.79
C ARG A 765 13.25 -13.14 13.72
N ALA A 766 12.05 -12.65 13.42
CA ALA A 766 10.90 -12.99 14.24
C ALA A 766 10.61 -14.48 14.21
N LEU A 767 10.68 -15.10 13.03
CA LEU A 767 10.42 -16.53 12.93
C LEU A 767 11.51 -17.33 13.65
N THR A 768 12.77 -16.92 13.52
CA THR A 768 13.83 -17.60 14.24
C THR A 768 13.65 -17.47 15.74
N GLY A 769 13.24 -16.29 16.20
CA GLY A 769 12.94 -16.12 17.62
C GLY A 769 11.80 -17.00 18.08
N ILE A 770 10.77 -17.14 17.24
CA ILE A 770 9.66 -18.02 17.57
C ILE A 770 10.13 -19.47 17.69
N ALA A 771 10.98 -19.91 16.76
CA ALA A 771 11.49 -21.27 16.83
C ALA A 771 12.32 -21.49 18.10
N VAL A 772 13.19 -20.53 18.42
CA VAL A 772 13.99 -20.64 19.65
C VAL A 772 13.08 -20.63 20.86
N GLU A 773 12.00 -19.86 20.81
CA GLU A 773 11.04 -19.80 21.89
C GLU A 773 10.38 -21.17 22.10
N GLN A 774 9.97 -21.82 21.01
CA GLN A 774 9.38 -23.15 21.11
C GLN A 774 10.38 -24.14 21.69
N ASP A 775 11.64 -24.08 21.23
CA ASP A 775 12.66 -24.98 21.76
C ASP A 775 12.85 -24.76 23.25
N LYS A 776 12.93 -23.51 23.67
CA LYS A 776 13.11 -23.20 25.09
C LYS A 776 11.92 -23.66 25.91
N ASN A 777 10.71 -23.49 25.37
CA ASN A 777 9.52 -23.95 26.09
C ASN A 777 9.56 -25.45 26.27
N THR A 778 9.88 -26.20 25.22
CA THR A 778 9.96 -27.65 25.32
C THR A 778 11.03 -28.06 26.34
N GLN A 779 12.20 -27.43 26.27
CA GLN A 779 13.27 -27.77 27.21
C GLN A 779 12.84 -27.50 28.64
N GLU A 780 12.24 -26.33 28.90
CA GLU A 780 11.82 -26.00 30.26
C GLU A 780 10.76 -26.97 30.76
N VAL A 781 9.83 -27.35 29.90
CA VAL A 781 8.76 -28.25 30.33
C VAL A 781 9.31 -29.64 30.62
N PHE A 782 10.21 -30.15 29.78
CA PHE A 782 10.63 -31.54 29.83
C PHE A 782 12.02 -31.76 30.40
N ALA A 783 12.85 -30.72 30.52
CA ALA A 783 14.21 -30.86 31.04
C ALA A 783 14.30 -30.45 32.49
N GLN A 784 13.27 -30.71 33.28
CA GLN A 784 13.25 -30.36 34.69
C GLN A 784 13.89 -31.42 35.57
N VAL A 785 14.35 -32.52 35.01
CA VAL A 785 14.96 -33.62 35.76
C VAL A 785 16.46 -33.59 35.49
N LYS A 786 17.25 -33.54 36.56
CA LYS A 786 18.70 -33.46 36.41
C LYS A 786 19.26 -34.73 35.78
N GLN A 787 18.79 -35.89 36.22
CA GLN A 787 19.32 -37.18 35.80
C GLN A 787 18.20 -38.06 35.28
N ILE A 788 18.57 -38.99 34.41
CA ILE A 788 17.61 -39.90 33.77
C ILE A 788 17.43 -41.09 34.71
N TYR A 789 16.43 -40.99 35.57
CA TYR A 789 16.13 -42.07 36.50
C TYR A 789 15.45 -43.22 35.77
N LYS A 790 15.69 -44.44 36.26
CA LYS A 790 15.12 -45.65 35.68
C LYS A 790 14.36 -46.43 36.76
N THR A 791 13.22 -46.99 36.36
CA THR A 791 12.43 -47.79 37.28
C THR A 791 13.12 -49.13 37.55
N PRO A 792 12.85 -49.76 38.69
CA PRO A 792 13.48 -51.04 38.99
C PRO A 792 12.97 -52.13 38.06
N PRO A 793 13.75 -53.21 37.87
CA PRO A 793 13.28 -54.28 36.97
C PRO A 793 11.95 -54.88 37.38
N ILE A 794 11.67 -54.95 38.68
CA ILE A 794 10.44 -55.55 39.20
C ILE A 794 9.55 -54.44 39.72
N LYS A 795 8.29 -54.44 39.30
CA LYS A 795 7.33 -53.41 39.69
C LYS A 795 6.64 -53.84 41.00
N ASP A 796 7.43 -53.85 42.07
CA ASP A 796 6.93 -54.20 43.40
C ASP A 796 6.55 -52.92 44.15
N PHE A 797 5.44 -52.33 43.72
CA PHE A 797 4.95 -51.07 44.27
C PHE A 797 3.76 -51.26 45.20
N GLY A 798 3.68 -52.41 45.87
CA GLY A 798 2.60 -52.65 46.81
C GLY A 798 1.22 -52.65 46.18
N GLY A 799 1.09 -53.26 45.00
CA GLY A 799 -0.18 -53.38 44.31
C GLY A 799 -0.44 -52.29 43.30
N PHE A 800 0.27 -51.16 43.41
CA PHE A 800 0.06 -50.08 42.46
C PHE A 800 0.57 -50.48 41.08
N ASN A 801 -0.16 -50.05 40.05
CA ASN A 801 0.11 -50.45 38.67
C ASN A 801 0.46 -49.21 37.86
N PHE A 802 1.55 -49.28 37.09
CA PHE A 802 1.98 -48.18 36.23
C PHE A 802 2.30 -48.66 34.83
N SER A 803 1.69 -49.78 34.41
CA SER A 803 1.96 -50.30 33.08
C SER A 803 1.51 -49.32 32.00
N GLN A 804 0.35 -48.68 32.19
CA GLN A 804 -0.18 -47.77 31.18
C GLN A 804 0.64 -46.50 31.06
N ILE A 805 1.42 -46.14 32.08
CA ILE A 805 2.20 -44.91 32.06
C ILE A 805 3.70 -45.16 31.90
N LEU A 806 4.19 -46.35 32.25
CA LEU A 806 5.60 -46.64 32.11
C LEU A 806 5.94 -47.06 30.67
N PRO A 807 7.19 -46.90 30.26
CA PRO A 807 7.56 -47.30 28.90
C PRO A 807 7.36 -48.79 28.68
N ASP A 808 7.00 -49.15 27.44
CA ASP A 808 6.79 -50.54 27.07
C ASP A 808 8.00 -51.01 26.27
N PRO A 809 8.86 -51.88 26.81
CA PRO A 809 10.02 -52.34 26.03
C PRO A 809 9.64 -53.06 24.75
N SER A 810 8.49 -53.75 24.72
CA SER A 810 8.13 -54.53 23.56
C SER A 810 8.00 -53.67 22.31
N LYS A 811 7.38 -52.50 22.45
CA LYS A 811 7.20 -51.63 21.30
C LYS A 811 8.55 -51.10 20.82
N PRO A 812 8.68 -50.82 19.51
CA PRO A 812 9.96 -50.29 19.02
C PRO A 812 10.37 -49.00 19.69
N SER A 813 9.41 -48.14 20.01
CA SER A 813 9.66 -46.89 20.71
C SER A 813 9.26 -47.04 22.17
N LYS A 814 10.14 -46.62 23.08
CA LYS A 814 9.90 -46.76 24.52
C LYS A 814 8.88 -45.73 24.98
N ARG A 815 7.64 -45.92 24.51
CA ARG A 815 6.52 -45.07 24.87
C ARG A 815 5.47 -45.88 25.61
N SER A 816 4.87 -45.28 26.63
CA SER A 816 3.86 -45.96 27.41
C SER A 816 2.60 -46.17 26.58
N PHE A 817 1.73 -47.05 27.07
CA PHE A 817 0.48 -47.34 26.37
C PHE A 817 -0.35 -46.07 26.20
N ILE A 818 -0.47 -45.27 27.27
CA ILE A 818 -1.18 -44.01 27.17
C ILE A 818 -0.47 -43.07 26.21
N GLU A 819 0.86 -43.03 26.28
CA GLU A 819 1.62 -42.19 25.35
C GLU A 819 1.40 -42.64 23.91
N ASP A 820 1.40 -43.96 23.67
CA ASP A 820 1.15 -44.46 22.33
C ASP A 820 -0.24 -44.08 21.85
N LEU A 821 -1.24 -44.19 22.73
CA LEU A 821 -2.60 -43.79 22.36
C LEU A 821 -2.66 -42.31 22.01
N LEU A 822 -2.01 -41.47 22.82
CA LEU A 822 -1.99 -40.04 22.54
C LEU A 822 -1.33 -39.75 21.20
N PHE A 823 -0.21 -40.42 20.92
CA PHE A 823 0.47 -40.21 19.64
C PHE A 823 -0.39 -40.64 18.48
N ASN A 824 -1.07 -41.78 18.60
CA ASN A 824 -1.89 -42.28 17.50
C ASN A 824 -3.10 -41.39 17.26
N LYS A 825 -3.75 -40.93 18.33
CA LYS A 825 -4.97 -40.15 18.17
C LYS A 825 -4.70 -38.85 17.43
N VAL A 826 -3.60 -38.17 17.77
CA VAL A 826 -3.27 -36.92 17.09
C VAL A 826 -2.69 -37.24 15.72
N THR A 827 -3.28 -36.64 14.69
CA THR A 827 -2.84 -36.87 13.32
C THR A 827 -3.00 -35.60 12.47
N LEU A 849 -0.42 -32.98 6.16
CA LEU A 849 -0.68 -31.67 5.60
C LEU A 849 0.51 -30.74 5.80
N ILE A 850 1.13 -30.83 6.97
CA ILE A 850 2.27 -29.97 7.26
C ILE A 850 3.42 -30.26 6.31
N CYS A 851 3.68 -31.55 6.04
CA CYS A 851 4.76 -31.93 5.14
C CYS A 851 4.40 -31.76 3.67
N ALA A 852 3.13 -31.48 3.36
CA ALA A 852 2.67 -31.32 1.99
C ALA A 852 2.59 -29.86 1.56
N GLN A 853 3.09 -28.93 2.38
CA GLN A 853 3.05 -27.51 2.06
C GLN A 853 4.44 -26.88 2.11
N LYS A 854 5.49 -27.68 2.25
CA LYS A 854 6.86 -27.19 2.31
C LYS A 854 7.44 -27.06 0.90
N PHE A 855 6.74 -26.29 0.07
CA PHE A 855 7.14 -26.08 -1.31
C PHE A 855 7.28 -24.61 -1.69
N ASN A 856 7.32 -23.70 -0.71
CA ASN A 856 7.47 -22.27 -0.95
C ASN A 856 8.49 -21.69 0.02
N GLY A 857 9.64 -22.33 0.12
CA GLY A 857 10.68 -21.92 1.05
C GLY A 857 10.31 -22.06 2.50
N LEU A 858 9.72 -23.18 2.91
CA LEU A 858 9.25 -23.40 4.26
C LEU A 858 9.99 -24.59 4.87
N THR A 859 10.54 -24.39 6.06
CA THR A 859 11.21 -25.46 6.81
C THR A 859 10.55 -25.56 8.17
N VAL A 860 9.91 -26.70 8.44
CA VAL A 860 9.10 -26.88 9.64
C VAL A 860 9.62 -28.06 10.47
N LEU A 861 10.01 -29.14 9.81
CA LEU A 861 10.19 -30.41 10.51
C LEU A 861 11.21 -30.37 11.64
N PRO A 862 12.42 -29.83 11.46
CA PRO A 862 13.50 -30.16 12.41
C PRO A 862 13.22 -29.62 13.80
N PRO A 863 12.97 -30.50 14.77
CA PRO A 863 12.85 -30.05 16.16
C PRO A 863 14.17 -30.20 16.92
N LEU A 864 14.33 -29.38 17.95
CA LEU A 864 15.51 -29.48 18.80
C LEU A 864 15.53 -30.82 19.55
N LEU A 865 14.39 -31.22 20.09
CA LEU A 865 14.26 -32.46 20.86
C LEU A 865 13.33 -33.41 20.12
N THR A 866 13.83 -34.61 19.84
CA THR A 866 13.01 -35.62 19.19
C THR A 866 12.01 -36.21 20.18
N ASP A 867 10.99 -36.88 19.62
CA ASP A 867 9.97 -37.49 20.47
C ASP A 867 10.57 -38.54 21.39
N GLU A 868 11.61 -39.23 20.94
CA GLU A 868 12.21 -40.28 21.77
C GLU A 868 12.80 -39.69 23.05
N MET A 869 13.49 -38.56 22.95
CA MET A 869 14.08 -37.96 24.14
C MET A 869 13.03 -37.34 25.05
N ILE A 870 11.95 -36.79 24.49
CA ILE A 870 10.86 -36.31 25.32
C ILE A 870 10.22 -37.47 26.09
N ALA A 871 10.04 -38.60 25.41
CA ALA A 871 9.53 -39.79 26.09
C ALA A 871 10.49 -40.24 27.18
N GLN A 872 11.79 -40.19 26.91
CA GLN A 872 12.77 -40.56 27.93
C GLN A 872 12.70 -39.62 29.13
N TYR A 873 12.53 -38.32 28.89
CA TYR A 873 12.40 -37.37 29.98
C TYR A 873 11.16 -37.66 30.81
N THR A 874 10.03 -37.94 30.16
CA THR A 874 8.81 -38.26 30.89
C THR A 874 8.99 -39.55 31.69
N SER A 875 9.67 -40.55 31.11
CA SER A 875 9.92 -41.80 31.83
C SER A 875 10.79 -41.55 33.05
N ALA A 876 11.82 -40.72 32.91
CA ALA A 876 12.68 -40.39 34.05
C ALA A 876 11.89 -39.67 35.13
N LEU A 877 11.03 -38.74 34.74
CA LEU A 877 10.20 -38.04 35.72
C LEU A 877 9.29 -39.01 36.45
N LEU A 878 8.67 -39.93 35.71
CA LEU A 878 7.80 -40.92 36.33
C LEU A 878 8.57 -41.81 37.30
N ALA A 879 9.76 -42.26 36.87
CA ALA A 879 10.56 -43.12 37.74
C ALA A 879 10.97 -42.39 39.02
N GLY A 880 11.35 -41.12 38.90
CA GLY A 880 11.69 -40.36 40.08
C GLY A 880 10.50 -40.19 41.01
N THR A 881 9.34 -39.82 40.44
CA THR A 881 8.16 -39.60 41.26
C THR A 881 7.72 -40.90 41.94
N ILE A 882 7.97 -42.04 41.30
CA ILE A 882 7.57 -43.31 41.88
C ILE A 882 8.54 -43.74 42.97
N THR A 883 9.82 -43.86 42.63
CA THR A 883 10.79 -44.40 43.57
C THR A 883 11.04 -43.43 44.72
N SER A 884 11.29 -42.16 44.42
CA SER A 884 11.72 -41.19 45.43
C SER A 884 10.70 -40.10 45.70
N GLY A 885 9.50 -40.19 45.13
CA GLY A 885 8.50 -39.16 45.39
C GLY A 885 8.98 -37.81 44.92
N TRP A 886 8.81 -36.79 45.76
CA TRP A 886 9.19 -35.43 45.44
C TRP A 886 10.60 -35.07 45.90
N THR A 887 11.30 -35.99 46.57
CA THR A 887 12.63 -35.68 47.07
C THR A 887 13.59 -35.35 45.93
N PHE A 888 13.51 -36.11 44.83
CA PHE A 888 14.41 -35.89 43.72
C PHE A 888 14.20 -34.51 43.07
N GLY A 889 13.05 -33.89 43.28
CA GLY A 889 12.77 -32.58 42.75
C GLY A 889 13.33 -31.43 43.54
N ALA A 890 14.02 -31.70 44.65
CA ALA A 890 14.58 -30.63 45.48
C ALA A 890 16.00 -30.96 45.93
N GLY A 891 16.67 -31.89 45.29
CA GLY A 891 18.01 -32.28 45.66
C GLY A 891 18.27 -33.72 45.24
N ALA A 892 19.19 -34.36 45.96
CA ALA A 892 19.51 -35.76 45.69
C ALA A 892 18.27 -36.63 45.87
N ALA A 893 18.03 -37.51 44.91
CA ALA A 893 16.87 -38.39 44.98
C ALA A 893 17.00 -39.33 46.17
N LEU A 894 15.91 -39.45 46.93
CA LEU A 894 15.86 -40.31 48.12
C LEU A 894 14.81 -41.39 47.89
N GLN A 895 15.26 -42.64 47.81
CA GLN A 895 14.34 -43.75 47.57
C GLN A 895 13.38 -43.90 48.75
N ILE A 896 12.15 -44.28 48.42
CA ILE A 896 11.10 -44.49 49.44
C ILE A 896 10.04 -45.41 48.85
N PRO A 897 9.49 -46.33 49.63
CA PRO A 897 8.41 -47.18 49.10
C PRO A 897 7.23 -46.35 48.65
N PHE A 898 6.58 -46.81 47.56
CA PHE A 898 5.45 -46.06 47.02
C PHE A 898 4.31 -45.95 48.02
N ALA A 899 4.09 -47.02 48.80
CA ALA A 899 3.06 -46.95 49.84
C ALA A 899 3.37 -45.86 50.85
N MET A 900 4.63 -45.75 51.25
CA MET A 900 5.00 -44.67 52.18
C MET A 900 4.88 -43.30 51.53
N GLN A 901 5.13 -43.21 50.22
CA GLN A 901 4.92 -41.93 49.53
C GLN A 901 3.44 -41.55 49.55
N MET A 902 2.56 -42.51 49.29
CA MET A 902 1.13 -42.24 49.38
C MET A 902 0.73 -41.85 50.79
N ALA A 903 1.32 -42.51 51.80
CA ALA A 903 1.05 -42.13 53.18
C ALA A 903 1.48 -40.69 53.45
N TYR A 904 2.65 -40.30 52.95
CA TYR A 904 3.12 -38.93 53.13
C TYR A 904 2.17 -37.94 52.48
N ARG A 905 1.71 -38.25 51.26
CA ARG A 905 0.80 -37.34 50.57
C ARG A 905 -0.55 -37.24 51.28
N PHE A 906 -1.05 -38.37 51.79
CA PHE A 906 -2.29 -38.36 52.56
C PHE A 906 -2.14 -37.50 53.80
N ASN A 907 -1.00 -37.61 54.50
CA ASN A 907 -0.74 -36.73 55.62
C ASN A 907 -0.67 -35.28 55.18
N GLY A 908 -0.12 -35.02 54.00
CA GLY A 908 -0.01 -33.67 53.50
C GLY A 908 -1.33 -33.04 53.09
N ILE A 909 -2.33 -33.87 52.78
CA ILE A 909 -3.66 -33.37 52.43
C ILE A 909 -4.60 -33.42 53.64
N GLY A 910 -4.05 -33.43 54.85
CA GLY A 910 -4.88 -33.45 56.05
C GLY A 910 -5.64 -34.73 56.26
N VAL A 911 -5.05 -35.88 55.93
CA VAL A 911 -5.65 -37.18 56.15
C VAL A 911 -4.61 -38.06 56.83
N THR A 912 -4.99 -38.67 57.95
CA THR A 912 -4.07 -39.53 58.68
C THR A 912 -3.60 -40.68 57.79
N GLN A 913 -2.30 -40.96 57.85
CA GLN A 913 -1.72 -41.98 56.98
C GLN A 913 -2.25 -43.37 57.29
N ASN A 914 -2.85 -43.57 58.47
CA ASN A 914 -3.34 -44.89 58.84
C ASN A 914 -4.41 -45.39 57.86
N VAL A 915 -5.16 -44.48 57.24
CA VAL A 915 -6.22 -44.89 56.33
C VAL A 915 -5.65 -45.65 55.15
N LEU A 916 -4.54 -45.16 54.60
CA LEU A 916 -3.93 -45.83 53.44
C LEU A 916 -3.52 -47.25 53.78
N TYR A 917 -2.79 -47.42 54.89
CA TYR A 917 -2.33 -48.75 55.27
C TYR A 917 -3.50 -49.66 55.63
N GLU A 918 -4.58 -49.08 56.17
CA GLU A 918 -5.77 -49.88 56.45
C GLU A 918 -6.54 -50.22 55.18
N ASN A 919 -6.40 -49.41 54.14
CA ASN A 919 -7.08 -49.64 52.87
C ASN A 919 -6.11 -49.53 51.69
N GLN A 920 -4.89 -50.05 51.85
CA GLN A 920 -3.90 -49.96 50.79
C GLN A 920 -4.36 -50.72 49.54
N LYS A 921 -4.89 -51.92 49.73
CA LYS A 921 -5.35 -52.71 48.60
C LYS A 921 -6.49 -52.01 47.87
N LEU A 922 -7.45 -51.45 48.63
CA LEU A 922 -8.57 -50.76 48.00
C LEU A 922 -8.09 -49.54 47.24
N ILE A 923 -7.16 -48.78 47.80
CA ILE A 923 -6.65 -47.59 47.12
C ILE A 923 -5.92 -47.98 45.85
N ALA A 924 -5.10 -49.04 45.91
CA ALA A 924 -4.39 -49.48 44.72
C ALA A 924 -5.36 -49.95 43.64
N ASN A 925 -6.40 -50.69 44.02
CA ASN A 925 -7.39 -51.13 43.05
C ASN A 925 -8.12 -49.95 42.43
N GLN A 926 -8.48 -48.95 43.25
CA GLN A 926 -9.14 -47.77 42.72
C GLN A 926 -8.23 -47.02 41.75
N PHE A 927 -6.95 -46.90 42.08
CA PHE A 927 -6.02 -46.22 41.20
C PHE A 927 -5.88 -46.95 39.88
N ASN A 928 -5.76 -48.28 39.92
CA ASN A 928 -5.66 -49.05 38.69
C ASN A 928 -6.93 -48.91 37.84
N SER A 929 -8.09 -48.97 38.49
CA SER A 929 -9.35 -48.82 37.77
C SER A 929 -9.46 -47.43 37.13
N ALA A 930 -9.04 -46.40 37.85
CA ALA A 930 -9.06 -45.05 37.29
C ALA A 930 -8.11 -44.93 36.10
N ILE A 931 -6.92 -45.54 36.20
CA ILE A 931 -5.99 -45.51 35.08
C ILE A 931 -6.60 -46.18 33.87
N GLY A 932 -7.20 -47.36 34.06
CA GLY A 932 -7.85 -48.04 32.95
C GLY A 932 -8.98 -47.22 32.36
N LYS A 933 -9.77 -46.58 33.22
CA LYS A 933 -10.90 -45.78 32.75
C LYS A 933 -10.42 -44.59 31.92
N ILE A 934 -9.37 -43.91 32.37
CA ILE A 934 -8.88 -42.77 31.60
C ILE A 934 -8.28 -43.24 30.29
N GLN A 935 -7.60 -44.39 30.28
CA GLN A 935 -7.07 -44.92 29.03
C GLN A 935 -8.21 -45.22 28.06
N ASP A 936 -9.27 -45.85 28.54
CA ASP A 936 -10.41 -46.17 27.68
C ASP A 936 -11.06 -44.90 27.17
N SER A 937 -11.22 -43.89 28.03
CA SER A 937 -11.84 -42.64 27.61
C SER A 937 -11.00 -41.96 26.54
N LEU A 938 -9.68 -41.93 26.72
CA LEU A 938 -8.81 -41.32 25.72
C LEU A 938 -8.90 -42.08 24.39
N SER A 939 -8.90 -43.42 24.45
CA SER A 939 -8.99 -44.20 23.22
C SER A 939 -10.30 -43.95 22.50
N SER A 940 -11.42 -43.96 23.24
CA SER A 940 -12.73 -43.82 22.60
C SER A 940 -12.99 -42.39 22.16
N THR A 941 -12.63 -41.41 23.00
CA THR A 941 -12.96 -40.01 22.74
C THR A 941 -11.94 -39.41 21.79
N ALA A 942 -12.39 -39.06 20.58
CA ALA A 942 -11.52 -38.43 19.60
C ALA A 942 -11.29 -36.95 19.92
N SER A 943 -12.23 -36.30 20.59
CA SER A 943 -12.13 -34.89 20.92
C SER A 943 -11.34 -34.62 22.20
N ALA A 944 -10.88 -35.67 22.89
CA ALA A 944 -10.13 -35.46 24.12
C ALA A 944 -8.88 -34.63 23.87
N LEU A 945 -8.20 -34.89 22.75
CA LEU A 945 -7.01 -34.14 22.36
C LEU A 945 -7.35 -32.90 21.54
N GLY A 946 -8.64 -32.60 21.37
CA GLY A 946 -9.04 -31.49 20.51
C GLY A 946 -8.23 -30.23 20.72
N LYS A 947 -7.76 -30.00 21.94
CA LYS A 947 -6.93 -28.83 22.20
C LYS A 947 -5.68 -28.88 21.33
N LEU A 948 -4.80 -29.85 21.58
CA LEU A 948 -3.52 -29.89 20.87
C LEU A 948 -3.74 -29.90 19.37
N GLN A 949 -4.58 -30.82 18.89
CA GLN A 949 -4.87 -30.88 17.46
C GLN A 949 -5.27 -29.52 16.94
N ASP A 950 -6.19 -28.84 17.65
CA ASP A 950 -6.65 -27.53 17.20
C ASP A 950 -5.45 -26.62 16.96
N VAL A 951 -4.55 -26.53 17.94
CA VAL A 951 -3.34 -25.72 17.76
C VAL A 951 -2.68 -26.08 16.44
N VAL A 952 -2.31 -27.36 16.29
CA VAL A 952 -1.72 -27.82 15.04
C VAL A 952 -2.56 -27.33 13.87
N ASN A 953 -3.85 -27.67 13.88
CA ASN A 953 -4.71 -27.28 12.78
C ASN A 953 -4.59 -25.79 12.51
N GLN A 954 -4.73 -24.97 13.57
CA GLN A 954 -4.58 -23.53 13.40
C GLN A 954 -3.33 -23.23 12.59
N ASN A 955 -2.17 -23.66 13.10
CA ASN A 955 -0.92 -23.38 12.38
C ASN A 955 -1.03 -23.86 10.94
N ALA A 956 -1.43 -25.12 10.76
CA ALA A 956 -1.57 -25.64 9.40
C ALA A 956 -2.42 -24.72 8.56
N GLN A 957 -3.61 -24.37 9.08
CA GLN A 957 -4.50 -23.49 8.33
C GLN A 957 -3.76 -22.23 7.92
N ALA A 958 -3.09 -21.58 8.89
CA ALA A 958 -2.35 -20.37 8.57
C ALA A 958 -1.39 -20.62 7.42
N LEU A 959 -0.59 -21.69 7.53
CA LEU A 959 0.33 -22.02 6.43
C LEU A 959 -0.43 -22.12 5.11
N ASN A 960 -1.51 -22.90 5.10
CA ASN A 960 -2.31 -23.01 3.89
C ASN A 960 -2.71 -21.63 3.39
N THR A 961 -3.24 -20.80 4.29
CA THR A 961 -3.63 -19.45 3.90
C THR A 961 -2.47 -18.74 3.22
N LEU A 962 -1.28 -18.80 3.82
CA LEU A 962 -0.13 -18.14 3.22
C LEU A 962 0.08 -18.60 1.79
N VAL A 963 0.02 -19.91 1.57
CA VAL A 963 0.19 -20.43 0.21
C VAL A 963 -0.89 -19.86 -0.71
N LYS A 964 -2.12 -19.83 -0.23
CA LYS A 964 -3.20 -19.28 -1.04
C LYS A 964 -2.94 -17.82 -1.37
N GLN A 965 -2.26 -17.09 -0.48
CA GLN A 965 -1.97 -15.69 -0.75
C GLN A 965 -1.05 -15.51 -1.94
N LEU A 966 -0.36 -16.58 -2.36
CA LEU A 966 0.46 -16.50 -3.57
C LEU A 966 -0.37 -16.51 -4.84
N SER A 967 -1.65 -16.84 -4.76
CA SER A 967 -2.54 -16.89 -5.92
C SER A 967 -3.53 -15.72 -5.90
N SER A 968 -3.08 -14.57 -5.41
CA SER A 968 -3.91 -13.38 -5.33
C SER A 968 -3.28 -12.28 -6.19
N ASN A 969 -4.10 -11.68 -7.05
CA ASN A 969 -3.60 -10.64 -7.95
C ASN A 969 -3.23 -9.38 -7.18
N PHE A 970 -3.99 -9.04 -6.14
CA PHE A 970 -3.79 -7.81 -5.38
C PHE A 970 -3.87 -6.59 -6.30
N GLY A 971 -4.77 -6.65 -7.28
CA GLY A 971 -4.93 -5.59 -8.25
C GLY A 971 -4.01 -5.69 -9.45
N ALA A 972 -3.09 -6.64 -9.47
CA ALA A 972 -2.18 -6.81 -10.58
C ALA A 972 -2.87 -7.56 -11.72
N ILE A 973 -2.22 -7.53 -12.90
CA ILE A 973 -2.78 -8.20 -14.07
C ILE A 973 -2.79 -9.70 -13.85
N SER A 974 -1.77 -10.24 -13.18
CA SER A 974 -1.66 -11.68 -12.94
C SER A 974 -0.94 -11.91 -11.63
N SER A 975 -1.08 -13.12 -11.10
CA SER A 975 -0.46 -13.52 -9.84
C SER A 975 0.82 -14.32 -10.05
N VAL A 976 1.30 -14.43 -11.29
CA VAL A 976 2.52 -15.17 -11.60
C VAL A 976 3.54 -14.17 -12.15
N LEU A 977 4.68 -14.07 -11.49
CA LEU A 977 5.68 -13.09 -11.89
C LEU A 977 6.13 -13.29 -13.33
N ASN A 978 6.16 -14.54 -13.81
CA ASN A 978 6.57 -14.79 -15.18
C ASN A 978 5.63 -14.13 -16.17
N ASP A 979 4.32 -14.18 -15.91
CA ASP A 979 3.36 -13.57 -16.82
C ASP A 979 3.59 -12.07 -16.93
N ILE A 980 3.79 -11.39 -15.80
CA ILE A 980 4.05 -9.95 -15.84
C ILE A 980 5.36 -9.67 -16.55
N LEU A 981 6.40 -10.45 -16.26
CA LEU A 981 7.70 -10.22 -16.88
C LEU A 981 7.64 -10.38 -18.39
N SER A 982 6.91 -11.39 -18.88
CA SER A 982 6.87 -11.66 -20.31
C SER A 982 5.88 -10.74 -21.03
N ARG A 983 4.60 -10.80 -20.65
CA ARG A 983 3.58 -10.05 -21.36
C ARG A 983 3.82 -8.54 -21.30
N LEU A 984 4.18 -8.03 -20.13
CA LEU A 984 4.31 -6.59 -19.92
C LEU A 984 5.77 -6.17 -20.02
N ASP A 985 5.99 -5.03 -20.68
CA ASP A 985 7.33 -4.49 -20.82
C ASP A 985 7.83 -3.94 -19.48
N PRO A 986 9.14 -3.76 -19.34
CA PRO A 986 9.72 -3.36 -18.03
C PRO A 986 9.07 -2.11 -17.47
N PRO A 987 8.78 -1.10 -18.30
CA PRO A 987 8.21 0.14 -17.73
C PRO A 987 6.95 -0.07 -16.92
N GLU A 988 6.07 -0.97 -17.35
CA GLU A 988 4.85 -1.28 -16.60
C GLU A 988 4.99 -2.55 -15.78
N ALA A 989 5.83 -3.49 -16.22
CA ALA A 989 6.10 -4.67 -15.40
C ALA A 989 6.69 -4.28 -14.06
N GLU A 990 7.43 -3.18 -14.00
CA GLU A 990 7.99 -2.71 -12.74
C GLU A 990 6.89 -2.38 -11.74
N VAL A 991 5.90 -1.60 -12.16
CA VAL A 991 4.81 -1.23 -11.25
C VAL A 991 3.94 -2.44 -10.92
N GLN A 992 3.72 -3.32 -11.90
CA GLN A 992 2.93 -4.51 -11.62
C GLN A 992 3.62 -5.39 -10.57
N ILE A 993 4.92 -5.62 -10.72
CA ILE A 993 5.66 -6.41 -9.76
C ILE A 993 5.71 -5.69 -8.41
N ASP A 994 5.79 -4.37 -8.40
CA ASP A 994 5.75 -3.64 -7.14
C ASP A 994 4.43 -3.85 -6.42
N ARG A 995 3.32 -3.80 -7.15
CA ARG A 995 2.02 -4.04 -6.54
C ARG A 995 1.94 -5.46 -5.98
N LEU A 996 2.41 -6.44 -6.77
CA LEU A 996 2.39 -7.82 -6.30
C LEU A 996 3.26 -7.98 -5.05
N ILE A 997 4.43 -7.34 -5.04
CA ILE A 997 5.32 -7.42 -3.89
C ILE A 997 4.67 -6.80 -2.66
N THR A 998 4.00 -5.66 -2.83
CA THR A 998 3.32 -5.03 -1.71
C THR A 998 2.25 -5.96 -1.14
N GLY A 999 1.44 -6.57 -2.03
CA GLY A 999 0.42 -7.47 -1.55
C GLY A 999 0.98 -8.67 -0.81
N ARG A 1000 2.00 -9.30 -1.40
CA ARG A 1000 2.60 -10.47 -0.77
C ARG A 1000 3.27 -10.11 0.55
N LEU A 1001 3.94 -8.96 0.61
CA LEU A 1001 4.58 -8.52 1.85
C LEU A 1001 3.54 -8.25 2.93
N GLN A 1002 2.42 -7.62 2.56
CA GLN A 1002 1.36 -7.39 3.54
C GLN A 1002 0.81 -8.71 4.06
N SER A 1003 0.58 -9.67 3.17
CA SER A 1003 0.09 -10.98 3.61
C SER A 1003 1.09 -11.65 4.53
N LEU A 1004 2.39 -11.60 4.18
CA LEU A 1004 3.41 -12.24 5.00
C LEU A 1004 3.52 -11.57 6.37
N GLN A 1005 3.44 -10.24 6.41
CA GLN A 1005 3.50 -9.54 7.70
C GLN A 1005 2.30 -9.89 8.56
N THR A 1006 1.10 -9.96 7.96
CA THR A 1006 -0.06 -10.38 8.73
C THR A 1006 0.10 -11.78 9.27
N TYR A 1007 0.61 -12.70 8.44
CA TYR A 1007 0.83 -14.07 8.90
C TYR A 1007 1.85 -14.11 10.03
N VAL A 1008 2.92 -13.32 9.92
CA VAL A 1008 3.96 -13.34 10.94
C VAL A 1008 3.44 -12.73 12.24
N THR A 1009 2.60 -11.70 12.16
CA THR A 1009 2.01 -11.14 13.37
C THR A 1009 1.08 -12.15 14.04
N GLN A 1010 0.27 -12.85 13.25
CA GLN A 1010 -0.58 -13.89 13.82
C GLN A 1010 0.25 -14.99 14.46
N GLN A 1011 1.35 -15.37 13.80
CA GLN A 1011 2.24 -16.39 14.35
C GLN A 1011 2.88 -15.92 15.65
N LEU A 1012 3.24 -14.64 15.72
CA LEU A 1012 3.83 -14.10 16.95
C LEU A 1012 2.81 -14.13 18.09
N ILE A 1013 1.56 -13.76 17.80
CA ILE A 1013 0.52 -13.80 18.84
C ILE A 1013 0.30 -15.23 19.30
N ARG A 1014 0.22 -16.18 18.36
CA ARG A 1014 0.04 -17.57 18.71
C ARG A 1014 1.24 -18.11 19.49
N ALA A 1015 2.45 -17.64 19.16
CA ALA A 1015 3.64 -18.06 19.89
C ALA A 1015 3.64 -17.53 21.31
N ALA A 1016 3.16 -16.29 21.49
CA ALA A 1016 3.00 -15.77 22.85
C ALA A 1016 2.00 -16.60 23.64
N GLU A 1017 0.88 -16.96 23.01
CA GLU A 1017 -0.09 -17.82 23.67
C GLU A 1017 0.52 -19.18 24.03
N ILE A 1018 1.30 -19.75 23.12
CA ILE A 1018 1.93 -21.04 23.36
C ILE A 1018 2.97 -20.91 24.47
N ARG A 1019 3.68 -19.79 24.54
CA ARG A 1019 4.63 -19.58 25.63
C ARG A 1019 3.91 -19.51 26.97
N ALA A 1020 2.78 -18.81 27.02
CA ALA A 1020 1.99 -18.78 28.25
C ALA A 1020 1.53 -20.19 28.64
N SER A 1021 1.06 -20.96 27.66
CA SER A 1021 0.62 -22.32 27.94
C SER A 1021 1.78 -23.18 28.42
N ALA A 1022 2.96 -23.02 27.82
CA ALA A 1022 4.11 -23.82 28.21
C ALA A 1022 4.61 -23.43 29.59
N ASN A 1023 4.56 -22.14 29.93
CA ASN A 1023 4.90 -21.72 31.28
C ASN A 1023 3.93 -22.31 32.29
N LEU A 1024 2.64 -22.31 31.97
CA LEU A 1024 1.66 -22.95 32.86
C LEU A 1024 1.96 -24.44 33.00
N ALA A 1025 2.30 -25.10 31.89
CA ALA A 1025 2.60 -26.53 31.94
C ALA A 1025 3.84 -26.80 32.78
N ALA A 1026 4.87 -25.97 32.65
CA ALA A 1026 6.07 -26.14 33.46
C ALA A 1026 5.78 -25.93 34.94
N THR A 1027 4.97 -24.92 35.25
CA THR A 1027 4.59 -24.71 36.65
C THR A 1027 3.81 -25.90 37.19
N LYS A 1028 2.90 -26.45 36.38
CA LYS A 1028 2.15 -27.63 36.80
C LYS A 1028 3.08 -28.82 37.00
N MET A 1029 4.05 -29.00 36.11
CA MET A 1029 5.01 -30.08 36.27
C MET A 1029 5.79 -29.92 37.56
N SER A 1030 6.22 -28.70 37.87
CA SER A 1030 7.03 -28.46 39.07
C SER A 1030 6.21 -28.68 40.33
N GLU A 1031 4.98 -28.15 40.37
CA GLU A 1031 4.19 -28.16 41.60
C GLU A 1031 3.34 -29.42 41.76
N CYS A 1032 3.19 -30.23 40.72
CA CYS A 1032 2.37 -31.43 40.76
C CYS A 1032 3.18 -32.71 40.68
N VAL A 1033 4.00 -32.85 39.64
CA VAL A 1033 4.83 -34.05 39.47
C VAL A 1033 6.01 -34.06 40.44
N LEU A 1034 6.70 -32.93 40.55
CA LEU A 1034 7.87 -32.85 41.43
C LEU A 1034 7.52 -32.51 42.87
N GLY A 1035 6.24 -32.35 43.18
CA GLY A 1035 5.83 -32.05 44.54
C GLY A 1035 4.32 -31.99 44.63
N GLN A 1036 3.85 -31.82 45.86
CA GLN A 1036 2.42 -31.73 46.14
C GLN A 1036 2.03 -30.26 46.25
N SER A 1037 0.99 -29.88 45.52
CA SER A 1037 0.53 -28.49 45.46
C SER A 1037 -0.69 -28.31 46.35
N LYS A 1038 -0.65 -27.29 47.21
CA LYS A 1038 -1.80 -26.94 48.03
C LYS A 1038 -2.80 -26.07 47.30
N ARG A 1039 -2.48 -25.62 46.09
CA ARG A 1039 -3.42 -24.81 45.32
C ARG A 1039 -4.62 -25.65 44.92
N VAL A 1040 -5.81 -25.10 45.11
CA VAL A 1040 -7.05 -25.83 44.83
C VAL A 1040 -7.31 -25.78 43.33
N ASP A 1041 -7.68 -26.93 42.77
CA ASP A 1041 -8.03 -27.06 41.35
C ASP A 1041 -6.86 -26.73 40.42
N PHE A 1042 -5.63 -26.74 40.95
CA PHE A 1042 -4.44 -26.53 40.12
C PHE A 1042 -3.94 -27.85 39.56
N CYS A 1043 -3.62 -28.81 40.44
CA CYS A 1043 -3.21 -30.14 40.02
C CYS A 1043 -4.44 -31.06 39.92
N GLY A 1044 -5.39 -30.63 39.11
CA GLY A 1044 -6.63 -31.38 38.92
C GLY A 1044 -7.68 -31.04 39.97
N LYS A 1045 -8.85 -31.65 39.79
CA LYS A 1045 -9.99 -31.41 40.67
C LYS A 1045 -9.95 -32.37 41.84
N GLY A 1046 -10.02 -31.83 43.04
CA GLY A 1046 -9.95 -32.61 44.27
C GLY A 1046 -8.66 -32.35 45.02
N TYR A 1047 -8.52 -33.05 46.14
CA TYR A 1047 -7.32 -32.92 46.97
C TYR A 1047 -6.17 -33.62 46.26
N HIS A 1048 -5.29 -32.83 45.65
CA HIS A 1048 -4.25 -33.40 44.80
C HIS A 1048 -3.31 -34.29 45.60
N LEU A 1049 -2.88 -35.38 44.97
CA LEU A 1049 -1.87 -36.26 45.53
C LEU A 1049 -0.59 -36.28 44.70
N MET A 1050 -0.68 -36.59 43.41
CA MET A 1050 0.47 -36.56 42.52
C MET A 1050 -0.06 -36.53 41.08
N SER A 1051 0.86 -36.29 40.15
CA SER A 1051 0.52 -36.25 38.73
C SER A 1051 1.57 -37.02 37.95
N PHE A 1052 1.15 -37.64 36.85
CA PHE A 1052 2.02 -38.44 36.01
C PHE A 1052 2.16 -37.77 34.65
N PRO A 1053 3.34 -37.28 34.27
CA PRO A 1053 3.47 -36.63 32.96
C PRO A 1053 3.52 -37.62 31.81
N GLN A 1054 2.92 -37.20 30.70
CA GLN A 1054 2.92 -37.98 29.47
C GLN A 1054 3.16 -37.04 28.31
N SER A 1055 3.92 -37.49 27.31
CA SER A 1055 4.20 -36.66 26.16
C SER A 1055 3.11 -36.83 25.10
N ALA A 1056 3.03 -35.84 24.21
CA ALA A 1056 2.14 -35.91 23.06
C ALA A 1056 2.65 -34.92 22.02
N PRO A 1057 2.27 -35.10 20.76
CA PRO A 1057 2.80 -34.19 19.72
C PRO A 1057 2.60 -32.73 20.09
N HIS A 1058 3.70 -32.04 20.35
CA HIS A 1058 3.67 -30.63 20.70
C HIS A 1058 2.73 -30.36 21.89
N GLY A 1059 2.80 -31.21 22.90
CA GLY A 1059 1.96 -31.02 24.07
C GLY A 1059 2.28 -32.03 25.16
N VAL A 1060 1.75 -31.74 26.34
CA VAL A 1060 1.94 -32.58 27.52
C VAL A 1060 0.58 -32.90 28.12
N VAL A 1061 0.52 -34.03 28.81
CA VAL A 1061 -0.69 -34.49 29.48
C VAL A 1061 -0.34 -34.81 30.92
N PHE A 1062 -1.15 -34.34 31.86
CA PHE A 1062 -0.97 -34.60 33.28
C PHE A 1062 -2.13 -35.44 33.77
N LEU A 1063 -1.82 -36.60 34.37
CA LEU A 1063 -2.83 -37.48 34.96
C LEU A 1063 -2.97 -37.13 36.44
N HIS A 1064 -3.62 -35.99 36.68
CA HIS A 1064 -3.78 -35.50 38.04
C HIS A 1064 -4.57 -36.50 38.87
N VAL A 1065 -3.95 -36.98 39.95
CA VAL A 1065 -4.59 -37.90 40.89
C VAL A 1065 -5.08 -37.09 42.08
N THR A 1066 -6.34 -37.29 42.45
CA THR A 1066 -6.97 -36.48 43.49
C THR A 1066 -7.82 -37.35 44.40
N TYR A 1067 -7.59 -37.22 45.70
CA TYR A 1067 -8.50 -37.74 46.71
C TYR A 1067 -9.76 -36.90 46.72
N VAL A 1068 -10.92 -37.56 46.68
CA VAL A 1068 -12.21 -36.86 46.66
C VAL A 1068 -13.16 -37.58 47.60
N PRO A 1069 -13.87 -36.87 48.49
CA PRO A 1069 -14.88 -37.54 49.31
C PRO A 1069 -15.95 -38.19 48.43
N ALA A 1070 -16.41 -39.37 48.86
CA ALA A 1070 -17.38 -40.15 48.10
C ALA A 1070 -18.74 -40.19 48.79
N GLN A 1071 -18.78 -40.64 50.04
CA GLN A 1071 -20.01 -40.74 50.82
C GLN A 1071 -19.86 -39.93 52.09
N GLU A 1072 -20.83 -39.07 52.37
CA GLU A 1072 -20.78 -38.17 53.51
C GLU A 1072 -21.93 -38.48 54.45
N LYS A 1073 -21.65 -38.49 55.75
CA LYS A 1073 -22.64 -38.67 56.79
C LYS A 1073 -22.67 -37.42 57.67
N ASN A 1074 -23.88 -36.99 58.04
CA ASN A 1074 -24.07 -35.75 58.79
C ASN A 1074 -24.33 -36.08 60.26
N PHE A 1075 -23.61 -35.39 61.14
CA PHE A 1075 -23.73 -35.58 62.58
C PHE A 1075 -23.81 -34.22 63.25
N THR A 1076 -24.03 -34.25 64.56
CA THR A 1076 -24.08 -33.03 65.36
C THR A 1076 -22.69 -32.71 65.89
N THR A 1077 -22.34 -31.43 65.85
CA THR A 1077 -21.03 -30.96 66.26
C THR A 1077 -21.16 -29.75 67.17
N ALA A 1078 -20.15 -29.56 68.03
CA ALA A 1078 -20.08 -28.41 68.90
C ALA A 1078 -18.70 -27.78 68.80
N PRO A 1079 -18.59 -26.45 68.94
CA PRO A 1079 -17.27 -25.82 68.80
C PRO A 1079 -16.25 -26.29 69.83
N ALA A 1080 -16.69 -26.63 71.04
CA ALA A 1080 -15.77 -26.99 72.11
C ALA A 1080 -16.51 -27.88 73.11
N ILE A 1081 -15.79 -28.28 74.15
CA ILE A 1081 -16.33 -29.16 75.19
C ILE A 1081 -15.92 -28.61 76.55
N CYS A 1082 -16.87 -28.62 77.49
CA CYS A 1082 -16.64 -28.15 78.85
C CYS A 1082 -16.80 -29.34 79.80
N HIS A 1083 -15.70 -29.99 80.14
CA HIS A 1083 -15.75 -31.14 81.05
C HIS A 1083 -15.50 -30.72 82.49
N ASP A 1084 -14.34 -30.15 82.78
CA ASP A 1084 -14.01 -29.66 84.11
C ASP A 1084 -14.19 -28.14 84.20
N GLY A 1085 -15.36 -27.65 83.81
CA GLY A 1085 -15.61 -26.22 83.82
C GLY A 1085 -14.68 -25.42 82.93
N LYS A 1086 -14.00 -26.07 81.99
CA LYS A 1086 -13.03 -25.42 81.12
C LYS A 1086 -13.28 -25.84 79.68
N ALA A 1087 -13.24 -24.89 78.76
CA ALA A 1087 -13.46 -25.19 77.36
C ALA A 1087 -12.34 -26.04 76.80
N HIS A 1088 -12.70 -27.02 75.96
CA HIS A 1088 -11.75 -27.90 75.30
C HIS A 1088 -11.94 -27.81 73.80
N PHE A 1089 -10.82 -27.74 73.07
CA PHE A 1089 -10.85 -27.66 71.63
C PHE A 1089 -9.94 -28.74 71.04
N PRO A 1090 -10.32 -29.36 69.92
CA PRO A 1090 -9.51 -30.45 69.38
C PRO A 1090 -8.11 -29.99 69.04
N ARG A 1091 -7.12 -30.83 69.35
CA ARG A 1091 -5.74 -30.55 68.94
C ARG A 1091 -5.64 -30.54 67.41
N GLU A 1092 -6.26 -31.52 66.76
CA GLU A 1092 -6.33 -31.56 65.30
C GLU A 1092 -7.53 -32.42 64.93
N GLY A 1093 -8.60 -31.79 64.49
CA GLY A 1093 -9.82 -32.48 64.15
C GLY A 1093 -11.02 -31.67 64.55
N VAL A 1094 -12.19 -32.31 64.55
CA VAL A 1094 -13.45 -31.67 64.90
C VAL A 1094 -14.26 -32.63 65.76
N PHE A 1095 -15.06 -32.05 66.65
CA PHE A 1095 -15.93 -32.81 67.55
C PHE A 1095 -17.24 -33.09 66.83
N VAL A 1096 -17.44 -34.35 66.43
CA VAL A 1096 -18.69 -34.80 65.85
C VAL A 1096 -19.36 -35.74 66.84
N SER A 1097 -20.65 -35.99 66.64
CA SER A 1097 -21.38 -36.84 67.56
C SER A 1097 -22.65 -37.35 66.88
N ASN A 1098 -22.84 -38.66 66.90
CA ASN A 1098 -24.09 -39.27 66.47
C ASN A 1098 -25.10 -39.15 67.61
N GLY A 1099 -26.22 -39.86 67.50
CA GLY A 1099 -27.31 -39.76 68.43
C GLY A 1099 -26.93 -39.58 69.89
N THR A 1100 -26.04 -40.43 70.40
CA THR A 1100 -25.76 -40.46 71.84
C THR A 1100 -24.33 -40.01 72.17
N HIS A 1101 -23.32 -40.65 71.60
CA HIS A 1101 -21.95 -40.45 72.04
C HIS A 1101 -21.28 -39.28 71.32
N TRP A 1102 -20.18 -38.81 71.89
CA TRP A 1102 -19.39 -37.72 71.34
C TRP A 1102 -17.99 -38.24 71.00
N PHE A 1103 -17.49 -37.84 69.83
CA PHE A 1103 -16.19 -38.29 69.36
C PHE A 1103 -15.49 -37.14 68.64
N VAL A 1104 -14.18 -37.30 68.46
CA VAL A 1104 -13.36 -36.35 67.71
C VAL A 1104 -12.79 -37.08 66.50
N THR A 1105 -12.98 -36.49 65.32
CA THR A 1105 -12.56 -37.12 64.07
C THR A 1105 -11.91 -36.09 63.16
N GLN A 1106 -11.04 -36.58 62.28
CA GLN A 1106 -10.39 -35.71 61.31
C GLN A 1106 -11.41 -35.15 60.32
N ARG A 1107 -11.12 -33.97 59.80
CA ARG A 1107 -12.08 -33.25 58.97
C ARG A 1107 -12.41 -34.03 57.71
N ASN A 1108 -11.39 -34.60 57.05
CA ASN A 1108 -11.56 -35.19 55.73
C ASN A 1108 -11.91 -36.67 55.77
N PHE A 1109 -12.01 -37.27 56.95
CA PHE A 1109 -12.33 -38.70 57.05
C PHE A 1109 -13.05 -38.94 58.37
N TYR A 1110 -14.03 -39.85 58.34
CA TYR A 1110 -14.80 -40.18 59.54
C TYR A 1110 -14.08 -41.28 60.30
N GLU A 1111 -13.25 -40.89 61.25
CA GLU A 1111 -12.51 -41.82 62.11
C GLU A 1111 -12.75 -41.41 63.56
N PRO A 1112 -13.93 -41.70 64.10
CA PRO A 1112 -14.24 -41.24 65.46
C PRO A 1112 -13.25 -41.81 66.47
N GLN A 1113 -12.90 -40.96 67.44
CA GLN A 1113 -11.98 -41.34 68.51
C GLN A 1113 -12.51 -40.84 69.84
N ILE A 1114 -12.13 -41.53 70.91
CA ILE A 1114 -12.54 -41.13 72.24
C ILE A 1114 -11.88 -39.80 72.59
N ILE A 1115 -12.69 -38.85 73.07
CA ILE A 1115 -12.17 -37.52 73.39
C ILE A 1115 -11.33 -37.60 74.65
N THR A 1116 -10.06 -37.21 74.55
CA THR A 1116 -9.13 -37.25 75.67
C THR A 1116 -8.25 -36.01 75.62
N THR A 1117 -7.59 -35.72 76.74
CA THR A 1117 -6.70 -34.57 76.81
C THR A 1117 -5.55 -34.67 75.81
N ASP A 1118 -5.23 -35.88 75.34
CA ASP A 1118 -4.14 -36.03 74.39
C ASP A 1118 -4.43 -35.31 73.08
N ASN A 1119 -5.66 -35.40 72.59
CA ASN A 1119 -6.04 -34.79 71.31
C ASN A 1119 -6.88 -33.53 71.49
N THR A 1120 -6.85 -32.93 72.67
CA THR A 1120 -7.58 -31.69 72.93
C THR A 1120 -6.73 -30.79 73.83
N PHE A 1121 -7.00 -29.50 73.76
CA PHE A 1121 -6.31 -28.51 74.58
C PHE A 1121 -7.33 -27.55 75.19
N VAL A 1122 -6.96 -27.00 76.34
CA VAL A 1122 -7.84 -26.14 77.13
C VAL A 1122 -7.42 -24.68 76.95
N SER A 1123 -8.39 -23.78 77.09
CA SER A 1123 -8.12 -22.35 77.01
C SER A 1123 -9.17 -21.62 77.84
N GLY A 1124 -8.82 -21.27 79.07
CA GLY A 1124 -9.73 -20.52 79.91
C GLY A 1124 -10.97 -21.30 80.32
N ASN A 1125 -11.95 -20.54 80.81
CA ASN A 1125 -13.22 -21.12 81.23
C ASN A 1125 -14.10 -21.40 80.01
N CYS A 1126 -15.28 -21.96 80.27
CA CYS A 1126 -16.18 -22.40 79.21
C CYS A 1126 -17.50 -21.62 79.20
N ASP A 1127 -17.48 -20.39 79.72
CA ASP A 1127 -18.67 -19.54 79.71
C ASP A 1127 -18.53 -18.38 78.72
N VAL A 1128 -17.58 -18.47 77.79
CA VAL A 1128 -17.35 -17.41 76.81
C VAL A 1128 -17.63 -17.96 75.42
N VAL A 1129 -17.46 -19.26 75.24
CA VAL A 1129 -17.69 -19.88 73.94
C VAL A 1129 -19.18 -20.11 73.73
N ILE A 1130 -19.65 -19.80 72.54
CA ILE A 1130 -21.07 -19.96 72.18
C ILE A 1130 -21.24 -21.32 71.51
N GLY A 1131 -22.21 -22.10 71.98
CA GLY A 1131 -22.47 -23.41 71.46
C GLY A 1131 -21.72 -24.54 72.14
N ILE A 1132 -20.90 -24.23 73.15
CA ILE A 1132 -20.18 -25.28 73.86
C ILE A 1132 -21.18 -26.21 74.54
N VAL A 1133 -20.78 -27.49 74.68
CA VAL A 1133 -21.66 -28.52 75.20
C VAL A 1133 -20.93 -29.29 76.29
N ASN A 1134 -21.72 -29.91 77.16
CA ASN A 1134 -21.18 -30.71 78.26
C ASN A 1134 -20.77 -32.08 77.75
N ASN A 1135 -19.62 -32.55 78.23
CA ASN A 1135 -19.11 -33.87 77.87
C ASN A 1135 -17.95 -34.21 78.79
N THR A 1136 -17.57 -35.48 78.79
CA THR A 1136 -16.50 -35.98 79.64
C THR A 1136 -15.28 -36.28 78.78
N VAL A 1137 -14.13 -35.73 79.17
CA VAL A 1137 -12.86 -35.95 78.49
C VAL A 1137 -12.09 -36.98 79.30
N TYR A 1138 -12.07 -38.23 78.82
CA TYR A 1138 -11.40 -39.29 79.54
C TYR A 1138 -9.90 -39.01 79.66
N ASP A 1139 -9.35 -39.24 80.85
CA ASP A 1139 -7.95 -39.01 81.11
C ASP A 1139 -7.17 -40.29 80.92
N PRO A 1140 -6.21 -40.36 79.98
CA PRO A 1140 -5.47 -41.62 79.80
C PRO A 1140 -4.65 -42.03 81.01
N LEU A 1141 -4.35 -41.11 81.92
CA LEU A 1141 -3.53 -41.42 83.08
C LEU A 1141 -4.34 -42.08 84.20
N GLN A 1142 -5.67 -42.03 84.15
CA GLN A 1142 -6.46 -42.59 85.24
C GLN A 1142 -6.21 -44.07 85.43
N PRO A 1143 -6.22 -44.92 84.40
CA PRO A 1143 -5.89 -46.34 84.64
C PRO A 1143 -4.51 -46.53 85.24
N GLU A 1144 -3.53 -45.72 84.83
CA GLU A 1144 -2.20 -45.82 85.42
C GLU A 1144 -2.15 -45.21 86.81
N LEU A 1145 -2.90 -44.13 87.04
CA LEU A 1145 -2.95 -43.54 88.37
C LEU A 1145 -3.55 -44.51 89.39
N ASP A 1146 -4.56 -45.29 88.99
CA ASP A 1146 -5.16 -46.25 89.91
C ASP A 1146 -4.15 -47.27 90.38
N SER A 1147 -3.32 -47.78 89.45
CA SER A 1147 -2.30 -48.77 89.81
C SER A 1147 -1.16 -48.11 90.57
N CYS B 15 -21.04 62.08 -1.70
CA CYS B 15 -20.76 63.26 -2.50
C CYS B 15 -20.40 64.46 -1.62
N VAL B 16 -20.46 64.28 -0.30
CA VAL B 16 -20.17 65.33 0.66
C VAL B 16 -19.08 64.83 1.61
N ASN B 17 -18.04 65.63 1.79
CA ASN B 17 -16.98 65.26 2.70
C ASN B 17 -17.36 65.59 4.14
N LEU B 18 -16.96 64.71 5.06
CA LEU B 18 -17.20 64.95 6.47
C LEU B 18 -16.43 66.18 6.94
N THR B 19 -17.08 67.00 7.77
CA THR B 19 -16.52 68.26 8.24
C THR B 19 -16.54 68.28 9.76
N THR B 20 -15.44 68.75 10.35
CA THR B 20 -15.34 68.92 11.80
C THR B 20 -15.59 67.59 12.53
N ARG B 21 -14.70 66.63 12.26
CA ARG B 21 -14.73 65.33 12.91
C ARG B 21 -13.54 65.21 13.85
N THR B 22 -13.82 64.92 15.12
CA THR B 22 -12.78 64.80 16.11
C THR B 22 -12.00 63.50 15.92
N GLN B 23 -10.76 63.49 16.44
CA GLN B 23 -9.90 62.32 16.40
C GLN B 23 -9.49 61.97 17.82
N LEU B 24 -9.64 60.71 18.18
CA LEU B 24 -9.31 60.22 19.52
C LEU B 24 -8.62 58.87 19.38
N PRO B 25 -7.85 58.47 20.39
CA PRO B 25 -7.23 57.15 20.33
C PRO B 25 -8.28 56.07 20.30
N PRO B 26 -8.02 54.96 19.59
CA PRO B 26 -9.01 53.88 19.51
C PRO B 26 -9.13 53.16 20.85
N ALA B 27 -10.37 52.96 21.29
CA ALA B 27 -10.61 52.24 22.53
C ALA B 27 -10.40 50.74 22.31
N TYR B 28 -10.32 50.00 23.42
CA TYR B 28 -10.04 48.57 23.36
C TYR B 28 -10.70 47.88 24.55
N THR B 29 -10.81 46.55 24.44
CA THR B 29 -11.42 45.73 25.48
C THR B 29 -11.23 44.27 25.12
N ASN B 30 -11.26 43.40 26.12
CA ASN B 30 -11.15 41.98 25.87
C ASN B 30 -12.41 41.48 25.17
N SER B 31 -12.23 40.53 24.25
CA SER B 31 -13.33 40.04 23.43
C SER B 31 -14.21 39.03 24.17
N PHE B 32 -13.81 38.57 25.35
CA PHE B 32 -14.59 37.58 26.10
C PHE B 32 -14.72 36.33 25.21
N THR B 33 -15.79 35.56 25.39
CA THR B 33 -16.04 34.36 24.60
C THR B 33 -16.91 34.62 23.38
N ARG B 34 -17.26 35.88 23.12
CA ARG B 34 -18.10 36.19 21.98
C ARG B 34 -17.39 35.87 20.67
N GLY B 35 -18.18 35.57 19.64
CA GLY B 35 -17.66 35.23 18.34
C GLY B 35 -17.67 33.76 18.00
N VAL B 36 -18.70 33.02 18.40
CA VAL B 36 -18.82 31.59 18.15
C VAL B 36 -20.03 31.37 17.25
N TYR B 37 -19.83 30.62 16.16
CA TYR B 37 -20.88 30.33 15.20
C TYR B 37 -20.85 28.85 14.87
N TYR B 38 -21.98 28.35 14.40
CA TYR B 38 -22.10 26.94 14.03
C TYR B 38 -21.24 26.67 12.80
N PRO B 39 -20.31 25.72 12.84
CA PRO B 39 -19.47 25.47 11.65
C PRO B 39 -20.26 25.01 10.44
N ASP B 40 -21.42 24.40 10.63
CA ASP B 40 -22.22 23.89 9.53
C ASP B 40 -23.66 23.74 10.01
N LYS B 41 -24.50 23.13 9.18
CA LYS B 41 -25.90 22.93 9.50
C LYS B 41 -26.18 21.58 10.12
N VAL B 42 -25.14 20.79 10.43
CA VAL B 42 -25.33 19.48 11.02
C VAL B 42 -25.91 19.63 12.43
N PHE B 43 -26.67 18.63 12.85
CA PHE B 43 -27.31 18.61 14.16
C PHE B 43 -26.68 17.52 15.01
N ARG B 44 -26.35 17.86 16.25
CA ARG B 44 -25.75 16.92 17.19
C ARG B 44 -26.37 17.12 18.56
N SER B 45 -26.45 16.03 19.33
CA SER B 45 -27.03 16.04 20.66
C SER B 45 -25.99 15.51 21.65
N SER B 46 -25.64 16.33 22.65
CA SER B 46 -24.70 15.94 23.68
C SER B 46 -23.41 15.41 23.09
N VAL B 47 -22.92 16.09 22.05
CA VAL B 47 -21.71 15.71 21.34
C VAL B 47 -20.69 16.83 21.49
N LEU B 48 -19.48 16.47 21.92
CA LEU B 48 -18.39 17.44 22.07
C LEU B 48 -17.55 17.46 20.80
N HIS B 49 -18.19 17.89 19.71
CA HIS B 49 -17.54 17.91 18.40
C HIS B 49 -16.46 19.00 18.37
N SER B 50 -15.29 18.64 17.86
CA SER B 50 -14.18 19.57 17.70
C SER B 50 -14.01 19.87 16.21
N THR B 51 -13.95 21.16 15.88
CA THR B 51 -13.85 21.59 14.49
C THR B 51 -12.74 22.62 14.35
N GLN B 52 -11.95 22.47 13.29
CA GLN B 52 -10.89 23.42 12.95
C GLN B 52 -11.39 24.31 11.82
N ASP B 53 -11.46 25.61 12.07
CA ASP B 53 -11.99 26.55 11.09
C ASP B 53 -11.65 27.96 11.57
N LEU B 54 -12.20 28.95 10.87
CA LEU B 54 -12.03 30.34 11.26
C LEU B 54 -12.88 30.66 12.48
N PHE B 55 -12.26 31.26 13.49
CA PHE B 55 -12.96 31.62 14.72
C PHE B 55 -12.23 32.80 15.35
N LEU B 56 -12.92 33.46 16.27
CA LEU B 56 -12.36 34.59 16.99
C LEU B 56 -11.78 34.09 18.30
N PRO B 57 -10.45 34.12 18.49
CA PRO B 57 -9.89 33.65 19.76
C PRO B 57 -10.41 34.47 20.94
N PHE B 58 -10.61 33.79 22.06
CA PHE B 58 -11.14 34.46 23.24
C PHE B 58 -10.15 35.48 23.78
N PHE B 59 -10.68 36.64 24.18
CA PHE B 59 -9.87 37.71 24.77
C PHE B 59 -8.75 38.15 23.82
N SER B 60 -9.01 38.12 22.51
CA SER B 60 -8.02 38.52 21.52
C SER B 60 -8.20 39.99 21.11
N ASN B 61 -8.31 40.88 22.10
CA ASN B 61 -8.35 42.31 21.83
C ASN B 61 -9.56 42.67 20.98
N VAL B 62 -9.99 43.92 20.99
CA VAL B 62 -11.09 44.37 20.13
C VAL B 62 -10.81 45.80 19.70
N THR B 63 -11.08 46.08 18.42
CA THR B 63 -10.92 47.44 17.88
C THR B 63 -12.21 48.22 18.12
N TRP B 64 -12.42 48.57 19.39
CA TRP B 64 -13.63 49.29 19.78
C TRP B 64 -13.70 50.62 19.05
N PHE B 65 -14.89 50.93 18.54
CA PHE B 65 -15.17 52.17 17.83
C PHE B 65 -16.36 52.87 18.45
N HIS B 66 -16.41 54.19 18.26
CA HIS B 66 -17.47 55.00 18.83
C HIS B 66 -18.02 55.94 17.77
N ALA B 67 -19.32 56.22 17.87
CA ALA B 67 -20.00 57.21 17.03
C ALA B 67 -20.92 58.00 17.94
N ILE B 68 -20.40 59.10 18.49
CA ILE B 68 -21.10 59.86 19.52
C ILE B 68 -20.82 61.35 19.32
N HIS B 69 -21.85 62.16 19.50
CA HIS B 69 -21.74 63.61 19.43
C HIS B 69 -22.14 64.19 20.79
N VAL B 70 -21.23 64.92 21.42
CA VAL B 70 -21.47 65.55 22.71
C VAL B 70 -21.02 67.01 22.61
N SER B 71 -21.87 67.92 23.09
CA SER B 71 -21.58 69.34 23.03
C SER B 71 -20.75 69.77 24.24
N GLY B 72 -20.44 71.07 24.31
CA GLY B 72 -19.67 71.62 25.39
C GLY B 72 -18.18 71.59 25.11
N THR B 73 -17.43 72.27 25.98
CA THR B 73 -15.97 72.33 25.83
C THR B 73 -15.36 70.94 25.94
N ASN B 74 -15.82 70.15 26.91
CA ASN B 74 -15.31 68.79 27.09
C ASN B 74 -16.01 67.78 26.18
N GLY B 75 -17.00 68.21 25.40
CA GLY B 75 -17.70 67.31 24.51
C GLY B 75 -16.84 66.91 23.32
N THR B 76 -17.31 65.89 22.62
CA THR B 76 -16.60 65.35 21.46
C THR B 76 -17.62 64.91 20.42
N LYS B 77 -17.28 65.12 19.15
CA LYS B 77 -18.10 64.72 18.01
C LYS B 77 -17.27 63.76 17.17
N ARG B 78 -17.32 62.48 17.50
CA ARG B 78 -16.53 61.45 16.84
C ARG B 78 -17.44 60.52 16.05
N PHE B 79 -17.01 60.20 14.83
CA PHE B 79 -17.71 59.25 13.97
C PHE B 79 -16.67 58.30 13.40
N ASP B 80 -16.74 57.04 13.80
CA ASP B 80 -15.75 56.03 13.43
C ASP B 80 -16.28 55.23 12.25
N ASN B 81 -15.88 55.62 11.04
CA ASN B 81 -16.15 54.85 9.82
C ASN B 81 -14.88 54.77 8.98
N PRO B 82 -13.83 54.11 9.48
CA PRO B 82 -12.63 53.95 8.66
C PRO B 82 -12.75 52.76 7.71
N VAL B 83 -11.68 52.46 6.98
CA VAL B 83 -11.66 51.31 6.06
C VAL B 83 -10.87 50.22 6.77
N LEU B 84 -11.59 49.34 7.45
CA LEU B 84 -10.96 48.26 8.20
C LEU B 84 -10.64 47.10 7.26
N PRO B 85 -9.39 46.62 7.21
CA PRO B 85 -9.08 45.45 6.39
C PRO B 85 -9.92 44.26 6.81
N PHE B 86 -10.37 43.50 5.81
CA PHE B 86 -11.20 42.32 6.06
C PHE B 86 -10.38 41.06 6.33
N ASN B 87 -9.15 41.00 5.81
CA ASN B 87 -8.29 39.84 6.02
C ASN B 87 -8.99 38.57 5.52
N ASP B 88 -9.39 37.69 6.44
CA ASP B 88 -10.05 36.43 6.10
C ASP B 88 -11.26 36.23 7.01
N GLY B 89 -12.06 37.27 7.18
CA GLY B 89 -13.22 37.21 8.05
C GLY B 89 -13.10 38.18 9.22
N VAL B 90 -14.14 38.97 9.46
CA VAL B 90 -14.13 39.99 10.51
C VAL B 90 -15.40 39.82 11.34
N TYR B 91 -15.23 39.58 12.64
CA TYR B 91 -16.37 39.55 13.54
C TYR B 91 -16.84 40.96 13.84
N PHE B 92 -18.16 41.18 13.74
CA PHE B 92 -18.75 42.50 13.93
C PHE B 92 -19.86 42.39 14.96
N ALA B 93 -19.93 43.36 15.87
CA ALA B 93 -20.96 43.44 16.88
C ALA B 93 -21.47 44.86 17.00
N SER B 94 -22.71 45.00 17.45
CA SER B 94 -23.33 46.32 17.58
C SER B 94 -24.23 46.31 18.81
N THR B 95 -23.86 47.10 19.82
CA THR B 95 -24.65 47.25 21.04
C THR B 95 -25.28 48.63 21.03
N GLU B 96 -26.60 48.69 20.91
CA GLU B 96 -27.32 49.95 20.80
C GLU B 96 -28.80 49.67 20.94
N LYS B 97 -29.61 50.72 20.78
CA LYS B 97 -31.06 50.61 20.82
C LYS B 97 -31.77 51.31 19.67
N SER B 98 -31.14 52.31 19.04
CA SER B 98 -31.75 53.06 17.94
C SER B 98 -31.37 52.51 16.57
N ASN B 99 -30.57 51.45 16.50
CA ASN B 99 -30.21 50.81 15.24
C ASN B 99 -29.55 51.80 14.28
N ILE B 100 -28.54 52.52 14.77
CA ILE B 100 -27.81 53.45 13.90
C ILE B 100 -27.01 52.69 12.85
N ILE B 101 -26.45 51.55 13.21
CA ILE B 101 -25.74 50.71 12.24
C ILE B 101 -26.76 50.12 11.28
N ARG B 102 -26.53 50.33 9.98
CA ARG B 102 -27.52 49.93 8.98
C ARG B 102 -26.96 49.02 7.90
N GLY B 103 -25.70 49.21 7.50
CA GLY B 103 -25.17 48.41 6.41
C GLY B 103 -23.65 48.33 6.49
N TRP B 104 -23.09 47.56 5.55
CA TRP B 104 -21.65 47.36 5.46
C TRP B 104 -21.23 47.45 4.00
N ILE B 105 -19.97 47.81 3.80
CA ILE B 105 -19.37 47.89 2.48
C ILE B 105 -18.13 47.00 2.47
N PHE B 106 -18.00 46.19 1.41
CA PHE B 106 -16.88 45.27 1.25
C PHE B 106 -16.27 45.46 -0.13
N GLY B 107 -15.30 44.61 -0.45
CA GLY B 107 -14.62 44.66 -1.72
C GLY B 107 -13.12 44.84 -1.54
N THR B 108 -12.43 44.89 -2.68
CA THR B 108 -10.98 45.06 -2.70
C THR B 108 -10.59 46.53 -2.78
N THR B 109 -11.02 47.22 -3.83
CA THR B 109 -10.69 48.62 -4.03
C THR B 109 -11.76 49.56 -3.49
N LEU B 110 -12.96 49.05 -3.19
CA LEU B 110 -14.05 49.89 -2.70
C LEU B 110 -14.30 51.06 -3.63
N ASP B 111 -14.36 50.76 -4.93
CA ASP B 111 -14.54 51.79 -5.95
C ASP B 111 -15.19 51.16 -7.16
N SER B 112 -15.66 52.01 -8.07
CA SER B 112 -16.32 51.54 -9.28
C SER B 112 -15.37 50.78 -10.20
N LYS B 113 -14.05 50.86 -9.96
CA LYS B 113 -13.10 50.15 -10.80
C LYS B 113 -13.34 48.65 -10.75
N THR B 114 -13.62 48.11 -9.57
CA THR B 114 -13.86 46.69 -9.38
C THR B 114 -15.19 46.48 -8.67
N GLN B 115 -15.86 45.39 -9.00
CA GLN B 115 -17.14 45.07 -8.37
C GLN B 115 -16.95 44.89 -6.87
N SER B 116 -17.89 45.44 -6.10
CA SER B 116 -17.80 45.42 -4.64
C SER B 116 -19.17 45.10 -4.06
N LEU B 117 -19.18 44.25 -3.03
CA LEU B 117 -20.42 43.93 -2.33
C LEU B 117 -20.91 45.15 -1.55
N LEU B 118 -22.22 45.29 -1.46
CA LEU B 118 -22.84 46.43 -0.82
C LEU B 118 -24.09 45.98 -0.07
N ILE B 119 -24.09 46.17 1.25
CA ILE B 119 -25.23 45.84 2.10
C ILE B 119 -25.71 47.11 2.76
N VAL B 120 -26.98 47.45 2.55
CA VAL B 120 -27.57 48.67 3.11
C VAL B 120 -28.95 48.34 3.66
N ASN B 121 -29.44 49.21 4.55
CA ASN B 121 -30.80 49.14 5.07
C ASN B 121 -31.48 50.47 4.76
N ASN B 122 -32.39 50.46 3.80
CA ASN B 122 -33.18 51.64 3.43
C ASN B 122 -34.12 52.10 4.55
N ALA B 123 -34.32 51.26 5.56
CA ALA B 123 -35.35 51.36 6.58
C ALA B 123 -36.68 50.80 6.07
N THR B 124 -36.75 50.39 4.80
CA THR B 124 -37.90 49.66 4.27
C THR B 124 -37.59 48.18 4.07
N ASN B 125 -36.37 47.83 3.67
CA ASN B 125 -35.96 46.45 3.52
C ASN B 125 -34.46 46.37 3.26
N VAL B 126 -33.83 45.30 3.74
CA VAL B 126 -32.39 45.13 3.53
C VAL B 126 -32.11 44.92 2.04
N VAL B 127 -31.06 45.59 1.55
CA VAL B 127 -30.68 45.53 0.15
C VAL B 127 -29.23 45.04 0.07
N ILE B 128 -29.01 43.98 -0.69
CA ILE B 128 -27.67 43.45 -0.96
C ILE B 128 -27.44 43.52 -2.46
N LYS B 129 -26.30 44.06 -2.86
CA LYS B 129 -26.01 44.25 -4.27
C LYS B 129 -24.55 43.96 -4.55
N VAL B 130 -24.27 43.58 -5.80
CA VAL B 130 -22.90 43.33 -6.26
C VAL B 130 -22.75 44.07 -7.59
N CYS B 131 -22.20 45.29 -7.54
CA CYS B 131 -22.05 46.12 -8.72
C CYS B 131 -20.74 46.90 -8.61
N GLU B 132 -20.48 47.72 -9.62
CA GLU B 132 -19.29 48.57 -9.65
C GLU B 132 -19.61 49.94 -9.02
N PHE B 133 -19.93 49.90 -7.73
CA PHE B 133 -20.33 51.11 -7.02
C PHE B 133 -19.16 52.09 -6.91
N GLN B 134 -19.47 53.37 -7.10
CA GLN B 134 -18.48 54.44 -7.01
C GLN B 134 -18.52 55.01 -5.60
N PHE B 135 -17.95 54.25 -4.66
CA PHE B 135 -17.95 54.67 -3.26
C PHE B 135 -17.20 55.99 -3.10
N CYS B 136 -17.72 56.85 -2.24
CA CYS B 136 -17.09 58.12 -1.94
C CYS B 136 -16.08 57.94 -0.80
N ASN B 137 -15.41 59.04 -0.44
CA ASN B 137 -14.41 58.97 0.61
C ASN B 137 -15.03 58.61 1.96
N ASP B 138 -16.19 59.15 2.28
CA ASP B 138 -16.86 58.93 3.56
C ASP B 138 -18.30 58.50 3.31
N PRO B 139 -18.52 57.24 2.94
CA PRO B 139 -19.90 56.76 2.75
C PRO B 139 -20.71 56.87 4.04
N PHE B 140 -21.99 57.20 3.90
CA PHE B 140 -22.90 57.26 5.03
C PHE B 140 -24.33 57.37 4.51
N LEU B 141 -25.24 56.75 5.24
CA LEU B 141 -26.67 56.76 4.88
C LEU B 141 -27.41 57.80 5.72
N GLY B 142 -27.22 59.06 5.34
CA GLY B 142 -27.78 60.15 6.14
C GLY B 142 -29.29 60.20 6.02
N VAL B 143 -29.96 60.29 7.16
CA VAL B 143 -31.42 60.35 7.24
C VAL B 143 -31.81 61.71 7.81
N TYR B 144 -32.68 62.42 7.10
CA TYR B 144 -33.16 63.72 7.51
C TYR B 144 -34.51 63.59 8.21
N TYR B 145 -34.75 64.47 9.17
CA TYR B 145 -36.02 64.51 9.89
C TYR B 145 -36.94 65.51 9.20
N HIS B 146 -37.79 65.00 8.31
CA HIS B 146 -38.71 65.86 7.57
C HIS B 146 -39.67 66.54 8.53
N LYS B 147 -39.64 67.87 8.57
CA LYS B 147 -40.48 68.61 9.50
C LYS B 147 -41.96 68.39 9.21
N ASN B 148 -42.35 68.42 7.94
CA ASN B 148 -43.75 68.25 7.59
C ASN B 148 -44.27 66.88 8.01
N ASN B 149 -43.49 65.83 7.74
CA ASN B 149 -43.89 64.48 8.13
C ASN B 149 -43.60 64.18 9.60
N LYS B 150 -42.77 64.99 10.26
CA LYS B 150 -42.44 64.80 11.66
C LYS B 150 -41.90 63.40 11.91
N SER B 151 -41.09 62.89 10.97
CA SER B 151 -40.51 61.57 11.09
C SER B 151 -39.22 61.52 10.28
N TRP B 152 -38.33 60.62 10.68
CA TRP B 152 -37.06 60.45 9.99
C TRP B 152 -37.27 59.77 8.64
N MET B 153 -36.43 60.11 7.67
CA MET B 153 -36.48 59.50 6.35
C MET B 153 -35.11 59.56 5.71
N GLU B 154 -34.92 58.76 4.67
CA GLU B 154 -33.63 58.64 3.99
C GLU B 154 -33.55 59.63 2.85
N SER B 155 -32.57 60.54 2.92
CA SER B 155 -32.39 61.54 1.87
C SER B 155 -30.92 61.81 1.57
N GLU B 156 -29.97 61.07 2.14
CA GLU B 156 -28.55 61.29 1.94
C GLU B 156 -27.85 59.96 1.71
N PHE B 157 -28.35 59.19 0.75
CA PHE B 157 -27.69 57.95 0.34
C PHE B 157 -26.45 58.28 -0.48
N ARG B 158 -25.42 58.81 0.18
CA ARG B 158 -24.16 59.16 -0.47
C ARG B 158 -23.15 58.02 -0.43
N VAL B 159 -23.63 56.78 -0.32
CA VAL B 159 -22.71 55.64 -0.22
C VAL B 159 -21.86 55.53 -1.49
N TYR B 160 -22.50 55.63 -2.65
CA TYR B 160 -21.80 55.59 -3.92
C TYR B 160 -22.43 56.59 -4.88
N SER B 161 -21.59 57.16 -5.74
CA SER B 161 -22.09 58.13 -6.73
C SER B 161 -23.01 57.47 -7.73
N SER B 162 -22.64 56.29 -8.24
CA SER B 162 -23.44 55.60 -9.24
C SER B 162 -23.14 54.11 -9.17
N ALA B 163 -24.03 53.32 -9.77
CA ALA B 163 -23.89 51.87 -9.83
C ALA B 163 -23.98 51.40 -11.27
N ASN B 164 -23.18 50.40 -11.62
CA ASN B 164 -23.16 49.87 -12.97
C ASN B 164 -22.60 48.45 -12.92
N ASN B 165 -22.81 47.72 -14.02
CA ASN B 165 -22.34 46.35 -14.16
C ASN B 165 -22.86 45.48 -13.02
N CYS B 166 -24.14 45.64 -12.72
CA CYS B 166 -24.76 44.84 -11.67
C CYS B 166 -24.74 43.37 -12.03
N THR B 167 -24.35 42.53 -11.07
CA THR B 167 -24.31 41.09 -11.26
C THR B 167 -25.20 40.32 -10.29
N PHE B 168 -25.69 40.96 -9.22
CA PHE B 168 -26.57 40.29 -8.28
C PHE B 168 -27.23 41.33 -7.40
N GLU B 169 -28.51 41.12 -7.09
CA GLU B 169 -29.27 42.02 -6.25
C GLU B 169 -30.35 41.23 -5.52
N TYR B 170 -30.44 41.46 -4.20
CA TYR B 170 -31.45 40.83 -3.35
C TYR B 170 -32.07 41.89 -2.45
N VAL B 171 -33.39 41.84 -2.33
CA VAL B 171 -34.15 42.76 -1.50
C VAL B 171 -35.09 41.95 -0.61
N SER B 172 -35.10 42.25 0.68
CA SER B 172 -35.96 41.56 1.62
C SER B 172 -37.38 42.14 1.57
N GLN B 173 -38.28 41.53 2.32
CA GLN B 173 -39.65 42.00 2.35
C GLN B 173 -39.73 43.38 3.02
N PRO B 174 -40.74 44.18 2.68
CA PRO B 174 -40.85 45.51 3.30
C PRO B 174 -41.03 45.41 4.82
N PHE B 175 -40.41 46.34 5.53
CA PHE B 175 -40.58 46.47 6.97
C PHE B 175 -39.94 47.77 7.41
N LEU B 176 -40.43 48.30 8.53
CA LEU B 176 -39.97 49.57 9.06
C LEU B 176 -39.71 49.45 10.55
N MET B 177 -38.82 50.29 11.06
CA MET B 177 -38.47 50.30 12.48
C MET B 177 -38.26 51.75 12.92
N ASP B 178 -38.06 51.92 14.22
CA ASP B 178 -37.82 53.25 14.76
C ASP B 178 -36.48 53.80 14.26
N LEU B 179 -36.48 55.09 13.90
CA LEU B 179 -35.28 55.76 13.42
C LEU B 179 -34.75 56.81 14.39
N GLU B 180 -35.55 57.22 15.38
CA GLU B 180 -35.10 58.25 16.31
C GLU B 180 -33.93 57.74 17.14
N GLY B 181 -33.00 58.64 17.45
CA GLY B 181 -31.84 58.30 18.24
C GLY B 181 -32.13 58.30 19.73
N LYS B 182 -32.81 57.27 20.20
CA LYS B 182 -33.15 57.19 21.62
C LYS B 182 -31.89 57.12 22.46
N GLN B 183 -31.92 57.79 23.61
CA GLN B 183 -30.81 57.83 24.54
C GLN B 183 -30.98 56.74 25.60
N GLY B 184 -30.02 56.68 26.53
CA GLY B 184 -30.03 55.70 27.59
C GLY B 184 -29.07 54.56 27.33
N ASN B 185 -28.97 53.68 28.32
CA ASN B 185 -28.09 52.53 28.21
C ASN B 185 -28.51 51.63 27.07
N PHE B 186 -27.54 51.15 26.30
CA PHE B 186 -27.83 50.26 25.19
C PHE B 186 -28.42 48.96 25.70
N LYS B 187 -29.40 48.43 24.97
CA LYS B 187 -30.11 47.23 25.38
C LYS B 187 -30.15 46.12 24.34
N ASN B 188 -29.96 46.43 23.06
CA ASN B 188 -30.03 45.43 21.99
C ASN B 188 -28.62 45.17 21.47
N LEU B 189 -28.20 43.91 21.51
CA LEU B 189 -26.90 43.47 21.01
C LEU B 189 -27.12 42.62 19.77
N ARG B 190 -26.56 43.04 18.65
CA ARG B 190 -26.63 42.32 17.39
C ARG B 190 -25.22 41.91 16.99
N GLU B 191 -24.96 40.62 17.01
CA GLU B 191 -23.64 40.07 16.68
C GLU B 191 -23.68 39.45 15.29
N PHE B 192 -22.71 39.83 14.47
CA PHE B 192 -22.62 39.33 13.10
C PHE B 192 -21.21 38.84 12.83
N VAL B 193 -21.10 37.79 12.01
CA VAL B 193 -19.82 37.24 11.58
C VAL B 193 -19.82 37.19 10.06
N PHE B 194 -18.80 37.79 9.45
CA PHE B 194 -18.66 37.82 7.99
C PHE B 194 -17.52 36.89 7.60
N LYS B 195 -17.80 35.97 6.68
CA LYS B 195 -16.77 35.03 6.20
C LYS B 195 -16.81 34.97 4.69
N ASN B 196 -15.64 34.76 4.09
CA ASN B 196 -15.50 34.66 2.63
C ASN B 196 -14.51 33.54 2.35
N ILE B 197 -15.01 32.40 1.88
CA ILE B 197 -14.19 31.23 1.59
C ILE B 197 -14.58 30.67 0.23
N ASP B 198 -13.59 30.42 -0.62
CA ASP B 198 -13.79 29.78 -1.91
C ASP B 198 -14.88 30.50 -2.72
N GLY B 199 -14.82 31.84 -2.72
CA GLY B 199 -15.81 32.63 -3.43
C GLY B 199 -17.21 32.38 -2.92
N TYR B 200 -17.36 32.31 -1.60
CA TYR B 200 -18.64 32.03 -0.97
C TYR B 200 -18.71 32.84 0.32
N PHE B 201 -19.74 33.67 0.44
CA PHE B 201 -19.87 34.61 1.53
C PHE B 201 -20.92 34.11 2.52
N LYS B 202 -20.55 34.10 3.80
CA LYS B 202 -21.41 33.63 4.87
C LYS B 202 -21.62 34.76 5.87
N ILE B 203 -22.89 34.99 6.23
CA ILE B 203 -23.28 36.04 7.17
C ILE B 203 -24.05 35.38 8.29
N TYR B 204 -23.41 35.23 9.45
CA TYR B 204 -24.05 34.76 10.66
C TYR B 204 -24.56 35.95 11.46
N SER B 205 -25.62 35.74 12.23
CA SER B 205 -26.21 36.83 12.98
C SER B 205 -26.88 36.28 14.24
N LYS B 206 -27.06 37.17 15.22
CA LYS B 206 -27.79 36.84 16.43
C LYS B 206 -28.19 38.13 17.12
N HIS B 207 -29.38 38.13 17.70
CA HIS B 207 -29.92 39.28 18.42
C HIS B 207 -30.22 38.89 19.86
N THR B 208 -29.84 39.75 20.79
CA THR B 208 -30.03 39.49 22.21
C THR B 208 -30.43 40.78 22.91
N PRO B 209 -31.23 40.69 23.98
CA PRO B 209 -31.44 41.85 24.84
C PRO B 209 -30.46 41.87 26.00
N ILE B 210 -29.96 43.06 26.32
CA ILE B 210 -28.97 43.26 27.37
C ILE B 210 -29.32 44.52 28.14
N ASN B 211 -28.54 44.79 29.20
CA ASN B 211 -28.72 45.98 30.00
C ASN B 211 -27.40 46.71 30.27
N LEU B 212 -26.27 46.19 29.77
CA LEU B 212 -25.00 46.85 29.98
C LEU B 212 -24.89 48.11 29.14
N VAL B 213 -23.92 48.95 29.48
CA VAL B 213 -23.72 50.21 28.79
C VAL B 213 -22.50 50.19 27.87
N ARG B 214 -21.50 49.37 28.16
CA ARG B 214 -20.28 49.34 27.37
C ARG B 214 -19.66 47.95 27.46
N ASP B 215 -18.71 47.68 26.55
CA ASP B 215 -17.96 46.44 26.54
C ASP B 215 -18.85 45.25 26.21
N LEU B 216 -18.26 44.20 25.64
CA LEU B 216 -19.02 43.02 25.28
C LEU B 216 -19.44 42.26 26.53
N PRO B 217 -20.72 41.92 26.69
CA PRO B 217 -21.12 41.11 27.85
C PRO B 217 -20.39 39.78 27.87
N GLN B 218 -20.07 39.31 29.08
CA GLN B 218 -19.36 38.04 29.24
C GLN B 218 -20.19 36.84 28.86
N GLY B 219 -21.50 37.00 28.64
CA GLY B 219 -22.33 35.87 28.30
C GLY B 219 -21.93 35.23 26.98
N PHE B 220 -22.23 33.95 26.85
CA PHE B 220 -21.90 33.16 25.67
C PHE B 220 -23.16 32.90 24.86
N SER B 221 -23.08 33.13 23.55
CA SER B 221 -24.23 32.91 22.67
C SER B 221 -23.72 32.60 21.28
N ALA B 222 -24.04 31.41 20.78
CA ALA B 222 -23.61 31.01 19.45
C ALA B 222 -24.37 31.79 18.38
N LEU B 223 -23.67 32.10 17.28
CA LEU B 223 -24.25 32.85 16.18
C LEU B 223 -24.62 31.88 15.06
N GLU B 224 -25.90 31.64 14.90
CA GLU B 224 -26.38 30.72 13.88
C GLU B 224 -26.30 31.35 12.50
N PRO B 225 -26.19 30.54 11.44
CA PRO B 225 -26.15 31.10 10.08
C PRO B 225 -27.42 31.87 9.76
N LEU B 226 -27.26 32.96 9.03
CA LEU B 226 -28.39 33.79 8.62
C LEU B 226 -28.51 33.89 7.10
N VAL B 227 -27.42 34.19 6.39
CA VAL B 227 -27.49 34.48 4.97
C VAL B 227 -26.26 33.89 4.28
N ASP B 228 -26.46 33.41 3.05
CA ASP B 228 -25.41 32.83 2.23
C ASP B 228 -25.45 33.45 0.84
N LEU B 229 -24.27 33.78 0.30
CA LEU B 229 -24.15 34.41 -1.01
C LEU B 229 -23.11 33.69 -1.86
N PRO B 230 -23.43 33.33 -3.11
CA PRO B 230 -22.38 32.97 -4.07
C PRO B 230 -21.80 34.23 -4.70
N ILE B 231 -20.58 34.58 -4.30
CA ILE B 231 -19.94 35.82 -4.72
C ILE B 231 -18.44 35.58 -4.86
N GLY B 232 -17.87 36.06 -5.96
CA GLY B 232 -16.46 35.88 -6.24
C GLY B 232 -15.63 37.12 -6.00
N ILE B 233 -16.19 38.12 -5.32
CA ILE B 233 -15.46 39.36 -5.07
C ILE B 233 -14.26 39.07 -4.17
N ASN B 234 -13.17 39.80 -4.43
CA ASN B 234 -11.95 39.69 -3.62
C ASN B 234 -12.06 40.64 -2.42
N ILE B 235 -12.95 40.25 -1.49
CA ILE B 235 -13.19 41.07 -0.31
C ILE B 235 -11.93 41.05 0.56
N THR B 236 -11.24 42.19 0.64
CA THR B 236 -10.03 42.30 1.43
C THR B 236 -10.16 43.45 2.44
N ARG B 237 -10.98 44.45 2.11
CA ARG B 237 -11.21 45.59 2.98
C ARG B 237 -12.70 45.88 3.02
N PHE B 238 -13.16 46.40 4.16
CA PHE B 238 -14.57 46.64 4.37
C PHE B 238 -14.76 47.87 5.25
N GLN B 239 -15.98 48.40 5.22
CA GLN B 239 -16.34 49.59 5.99
C GLN B 239 -17.66 49.31 6.71
N THR B 240 -18.21 50.33 7.36
CA THR B 240 -19.47 50.23 8.06
C THR B 240 -20.34 51.45 7.73
N LEU B 241 -21.66 51.26 7.80
CA LEU B 241 -22.63 52.30 7.49
C LEU B 241 -23.43 52.64 8.73
N LEU B 242 -23.43 53.92 9.10
CA LEU B 242 -24.14 54.43 10.26
C LEU B 242 -25.30 55.31 9.79
N ALA B 243 -26.41 55.22 10.51
CA ALA B 243 -27.59 56.04 10.21
C ALA B 243 -27.30 57.46 10.69
N LEU B 244 -26.47 58.16 9.92
CA LEU B 244 -26.05 59.50 10.28
C LEU B 244 -27.25 60.42 10.40
N HIS B 245 -27.29 61.19 11.49
CA HIS B 245 -28.39 62.13 11.75
C HIS B 245 -27.93 63.53 11.36
N ARG B 246 -28.45 64.04 10.25
CA ARG B 246 -28.10 65.38 9.80
C ARG B 246 -28.56 66.41 10.83
N SER B 247 -27.61 67.13 11.42
CA SER B 247 -27.95 68.11 12.45
C SER B 247 -28.90 69.17 11.92
N TYR B 248 -28.84 69.46 10.62
CA TYR B 248 -29.69 70.50 10.05
C TYR B 248 -31.16 70.15 10.21
N LEU B 249 -31.53 68.90 9.97
CA LEU B 249 -32.91 68.43 10.07
C LEU B 249 -32.98 67.40 11.20
N THR B 250 -33.24 67.88 12.41
CA THR B 250 -33.38 67.05 13.59
C THR B 250 -34.63 67.46 14.34
N PRO B 251 -35.21 66.56 15.13
CA PRO B 251 -36.42 66.92 15.91
C PRO B 251 -36.05 67.80 17.09
N GLY B 252 -36.49 69.06 17.04
CA GLY B 252 -36.28 70.01 18.11
C GLY B 252 -35.15 70.98 17.88
N ASP B 253 -34.25 70.69 16.93
CA ASP B 253 -33.14 71.59 16.66
C ASP B 253 -32.73 71.43 15.20
N SER B 254 -32.05 72.46 14.68
CA SER B 254 -31.56 72.47 13.31
C SER B 254 -30.15 73.03 13.25
N SER B 255 -29.29 72.59 14.18
CA SER B 255 -27.93 73.08 14.22
C SER B 255 -27.14 72.58 13.01
N SER B 256 -26.05 73.28 12.72
CA SER B 256 -25.20 72.92 11.60
C SER B 256 -24.29 71.75 11.97
N GLY B 257 -23.58 71.25 10.97
CA GLY B 257 -22.68 70.13 11.18
C GLY B 257 -23.39 68.79 11.18
N TRP B 258 -22.65 67.77 11.58
CA TRP B 258 -23.14 66.40 11.63
C TRP B 258 -23.15 65.93 13.09
N THR B 259 -24.26 65.31 13.49
CA THR B 259 -24.43 64.85 14.86
C THR B 259 -25.12 63.49 14.86
N ALA B 260 -25.02 62.80 15.99
CA ALA B 260 -25.66 61.50 16.15
C ALA B 260 -25.84 61.21 17.63
N GLY B 261 -26.74 60.29 17.93
CA GLY B 261 -27.00 59.88 19.29
C GLY B 261 -26.03 58.81 19.77
N ALA B 262 -26.28 58.32 20.98
CA ALA B 262 -25.43 57.30 21.57
C ALA B 262 -25.48 56.03 20.72
N ALA B 263 -24.30 55.48 20.41
CA ALA B 263 -24.20 54.27 19.62
C ALA B 263 -22.77 53.76 19.70
N ALA B 264 -22.62 52.45 19.90
CA ALA B 264 -21.30 51.83 19.99
C ALA B 264 -21.32 50.52 19.22
N TYR B 265 -20.16 50.17 18.66
CA TYR B 265 -20.00 48.91 17.95
C TYR B 265 -18.55 48.46 18.07
N TYR B 266 -18.34 47.16 17.87
CA TYR B 266 -17.04 46.54 18.06
C TYR B 266 -16.68 45.74 16.82
N VAL B 267 -15.39 45.41 16.70
CA VAL B 267 -14.85 44.67 15.58
C VAL B 267 -13.97 43.55 16.10
N GLY B 268 -13.81 42.50 15.28
CA GLY B 268 -12.97 41.39 15.62
C GLY B 268 -12.49 40.65 14.38
N TYR B 269 -11.24 40.20 14.39
CA TYR B 269 -10.64 39.56 13.22
C TYR B 269 -10.59 38.05 13.42
N LEU B 270 -11.16 37.31 12.47
CA LEU B 270 -11.18 35.87 12.53
C LEU B 270 -9.79 35.30 12.21
N GLN B 271 -9.45 34.21 12.88
CA GLN B 271 -8.17 33.53 12.68
C GLN B 271 -8.42 32.04 12.61
N PRO B 272 -7.57 31.28 11.93
CA PRO B 272 -7.76 29.83 11.85
C PRO B 272 -7.39 29.12 13.14
N ARG B 273 -8.39 28.65 13.88
CA ARG B 273 -8.17 27.98 15.16
C ARG B 273 -8.97 26.68 15.18
N THR B 274 -9.00 26.04 16.35
CA THR B 274 -9.77 24.83 16.57
C THR B 274 -10.61 25.02 17.83
N PHE B 275 -11.91 24.74 17.72
CA PHE B 275 -12.86 24.93 18.80
C PHE B 275 -13.55 23.62 19.11
N LEU B 276 -13.66 23.30 20.40
CA LEU B 276 -14.36 22.10 20.86
C LEU B 276 -15.79 22.50 21.20
N LEU B 277 -16.66 22.44 20.19
CA LEU B 277 -18.05 22.83 20.39
C LEU B 277 -18.78 21.81 21.25
N LYS B 278 -19.83 22.27 21.93
CA LYS B 278 -20.65 21.44 22.80
C LYS B 278 -22.11 21.61 22.37
N TYR B 279 -22.62 20.62 21.64
CA TYR B 279 -24.02 20.62 21.24
C TYR B 279 -24.87 19.97 22.32
N ASN B 280 -25.86 20.70 22.80
CA ASN B 280 -26.74 20.21 23.86
C ASN B 280 -27.81 19.30 23.25
N GLU B 281 -28.75 18.85 24.08
CA GLU B 281 -29.81 17.97 23.59
C GLU B 281 -30.65 18.67 22.53
N ASN B 282 -30.95 19.95 22.73
CA ASN B 282 -31.75 20.71 21.76
C ASN B 282 -30.99 20.97 20.47
N GLY B 283 -29.70 20.69 20.42
CA GLY B 283 -28.91 20.93 19.22
C GLY B 283 -28.34 22.32 19.09
N THR B 284 -28.41 23.13 20.14
CA THR B 284 -27.89 24.50 20.13
C THR B 284 -26.58 24.55 20.92
N ILE B 285 -25.60 25.26 20.36
CA ILE B 285 -24.30 25.38 21.02
C ILE B 285 -24.47 26.17 22.30
N THR B 286 -24.14 25.54 23.44
CA THR B 286 -24.25 26.18 24.74
C THR B 286 -22.91 26.72 25.25
N ASP B 287 -21.80 26.11 24.86
CA ASP B 287 -20.49 26.57 25.30
C ASP B 287 -19.45 26.09 24.29
N ALA B 288 -18.29 26.75 24.32
CA ALA B 288 -17.20 26.40 23.42
C ALA B 288 -15.88 26.63 24.14
N VAL B 289 -14.86 25.90 23.70
CA VAL B 289 -13.51 25.98 24.27
C VAL B 289 -12.54 26.27 23.14
N ASP B 290 -11.70 27.29 23.34
CA ASP B 290 -10.67 27.64 22.36
C ASP B 290 -9.47 26.73 22.55
N CYS B 291 -9.24 25.83 21.59
CA CYS B 291 -8.18 24.85 21.73
C CYS B 291 -6.80 25.49 21.80
N ALA B 292 -6.67 26.75 21.38
CA ALA B 292 -5.39 27.44 21.38
C ALA B 292 -5.43 28.72 22.21
N LEU B 293 -6.03 28.67 23.39
CA LEU B 293 -6.11 29.82 24.29
C LEU B 293 -5.14 29.67 25.46
N ASP B 294 -5.27 28.58 26.21
CA ASP B 294 -4.42 28.29 27.35
C ASP B 294 -4.17 26.79 27.39
N PRO B 295 -3.10 26.36 28.09
CA PRO B 295 -2.83 24.92 28.15
C PRO B 295 -3.99 24.10 28.69
N LEU B 296 -4.79 24.66 29.60
CA LEU B 296 -5.97 23.94 30.08
C LEU B 296 -6.94 23.67 28.93
N SER B 297 -7.19 24.67 28.09
CA SER B 297 -8.06 24.47 26.93
C SER B 297 -7.42 23.52 25.93
N GLU B 298 -6.08 23.55 25.82
CA GLU B 298 -5.39 22.59 24.97
C GLU B 298 -5.68 21.17 25.43
N THR B 299 -5.56 20.92 26.74
CA THR B 299 -5.87 19.59 27.28
C THR B 299 -7.34 19.25 27.05
N LYS B 300 -8.23 20.22 27.25
CA LYS B 300 -9.65 19.96 27.08
C LYS B 300 -9.97 19.54 25.64
N CYS B 301 -9.42 20.26 24.65
CA CYS B 301 -9.71 19.93 23.26
C CYS B 301 -9.03 18.64 22.84
N THR B 302 -7.83 18.36 23.35
CA THR B 302 -7.20 17.08 23.06
C THR B 302 -8.02 15.92 23.61
N LEU B 303 -8.55 16.07 24.83
CA LEU B 303 -9.38 15.04 25.44
C LEU B 303 -10.82 15.07 24.94
N LYS B 304 -11.19 16.08 24.15
CA LYS B 304 -12.56 16.20 23.62
C LYS B 304 -13.58 16.23 24.75
N SER B 305 -13.26 16.95 25.82
CA SER B 305 -14.16 17.09 26.95
C SER B 305 -13.89 18.43 27.63
N PHE B 306 -14.92 18.92 28.34
CA PHE B 306 -14.81 20.16 29.08
C PHE B 306 -14.37 19.95 30.52
N THR B 307 -14.21 18.71 30.96
CA THR B 307 -13.77 18.40 32.31
C THR B 307 -12.53 17.50 32.24
N VAL B 308 -11.49 17.88 32.99
CA VAL B 308 -10.23 17.14 33.01
C VAL B 308 -9.93 16.76 34.45
N GLU B 309 -9.68 15.48 34.69
CA GLU B 309 -9.35 15.00 36.02
C GLU B 309 -7.85 15.19 36.29
N LYS B 310 -7.48 15.00 37.56
CA LYS B 310 -6.08 15.16 37.95
C LYS B 310 -5.21 14.19 37.17
N GLY B 311 -4.10 14.69 36.65
CA GLY B 311 -3.18 13.87 35.91
C GLY B 311 -2.34 14.71 34.97
N ILE B 312 -1.51 14.01 34.21
CA ILE B 312 -0.62 14.62 33.22
C ILE B 312 -0.98 14.05 31.86
N TYR B 313 -1.23 14.94 30.89
CA TYR B 313 -1.62 14.56 29.54
C TYR B 313 -0.69 15.20 28.54
N GLN B 314 -0.19 14.41 27.59
CA GLN B 314 0.65 14.93 26.52
C GLN B 314 -0.26 15.57 25.47
N THR B 315 -0.07 16.87 25.24
CA THR B 315 -0.93 17.62 24.34
C THR B 315 -0.40 17.63 22.91
N SER B 316 0.82 18.10 22.70
CA SER B 316 1.37 18.24 21.37
C SER B 316 2.89 18.17 21.45
N ASN B 317 3.55 18.46 20.33
CA ASN B 317 5.00 18.43 20.22
C ASN B 317 5.48 19.79 19.73
N PHE B 318 6.55 20.28 20.33
CA PHE B 318 7.15 21.56 19.97
C PHE B 318 8.54 21.32 19.40
N ARG B 319 8.87 22.09 18.36
CA ARG B 319 10.16 21.99 17.69
C ARG B 319 10.60 23.41 17.34
N VAL B 320 11.83 23.77 17.70
CA VAL B 320 12.34 25.09 17.36
C VAL B 320 12.48 25.17 15.84
N GLN B 321 11.75 26.10 15.23
CA GLN B 321 11.77 26.23 13.79
C GLN B 321 13.12 26.79 13.33
N PRO B 322 13.50 26.55 12.08
CA PRO B 322 14.78 27.08 11.59
C PRO B 322 14.83 28.59 11.70
N THR B 323 15.82 29.09 12.45
CA THR B 323 15.96 30.53 12.62
C THR B 323 16.25 31.21 11.28
N GLU B 324 17.10 30.61 10.46
CA GLU B 324 17.46 31.18 9.16
C GLU B 324 17.99 30.06 8.28
N SER B 325 18.03 30.34 6.98
CA SER B 325 18.56 29.41 5.99
C SER B 325 20.01 29.77 5.69
N ILE B 326 20.90 28.79 5.80
CA ILE B 326 22.32 28.98 5.60
C ILE B 326 22.80 28.00 4.55
N VAL B 327 23.56 28.49 3.57
CA VAL B 327 24.11 27.68 2.49
C VAL B 327 25.60 27.93 2.41
N ARG B 328 26.39 26.86 2.36
CA ARG B 328 27.85 26.94 2.32
C ARG B 328 28.35 26.00 1.24
N PHE B 329 29.04 26.55 0.25
CA PHE B 329 29.57 25.82 -0.88
C PHE B 329 31.10 25.93 -0.92
N PRO B 330 31.77 25.10 -1.74
CA PRO B 330 33.23 25.08 -1.74
C PRO B 330 33.87 26.45 -1.91
N ASN B 331 35.17 26.52 -1.61
CA ASN B 331 35.90 27.78 -1.63
C ASN B 331 36.01 28.32 -3.06
N ILE B 332 36.38 29.60 -3.16
CA ILE B 332 36.55 30.23 -4.47
C ILE B 332 37.66 29.54 -5.24
N THR B 333 38.79 29.28 -4.57
CA THR B 333 39.92 28.63 -5.21
C THR B 333 40.43 29.45 -6.39
N ASN B 334 41.24 28.85 -7.25
CA ASN B 334 41.78 29.56 -8.40
C ASN B 334 40.67 29.95 -9.35
N LEU B 335 40.80 31.14 -9.94
CA LEU B 335 39.80 31.63 -10.87
C LEU B 335 39.73 30.74 -12.10
N CYS B 336 38.52 30.40 -12.51
CA CYS B 336 38.31 29.54 -13.66
C CYS B 336 38.35 30.36 -14.95
N PRO B 337 38.56 29.71 -16.09
CA PRO B 337 38.47 30.40 -17.38
C PRO B 337 37.05 30.64 -17.87
N PHE B 338 36.04 30.45 -17.01
CA PHE B 338 34.66 30.67 -17.42
C PHE B 338 34.46 32.10 -17.92
N GLY B 339 34.94 33.08 -17.17
CA GLY B 339 34.86 34.46 -17.61
C GLY B 339 35.91 34.85 -18.63
N GLU B 340 36.98 34.07 -18.75
CA GLU B 340 38.02 34.38 -19.74
C GLU B 340 37.47 34.26 -21.15
N VAL B 341 36.62 33.26 -21.40
CA VAL B 341 36.05 33.08 -22.73
C VAL B 341 35.24 34.31 -23.13
N PHE B 342 34.41 34.81 -22.20
CA PHE B 342 33.65 36.02 -22.47
C PHE B 342 34.56 37.24 -22.59
N ASN B 343 35.70 37.21 -21.91
CA ASN B 343 36.66 38.31 -21.91
C ASN B 343 37.91 37.99 -22.73
N ALA B 344 37.85 37.00 -23.60
CA ALA B 344 39.00 36.63 -24.40
C ALA B 344 39.48 37.83 -25.23
N THR B 345 40.79 38.03 -25.27
CA THR B 345 41.35 39.14 -26.02
C THR B 345 41.04 39.01 -27.51
N ARG B 346 41.14 37.80 -28.05
CA ARG B 346 40.84 37.53 -29.44
C ARG B 346 39.71 36.51 -29.51
N PHE B 347 38.66 36.84 -30.27
CA PHE B 347 37.50 35.98 -30.43
C PHE B 347 37.53 35.34 -31.81
N ALA B 348 37.38 34.02 -31.86
CA ALA B 348 37.35 33.31 -33.12
C ALA B 348 36.12 33.69 -33.93
N SER B 349 36.24 33.62 -35.25
CA SER B 349 35.12 33.95 -36.13
C SER B 349 34.03 32.88 -36.02
N VAL B 350 32.84 33.23 -36.48
CA VAL B 350 31.71 32.30 -36.42
C VAL B 350 32.01 31.05 -37.23
N TYR B 351 32.60 31.21 -38.41
CA TYR B 351 32.91 30.05 -39.24
C TYR B 351 33.95 29.15 -38.58
N ALA B 352 34.72 29.69 -37.63
CA ALA B 352 35.75 28.94 -36.91
C ALA B 352 35.49 28.95 -35.41
N TRP B 353 34.23 28.78 -35.01
CA TRP B 353 33.90 28.74 -33.60
C TRP B 353 34.61 27.57 -32.92
N ASN B 354 35.14 27.81 -31.73
CA ASN B 354 35.93 26.83 -31.00
C ASN B 354 35.07 26.19 -29.91
N ARG B 355 35.12 24.86 -29.83
CA ARG B 355 34.39 24.11 -28.81
C ARG B 355 35.25 23.98 -27.55
N LYS B 356 35.57 25.14 -26.97
CA LYS B 356 36.39 25.18 -25.77
C LYS B 356 35.61 24.66 -24.57
N ARG B 357 36.24 23.79 -23.79
CA ARG B 357 35.64 23.19 -22.61
C ARG B 357 36.34 23.70 -21.36
N ILE B 358 35.62 23.64 -20.24
CA ILE B 358 36.09 24.14 -18.96
C ILE B 358 36.01 23.03 -17.94
N SER B 359 37.09 22.84 -17.18
CA SER B 359 37.17 21.81 -16.15
C SER B 359 38.43 22.07 -15.33
N ASN B 360 38.76 21.14 -14.43
CA ASN B 360 39.96 21.22 -13.61
C ASN B 360 39.94 22.45 -12.69
N CYS B 361 38.76 22.94 -12.36
CA CYS B 361 38.63 24.09 -11.46
C CYS B 361 37.14 24.25 -11.12
N VAL B 362 36.86 25.12 -10.15
CA VAL B 362 35.50 25.43 -9.73
C VAL B 362 35.31 26.93 -9.85
N ALA B 363 34.24 27.34 -10.54
CA ALA B 363 34.02 28.73 -10.90
C ALA B 363 32.94 29.36 -10.02
N ASP B 364 32.92 30.69 -10.02
CA ASP B 364 31.96 31.48 -9.26
C ASP B 364 31.30 32.46 -10.23
N TYR B 365 30.16 32.07 -10.79
CA TYR B 365 29.50 32.91 -11.79
C TYR B 365 29.04 34.24 -11.20
N SER B 366 28.76 34.28 -9.90
CA SER B 366 28.29 35.52 -9.29
C SER B 366 29.34 36.63 -9.42
N VAL B 367 30.60 36.31 -9.17
CA VAL B 367 31.66 37.30 -9.34
C VAL B 367 31.82 37.67 -10.80
N LEU B 368 31.75 36.68 -11.70
CA LEU B 368 31.91 36.96 -13.12
C LEU B 368 30.79 37.85 -13.65
N TYR B 369 29.63 37.84 -13.00
CA TYR B 369 28.48 38.62 -13.44
C TYR B 369 28.51 40.06 -12.94
N ASN B 370 29.68 40.57 -12.54
CA ASN B 370 29.75 41.95 -12.07
C ASN B 370 29.38 42.94 -13.17
N SER B 371 29.84 42.70 -14.39
CA SER B 371 29.54 43.60 -15.49
C SER B 371 28.04 43.61 -15.79
N ALA B 372 27.44 42.43 -15.96
CA ALA B 372 26.02 42.31 -16.26
C ALA B 372 25.64 43.14 -17.48
N SER B 373 26.49 43.08 -18.51
CA SER B 373 26.29 43.83 -19.73
C SER B 373 25.66 43.01 -20.85
N PHE B 374 25.19 41.80 -20.54
CA PHE B 374 24.61 40.94 -21.56
C PHE B 374 23.29 41.53 -22.05
N SER B 375 23.14 41.61 -23.38
CA SER B 375 21.94 42.20 -23.97
C SER B 375 20.75 41.24 -23.93
N THR B 376 20.99 39.94 -24.05
CA THR B 376 19.93 38.95 -24.15
C THR B 376 20.13 37.85 -23.11
N PHE B 377 19.03 37.26 -22.68
CA PHE B 377 19.04 36.17 -21.70
C PHE B 377 17.96 35.16 -22.13
N LYS B 378 18.38 34.13 -22.87
CA LYS B 378 17.51 33.07 -23.34
C LYS B 378 17.97 31.77 -22.68
N CYS B 379 17.31 31.39 -21.59
CA CYS B 379 17.62 30.17 -20.86
C CYS B 379 16.43 29.22 -20.93
N TYR B 380 16.70 27.98 -21.31
CA TYR B 380 15.67 26.95 -21.44
C TYR B 380 15.96 25.73 -20.56
N GLY B 381 16.53 25.95 -19.38
CA GLY B 381 16.84 24.87 -18.46
C GLY B 381 17.26 25.38 -17.11
N VAL B 382 18.06 24.59 -16.39
CA VAL B 382 18.58 25.00 -15.09
C VAL B 382 19.88 25.74 -15.36
N SER B 383 19.74 27.03 -15.65
CA SER B 383 20.89 27.85 -16.00
C SER B 383 21.77 28.10 -14.78
N PRO B 384 23.07 28.34 -14.98
CA PRO B 384 23.91 28.70 -13.83
C PRO B 384 23.41 29.92 -13.08
N THR B 385 22.89 30.92 -13.80
CA THR B 385 22.31 32.09 -13.15
C THR B 385 21.00 31.74 -12.46
N LYS B 386 20.12 31.01 -13.16
CA LYS B 386 18.84 30.63 -12.57
C LYS B 386 19.03 29.66 -11.41
N LEU B 387 19.87 28.65 -11.59
CA LEU B 387 20.15 27.65 -10.57
C LEU B 387 21.62 27.75 -10.17
N ASN B 388 21.86 27.90 -8.86
CA ASN B 388 23.20 28.08 -8.33
C ASN B 388 23.66 26.92 -7.45
N ASP B 389 23.04 25.75 -7.61
CA ASP B 389 23.34 24.58 -6.78
C ASP B 389 23.54 23.34 -7.65
N LEU B 390 24.32 23.48 -8.72
CA LEU B 390 24.65 22.35 -9.57
C LEU B 390 25.95 22.64 -10.30
N CYS B 391 26.63 21.59 -10.73
CA CYS B 391 27.99 21.66 -11.24
C CYS B 391 28.15 20.84 -12.52
N PHE B 392 27.25 21.05 -13.48
CA PHE B 392 27.29 20.33 -14.75
C PHE B 392 28.72 20.13 -15.24
N THR B 393 29.04 18.87 -15.58
CA THR B 393 30.41 18.54 -15.97
C THR B 393 30.70 18.94 -17.41
N ASN B 394 29.97 18.36 -18.37
CA ASN B 394 30.22 18.59 -19.79
C ASN B 394 29.63 19.94 -20.22
N VAL B 395 30.17 21.00 -19.65
CA VAL B 395 29.77 22.37 -19.96
C VAL B 395 30.91 23.02 -20.72
N TYR B 396 30.58 23.61 -21.88
CA TYR B 396 31.57 24.23 -22.74
C TYR B 396 31.14 25.65 -23.08
N ALA B 397 32.11 26.58 -23.07
CA ALA B 397 31.85 27.97 -23.43
C ALA B 397 32.42 28.21 -24.82
N ASP B 398 31.56 28.15 -25.83
CA ASP B 398 31.98 28.32 -27.21
C ASP B 398 32.45 29.76 -27.42
N SER B 399 33.75 29.94 -27.64
CA SER B 399 34.32 31.27 -27.86
C SER B 399 34.23 31.60 -29.34
N PHE B 400 33.29 32.47 -29.70
CA PHE B 400 33.11 32.87 -31.09
C PHE B 400 32.39 34.20 -31.12
N VAL B 401 32.46 34.86 -32.28
CA VAL B 401 31.85 36.17 -32.49
C VAL B 401 30.97 36.09 -33.73
N ILE B 402 29.76 36.66 -33.63
CA ILE B 402 28.79 36.63 -34.71
C ILE B 402 28.26 38.04 -34.93
N ARG B 403 27.70 38.27 -36.11
CA ARG B 403 27.08 39.54 -36.41
C ARG B 403 25.79 39.70 -35.59
N GLY B 404 25.37 40.95 -35.43
CA GLY B 404 24.24 41.23 -34.55
C GLY B 404 22.98 40.48 -34.94
N ASP B 405 22.64 40.51 -36.24
CA ASP B 405 21.41 39.87 -36.69
C ASP B 405 21.41 38.38 -36.34
N GLU B 406 22.58 37.73 -36.40
CA GLU B 406 22.65 36.31 -36.11
C GLU B 406 22.18 35.97 -34.72
N VAL B 407 22.16 36.96 -33.80
CA VAL B 407 21.67 36.69 -32.46
C VAL B 407 20.23 36.20 -32.50
N ARG B 408 19.46 36.64 -33.51
CA ARG B 408 18.08 36.20 -33.63
C ARG B 408 17.96 34.73 -33.99
N GLN B 409 19.02 34.12 -34.53
CA GLN B 409 19.00 32.75 -35.02
C GLN B 409 19.87 31.83 -34.15
N ILE B 410 19.83 32.03 -32.84
CA ILE B 410 20.58 31.20 -31.90
C ILE B 410 19.60 30.44 -31.02
N ALA B 411 18.43 30.11 -31.58
CA ALA B 411 17.39 29.39 -30.85
C ALA B 411 17.47 27.90 -31.16
N PRO B 412 16.93 27.05 -30.28
CA PRO B 412 16.97 25.60 -30.54
C PRO B 412 16.25 25.26 -31.83
N GLY B 413 16.82 24.29 -32.56
CA GLY B 413 16.22 23.86 -33.81
C GLY B 413 16.17 24.91 -34.88
N GLN B 414 16.93 25.99 -34.72
CA GLN B 414 16.92 27.08 -35.70
C GLN B 414 17.64 26.66 -36.98
N THR B 415 17.20 27.24 -38.09
CA THR B 415 17.81 26.99 -39.39
C THR B 415 17.82 28.28 -40.19
N GLY B 416 18.95 28.57 -40.83
CA GLY B 416 19.08 29.74 -41.67
C GLY B 416 20.40 30.46 -41.50
N LYS B 417 21.11 30.68 -42.60
CA LYS B 417 22.38 31.39 -42.60
C LYS B 417 23.32 30.82 -41.52
N ILE B 418 23.40 31.49 -40.37
CA ILE B 418 24.28 31.01 -39.31
C ILE B 418 23.83 29.66 -38.81
N ALA B 419 22.53 29.49 -38.60
CA ALA B 419 22.00 28.24 -38.09
C ALA B 419 22.11 27.09 -39.08
N ASP B 420 22.43 27.37 -40.35
CA ASP B 420 22.55 26.34 -41.37
C ASP B 420 23.99 25.96 -41.68
N TYR B 421 24.86 26.94 -41.91
CA TYR B 421 26.21 26.70 -42.40
C TYR B 421 27.31 27.09 -41.42
N ASN B 422 27.14 28.19 -40.69
CA ASN B 422 28.22 28.67 -39.82
C ASN B 422 28.22 27.95 -38.47
N TYR B 423 27.12 28.08 -37.71
CA TYR B 423 27.04 27.54 -36.35
C TYR B 423 25.61 27.06 -36.12
N LYS B 424 25.39 25.76 -36.28
CA LYS B 424 24.11 25.13 -36.00
C LYS B 424 24.22 24.47 -34.62
N LEU B 425 23.66 25.14 -33.61
CA LEU B 425 23.69 24.60 -32.26
C LEU B 425 22.78 23.37 -32.16
N PRO B 426 22.98 22.54 -31.15
CA PRO B 426 22.16 21.32 -31.03
C PRO B 426 20.68 21.66 -30.98
N ASP B 427 19.88 20.80 -31.62
CA ASP B 427 18.44 21.03 -31.67
C ASP B 427 17.84 21.14 -30.28
N ASP B 428 18.34 20.34 -29.34
CA ASP B 428 17.90 20.37 -27.94
C ASP B 428 19.15 20.50 -27.09
N PHE B 429 19.58 21.74 -26.86
CA PHE B 429 20.79 22.03 -26.08
C PHE B 429 20.38 22.56 -24.71
N THR B 430 21.01 22.03 -23.67
CA THR B 430 20.76 22.47 -22.30
C THR B 430 21.74 23.58 -21.97
N GLY B 431 21.23 24.79 -21.81
CA GLY B 431 22.07 25.94 -21.52
C GLY B 431 21.38 27.23 -21.94
N CYS B 432 22.19 28.27 -22.05
CA CYS B 432 21.71 29.59 -22.43
C CYS B 432 22.61 30.20 -23.51
N VAL B 433 22.10 31.25 -24.16
CA VAL B 433 22.81 31.97 -25.19
C VAL B 433 22.99 33.41 -24.71
N ILE B 434 24.23 33.89 -24.74
CA ILE B 434 24.59 35.22 -24.24
C ILE B 434 25.15 36.04 -25.40
N ALA B 435 24.58 37.22 -25.61
CA ALA B 435 25.02 38.12 -26.67
C ALA B 435 25.05 39.54 -26.14
N TRP B 436 26.13 40.26 -26.43
CA TRP B 436 26.28 41.65 -26.05
C TRP B 436 27.03 42.40 -27.14
N ASN B 437 26.64 43.64 -27.38
CA ASN B 437 27.26 44.48 -28.40
C ASN B 437 28.40 45.26 -27.77
N SER B 438 29.63 44.99 -28.21
CA SER B 438 30.82 45.64 -27.68
C SER B 438 31.49 46.52 -28.74
N ASN B 439 31.83 45.96 -29.89
CA ASN B 439 32.50 46.70 -30.97
C ASN B 439 33.77 47.38 -30.48
N ASN B 440 34.50 46.73 -29.59
CA ASN B 440 35.74 47.28 -29.04
C ASN B 440 36.97 46.71 -29.74
N LEU B 441 37.09 45.37 -29.76
CA LEU B 441 38.24 44.75 -30.41
C LEU B 441 38.24 45.00 -31.90
N ASP B 442 37.07 45.10 -32.52
CA ASP B 442 36.98 45.36 -33.96
C ASP B 442 37.52 46.73 -34.34
N SER B 443 37.70 47.64 -33.38
CA SER B 443 38.17 49.00 -33.64
C SER B 443 37.20 49.79 -34.51
N LYS B 444 35.96 49.32 -34.62
CA LYS B 444 34.96 50.01 -35.43
C LYS B 444 33.58 49.53 -34.98
N VAL B 445 32.56 50.33 -35.32
CA VAL B 445 31.18 50.01 -34.98
C VAL B 445 30.49 49.24 -36.11
N GLY B 446 31.23 48.85 -37.15
CA GLY B 446 30.64 48.14 -38.27
C GLY B 446 30.92 46.65 -38.22
N GLY B 447 32.15 46.27 -37.89
CA GLY B 447 32.53 44.87 -37.81
C GLY B 447 33.88 44.58 -38.43
N ASN B 448 34.74 43.90 -37.68
CA ASN B 448 36.06 43.55 -38.19
C ASN B 448 35.95 42.64 -39.40
N TYR B 449 36.77 42.92 -40.42
CA TYR B 449 36.74 42.12 -41.63
C TYR B 449 37.17 40.68 -41.35
N ASN B 450 38.05 40.47 -40.38
CA ASN B 450 38.51 39.12 -40.07
C ASN B 450 37.39 38.22 -39.56
N TYR B 451 36.30 38.81 -39.08
CA TYR B 451 35.16 38.03 -38.58
C TYR B 451 34.17 37.78 -39.72
N LEU B 452 34.57 36.89 -40.61
CA LEU B 452 33.72 36.49 -41.73
C LEU B 452 32.75 35.39 -41.26
N TYR B 453 31.86 34.98 -42.18
CA TYR B 453 30.91 33.92 -41.90
C TYR B 453 30.73 33.07 -43.15
N ARG B 454 30.88 31.76 -43.01
CA ARG B 454 30.72 30.86 -44.14
C ARG B 454 29.26 30.78 -44.56
N LEU B 455 29.03 30.60 -45.86
CA LEU B 455 27.68 30.55 -46.39
C LEU B 455 27.66 29.68 -47.64
N PHE B 456 26.47 29.19 -47.97
CA PHE B 456 26.24 28.36 -49.17
C PHE B 456 27.10 27.11 -49.04
N ARG B 457 27.83 26.71 -50.09
CA ARG B 457 28.55 25.44 -50.12
C ARG B 457 27.60 24.26 -50.32
N LYS B 458 26.30 24.52 -50.35
CA LYS B 458 25.29 23.49 -50.55
C LYS B 458 25.43 22.35 -49.55
N SER B 459 25.90 22.66 -48.35
CA SER B 459 26.07 21.64 -47.31
C SER B 459 25.90 22.32 -45.95
N ASN B 460 24.70 22.21 -45.38
CA ASN B 460 24.43 22.78 -44.08
C ASN B 460 25.06 21.93 -42.97
N LEU B 461 25.43 22.59 -41.88
CA LEU B 461 26.01 21.89 -40.75
C LEU B 461 24.97 21.02 -40.06
N LYS B 462 25.48 20.06 -39.30
CA LYS B 462 24.69 19.25 -38.38
C LYS B 462 24.57 19.97 -37.04
N PRO B 463 23.66 19.53 -36.18
CA PRO B 463 23.46 20.25 -34.90
C PRO B 463 24.69 20.31 -34.02
N PHE B 464 25.71 19.46 -34.26
CA PHE B 464 26.88 19.42 -33.40
C PHE B 464 28.20 19.36 -34.16
N GLU B 465 28.20 19.35 -35.49
CA GLU B 465 29.44 19.20 -36.24
C GLU B 465 30.00 20.57 -36.66
N ARG B 466 31.25 20.55 -37.10
CA ARG B 466 31.96 21.74 -37.54
C ARG B 466 32.67 21.44 -38.85
N ASP B 467 32.67 22.41 -39.77
CA ASP B 467 33.19 22.22 -41.12
C ASP B 467 34.22 23.29 -41.45
N ILE B 468 35.19 23.50 -40.55
CA ILE B 468 36.23 24.48 -40.78
C ILE B 468 36.92 24.19 -42.09
N SER B 469 36.85 25.14 -43.03
CA SER B 469 37.44 24.94 -44.36
C SER B 469 37.48 26.26 -45.12
N THR B 470 38.60 26.51 -45.80
CA THR B 470 38.77 27.72 -46.60
C THR B 470 38.40 27.52 -48.07
N GLU B 471 37.93 26.33 -48.43
CA GLU B 471 37.59 26.06 -49.83
C GLU B 471 36.49 27.00 -50.31
N ILE B 472 36.60 27.42 -51.56
CA ILE B 472 35.65 28.33 -52.18
C ILE B 472 34.46 27.53 -52.69
N TYR B 473 33.31 28.20 -52.79
CA TYR B 473 32.10 27.53 -53.26
C TYR B 473 32.30 27.00 -54.67
N GLN B 474 31.87 25.76 -54.89
CA GLN B 474 32.00 25.13 -56.20
C GLN B 474 30.86 25.56 -57.12
N ALA B 475 31.21 25.83 -58.36
CA ALA B 475 30.23 26.27 -59.35
C ALA B 475 29.47 25.06 -59.92
N GLY B 476 28.35 25.36 -60.58
CA GLY B 476 27.55 24.35 -61.22
C GLY B 476 27.96 24.00 -62.63
N SER B 477 29.02 24.62 -63.15
CA SER B 477 29.50 24.35 -64.50
C SER B 477 30.97 23.96 -64.54
N THR B 478 31.81 24.55 -63.67
CA THR B 478 33.22 24.22 -63.62
C THR B 478 33.77 24.51 -62.23
N PRO B 479 34.50 23.58 -61.61
CA PRO B 479 34.98 23.81 -60.25
C PRO B 479 35.94 25.00 -60.19
N CYS B 480 35.88 25.71 -59.06
CA CYS B 480 36.76 26.84 -58.81
C CYS B 480 37.17 26.84 -57.35
N ASN B 481 38.35 27.40 -57.08
CA ASN B 481 38.89 27.43 -55.73
C ASN B 481 39.56 28.76 -55.41
N GLY B 482 39.15 29.83 -56.07
CA GLY B 482 39.72 31.14 -55.82
C GLY B 482 39.64 32.00 -57.07
N VAL B 483 40.61 32.91 -57.19
CA VAL B 483 40.72 33.84 -58.31
C VAL B 483 39.34 34.40 -58.65
N GLU B 484 39.13 34.73 -59.92
CA GLU B 484 37.87 35.31 -60.40
C GLU B 484 37.31 34.46 -61.53
N GLY B 485 37.31 33.15 -61.35
CA GLY B 485 36.78 32.23 -62.34
C GLY B 485 35.27 32.24 -62.37
N PHE B 486 34.70 31.10 -62.77
CA PHE B 486 33.25 30.97 -62.88
C PHE B 486 32.66 30.66 -61.51
N ASN B 487 31.93 31.63 -60.95
CA ASN B 487 31.22 31.46 -59.68
C ASN B 487 32.16 30.95 -58.59
N CYS B 488 33.16 31.79 -58.28
CA CYS B 488 34.13 31.53 -57.21
C CYS B 488 33.81 32.34 -55.97
N TYR B 489 32.53 32.48 -55.64
CA TYR B 489 32.15 33.29 -54.49
C TYR B 489 32.79 32.73 -53.23
N PHE B 490 33.36 33.61 -52.42
CA PHE B 490 34.00 33.20 -51.17
C PHE B 490 32.92 32.89 -50.14
N PRO B 491 32.85 31.67 -49.60
CA PRO B 491 31.83 31.39 -48.57
C PRO B 491 31.96 32.28 -47.35
N LEU B 492 33.18 32.64 -46.97
CA LEU B 492 33.41 33.52 -45.83
C LEU B 492 33.20 34.97 -46.27
N GLN B 493 32.12 35.57 -45.82
CA GLN B 493 31.79 36.96 -46.15
C GLN B 493 32.03 37.84 -44.93
N SER B 494 32.79 38.90 -45.11
CA SER B 494 33.08 39.82 -44.00
C SER B 494 31.82 40.56 -43.57
N TYR B 495 31.80 40.96 -42.31
CA TYR B 495 30.66 41.70 -41.78
C TYR B 495 30.67 43.12 -42.36
N GLY B 496 29.70 43.92 -41.90
CA GLY B 496 29.56 45.28 -42.38
C GLY B 496 30.64 46.19 -41.85
N PHE B 497 31.88 46.00 -42.34
CA PHE B 497 32.99 46.84 -41.90
C PHE B 497 32.69 48.32 -42.12
N GLN B 498 31.98 48.64 -43.19
CA GLN B 498 31.57 50.02 -43.46
C GLN B 498 30.68 50.49 -42.32
N PRO B 499 30.40 51.79 -42.23
CA PRO B 499 29.56 52.29 -41.12
C PRO B 499 28.21 51.58 -41.08
N THR B 500 27.76 51.27 -39.87
CA THR B 500 26.52 50.55 -39.65
C THR B 500 25.60 51.39 -38.78
N ASN B 501 24.31 51.38 -39.12
CA ASN B 501 23.31 52.15 -38.39
C ASN B 501 22.69 51.36 -37.24
N GLY B 502 22.23 50.14 -37.51
CA GLY B 502 21.58 49.32 -36.51
C GLY B 502 22.54 48.33 -35.88
N VAL B 503 22.33 48.06 -34.60
CA VAL B 503 23.19 47.12 -33.88
C VAL B 503 23.04 45.70 -34.42
N GLY B 504 21.98 45.44 -35.18
CA GLY B 504 21.76 44.11 -35.73
C GLY B 504 22.77 43.69 -36.78
N TYR B 505 23.60 44.61 -37.25
CA TYR B 505 24.64 44.33 -38.24
C TYR B 505 26.01 44.64 -37.66
N GLN B 506 26.22 44.27 -36.40
CA GLN B 506 27.48 44.48 -35.70
C GLN B 506 27.94 43.19 -35.05
N PRO B 507 29.24 43.03 -34.82
CA PRO B 507 29.74 41.77 -34.24
C PRO B 507 29.39 41.67 -32.76
N TYR B 508 28.72 40.59 -32.39
CA TYR B 508 28.39 40.30 -31.00
C TYR B 508 29.27 39.17 -30.52
N ARG B 509 29.93 39.37 -29.38
CA ARG B 509 30.78 38.34 -28.77
C ARG B 509 29.88 37.31 -28.09
N VAL B 510 29.23 36.50 -28.92
CA VAL B 510 28.23 35.55 -28.47
C VAL B 510 28.91 34.25 -28.07
N VAL B 511 28.67 33.81 -26.84
CA VAL B 511 29.16 32.54 -26.33
C VAL B 511 27.98 31.77 -25.78
N VAL B 512 27.83 30.52 -26.21
CA VAL B 512 26.72 29.66 -25.79
C VAL B 512 27.21 28.75 -24.68
N LEU B 513 26.59 28.86 -23.50
CA LEU B 513 26.93 28.03 -22.35
C LEU B 513 26.14 26.72 -22.37
N SER B 514 26.21 26.01 -23.49
CA SER B 514 25.50 24.75 -23.63
C SER B 514 26.30 23.63 -22.98
N PHE B 515 25.63 22.83 -22.16
CA PHE B 515 26.23 21.68 -21.48
C PHE B 515 25.50 20.42 -21.94
N GLU B 516 26.15 19.66 -22.81
CA GLU B 516 25.58 18.41 -23.32
C GLU B 516 26.13 17.23 -22.53
N LEU B 517 25.68 17.13 -21.29
CA LEU B 517 26.12 16.05 -20.41
C LEU B 517 25.72 14.71 -20.99
N LEU B 518 26.67 13.77 -21.02
CA LEU B 518 26.45 12.43 -21.54
C LEU B 518 26.62 11.35 -20.48
N HIS B 519 27.75 11.37 -19.76
CA HIS B 519 28.03 10.40 -18.72
C HIS B 519 28.51 11.00 -17.41
N ALA B 520 28.87 12.29 -17.39
CA ALA B 520 29.33 12.93 -16.18
C ALA B 520 28.25 13.87 -15.66
N PRO B 521 27.55 13.52 -14.57
CA PRO B 521 26.48 14.40 -14.07
C PRO B 521 26.95 15.81 -13.75
N ALA B 522 27.91 15.95 -12.85
CA ALA B 522 28.34 17.28 -12.42
C ALA B 522 29.70 17.18 -11.76
N THR B 523 30.69 17.91 -12.29
CA THR B 523 32.02 17.94 -11.69
C THR B 523 32.57 19.37 -11.59
N VAL B 524 32.14 20.26 -12.47
CA VAL B 524 32.63 21.63 -12.52
C VAL B 524 31.46 22.57 -12.29
N CYS B 525 31.64 23.50 -11.35
CA CYS B 525 30.58 24.43 -10.94
C CYS B 525 30.80 25.79 -11.57
N GLY B 526 29.76 26.33 -12.20
CA GLY B 526 29.78 27.69 -12.69
C GLY B 526 29.41 28.66 -11.60
N PRO B 527 28.26 28.47 -10.97
CA PRO B 527 27.87 29.30 -9.83
C PRO B 527 28.41 28.77 -8.52
N LYS B 528 28.69 29.69 -7.60
CA LYS B 528 29.28 29.37 -6.31
C LYS B 528 28.55 30.13 -5.20
N LYS B 529 27.22 30.07 -5.22
CA LYS B 529 26.43 30.74 -4.20
C LYS B 529 26.81 30.23 -2.83
N SER B 530 27.02 31.16 -1.89
CA SER B 530 27.44 30.80 -0.54
C SER B 530 26.96 31.87 0.42
N THR B 531 26.92 31.50 1.71
CA THR B 531 26.50 32.41 2.76
C THR B 531 27.50 32.40 3.91
N ASN B 532 27.15 33.03 5.02
CA ASN B 532 28.02 33.08 6.19
C ASN B 532 27.90 31.76 6.95
N LEU B 533 28.46 31.73 8.16
CA LEU B 533 28.42 30.55 9.02
C LEU B 533 27.74 30.89 10.33
N VAL B 534 26.85 30.00 10.77
CA VAL B 534 26.07 30.19 11.99
C VAL B 534 26.30 28.99 12.90
N LYS B 535 26.54 29.26 14.17
CA LYS B 535 26.79 28.22 15.17
C LYS B 535 25.88 28.44 16.37
N ASN B 536 25.57 27.34 17.06
CA ASN B 536 24.72 27.38 18.26
C ASN B 536 23.38 28.05 17.95
N LYS B 537 22.81 27.72 16.79
CA LYS B 537 21.53 28.28 16.39
C LYS B 537 20.86 27.31 15.42
N CYS B 538 19.57 27.05 15.63
CA CYS B 538 18.83 26.14 14.77
C CYS B 538 18.64 26.76 13.39
N VAL B 539 19.15 26.08 12.36
CA VAL B 539 19.12 26.58 11.00
C VAL B 539 19.11 25.41 10.03
N ASN B 540 18.74 25.70 8.79
CA ASN B 540 18.80 24.71 7.71
C ASN B 540 20.09 24.92 6.92
N PHE B 541 20.91 23.88 6.85
CA PHE B 541 22.23 23.95 6.24
C PHE B 541 22.26 23.04 5.01
N ASN B 542 22.93 23.53 3.97
CA ASN B 542 23.13 22.79 2.72
C ASN B 542 24.62 22.71 2.45
N PHE B 543 25.23 21.57 2.77
CA PHE B 543 26.65 21.35 2.58
C PHE B 543 26.85 20.39 1.40
N ASN B 544 27.27 20.94 0.27
CA ASN B 544 27.59 20.14 -0.91
C ASN B 544 26.44 19.20 -1.28
N GLY B 545 25.22 19.74 -1.23
CA GLY B 545 24.03 18.98 -1.58
C GLY B 545 23.40 18.23 -0.43
N LEU B 546 24.03 18.16 0.73
CA LEU B 546 23.45 17.53 1.91
C LEU B 546 22.65 18.58 2.68
N THR B 547 21.34 18.42 2.71
CA THR B 547 20.44 19.37 3.35
C THR B 547 19.94 18.82 4.67
N GLY B 548 20.04 19.63 5.72
CA GLY B 548 19.57 19.21 7.03
C GLY B 548 19.30 20.35 7.98
N THR B 549 18.35 20.17 8.89
CA THR B 549 17.99 21.18 9.87
C THR B 549 18.59 20.80 11.22
N GLY B 550 19.32 21.73 11.82
CA GLY B 550 19.96 21.44 13.08
C GLY B 550 20.72 22.64 13.60
N VAL B 551 21.39 22.44 14.73
CA VAL B 551 22.15 23.48 15.40
C VAL B 551 23.63 23.15 15.22
N LEU B 552 24.29 23.86 14.30
CA LEU B 552 25.71 23.66 14.09
C LEU B 552 26.50 24.14 15.31
N THR B 553 27.52 23.38 15.67
CA THR B 553 28.36 23.71 16.82
C THR B 553 29.78 23.23 16.54
N GLU B 554 30.75 23.90 17.18
CA GLU B 554 32.14 23.52 17.02
C GLU B 554 32.34 22.09 17.51
N SER B 555 33.05 21.30 16.71
CA SER B 555 33.27 19.88 17.00
C SER B 555 34.76 19.63 17.21
N ASN B 556 35.06 18.77 18.19
CA ASN B 556 36.42 18.37 18.48
C ASN B 556 36.87 17.14 17.71
N LYS B 557 35.99 16.56 16.89
CA LYS B 557 36.36 15.40 16.09
C LYS B 557 37.43 15.77 15.09
N LYS B 558 38.34 14.83 14.84
CA LYS B 558 39.47 15.03 13.94
C LYS B 558 39.21 14.19 12.68
N PHE B 559 38.51 14.79 11.72
CA PHE B 559 38.25 14.13 10.45
C PHE B 559 39.54 13.99 9.65
N LEU B 560 39.62 12.91 8.87
CA LEU B 560 40.77 12.71 8.01
C LEU B 560 40.75 13.74 6.88
N PRO B 561 41.90 14.02 6.28
CA PRO B 561 41.95 15.07 5.24
C PRO B 561 40.97 14.82 4.10
N PHE B 562 40.82 13.58 3.66
CA PHE B 562 39.86 13.28 2.60
C PHE B 562 38.43 13.24 3.11
N GLN B 563 38.22 12.85 4.36
CA GLN B 563 36.87 12.73 4.89
C GLN B 563 36.16 14.07 4.86
N GLN B 564 34.88 14.04 4.50
CA GLN B 564 34.05 15.25 4.40
C GLN B 564 32.90 15.23 5.39
N PHE B 565 32.11 14.17 5.42
CA PHE B 565 30.94 14.08 6.28
C PHE B 565 31.18 13.10 7.41
N GLY B 566 30.20 12.98 8.30
CA GLY B 566 30.28 12.05 9.41
C GLY B 566 28.94 11.41 9.66
N ARG B 567 28.99 10.26 10.34
CA ARG B 567 27.78 9.50 10.63
C ARG B 567 28.00 8.68 11.89
N ASP B 568 26.90 8.23 12.47
CA ASP B 568 26.88 7.43 13.68
C ASP B 568 26.45 6.00 13.37
N ILE B 569 26.30 5.19 14.42
CA ILE B 569 25.89 3.81 14.25
C ILE B 569 24.51 3.73 13.60
N ALA B 570 23.69 4.77 13.77
CA ALA B 570 22.34 4.78 13.23
C ALA B 570 22.29 5.21 11.76
N ASP B 571 23.44 5.52 11.15
CA ASP B 571 23.50 5.95 9.76
C ASP B 571 22.84 7.32 9.58
N THR B 572 23.01 8.19 10.57
CA THR B 572 22.47 9.54 10.55
C THR B 572 23.60 10.54 10.70
N THR B 573 23.55 11.62 9.91
CA THR B 573 24.60 12.62 9.96
C THR B 573 24.67 13.24 11.35
N ASP B 574 25.91 13.35 11.87
CA ASP B 574 26.12 13.96 13.18
C ASP B 574 27.33 14.89 13.19
N ALA B 575 27.99 15.09 12.04
CA ALA B 575 29.15 15.97 11.96
C ALA B 575 29.42 16.26 10.50
N VAL B 576 29.68 17.53 10.19
CA VAL B 576 29.92 17.97 8.82
C VAL B 576 31.15 18.86 8.80
N ARG B 577 31.97 18.70 7.76
CA ARG B 577 33.17 19.52 7.59
C ARG B 577 32.85 20.70 6.68
N ASP B 578 33.28 21.88 7.09
CA ASP B 578 33.05 23.07 6.29
C ASP B 578 33.82 22.97 4.99
N PRO B 579 33.16 23.03 3.82
CA PRO B 579 33.90 22.92 2.56
C PRO B 579 34.87 24.06 2.31
N GLN B 580 34.68 25.22 2.95
CA GLN B 580 35.53 26.38 2.74
C GLN B 580 36.70 26.45 3.71
N THR B 581 36.75 25.59 4.72
CA THR B 581 37.84 25.61 5.68
C THR B 581 37.89 24.27 6.40
N LEU B 582 39.08 23.92 6.87
CA LEU B 582 39.30 22.64 7.56
C LEU B 582 38.72 22.69 8.98
N GLU B 583 37.39 22.78 9.03
CA GLU B 583 36.65 22.87 10.28
C GLU B 583 35.53 21.83 10.27
N ILE B 584 35.30 21.22 11.43
CA ILE B 584 34.29 20.19 11.60
C ILE B 584 33.26 20.70 12.60
N LEU B 585 31.98 20.62 12.23
CA LEU B 585 30.88 21.10 13.04
C LEU B 585 29.88 19.98 13.28
N ASP B 586 29.40 19.88 14.52
CA ASP B 586 28.43 18.86 14.88
C ASP B 586 27.03 19.26 14.44
N ILE B 587 26.15 18.26 14.36
CA ILE B 587 24.75 18.46 13.97
C ILE B 587 23.87 17.76 14.98
N THR B 588 22.88 18.47 15.50
CA THR B 588 21.94 17.92 16.48
C THR B 588 20.56 18.50 16.22
N PRO B 589 19.50 17.82 16.66
CA PRO B 589 18.15 18.39 16.53
C PRO B 589 18.03 19.69 17.30
N CYS B 590 17.19 20.58 16.79
CA CYS B 590 17.11 21.93 17.35
C CYS B 590 16.66 21.90 18.80
N SER B 591 15.39 21.54 19.05
CA SER B 591 14.96 21.26 20.42
C SER B 591 14.16 19.97 20.55
N PHE B 592 13.23 19.71 19.61
CA PHE B 592 12.46 18.47 19.62
C PHE B 592 11.95 18.02 20.98
N GLY B 593 10.99 18.73 21.56
CA GLY B 593 10.39 18.25 22.79
C GLY B 593 8.90 18.06 22.62
N GLY B 594 8.29 17.51 23.66
CA GLY B 594 6.86 17.37 23.76
C GLY B 594 6.33 18.18 24.94
N VAL B 595 5.04 18.51 24.87
CA VAL B 595 4.39 19.36 25.86
C VAL B 595 3.37 18.52 26.62
N SER B 596 3.47 18.52 27.95
CA SER B 596 2.53 17.85 28.82
C SER B 596 1.91 18.87 29.76
N VAL B 597 0.63 18.69 30.07
CA VAL B 597 -0.11 19.60 30.93
C VAL B 597 -0.36 18.90 32.25
N ILE B 598 0.40 19.28 33.27
CA ILE B 598 0.17 18.80 34.63
C ILE B 598 -0.92 19.67 35.24
N THR B 599 -2.13 19.12 35.34
CA THR B 599 -3.29 19.88 35.76
C THR B 599 -4.04 19.10 36.84
N PRO B 600 -4.47 19.75 37.91
CA PRO B 600 -5.38 19.07 38.85
C PRO B 600 -6.78 19.00 38.27
N GLY B 601 -7.66 18.31 38.98
CA GLY B 601 -9.04 18.18 38.54
C GLY B 601 -9.68 19.54 38.33
N THR B 602 -10.34 19.72 37.18
CA THR B 602 -10.98 21.01 36.89
C THR B 602 -12.03 21.36 37.93
N ASN B 603 -12.58 20.37 38.63
CA ASN B 603 -13.53 20.63 39.71
C ASN B 603 -12.89 21.31 40.91
N THR B 604 -11.56 21.36 40.97
CA THR B 604 -10.84 21.97 42.07
C THR B 604 -10.22 23.31 41.70
N SER B 605 -9.48 23.38 40.60
CA SER B 605 -8.81 24.61 40.20
C SER B 605 -8.64 24.59 38.68
N ASN B 606 -8.18 25.71 38.14
CA ASN B 606 -7.97 25.87 36.71
C ASN B 606 -6.53 26.10 36.30
N GLN B 607 -5.70 26.65 37.19
CA GLN B 607 -4.30 26.86 36.86
C GLN B 607 -3.60 25.54 36.63
N VAL B 608 -2.67 25.51 35.67
CA VAL B 608 -1.99 24.30 35.25
C VAL B 608 -0.51 24.59 35.08
N ALA B 609 0.28 23.51 35.01
CA ALA B 609 1.70 23.58 34.76
C ALA B 609 2.03 22.92 33.42
N VAL B 610 3.09 23.40 32.78
CA VAL B 610 3.51 22.93 31.48
C VAL B 610 4.88 22.31 31.60
N LEU B 611 5.02 21.08 31.10
CA LEU B 611 6.30 20.37 31.09
C LEU B 611 6.74 20.19 29.65
N TYR B 612 7.95 20.68 29.35
CA TYR B 612 8.58 20.51 28.05
C TYR B 612 9.64 19.43 28.18
N GLN B 613 9.52 18.38 27.37
CA GLN B 613 10.33 17.19 27.56
C GLN B 613 11.76 17.42 27.07
N ASP B 614 12.72 17.08 27.92
CA ASP B 614 14.15 17.07 27.59
C ASP B 614 14.54 18.30 26.78
N VAL B 615 14.35 19.47 27.38
CA VAL B 615 14.78 20.73 26.80
C VAL B 615 15.18 21.67 27.93
N ASN B 616 16.25 22.44 27.69
CA ASN B 616 16.68 23.43 28.66
C ASN B 616 15.64 24.54 28.75
N CYS B 617 15.44 25.06 29.97
CA CYS B 617 14.44 26.10 30.16
C CYS B 617 14.77 27.36 29.37
N THR B 618 16.06 27.65 29.18
CA THR B 618 16.43 28.85 28.44
C THR B 618 15.84 28.86 27.04
N GLU B 619 15.69 27.68 26.43
CA GLU B 619 15.11 27.57 25.09
C GLU B 619 13.60 27.47 25.09
N VAL B 620 12.97 27.32 26.26
CA VAL B 620 11.50 27.19 26.30
C VAL B 620 10.82 28.42 25.74
N PRO B 621 11.21 29.65 26.08
CA PRO B 621 10.52 30.82 25.49
C PRO B 621 10.54 30.80 23.98
N VAL B 622 11.66 30.38 23.37
CA VAL B 622 11.73 30.24 21.91
C VAL B 622 11.17 28.90 21.45
N ALA B 623 10.96 27.95 22.36
CA ALA B 623 10.47 26.64 21.97
C ALA B 623 9.08 26.74 21.32
N ILE B 624 8.20 27.54 21.91
CA ILE B 624 6.86 27.76 21.37
C ILE B 624 6.76 29.07 20.59
N HIS B 625 7.88 29.79 20.46
CA HIS B 625 8.03 31.04 19.74
C HIS B 625 7.40 32.22 20.49
N ALA B 626 6.70 31.99 21.59
CA ALA B 626 6.06 33.07 22.37
C ALA B 626 5.22 33.98 21.49
N ASP B 627 4.72 33.46 20.36
CA ASP B 627 3.93 34.24 19.42
C ASP B 627 2.44 34.02 19.58
N GLN B 628 2.02 33.31 20.63
CA GLN B 628 0.60 33.06 20.85
C GLN B 628 -0.05 34.30 21.47
N LEU B 629 -1.30 34.13 21.90
CA LEU B 629 -2.03 35.25 22.47
C LEU B 629 -1.34 35.72 23.74
N THR B 630 -1.38 37.03 24.00
CA THR B 630 -0.49 37.61 25.00
C THR B 630 -0.64 37.00 26.39
N PRO B 631 -1.84 36.77 26.92
CA PRO B 631 -1.94 36.19 28.26
C PRO B 631 -1.86 34.66 28.22
N THR B 632 -2.06 34.01 29.37
CA THR B 632 -2.11 32.56 29.42
C THR B 632 -0.79 31.94 28.95
N TRP B 633 -0.69 31.60 27.67
CA TRP B 633 0.48 30.88 27.17
C TRP B 633 1.77 31.60 27.55
N ARG B 634 1.83 32.91 27.34
CA ARG B 634 3.05 33.65 27.66
C ARG B 634 3.41 33.48 29.14
N VAL B 635 2.41 33.52 30.03
CA VAL B 635 2.68 33.30 31.45
C VAL B 635 3.34 31.94 31.65
N TYR B 636 2.87 30.92 30.94
CA TYR B 636 3.47 29.59 31.03
C TYR B 636 4.74 29.47 30.18
N SER B 637 5.02 30.43 29.31
CA SER B 637 6.25 30.39 28.53
C SER B 637 7.48 30.51 29.44
N THR B 638 7.43 31.41 30.42
CA THR B 638 8.51 31.57 31.38
C THR B 638 7.96 32.35 32.57
N GLY B 639 8.69 32.29 33.68
CA GLY B 639 8.25 32.97 34.88
C GLY B 639 9.21 32.69 36.03
N SER B 640 8.80 33.16 37.21
CA SER B 640 9.62 32.96 38.40
C SER B 640 9.73 31.49 38.75
N ASN B 641 8.63 30.74 38.64
CA ASN B 641 8.59 29.33 39.01
C ASN B 641 8.95 28.50 37.78
N VAL B 642 10.25 28.29 37.57
CA VAL B 642 10.77 27.47 36.50
C VAL B 642 11.75 26.47 37.10
N PHE B 643 11.57 25.20 36.76
CA PHE B 643 12.37 24.12 37.33
C PHE B 643 12.92 23.25 36.22
N GLN B 644 14.11 22.70 36.46
CA GLN B 644 14.78 21.83 35.51
C GLN B 644 14.99 20.45 36.12
N THR B 645 14.68 19.41 35.36
CA THR B 645 14.81 18.04 35.82
C THR B 645 15.20 17.17 34.64
N ARG B 646 15.61 15.93 34.94
CA ARG B 646 15.95 14.99 33.88
C ARG B 646 14.78 14.82 32.91
N ALA B 647 13.54 14.92 33.40
CA ALA B 647 12.38 14.85 32.53
C ALA B 647 12.33 16.03 31.56
N GLY B 648 12.64 17.22 32.02
CA GLY B 648 12.61 18.40 31.18
C GLY B 648 12.42 19.66 32.00
N CYS B 649 11.81 20.66 31.38
CA CYS B 649 11.58 21.96 32.02
C CYS B 649 10.13 22.09 32.43
N LEU B 650 9.89 22.41 33.69
CA LEU B 650 8.56 22.56 34.25
C LEU B 650 8.33 24.03 34.58
N ILE B 651 7.23 24.58 34.07
CA ILE B 651 6.87 25.98 34.28
C ILE B 651 5.46 26.03 34.86
N GLY B 652 5.29 26.81 35.93
CA GLY B 652 4.02 26.91 36.62
C GLY B 652 3.94 26.10 37.90
N ALA B 653 5.01 25.42 38.28
CA ALA B 653 5.06 24.64 39.51
C ALA B 653 6.23 25.14 40.36
N GLU B 654 5.97 25.37 41.64
CA GLU B 654 6.97 25.88 42.57
C GLU B 654 7.69 24.70 43.22
N HIS B 655 9.00 24.61 43.01
CA HIS B 655 9.79 23.55 43.62
C HIS B 655 9.82 23.72 45.13
N VAL B 656 9.66 22.61 45.84
CA VAL B 656 9.62 22.59 47.30
C VAL B 656 10.55 21.49 47.80
N ASN B 657 11.30 21.80 48.87
CA ASN B 657 12.19 20.81 49.45
C ASN B 657 11.42 19.62 50.02
N ASN B 658 10.27 19.89 50.63
CA ASN B 658 9.48 18.82 51.23
C ASN B 658 9.07 17.79 50.17
N SER B 659 9.08 16.53 50.59
CA SER B 659 8.74 15.41 49.72
C SER B 659 7.45 14.76 50.22
N TYR B 660 6.52 14.53 49.31
CA TYR B 660 5.23 13.91 49.62
C TYR B 660 4.99 12.75 48.67
N GLU B 661 3.87 12.06 48.87
CA GLU B 661 3.51 10.96 47.99
C GLU B 661 3.28 11.48 46.56
N CYS B 662 3.68 10.67 45.58
CA CYS B 662 3.54 11.07 44.18
C CYS B 662 2.07 11.27 43.83
N ASP B 663 1.68 12.51 43.57
CA ASP B 663 0.30 12.81 43.19
C ASP B 663 0.12 12.74 41.67
N ILE B 664 0.89 13.55 40.94
CA ILE B 664 0.87 13.53 39.47
C ILE B 664 2.25 13.10 38.99
N PRO B 665 2.41 11.93 38.37
CA PRO B 665 3.75 11.47 37.99
C PRO B 665 4.33 12.27 36.83
N ILE B 666 5.39 13.03 37.09
CA ILE B 666 6.09 13.77 36.05
C ILE B 666 7.23 12.94 35.48
N GLY B 667 8.07 12.37 36.34
CA GLY B 667 9.15 11.52 35.89
C GLY B 667 10.47 11.77 36.60
N ALA B 668 11.42 10.87 36.42
CA ALA B 668 12.74 10.97 37.06
C ALA B 668 12.59 11.09 38.58
N GLY B 669 11.64 10.35 39.14
CA GLY B 669 11.41 10.40 40.56
C GLY B 669 10.85 11.72 41.04
N ILE B 670 10.23 12.50 40.17
CA ILE B 670 9.68 13.81 40.50
C ILE B 670 8.21 13.82 40.15
N CYS B 671 7.39 14.30 41.09
CA CYS B 671 5.95 14.39 40.92
C CYS B 671 5.46 15.75 41.41
N ALA B 672 4.32 16.18 40.88
CA ALA B 672 3.72 17.46 41.22
C ALA B 672 2.37 17.24 41.87
N SER B 673 2.03 18.13 42.81
CA SER B 673 0.75 18.11 43.50
C SER B 673 0.22 19.53 43.61
N TYR B 674 -1.10 19.65 43.64
CA TYR B 674 -1.75 20.95 43.72
C TYR B 674 -1.79 21.51 45.15
N GLN B 675 -1.55 20.67 46.16
CA GLN B 675 -1.64 21.13 47.54
C GLN B 675 -0.62 22.23 47.79
N THR B 676 -1.03 23.23 48.58
CA THR B 676 -0.16 24.35 48.91
C THR B 676 1.10 23.87 49.62
N SER B 689 -2.06 30.88 49.51
CA SER B 689 -3.01 30.43 48.48
C SER B 689 -2.53 29.13 47.85
N GLN B 690 -3.49 28.31 47.42
CA GLN B 690 -3.15 27.04 46.79
C GLN B 690 -2.42 27.27 45.47
N SER B 691 -1.42 26.43 45.22
CA SER B 691 -0.64 26.53 43.99
C SER B 691 -0.04 25.17 43.67
N ILE B 692 0.36 25.00 42.42
CA ILE B 692 0.97 23.75 41.97
C ILE B 692 2.42 23.73 42.41
N ILE B 693 2.84 22.63 43.02
CA ILE B 693 4.21 22.46 43.50
C ILE B 693 4.76 21.16 42.92
N ALA B 694 6.08 21.11 42.78
CA ALA B 694 6.79 19.95 42.28
C ALA B 694 7.85 19.53 43.29
N TYR B 695 7.99 18.22 43.49
CA TYR B 695 8.91 17.70 44.49
C TYR B 695 9.38 16.32 44.04
N THR B 696 10.26 15.73 44.84
CA THR B 696 10.73 14.36 44.61
C THR B 696 9.86 13.42 45.42
N MET B 697 9.17 12.51 44.73
CA MET B 697 8.25 11.60 45.40
C MET B 697 8.98 10.81 46.47
N SER B 698 8.35 10.71 47.65
CA SER B 698 8.91 9.98 48.77
C SER B 698 8.46 8.52 48.68
N LEU B 699 9.42 7.60 48.67
CA LEU B 699 9.08 6.18 48.59
C LEU B 699 8.24 5.72 49.77
N GLY B 700 8.32 6.41 50.89
CA GLY B 700 7.54 6.05 52.06
C GLY B 700 8.11 6.70 53.31
N ALA B 701 7.42 6.43 54.42
CA ALA B 701 7.83 6.95 55.71
C ALA B 701 8.88 6.03 56.33
N GLU B 702 10.00 6.60 56.76
CA GLU B 702 11.06 5.81 57.36
C GLU B 702 10.55 5.13 58.63
N ASN B 703 10.90 3.85 58.77
CA ASN B 703 10.49 3.04 59.93
C ASN B 703 11.66 2.15 60.31
N SER B 704 12.49 2.63 61.25
CA SER B 704 13.65 1.88 61.72
C SER B 704 13.17 0.83 62.72
N VAL B 705 13.12 -0.42 62.27
CA VAL B 705 12.68 -1.50 63.15
C VAL B 705 13.70 -1.69 64.25
N ALA B 706 13.23 -1.72 65.50
CA ALA B 706 14.11 -1.91 66.65
C ALA B 706 14.51 -3.38 66.72
N TYR B 707 15.48 -3.74 65.88
CA TYR B 707 15.93 -5.12 65.79
C TYR B 707 16.99 -5.41 66.85
N SER B 708 16.86 -6.56 67.49
CA SER B 708 17.88 -7.03 68.43
C SER B 708 17.79 -8.55 68.50
N ASN B 709 18.92 -9.18 68.82
CA ASN B 709 19.00 -10.63 68.84
C ASN B 709 18.22 -11.26 70.00
N ASN B 710 17.72 -10.46 70.95
CA ASN B 710 16.99 -10.98 72.09
C ASN B 710 15.72 -10.18 72.32
N SER B 711 14.96 -9.92 71.25
CA SER B 711 13.70 -9.20 71.36
C SER B 711 12.80 -9.58 70.20
N ILE B 712 11.52 -9.79 70.50
CA ILE B 712 10.52 -10.13 69.51
C ILE B 712 9.29 -9.26 69.75
N ALA B 713 8.44 -9.18 68.74
CA ALA B 713 7.17 -8.46 68.82
C ALA B 713 6.05 -9.44 68.50
N ILE B 714 5.10 -9.58 69.41
CA ILE B 714 3.98 -10.49 69.28
C ILE B 714 2.70 -9.66 69.17
N PRO B 715 1.82 -9.93 68.21
CA PRO B 715 0.54 -9.20 68.17
C PRO B 715 -0.30 -9.49 69.40
N THR B 716 -1.00 -8.45 69.86
CA THR B 716 -1.99 -8.58 70.93
C THR B 716 -3.40 -8.31 70.45
N ASN B 717 -3.57 -7.83 69.22
CA ASN B 717 -4.88 -7.53 68.66
C ASN B 717 -4.82 -7.78 67.16
N PHE B 718 -5.98 -8.00 66.56
CA PHE B 718 -6.08 -8.35 65.16
C PHE B 718 -7.23 -7.59 64.51
N THR B 719 -7.15 -7.48 63.18
CA THR B 719 -8.18 -6.84 62.38
C THR B 719 -8.52 -7.74 61.21
N ILE B 720 -9.81 -7.96 60.97
CA ILE B 720 -10.28 -8.72 59.83
C ILE B 720 -10.57 -7.71 58.72
N SER B 721 -9.53 -7.38 57.96
CA SER B 721 -9.66 -6.40 56.90
C SER B 721 -10.26 -7.05 55.67
N VAL B 722 -10.93 -6.23 54.85
CA VAL B 722 -11.49 -6.67 53.58
C VAL B 722 -11.01 -5.72 52.49
N THR B 723 -10.46 -6.28 51.42
CA THR B 723 -9.94 -5.49 50.31
C THR B 723 -10.57 -5.97 49.01
N THR B 724 -10.92 -5.01 48.15
CA THR B 724 -11.57 -5.30 46.88
C THR B 724 -10.54 -5.39 45.77
N GLU B 725 -10.55 -6.50 45.04
CA GLU B 725 -9.68 -6.71 43.89
C GLU B 725 -10.56 -6.92 42.66
N ILE B 726 -10.41 -6.05 41.68
CA ILE B 726 -11.24 -6.07 40.47
C ILE B 726 -10.40 -6.59 39.31
N LEU B 727 -10.92 -7.59 38.60
CA LEU B 727 -10.21 -8.19 37.48
C LEU B 727 -11.15 -8.28 36.28
N PRO B 728 -10.79 -7.71 35.13
CA PRO B 728 -11.58 -7.95 33.92
C PRO B 728 -11.59 -9.43 33.57
N VAL B 729 -12.72 -9.90 33.06
CA VAL B 729 -12.90 -11.32 32.76
C VAL B 729 -13.16 -11.51 31.28
N SER B 730 -13.71 -10.50 30.62
CA SER B 730 -14.04 -10.60 29.22
C SER B 730 -14.26 -9.21 28.64
N MET B 731 -14.46 -9.15 27.33
CA MET B 731 -14.73 -7.92 26.62
C MET B 731 -15.90 -8.14 25.66
N THR B 732 -16.41 -7.04 25.11
CA THR B 732 -17.52 -7.13 24.17
C THR B 732 -17.14 -7.99 22.98
N LYS B 733 -18.03 -8.91 22.60
CA LYS B 733 -17.79 -9.83 21.50
C LYS B 733 -18.07 -9.10 20.17
N THR B 734 -17.13 -8.24 19.82
CA THR B 734 -17.27 -7.44 18.61
C THR B 734 -16.97 -8.27 17.37
N SER B 735 -17.88 -8.21 16.40
CA SER B 735 -17.71 -8.87 15.11
C SER B 735 -17.85 -7.82 14.01
N VAL B 736 -16.94 -7.83 13.05
CA VAL B 736 -16.88 -6.81 12.01
C VAL B 736 -17.15 -7.50 10.68
N ASP B 737 -18.13 -6.98 9.93
CA ASP B 737 -18.40 -7.43 8.58
C ASP B 737 -17.38 -6.78 7.67
N CYS B 738 -16.27 -7.48 7.42
CA CYS B 738 -15.15 -6.89 6.68
C CYS B 738 -15.59 -6.38 5.32
N THR B 739 -16.30 -7.22 4.56
CA THR B 739 -16.70 -6.81 3.22
C THR B 739 -17.60 -5.58 3.25
N MET B 740 -18.59 -5.58 4.16
CA MET B 740 -19.47 -4.42 4.27
C MET B 740 -18.70 -3.18 4.72
N TYR B 741 -17.85 -3.32 5.72
CA TYR B 741 -17.12 -2.16 6.24
C TYR B 741 -16.23 -1.56 5.17
N ILE B 742 -15.52 -2.40 4.42
CA ILE B 742 -14.62 -1.89 3.39
C ILE B 742 -15.40 -1.31 2.23
N CYS B 743 -16.48 -1.98 1.80
CA CYS B 743 -17.21 -1.60 0.60
C CYS B 743 -18.54 -0.93 0.88
N GLY B 744 -19.41 -1.54 1.68
CA GLY B 744 -20.73 -0.98 1.92
C GLY B 744 -21.64 -1.10 0.71
N ASP B 745 -22.02 -2.34 0.38
CA ASP B 745 -22.97 -2.65 -0.69
C ASP B 745 -22.52 -2.07 -2.03
N SER B 746 -21.19 -2.04 -2.22
CA SER B 746 -20.58 -1.60 -3.47
C SER B 746 -20.09 -2.83 -4.22
N THR B 747 -20.80 -3.19 -5.29
CA THR B 747 -20.44 -4.39 -6.05
C THR B 747 -19.05 -4.25 -6.67
N GLU B 748 -18.74 -3.06 -7.22
CA GLU B 748 -17.43 -2.85 -7.81
C GLU B 748 -16.33 -2.97 -6.77
N CYS B 749 -16.55 -2.41 -5.58
CA CYS B 749 -15.57 -2.54 -4.52
C CYS B 749 -15.40 -3.99 -4.09
N SER B 750 -16.50 -4.74 -4.02
CA SER B 750 -16.41 -6.15 -3.67
C SER B 750 -15.60 -6.92 -4.71
N ASN B 751 -15.84 -6.65 -5.99
CA ASN B 751 -15.07 -7.31 -7.04
C ASN B 751 -13.60 -6.95 -6.94
N LEU B 752 -13.29 -5.68 -6.69
CA LEU B 752 -11.89 -5.27 -6.54
C LEU B 752 -11.24 -5.97 -5.35
N LEU B 753 -11.95 -6.06 -4.23
CA LEU B 753 -11.40 -6.69 -3.03
C LEU B 753 -11.24 -8.18 -3.20
N LEU B 754 -12.06 -8.81 -4.05
CA LEU B 754 -11.93 -10.24 -4.28
C LEU B 754 -10.55 -10.60 -4.81
N GLN B 755 -9.89 -9.65 -5.48
CA GLN B 755 -8.55 -9.88 -6.01
C GLN B 755 -7.48 -9.87 -4.93
N TYR B 756 -7.81 -9.46 -3.71
CA TYR B 756 -6.84 -9.36 -2.63
C TYR B 756 -6.69 -10.66 -1.86
N GLY B 757 -7.39 -11.71 -2.24
CA GLY B 757 -7.31 -12.99 -1.55
C GLY B 757 -8.51 -13.19 -0.65
N SER B 758 -8.25 -13.48 0.63
CA SER B 758 -9.29 -13.72 1.62
C SER B 758 -9.00 -13.01 2.94
N PHE B 759 -8.41 -11.82 2.89
CA PHE B 759 -8.08 -11.09 4.11
C PHE B 759 -9.29 -10.98 5.02
N CYS B 760 -10.45 -10.66 4.45
CA CYS B 760 -11.67 -10.56 5.24
C CYS B 760 -11.98 -11.89 5.93
N THR B 761 -11.68 -13.01 5.28
CA THR B 761 -11.92 -14.31 5.90
C THR B 761 -11.09 -14.47 7.17
N GLN B 762 -9.79 -14.14 7.10
CA GLN B 762 -8.95 -14.25 8.28
C GLN B 762 -9.38 -13.27 9.37
N LEU B 763 -9.79 -12.06 8.97
CA LEU B 763 -10.24 -11.10 9.98
C LEU B 763 -11.49 -11.60 10.69
N ASN B 764 -12.46 -12.14 9.93
CA ASN B 764 -13.67 -12.67 10.55
C ASN B 764 -13.34 -13.86 11.44
N ARG B 765 -12.43 -14.73 11.00
CA ARG B 765 -12.03 -15.86 11.83
C ARG B 765 -11.38 -15.40 13.12
N ALA B 766 -10.52 -14.39 13.05
CA ALA B 766 -9.88 -13.87 14.26
C ALA B 766 -10.91 -13.27 15.21
N LEU B 767 -11.86 -12.52 14.68
CA LEU B 767 -12.88 -11.92 15.55
C LEU B 767 -13.76 -12.98 16.19
N THR B 768 -14.14 -14.00 15.42
CA THR B 768 -14.92 -15.10 15.99
C THR B 768 -14.12 -15.83 17.07
N GLY B 769 -12.83 -16.05 16.83
CA GLY B 769 -11.99 -16.66 17.84
C GLY B 769 -11.89 -15.82 19.09
N ILE B 770 -11.83 -14.48 18.93
CA ILE B 770 -11.80 -13.60 20.08
C ILE B 770 -13.10 -13.70 20.87
N ALA B 771 -14.24 -13.74 20.18
CA ALA B 771 -15.52 -13.87 20.87
C ALA B 771 -15.59 -15.20 21.63
N VAL B 772 -15.18 -16.29 20.99
CA VAL B 772 -15.18 -17.59 21.65
C VAL B 772 -14.23 -17.57 22.84
N GLU B 773 -13.10 -16.87 22.70
CA GLU B 773 -12.15 -16.75 23.80
C GLU B 773 -12.78 -16.03 24.99
N GLN B 774 -13.50 -14.94 24.72
CA GLN B 774 -14.18 -14.23 25.81
C GLN B 774 -15.22 -15.11 26.48
N ASP B 775 -16.00 -15.84 25.68
CA ASP B 775 -17.00 -16.74 26.26
C ASP B 775 -16.35 -17.81 27.12
N LYS B 776 -15.24 -18.39 26.63
CA LYS B 776 -14.54 -19.41 27.40
C LYS B 776 -13.96 -18.83 28.68
N ASN B 777 -13.43 -17.62 28.62
CA ASN B 777 -12.91 -16.98 29.82
C ASN B 777 -14.01 -16.78 30.86
N THR B 778 -15.16 -16.28 30.42
CA THR B 778 -16.28 -16.09 31.34
C THR B 778 -16.72 -17.41 31.95
N GLN B 779 -16.83 -18.46 31.12
CA GLN B 779 -17.24 -19.76 31.62
C GLN B 779 -16.24 -20.28 32.65
N GLU B 780 -14.95 -20.19 32.34
CA GLU B 780 -13.93 -20.69 33.26
C GLU B 780 -13.97 -19.92 34.58
N VAL B 781 -14.15 -18.61 34.52
CA VAL B 781 -14.15 -17.81 35.74
C VAL B 781 -15.38 -18.12 36.58
N PHE B 782 -16.54 -18.27 35.95
CA PHE B 782 -17.81 -18.34 36.69
C PHE B 782 -18.45 -19.72 36.72
N ALA B 783 -18.00 -20.66 35.89
CA ALA B 783 -18.58 -22.00 35.85
C ALA B 783 -17.75 -23.01 36.62
N GLN B 784 -17.13 -22.59 37.73
CA GLN B 784 -16.30 -23.46 38.54
C GLN B 784 -17.10 -24.24 39.58
N VAL B 785 -18.41 -24.04 39.65
CA VAL B 785 -19.27 -24.71 40.64
C VAL B 785 -20.11 -25.76 39.91
N LYS B 786 -20.05 -27.00 40.40
CA LYS B 786 -20.78 -28.08 39.75
C LYS B 786 -22.28 -27.90 39.87
N GLN B 787 -22.76 -27.48 41.04
CA GLN B 787 -24.19 -27.36 41.31
C GLN B 787 -24.51 -25.97 41.82
N ILE B 788 -25.77 -25.57 41.65
CA ILE B 788 -26.22 -24.24 42.04
C ILE B 788 -26.68 -24.36 43.50
N TYR B 789 -25.74 -24.13 44.42
CA TYR B 789 -26.06 -24.17 45.83
C TYR B 789 -26.90 -22.96 46.22
N LYS B 790 -27.79 -23.17 47.20
CA LYS B 790 -28.70 -22.13 47.66
C LYS B 790 -28.53 -21.94 49.16
N THR B 791 -28.53 -20.68 49.59
CA THR B 791 -28.39 -20.38 51.01
C THR B 791 -29.64 -20.78 51.77
N PRO B 792 -29.51 -21.05 53.07
CA PRO B 792 -30.69 -21.44 53.87
C PRO B 792 -31.65 -20.28 54.01
N PRO B 793 -32.93 -20.56 54.26
CA PRO B 793 -33.89 -19.45 54.42
C PRO B 793 -33.53 -18.48 55.53
N ILE B 794 -32.92 -18.96 56.61
CA ILE B 794 -32.56 -18.14 57.76
C ILE B 794 -31.05 -17.96 57.77
N LYS B 795 -30.61 -16.71 57.91
CA LYS B 795 -29.18 -16.38 57.91
C LYS B 795 -28.65 -16.44 59.34
N ASP B 796 -28.56 -17.67 59.86
CA ASP B 796 -28.03 -17.93 61.20
C ASP B 796 -26.59 -18.38 61.05
N PHE B 797 -25.69 -17.41 60.93
CA PHE B 797 -24.27 -17.66 60.72
C PHE B 797 -23.43 -17.19 61.91
N GLY B 798 -23.96 -17.30 63.12
CA GLY B 798 -23.21 -16.91 64.30
C GLY B 798 -22.83 -15.44 64.33
N GLY B 799 -23.74 -14.57 63.89
CA GLY B 799 -23.51 -13.14 63.90
C GLY B 799 -22.94 -12.56 62.63
N PHE B 800 -22.37 -13.40 61.77
CA PHE B 800 -21.83 -12.90 60.51
C PHE B 800 -22.96 -12.45 59.59
N ASN B 801 -22.73 -11.35 58.88
CA ASN B 801 -23.73 -10.76 57.99
C ASN B 801 -23.23 -10.86 56.55
N PHE B 802 -24.09 -11.39 55.67
CA PHE B 802 -23.78 -11.52 54.26
C PHE B 802 -24.85 -10.89 53.38
N SER B 803 -25.68 -10.00 53.94
CA SER B 803 -26.73 -9.38 53.15
C SER B 803 -26.16 -8.56 52.01
N GLN B 804 -25.06 -7.84 52.27
CA GLN B 804 -24.48 -6.98 51.24
C GLN B 804 -23.95 -7.80 50.06
N ILE B 805 -23.57 -9.06 50.29
CA ILE B 805 -23.02 -9.89 49.24
C ILE B 805 -24.01 -10.93 48.70
N LEU B 806 -25.02 -11.30 49.49
CA LEU B 806 -26.00 -12.27 49.04
C LEU B 806 -27.05 -11.62 48.14
N PRO B 807 -27.72 -12.40 47.30
CA PRO B 807 -28.75 -11.83 46.43
C PRO B 807 -29.89 -11.23 47.25
N ASP B 808 -30.51 -10.19 46.68
CA ASP B 808 -31.65 -9.54 47.31
C ASP B 808 -32.93 -9.93 46.59
N PRO B 809 -33.80 -10.75 47.20
CA PRO B 809 -35.04 -11.12 46.50
C PRO B 809 -35.93 -9.94 46.16
N SER B 810 -35.90 -8.87 46.95
CA SER B 810 -36.80 -7.74 46.72
C SER B 810 -36.54 -7.12 45.35
N LYS B 811 -35.28 -6.94 44.98
CA LYS B 811 -34.96 -6.34 43.70
C LYS B 811 -35.40 -7.26 42.55
N PRO B 812 -35.71 -6.69 41.39
CA PRO B 812 -36.10 -7.54 40.25
C PRO B 812 -35.02 -8.54 39.88
N SER B 813 -33.80 -8.04 39.64
CA SER B 813 -32.66 -8.92 39.39
C SER B 813 -32.07 -9.37 40.72
N LYS B 814 -31.87 -10.69 40.85
CA LYS B 814 -31.35 -11.27 42.10
C LYS B 814 -29.85 -10.97 42.21
N ARG B 815 -29.56 -9.69 42.43
CA ARG B 815 -28.20 -9.21 42.58
C ARG B 815 -28.01 -8.62 43.96
N SER B 816 -26.82 -8.85 44.53
CA SER B 816 -26.52 -8.34 45.86
C SER B 816 -26.34 -6.82 45.82
N PHE B 817 -26.32 -6.21 47.00
CA PHE B 817 -26.17 -4.77 47.10
C PHE B 817 -24.85 -4.32 46.49
N ILE B 818 -23.76 -5.03 46.81
CA ILE B 818 -22.46 -4.69 46.23
C ILE B 818 -22.49 -4.92 44.72
N GLU B 819 -23.10 -6.02 44.27
CA GLU B 819 -23.20 -6.26 42.84
C GLU B 819 -24.02 -5.17 42.15
N ASP B 820 -25.12 -4.74 42.77
CA ASP B 820 -25.93 -3.67 42.20
C ASP B 820 -25.13 -2.38 42.12
N LEU B 821 -24.37 -2.06 43.17
CA LEU B 821 -23.54 -0.85 43.14
C LEU B 821 -22.50 -0.93 42.03
N LEU B 822 -21.86 -2.09 41.89
CA LEU B 822 -20.85 -2.24 40.83
C LEU B 822 -21.48 -2.08 39.46
N PHE B 823 -22.65 -2.68 39.25
CA PHE B 823 -23.33 -2.55 37.96
C PHE B 823 -23.71 -1.10 37.68
N ASN B 824 -24.23 -0.40 38.69
CA ASN B 824 -24.66 0.99 38.48
C ASN B 824 -23.47 1.90 38.21
N LYS B 825 -22.36 1.72 38.93
CA LYS B 825 -21.22 2.60 38.77
C LYS B 825 -20.64 2.53 37.36
N VAL B 826 -20.55 1.32 36.81
CA VAL B 826 -20.02 1.14 35.46
C VAL B 826 -21.11 1.53 34.46
N THR B 827 -20.76 2.44 33.55
CA THR B 827 -21.71 2.90 32.54
C THR B 827 -20.97 3.26 31.25
N LEU B 849 -22.97 4.26 24.44
CA LEU B 849 -22.15 4.62 23.30
C LEU B 849 -22.01 3.45 22.34
N ILE B 850 -21.79 2.25 22.89
CA ILE B 850 -21.60 1.07 22.07
C ILE B 850 -22.85 0.78 21.25
N CYS B 851 -24.02 0.85 21.88
CA CYS B 851 -25.26 0.52 21.19
C CYS B 851 -25.51 1.45 20.00
N ALA B 852 -24.89 2.62 19.98
CA ALA B 852 -25.03 3.57 18.88
C ALA B 852 -23.88 3.45 17.88
N GLN B 853 -23.28 2.27 17.76
CA GLN B 853 -22.18 2.05 16.81
C GLN B 853 -22.45 0.85 15.90
N LYS B 854 -23.57 0.16 16.07
CA LYS B 854 -23.90 -1.00 15.27
C LYS B 854 -24.60 -0.59 13.97
N PHE B 855 -23.88 0.17 13.14
CA PHE B 855 -24.41 0.65 11.89
C PHE B 855 -23.48 0.35 10.72
N ASN B 856 -22.17 0.27 10.99
CA ASN B 856 -21.16 0.07 9.97
C ASN B 856 -20.61 -1.36 10.01
N GLY B 857 -21.46 -2.32 10.34
CA GLY B 857 -21.08 -3.72 10.36
C GLY B 857 -20.58 -4.26 11.67
N LEU B 858 -21.11 -3.77 12.80
CA LEU B 858 -20.68 -4.19 14.12
C LEU B 858 -21.82 -4.90 14.83
N THR B 859 -21.55 -6.11 15.34
CA THR B 859 -22.47 -6.86 16.17
C THR B 859 -21.74 -7.23 17.46
N VAL B 860 -22.17 -6.65 18.57
CA VAL B 860 -21.41 -6.70 19.82
C VAL B 860 -22.21 -7.33 20.94
N LEU B 861 -23.50 -7.01 21.02
CA LEU B 861 -24.26 -7.25 22.24
C LEU B 861 -24.32 -8.73 22.66
N PRO B 862 -24.64 -9.69 21.80
CA PRO B 862 -25.07 -11.00 22.29
C PRO B 862 -23.96 -11.72 23.05
N PRO B 863 -24.10 -11.89 24.38
CA PRO B 863 -23.14 -12.71 25.11
C PRO B 863 -23.63 -14.14 25.28
N LEU B 864 -22.72 -15.09 25.52
CA LEU B 864 -23.14 -16.46 25.77
C LEU B 864 -23.94 -16.57 27.06
N LEU B 865 -23.45 -15.92 28.12
CA LEU B 865 -24.09 -15.95 29.43
C LEU B 865 -24.59 -14.56 29.79
N THR B 866 -25.85 -14.47 30.18
CA THR B 866 -26.43 -13.19 30.58
C THR B 866 -25.98 -12.82 31.98
N ASP B 867 -26.21 -11.56 32.34
CA ASP B 867 -25.85 -11.10 33.68
C ASP B 867 -26.56 -11.91 34.76
N GLU B 868 -27.79 -12.33 34.49
CA GLU B 868 -28.54 -13.11 35.47
C GLU B 868 -27.84 -14.44 35.77
N MET B 869 -27.34 -15.12 34.74
CA MET B 869 -26.67 -16.39 34.95
C MET B 869 -25.37 -16.21 35.71
N ILE B 870 -24.62 -15.15 35.42
CA ILE B 870 -23.39 -14.88 36.16
C ILE B 870 -23.71 -14.58 37.62
N ALA B 871 -24.78 -13.82 37.86
CA ALA B 871 -25.20 -13.55 39.23
C ALA B 871 -25.59 -14.84 39.95
N GLN B 872 -26.28 -15.73 39.26
CA GLN B 872 -26.65 -17.01 39.85
C GLN B 872 -25.40 -17.83 40.18
N TYR B 873 -24.41 -17.84 39.28
CA TYR B 873 -23.17 -18.55 39.55
C TYR B 873 -22.46 -17.98 40.77
N THR B 874 -22.39 -16.65 40.87
CA THR B 874 -21.76 -16.04 42.04
C THR B 874 -22.52 -16.37 43.32
N SER B 875 -23.86 -16.36 43.26
CA SER B 875 -24.65 -16.71 44.42
C SER B 875 -24.40 -18.15 44.84
N ALA B 876 -24.32 -19.07 43.87
CA ALA B 876 -24.03 -20.46 44.19
C ALA B 876 -22.65 -20.60 44.82
N LEU B 877 -21.66 -19.89 44.29
CA LEU B 877 -20.33 -19.93 44.88
C LEU B 877 -20.34 -19.41 46.31
N LEU B 878 -21.06 -18.31 46.54
CA LEU B 878 -21.15 -17.76 47.89
C LEU B 878 -21.83 -18.74 48.84
N ALA B 879 -22.92 -19.36 48.39
CA ALA B 879 -23.62 -20.33 49.24
C ALA B 879 -22.72 -21.52 49.56
N GLY B 880 -21.99 -22.02 48.58
CA GLY B 880 -21.08 -23.12 48.84
C GLY B 880 -19.98 -22.74 49.81
N THR B 881 -19.43 -21.53 49.65
CA THR B 881 -18.36 -21.09 50.54
C THR B 881 -18.88 -20.89 51.96
N ILE B 882 -20.10 -20.40 52.11
CA ILE B 882 -20.64 -20.12 53.44
C ILE B 882 -21.04 -21.41 54.12
N THR B 883 -21.98 -22.16 53.52
CA THR B 883 -22.51 -23.35 54.17
C THR B 883 -21.49 -24.48 54.19
N SER B 884 -20.78 -24.70 53.08
CA SER B 884 -19.90 -25.85 52.94
C SER B 884 -18.42 -25.50 53.08
N GLY B 885 -18.04 -24.23 52.94
CA GLY B 885 -16.64 -23.87 52.98
C GLY B 885 -15.93 -24.23 51.70
N TRP B 886 -14.72 -24.78 51.81
CA TRP B 886 -13.97 -25.22 50.64
C TRP B 886 -14.24 -26.68 50.29
N THR B 887 -15.08 -27.37 51.07
CA THR B 887 -15.35 -28.78 50.79
C THR B 887 -16.01 -28.96 49.43
N PHE B 888 -16.97 -28.09 49.10
CA PHE B 888 -17.67 -28.21 47.82
C PHE B 888 -16.75 -27.97 46.64
N GLY B 889 -15.61 -27.31 46.84
CA GLY B 889 -14.67 -27.07 45.77
C GLY B 889 -13.73 -28.22 45.47
N ALA B 890 -13.83 -29.33 46.20
CA ALA B 890 -12.96 -30.47 45.96
C ALA B 890 -13.72 -31.79 46.02
N GLY B 891 -15.03 -31.77 45.83
CA GLY B 891 -15.84 -32.97 45.89
C GLY B 891 -17.23 -32.64 46.38
N ALA B 892 -17.86 -33.63 47.02
CA ALA B 892 -19.19 -33.44 47.56
C ALA B 892 -19.18 -32.33 48.60
N ALA B 893 -20.20 -31.47 48.56
CA ALA B 893 -20.29 -30.35 49.50
C ALA B 893 -20.67 -30.88 50.87
N LEU B 894 -19.87 -30.52 51.88
CA LEU B 894 -20.09 -30.94 53.26
C LEU B 894 -20.48 -29.72 54.08
N GLN B 895 -21.66 -29.76 54.69
CA GLN B 895 -22.14 -28.64 55.49
C GLN B 895 -21.31 -28.49 56.75
N ILE B 896 -21.15 -27.25 57.19
CA ILE B 896 -20.39 -26.94 58.39
C ILE B 896 -20.79 -25.54 58.88
N PRO B 897 -20.93 -25.31 60.18
CA PRO B 897 -21.26 -23.96 60.65
C PRO B 897 -20.19 -22.96 60.23
N PHE B 898 -20.63 -21.74 59.90
CA PHE B 898 -19.69 -20.72 59.45
C PHE B 898 -18.67 -20.39 60.53
N ALA B 899 -19.07 -20.45 61.81
CA ALA B 899 -18.10 -20.23 62.88
C ALA B 899 -17.00 -21.27 62.85
N MET B 900 -17.36 -22.54 62.63
CA MET B 900 -16.36 -23.58 62.52
C MET B 900 -15.51 -23.43 61.27
N GLN B 901 -16.09 -22.92 60.18
CA GLN B 901 -15.30 -22.64 58.98
C GLN B 901 -14.25 -21.57 59.27
N MET B 902 -14.65 -20.49 59.95
CA MET B 902 -13.70 -19.46 60.34
C MET B 902 -12.64 -20.01 61.29
N ALA B 903 -13.03 -20.91 62.19
CA ALA B 903 -12.06 -21.55 63.07
C ALA B 903 -11.04 -22.36 62.27
N TYR B 904 -11.52 -23.11 61.27
CA TYR B 904 -10.62 -23.88 60.43
C TYR B 904 -9.65 -22.97 59.69
N ARG B 905 -10.16 -21.85 59.16
CA ARG B 905 -9.29 -20.92 58.43
C ARG B 905 -8.27 -20.28 59.37
N PHE B 906 -8.69 -19.92 60.58
CA PHE B 906 -7.74 -19.37 61.56
C PHE B 906 -6.65 -20.38 61.89
N ASN B 907 -7.03 -21.65 62.06
CA ASN B 907 -6.02 -22.69 62.26
C ASN B 907 -5.10 -22.80 61.06
N GLY B 908 -5.66 -22.66 59.85
CA GLY B 908 -4.84 -22.75 58.65
C GLY B 908 -3.82 -21.65 58.55
N ILE B 909 -4.18 -20.44 58.97
CA ILE B 909 -3.25 -19.30 58.87
C ILE B 909 -2.30 -19.31 60.06
N GLY B 910 -2.35 -20.36 60.88
CA GLY B 910 -1.44 -20.49 61.98
C GLY B 910 -1.89 -19.88 63.28
N VAL B 911 -3.19 -19.62 63.44
CA VAL B 911 -3.75 -19.05 64.65
C VAL B 911 -4.68 -20.07 65.27
N THR B 912 -4.50 -20.34 66.56
CA THR B 912 -5.31 -21.35 67.23
C THR B 912 -6.79 -20.98 67.14
N GLN B 913 -7.63 -21.98 66.90
CA GLN B 913 -9.06 -21.74 66.71
C GLN B 913 -9.73 -21.17 67.95
N ASN B 914 -9.10 -21.31 69.12
CA ASN B 914 -9.72 -20.82 70.35
C ASN B 914 -9.96 -19.32 70.32
N VAL B 915 -9.13 -18.58 69.57
CA VAL B 915 -9.27 -17.13 69.54
C VAL B 915 -10.62 -16.74 68.95
N LEU B 916 -11.04 -17.41 67.87
CA LEU B 916 -12.31 -17.07 67.24
C LEU B 916 -13.47 -17.29 68.21
N TYR B 917 -13.52 -18.46 68.83
CA TYR B 917 -14.62 -18.75 69.76
C TYR B 917 -14.57 -17.82 70.96
N GLU B 918 -13.39 -17.39 71.38
CA GLU B 918 -13.28 -16.44 72.47
C GLU B 918 -13.69 -15.03 72.04
N ASN B 919 -13.56 -14.71 70.75
CA ASN B 919 -13.91 -13.40 70.22
C ASN B 919 -14.78 -13.53 68.98
N GLN B 920 -15.72 -14.48 68.98
CA GLN B 920 -16.57 -14.69 67.83
C GLN B 920 -17.42 -13.45 67.54
N LYS B 921 -18.02 -12.88 68.58
CA LYS B 921 -18.86 -11.70 68.38
C LYS B 921 -18.03 -10.53 67.86
N LEU B 922 -16.84 -10.31 68.43
CA LEU B 922 -16.01 -9.22 67.97
C LEU B 922 -15.59 -9.41 66.52
N ILE B 923 -15.21 -10.64 66.15
CA ILE B 923 -14.80 -10.90 64.78
C ILE B 923 -15.96 -10.69 63.83
N ALA B 924 -17.16 -11.15 64.19
CA ALA B 924 -18.32 -10.94 63.34
C ALA B 924 -18.63 -9.47 63.17
N ASN B 925 -18.56 -8.70 64.26
CA ASN B 925 -18.80 -7.26 64.17
C ASN B 925 -17.76 -6.59 63.29
N GLN B 926 -16.49 -6.98 63.42
CA GLN B 926 -15.45 -6.42 62.57
C GLN B 926 -15.68 -6.75 61.11
N PHE B 927 -16.09 -7.99 60.82
CA PHE B 927 -16.36 -8.37 59.44
C PHE B 927 -17.52 -7.56 58.87
N ASN B 928 -18.59 -7.38 59.64
CA ASN B 928 -19.72 -6.59 59.17
C ASN B 928 -19.31 -5.14 58.93
N SER B 929 -18.51 -4.58 59.85
CA SER B 929 -18.06 -3.20 59.68
C SER B 929 -17.19 -3.06 58.43
N ALA B 930 -16.31 -4.04 58.19
CA ALA B 930 -15.48 -3.99 57.00
C ALA B 930 -16.31 -4.09 55.73
N ILE B 931 -17.33 -4.95 55.74
CA ILE B 931 -18.21 -5.07 54.58
C ILE B 931 -18.91 -3.74 54.31
N GLY B 932 -19.44 -3.12 55.36
CA GLY B 932 -20.08 -1.82 55.20
C GLY B 932 -19.12 -0.77 54.70
N LYS B 933 -17.89 -0.78 55.21
CA LYS B 933 -16.91 0.22 54.80
C LYS B 933 -16.55 0.05 53.33
N ILE B 934 -16.35 -1.19 52.87
CA ILE B 934 -16.02 -1.39 51.47
C ILE B 934 -17.21 -1.01 50.58
N GLN B 935 -18.43 -1.30 51.03
CA GLN B 935 -19.59 -0.88 50.25
C GLN B 935 -19.64 0.64 50.13
N ASP B 936 -19.41 1.34 51.24
CA ASP B 936 -19.43 2.80 51.21
C ASP B 936 -18.32 3.34 50.31
N SER B 937 -17.13 2.75 50.39
CA SER B 937 -16.03 3.20 49.55
C SER B 937 -16.35 3.00 48.07
N LEU B 938 -16.92 1.84 47.72
CA LEU B 938 -17.30 1.60 46.34
C LEU B 938 -18.35 2.59 45.87
N SER B 939 -19.35 2.87 46.72
CA SER B 939 -20.40 3.80 46.34
C SER B 939 -19.85 5.22 46.14
N SER B 940 -19.06 5.71 47.09
CA SER B 940 -18.58 7.08 47.03
C SER B 940 -17.51 7.24 45.95
N THR B 941 -16.56 6.31 45.89
CA THR B 941 -15.43 6.44 44.99
C THR B 941 -15.81 5.96 43.59
N ALA B 942 -15.67 6.84 42.60
CA ALA B 942 -15.95 6.49 41.21
C ALA B 942 -14.75 5.86 40.51
N SER B 943 -13.55 5.92 41.11
CA SER B 943 -12.36 5.33 40.53
C SER B 943 -12.08 3.92 41.05
N ALA B 944 -12.97 3.39 41.90
CA ALA B 944 -12.76 2.04 42.43
C ALA B 944 -12.79 1.01 41.31
N LEU B 945 -13.63 1.21 40.31
CA LEU B 945 -13.79 0.29 39.17
C LEU B 945 -12.97 0.75 37.97
N GLY B 946 -11.78 1.31 38.22
CA GLY B 946 -11.01 1.90 37.15
C GLY B 946 -10.65 0.91 36.06
N LYS B 947 -10.37 -0.34 36.42
CA LYS B 947 -9.91 -1.30 35.42
C LYS B 947 -11.01 -1.63 34.41
N LEU B 948 -12.20 -1.98 34.89
CA LEU B 948 -13.28 -2.34 33.98
C LEU B 948 -13.70 -1.14 33.13
N GLN B 949 -13.80 0.03 33.75
CA GLN B 949 -14.16 1.23 33.00
C GLN B 949 -13.11 1.55 31.94
N ASP B 950 -11.83 1.39 32.28
CA ASP B 950 -10.77 1.65 31.32
C ASP B 950 -10.84 0.66 30.16
N VAL B 951 -11.10 -0.61 30.44
CA VAL B 951 -11.22 -1.59 29.37
C VAL B 951 -12.38 -1.25 28.44
N VAL B 952 -13.53 -0.91 29.04
CA VAL B 952 -14.70 -0.55 28.23
C VAL B 952 -14.41 0.69 27.40
N ASN B 953 -13.77 1.69 27.99
CA ASN B 953 -13.45 2.91 27.25
C ASN B 953 -12.47 2.62 26.11
N GLN B 954 -11.48 1.77 26.35
CA GLN B 954 -10.53 1.42 25.30
C GLN B 954 -11.25 0.73 24.14
N ASN B 955 -12.13 -0.22 24.45
CA ASN B 955 -12.87 -0.91 23.39
C ASN B 955 -13.74 0.06 22.61
N ALA B 956 -14.45 0.94 23.33
CA ALA B 956 -15.33 1.89 22.66
C ALA B 956 -14.52 2.85 21.78
N GLN B 957 -13.36 3.30 22.28
CA GLN B 957 -12.52 4.20 21.49
C GLN B 957 -11.99 3.50 20.25
N ALA B 958 -11.58 2.24 20.39
CA ALA B 958 -11.12 1.49 19.21
C ALA B 958 -12.22 1.37 18.18
N LEU B 959 -13.43 1.02 18.61
CA LEU B 959 -14.54 0.89 17.67
C LEU B 959 -14.87 2.22 17.02
N ASN B 960 -14.86 3.30 17.81
CA ASN B 960 -15.15 4.62 17.25
C ASN B 960 -14.10 5.03 16.23
N THR B 961 -12.83 4.76 16.53
CA THR B 961 -11.77 5.06 15.56
C THR B 961 -11.94 4.25 14.29
N LEU B 962 -12.27 2.96 14.42
CA LEU B 962 -12.49 2.14 13.23
C LEU B 962 -13.62 2.69 12.40
N VAL B 963 -14.71 3.10 13.04
CA VAL B 963 -15.85 3.66 12.30
C VAL B 963 -15.46 4.96 11.62
N LYS B 964 -14.75 5.83 12.34
CA LYS B 964 -14.38 7.13 11.79
C LYS B 964 -13.36 7.02 10.67
N GLN B 965 -12.58 5.94 10.65
CA GLN B 965 -11.59 5.76 9.59
C GLN B 965 -12.23 5.70 8.21
N LEU B 966 -13.53 5.39 8.13
CA LEU B 966 -14.21 5.37 6.85
C LEU B 966 -14.28 6.74 6.20
N SER B 967 -14.11 7.81 6.98
CA SER B 967 -14.16 9.17 6.46
C SER B 967 -12.81 9.66 5.94
N SER B 968 -11.77 8.84 6.02
CA SER B 968 -10.45 9.21 5.54
C SER B 968 -10.31 8.81 4.07
N ASN B 969 -9.85 9.76 3.24
CA ASN B 969 -9.71 9.48 1.82
C ASN B 969 -8.53 8.58 1.53
N PHE B 970 -7.51 8.58 2.39
CA PHE B 970 -6.31 7.77 2.19
C PHE B 970 -5.67 8.09 0.84
N GLY B 971 -5.64 9.37 0.48
CA GLY B 971 -5.11 9.79 -0.79
C GLY B 971 -6.09 9.75 -1.95
N ALA B 972 -7.32 9.29 -1.71
CA ALA B 972 -8.31 9.23 -2.76
C ALA B 972 -9.01 10.59 -2.92
N ILE B 973 -9.78 10.72 -4.01
CA ILE B 973 -10.48 11.96 -4.27
C ILE B 973 -11.56 12.20 -3.22
N SER B 974 -12.20 11.12 -2.76
CA SER B 974 -13.27 11.23 -1.78
C SER B 974 -13.29 9.96 -0.93
N SER B 975 -13.98 10.04 0.21
CA SER B 975 -14.07 8.95 1.16
C SER B 975 -15.40 8.20 1.07
N VAL B 976 -16.23 8.52 0.09
CA VAL B 976 -17.53 7.87 -0.10
C VAL B 976 -17.50 7.22 -1.48
N LEU B 977 -17.78 5.91 -1.54
CA LEU B 977 -17.64 5.17 -2.78
C LEU B 977 -18.56 5.71 -3.87
N ASN B 978 -19.74 6.18 -3.49
CA ASN B 978 -20.69 6.67 -4.49
C ASN B 978 -20.12 7.86 -5.26
N ASP B 979 -19.43 8.76 -4.57
CA ASP B 979 -18.87 9.93 -5.25
C ASP B 979 -17.83 9.51 -6.29
N ILE B 980 -16.95 8.57 -5.93
CA ILE B 980 -15.95 8.09 -6.89
C ILE B 980 -16.63 7.39 -8.05
N LEU B 981 -17.64 6.55 -7.76
CA LEU B 981 -18.31 5.81 -8.82
C LEU B 981 -19.00 6.74 -9.80
N SER B 982 -19.63 7.80 -9.30
CA SER B 982 -20.39 8.70 -10.16
C SER B 982 -19.49 9.70 -10.88
N ARG B 983 -18.74 10.50 -10.11
CA ARG B 983 -17.95 11.57 -10.73
C ARG B 983 -16.89 11.01 -11.66
N LEU B 984 -16.21 9.94 -11.27
CA LEU B 984 -15.09 9.39 -12.02
C LEU B 984 -15.53 8.19 -12.83
N ASP B 985 -15.04 8.11 -14.07
CA ASP B 985 -15.35 6.99 -14.94
C ASP B 985 -14.64 5.74 -14.45
N PRO B 986 -15.09 4.56 -14.89
CA PRO B 986 -14.55 3.30 -14.35
C PRO B 986 -13.04 3.22 -14.47
N PRO B 987 -12.45 3.68 -15.58
CA PRO B 987 -10.98 3.54 -15.71
C PRO B 987 -10.21 4.13 -14.54
N GLU B 988 -10.62 5.28 -14.02
CA GLU B 988 -9.97 5.90 -12.86
C GLU B 988 -10.69 5.61 -11.56
N ALA B 989 -12.01 5.40 -11.60
CA ALA B 989 -12.73 4.99 -10.41
C ALA B 989 -12.18 3.68 -9.87
N GLU B 990 -11.69 2.81 -10.75
CA GLU B 990 -11.11 1.54 -10.30
C GLU B 990 -9.91 1.78 -9.39
N VAL B 991 -8.98 2.63 -9.84
CA VAL B 991 -7.78 2.89 -9.04
C VAL B 991 -8.13 3.66 -7.78
N GLN B 992 -9.08 4.59 -7.86
CA GLN B 992 -9.50 5.32 -6.68
C GLN B 992 -10.09 4.38 -5.63
N ILE B 993 -10.96 3.48 -6.07
CA ILE B 993 -11.56 2.51 -5.15
C ILE B 993 -10.50 1.56 -4.62
N ASP B 994 -9.50 1.21 -5.43
CA ASP B 994 -8.42 0.36 -4.95
C ASP B 994 -7.64 1.05 -3.85
N ARG B 995 -7.34 2.34 -4.02
CA ARG B 995 -6.64 3.09 -2.98
C ARG B 995 -7.47 3.15 -1.70
N LEU B 996 -8.77 3.44 -1.84
CA LEU B 996 -9.63 3.49 -0.67
C LEU B 996 -9.70 2.13 0.03
N ILE B 997 -9.77 1.05 -0.76
CA ILE B 997 -9.80 -0.29 -0.19
C ILE B 997 -8.52 -0.59 0.55
N THR B 998 -7.37 -0.21 -0.02
CA THR B 998 -6.11 -0.43 0.66
C THR B 998 -6.07 0.30 1.99
N GLY B 999 -6.51 1.57 2.00
CA GLY B 999 -6.51 2.32 3.25
C GLY B 999 -7.42 1.70 4.30
N ARG B 1000 -8.65 1.36 3.89
CA ARG B 1000 -9.60 0.77 4.83
C ARG B 1000 -9.12 -0.58 5.33
N LEU B 1001 -8.53 -1.38 4.45
CA LEU B 1001 -8.01 -2.69 4.85
C LEU B 1001 -6.86 -2.54 5.83
N GLN B 1002 -5.97 -1.57 5.60
CA GLN B 1002 -4.88 -1.34 6.55
C GLN B 1002 -5.44 -0.93 7.91
N SER B 1003 -6.43 -0.03 7.91
CA SER B 1003 -7.04 0.37 9.18
C SER B 1003 -7.67 -0.82 9.89
N LEU B 1004 -8.37 -1.67 9.14
CA LEU B 1004 -9.03 -2.83 9.74
C LEU B 1004 -8.02 -3.84 10.27
N GLN B 1005 -6.91 -4.05 9.54
CA GLN B 1005 -5.86 -4.92 10.04
C GLN B 1005 -5.26 -4.39 11.33
N THR B 1006 -4.99 -3.08 11.38
CA THR B 1006 -4.45 -2.51 12.61
C THR B 1006 -5.44 -2.68 13.77
N TYR B 1007 -6.72 -2.42 13.52
CA TYR B 1007 -7.73 -2.56 14.56
C TYR B 1007 -7.82 -4.01 15.04
N VAL B 1008 -7.76 -4.96 14.11
CA VAL B 1008 -7.87 -6.37 14.48
C VAL B 1008 -6.64 -6.83 15.26
N THR B 1009 -5.46 -6.33 14.88
CA THR B 1009 -4.26 -6.67 15.65
C THR B 1009 -4.34 -6.11 17.07
N GLN B 1010 -4.80 -4.86 17.20
CA GLN B 1010 -4.98 -4.29 18.54
C GLN B 1010 -6.00 -5.09 19.33
N GLN B 1011 -7.09 -5.51 18.68
CA GLN B 1011 -8.11 -6.30 19.34
C GLN B 1011 -7.54 -7.65 19.79
N LEU B 1012 -6.69 -8.27 18.97
CA LEU B 1012 -6.07 -9.53 19.35
C LEU B 1012 -5.16 -9.35 20.56
N ILE B 1013 -4.37 -8.27 20.58
CA ILE B 1013 -3.50 -8.02 21.71
C ILE B 1013 -4.32 -7.80 22.98
N ARG B 1014 -5.38 -7.00 22.87
CA ARG B 1014 -6.24 -6.76 24.02
C ARG B 1014 -6.93 -8.04 24.48
N ALA B 1015 -7.32 -8.90 23.53
CA ALA B 1015 -7.93 -10.18 23.89
C ALA B 1015 -6.94 -11.08 24.62
N ALA B 1016 -5.68 -11.08 24.19
CA ALA B 1016 -4.66 -11.84 24.92
C ALA B 1016 -4.49 -11.31 26.33
N GLU B 1017 -4.45 -9.98 26.49
CA GLU B 1017 -4.34 -9.40 27.83
C GLU B 1017 -5.55 -9.78 28.68
N ILE B 1018 -6.75 -9.73 28.09
CA ILE B 1018 -7.96 -10.07 28.82
C ILE B 1018 -7.97 -11.55 29.19
N ARG B 1019 -7.44 -12.41 28.31
CA ARG B 1019 -7.34 -13.82 28.64
C ARG B 1019 -6.39 -14.05 29.81
N ALA B 1020 -5.26 -13.33 29.83
CA ALA B 1020 -4.36 -13.43 30.97
C ALA B 1020 -5.05 -12.98 32.25
N SER B 1021 -5.78 -11.87 32.18
CA SER B 1021 -6.50 -11.38 33.36
C SER B 1021 -7.55 -12.39 33.82
N ALA B 1022 -8.27 -13.00 32.87
CA ALA B 1022 -9.30 -13.97 33.20
C ALA B 1022 -8.68 -15.24 33.80
N ASN B 1023 -7.52 -15.65 33.29
CA ASN B 1023 -6.82 -16.79 33.89
C ASN B 1023 -6.41 -16.47 35.33
N LEU B 1024 -5.91 -15.26 35.57
CA LEU B 1024 -5.59 -14.86 36.92
C LEU B 1024 -6.82 -14.87 37.82
N ALA B 1025 -7.94 -14.36 37.30
CA ALA B 1025 -9.17 -14.35 38.09
C ALA B 1025 -9.66 -15.75 38.39
N ALA B 1026 -9.57 -16.65 37.42
CA ALA B 1026 -9.96 -18.04 37.64
C ALA B 1026 -9.06 -18.71 38.67
N THR B 1027 -7.76 -18.44 38.61
CA THR B 1027 -6.86 -18.97 39.62
C THR B 1027 -7.22 -18.45 41.00
N LYS B 1028 -7.52 -17.16 41.10
CA LYS B 1028 -7.93 -16.59 42.39
C LYS B 1028 -9.21 -17.23 42.90
N MET B 1029 -10.19 -17.43 42.01
CA MET B 1029 -11.43 -18.08 42.41
C MET B 1029 -11.17 -19.49 42.90
N SER B 1030 -10.32 -20.24 42.18
CA SER B 1030 -10.02 -21.60 42.60
C SER B 1030 -9.32 -21.62 43.95
N GLU B 1031 -8.39 -20.69 44.18
CA GLU B 1031 -7.61 -20.68 45.41
C GLU B 1031 -8.22 -19.77 46.48
N CYS B 1032 -8.53 -18.52 46.13
CA CYS B 1032 -9.03 -17.57 47.12
C CYS B 1032 -10.47 -17.86 47.50
N VAL B 1033 -11.32 -18.20 46.53
CA VAL B 1033 -12.75 -18.37 46.79
C VAL B 1033 -13.08 -19.81 47.17
N LEU B 1034 -12.62 -20.77 46.37
CA LEU B 1034 -12.94 -22.17 46.62
C LEU B 1034 -12.02 -22.81 47.65
N GLY B 1035 -11.07 -22.07 48.20
CA GLY B 1035 -10.18 -22.62 49.20
C GLY B 1035 -9.45 -21.53 49.94
N GLN B 1036 -8.44 -21.94 50.70
CA GLN B 1036 -7.57 -21.04 51.42
C GLN B 1036 -6.19 -21.08 50.77
N SER B 1037 -5.68 -19.91 50.38
CA SER B 1037 -4.42 -19.81 49.67
C SER B 1037 -3.32 -19.33 50.61
N LYS B 1038 -2.19 -20.03 50.61
CA LYS B 1038 -1.05 -19.64 51.41
C LYS B 1038 -0.16 -18.60 50.72
N ARG B 1039 -0.41 -18.32 49.44
CA ARG B 1039 0.39 -17.34 48.73
C ARG B 1039 0.24 -15.96 49.37
N VAL B 1040 1.36 -15.29 49.55
CA VAL B 1040 1.37 -13.99 50.21
C VAL B 1040 0.98 -12.90 49.20
N ASP B 1041 0.09 -12.00 49.63
CA ASP B 1041 -0.36 -10.88 48.82
C ASP B 1041 -1.04 -11.34 47.53
N PHE B 1042 -1.47 -12.59 47.47
CA PHE B 1042 -2.20 -13.10 46.31
C PHE B 1042 -3.70 -12.84 46.46
N CYS B 1043 -4.29 -13.36 47.53
CA CYS B 1043 -5.70 -13.10 47.85
C CYS B 1043 -5.82 -11.95 48.85
N GLY B 1044 -5.32 -10.79 48.44
CA GLY B 1044 -5.38 -9.60 49.26
C GLY B 1044 -4.20 -9.46 50.20
N LYS B 1045 -4.14 -8.30 50.85
CA LYS B 1045 -3.06 -7.99 51.77
C LYS B 1045 -3.39 -8.54 53.15
N GLY B 1046 -2.45 -9.27 53.74
CA GLY B 1046 -2.63 -9.91 55.03
C GLY B 1046 -2.84 -11.40 54.89
N TYR B 1047 -2.92 -12.06 56.05
CA TYR B 1047 -3.11 -13.50 56.08
C TYR B 1047 -4.50 -13.84 55.55
N HIS B 1048 -4.57 -14.35 54.33
CA HIS B 1048 -5.86 -14.60 53.69
C HIS B 1048 -6.67 -15.62 54.49
N LEU B 1049 -7.97 -15.36 54.58
CA LEU B 1049 -8.92 -16.29 55.21
C LEU B 1049 -9.91 -16.84 54.18
N MET B 1050 -10.60 -15.97 53.46
CA MET B 1050 -11.56 -16.40 52.44
C MET B 1050 -11.86 -15.20 51.56
N SER B 1051 -12.56 -15.47 50.46
CA SER B 1051 -12.89 -14.44 49.48
C SER B 1051 -14.34 -14.60 49.04
N PHE B 1052 -14.92 -13.50 48.59
CA PHE B 1052 -16.31 -13.45 48.13
C PHE B 1052 -16.34 -12.99 46.68
N PRO B 1053 -16.80 -13.80 45.73
CA PRO B 1053 -16.89 -13.33 44.35
C PRO B 1053 -18.15 -12.53 44.09
N GLN B 1054 -18.00 -11.48 43.28
CA GLN B 1054 -19.11 -10.63 42.87
C GLN B 1054 -18.96 -10.34 41.39
N SER B 1055 -20.08 -10.30 40.68
CA SER B 1055 -20.04 -10.03 39.24
C SER B 1055 -20.19 -8.55 38.98
N ALA B 1056 -19.47 -8.05 37.99
CA ALA B 1056 -19.58 -6.68 37.51
C ALA B 1056 -19.52 -6.71 36.00
N PRO B 1057 -20.02 -5.66 35.33
CA PRO B 1057 -20.01 -5.68 33.86
C PRO B 1057 -18.65 -6.04 33.29
N HIS B 1058 -18.58 -7.21 32.65
CA HIS B 1058 -17.34 -7.69 32.05
C HIS B 1058 -16.19 -7.73 33.05
N GLY B 1059 -16.45 -8.24 34.24
CA GLY B 1059 -15.40 -8.34 35.23
C GLY B 1059 -15.91 -8.99 36.51
N VAL B 1060 -14.95 -9.30 37.39
CA VAL B 1060 -15.23 -9.92 38.67
C VAL B 1060 -14.55 -9.10 39.76
N VAL B 1061 -15.13 -9.16 40.96
CA VAL B 1061 -14.62 -8.46 42.13
C VAL B 1061 -14.49 -9.47 43.27
N PHE B 1062 -13.32 -9.51 43.89
CA PHE B 1062 -13.05 -10.39 45.01
C PHE B 1062 -12.91 -9.55 46.28
N LEU B 1063 -13.72 -9.88 47.29
CA LEU B 1063 -13.65 -9.20 48.59
C LEU B 1063 -12.76 -10.03 49.49
N HIS B 1064 -11.45 -9.93 49.26
CA HIS B 1064 -10.49 -10.73 50.00
C HIS B 1064 -10.51 -10.33 51.47
N VAL B 1065 -10.75 -11.32 52.33
CA VAL B 1065 -10.75 -11.13 53.79
C VAL B 1065 -9.40 -11.59 54.31
N THR B 1066 -8.77 -10.76 55.13
CA THR B 1066 -7.43 -11.04 55.62
C THR B 1066 -7.31 -10.70 57.09
N TYR B 1067 -6.80 -11.65 57.86
CA TYR B 1067 -6.36 -11.38 59.23
C TYR B 1067 -5.07 -10.57 59.18
N VAL B 1068 -5.03 -9.47 59.93
CA VAL B 1068 -3.89 -8.57 59.95
C VAL B 1068 -3.58 -8.21 61.40
N PRO B 1069 -2.34 -8.38 61.88
CA PRO B 1069 -2.02 -7.90 63.23
C PRO B 1069 -2.28 -6.41 63.36
N ALA B 1070 -2.80 -6.01 64.52
CA ALA B 1070 -3.16 -4.62 64.78
C ALA B 1070 -2.29 -4.00 65.86
N GLN B 1071 -2.23 -4.60 67.04
CA GLN B 1071 -1.44 -4.10 68.15
C GLN B 1071 -0.34 -5.11 68.46
N GLU B 1072 0.90 -4.65 68.48
CA GLU B 1072 2.06 -5.50 68.72
C GLU B 1072 2.76 -5.06 69.99
N LYS B 1073 3.06 -6.02 70.87
CA LYS B 1073 3.78 -5.77 72.10
C LYS B 1073 5.13 -6.48 72.05
N ASN B 1074 6.15 -5.83 72.59
CA ASN B 1074 7.52 -6.32 72.50
C ASN B 1074 7.88 -7.07 73.78
N PHE B 1075 8.47 -8.25 73.62
CA PHE B 1075 8.90 -9.08 74.73
C PHE B 1075 10.29 -9.64 74.44
N THR B 1076 11.00 -9.98 75.52
CA THR B 1076 12.29 -10.66 75.40
C THR B 1076 12.07 -12.13 75.11
N THR B 1077 12.87 -12.68 74.20
CA THR B 1077 12.74 -14.06 73.78
C THR B 1077 14.11 -14.72 73.72
N ALA B 1078 14.12 -16.04 73.87
CA ALA B 1078 15.32 -16.85 73.74
C ALA B 1078 15.04 -18.02 72.81
N PRO B 1079 16.05 -18.47 72.07
CA PRO B 1079 15.83 -19.57 71.12
C PRO B 1079 15.45 -20.88 71.78
N ALA B 1080 15.79 -21.08 73.05
CA ALA B 1080 15.52 -22.35 73.72
C ALA B 1080 15.59 -22.12 75.22
N ILE B 1081 15.33 -23.19 75.97
CA ILE B 1081 15.34 -23.16 77.42
C ILE B 1081 16.01 -24.42 77.94
N CYS B 1082 16.83 -24.26 78.99
CA CYS B 1082 17.54 -25.37 79.62
C CYS B 1082 17.08 -25.48 81.06
N HIS B 1083 16.24 -26.48 81.35
CA HIS B 1083 15.75 -26.71 82.70
C HIS B 1083 16.52 -27.83 83.41
N ASP B 1084 16.50 -29.03 82.85
CA ASP B 1084 17.25 -30.15 83.40
C ASP B 1084 18.54 -30.39 82.63
N GLY B 1085 19.36 -29.35 82.48
CA GLY B 1085 20.59 -29.48 81.73
C GLY B 1085 20.41 -29.89 80.29
N LYS B 1086 19.20 -29.74 79.75
CA LYS B 1086 18.89 -30.14 78.38
C LYS B 1086 18.12 -29.03 77.68
N ALA B 1087 18.49 -28.77 76.42
CA ALA B 1087 17.84 -27.72 75.66
C ALA B 1087 16.40 -28.09 75.35
N HIS B 1088 15.50 -27.11 75.45
CA HIS B 1088 14.10 -27.29 75.15
C HIS B 1088 13.67 -26.28 74.08
N PHE B 1089 12.88 -26.74 73.12
CA PHE B 1089 12.38 -25.90 72.05
C PHE B 1089 10.86 -26.03 71.96
N PRO B 1090 10.15 -24.95 71.67
CA PRO B 1090 8.68 -25.03 71.66
C PRO B 1090 8.18 -26.02 70.62
N ARG B 1091 7.16 -26.79 70.99
CA ARG B 1091 6.50 -27.65 70.02
C ARG B 1091 5.84 -26.82 68.93
N GLU B 1092 5.15 -25.75 69.32
CA GLU B 1092 4.56 -24.83 68.35
C GLU B 1092 4.33 -23.51 69.07
N GLY B 1093 5.09 -22.49 68.72
CA GLY B 1093 5.02 -21.20 69.37
C GLY B 1093 6.39 -20.57 69.48
N VAL B 1094 6.55 -19.73 70.49
CA VAL B 1094 7.81 -19.02 70.71
C VAL B 1094 7.92 -18.71 72.20
N PHE B 1095 9.16 -18.76 72.72
CA PHE B 1095 9.42 -18.51 74.14
C PHE B 1095 9.59 -17.01 74.36
N VAL B 1096 8.47 -16.30 74.30
CA VAL B 1096 8.46 -14.89 74.67
C VAL B 1096 8.49 -14.76 76.19
N SER B 1097 8.78 -13.55 76.66
CA SER B 1097 8.89 -13.31 78.09
C SER B 1097 8.75 -11.83 78.38
N ASN B 1098 7.85 -11.49 79.30
CA ASN B 1098 7.72 -10.13 79.78
C ASN B 1098 8.81 -9.87 80.83
N GLY B 1099 8.69 -8.78 81.56
CA GLY B 1099 9.69 -8.36 82.51
C GLY B 1099 10.33 -9.47 83.33
N THR B 1100 9.51 -10.32 83.94
CA THR B 1100 10.02 -11.31 84.89
C THR B 1100 9.84 -12.74 84.39
N HIS B 1101 8.62 -13.16 84.06
CA HIS B 1101 8.34 -14.56 83.79
C HIS B 1101 8.55 -14.89 82.31
N TRP B 1102 8.63 -16.19 82.03
CA TRP B 1102 8.80 -16.71 80.68
C TRP B 1102 7.57 -17.51 80.29
N PHE B 1103 7.08 -17.30 79.07
CA PHE B 1103 5.88 -17.97 78.59
C PHE B 1103 6.09 -18.39 77.14
N VAL B 1104 5.25 -19.33 76.70
CA VAL B 1104 5.25 -19.82 75.32
C VAL B 1104 3.90 -19.44 74.70
N THR B 1105 3.95 -18.80 73.54
CA THR B 1105 2.75 -18.34 72.86
C THR B 1105 2.89 -18.54 71.36
N GLN B 1106 1.75 -18.58 70.68
CA GLN B 1106 1.73 -18.70 69.23
C GLN B 1106 2.33 -17.45 68.59
N ARG B 1107 2.91 -17.63 67.41
CA ARG B 1107 3.64 -16.55 66.76
C ARG B 1107 2.73 -15.38 66.42
N ASN B 1108 1.54 -15.67 65.90
CA ASN B 1108 0.66 -14.63 65.35
C ASN B 1108 -0.30 -14.05 66.37
N PHE B 1109 -0.24 -14.49 67.63
CA PHE B 1109 -1.13 -13.96 68.64
C PHE B 1109 -0.45 -14.08 70.00
N TYR B 1110 -0.69 -13.09 70.87
CA TYR B 1110 -0.10 -13.07 72.21
C TYR B 1110 -1.02 -13.84 73.15
N GLU B 1111 -0.75 -15.14 73.32
CA GLU B 1111 -1.49 -16.00 74.24
C GLU B 1111 -0.48 -16.72 75.11
N PRO B 1112 0.13 -16.03 76.07
CA PRO B 1112 1.17 -16.67 76.90
C PRO B 1112 0.62 -17.88 77.64
N GLN B 1113 1.45 -18.92 77.71
CA GLN B 1113 1.10 -20.15 78.41
C GLN B 1113 2.28 -20.62 79.24
N ILE B 1114 1.98 -21.36 80.31
CA ILE B 1114 3.02 -21.90 81.16
C ILE B 1114 3.81 -22.95 80.36
N ILE B 1115 5.13 -22.83 80.40
CA ILE B 1115 6.00 -23.72 79.63
C ILE B 1115 6.03 -25.08 80.31
N THR B 1116 5.70 -26.12 79.55
CA THR B 1116 5.68 -27.49 80.06
C THR B 1116 6.17 -28.43 78.96
N THR B 1117 6.50 -29.66 79.36
CA THR B 1117 6.97 -30.64 78.41
C THR B 1117 5.92 -30.96 77.35
N ASP B 1118 4.64 -30.68 77.62
CA ASP B 1118 3.60 -30.97 76.64
C ASP B 1118 3.78 -30.14 75.37
N ASN B 1119 4.14 -28.86 75.51
CA ASN B 1119 4.30 -27.97 74.37
C ASN B 1119 5.76 -27.68 74.05
N THR B 1120 6.67 -28.53 74.51
CA THR B 1120 8.10 -28.37 74.23
C THR B 1120 8.72 -29.74 74.01
N PHE B 1121 9.83 -29.75 73.29
CA PHE B 1121 10.58 -30.98 73.02
C PHE B 1121 12.06 -30.74 73.28
N VAL B 1122 12.73 -31.80 73.71
CA VAL B 1122 14.14 -31.74 74.09
C VAL B 1122 15.00 -32.18 72.92
N SER B 1123 16.23 -31.67 72.88
CA SER B 1123 17.19 -32.06 71.83
C SER B 1123 18.59 -31.88 72.41
N GLY B 1124 19.18 -32.98 72.87
CA GLY B 1124 20.54 -32.94 73.37
C GLY B 1124 20.73 -31.99 74.55
N ASN B 1125 21.99 -31.80 74.89
CA ASN B 1125 22.37 -30.91 75.99
C ASN B 1125 22.11 -29.46 75.57
N CYS B 1126 22.40 -28.54 76.50
CA CYS B 1126 22.07 -27.12 76.34
C CYS B 1126 23.32 -26.25 76.40
N ASP B 1127 24.38 -26.65 75.71
CA ASP B 1127 25.58 -25.84 75.58
C ASP B 1127 25.90 -25.45 74.15
N VAL B 1128 25.55 -26.28 73.16
CA VAL B 1128 25.83 -25.93 71.77
C VAL B 1128 24.98 -24.75 71.33
N VAL B 1129 23.73 -24.69 71.80
CA VAL B 1129 22.83 -23.61 71.39
C VAL B 1129 23.35 -22.28 71.92
N ILE B 1130 23.12 -21.23 71.15
CA ILE B 1130 23.53 -19.87 71.48
C ILE B 1130 22.30 -19.07 71.87
N GLY B 1131 22.38 -18.35 72.99
CA GLY B 1131 21.27 -17.57 73.48
C GLY B 1131 20.32 -18.30 74.39
N ILE B 1132 20.54 -19.59 74.64
CA ILE B 1132 19.67 -20.33 75.55
C ILE B 1132 19.74 -19.71 76.94
N VAL B 1133 18.63 -19.79 77.66
CA VAL B 1133 18.49 -19.16 78.97
C VAL B 1133 17.96 -20.17 79.97
N ASN B 1134 18.26 -19.93 81.25
CA ASN B 1134 17.76 -20.79 82.31
C ASN B 1134 16.29 -20.52 82.58
N ASN B 1135 15.54 -21.58 82.84
CA ASN B 1135 14.12 -21.48 83.16
C ASN B 1135 13.65 -22.85 83.62
N THR B 1136 12.49 -22.87 84.28
CA THR B 1136 11.91 -24.10 84.80
C THR B 1136 10.73 -24.51 83.93
N VAL B 1137 10.77 -25.74 83.44
CA VAL B 1137 9.69 -26.31 82.64
C VAL B 1137 8.85 -27.17 83.57
N TYR B 1138 7.71 -26.64 83.99
CA TYR B 1138 6.85 -27.36 84.93
C TYR B 1138 6.35 -28.66 84.30
N ASP B 1139 6.38 -29.73 85.09
CA ASP B 1139 5.94 -31.04 84.62
C ASP B 1139 4.47 -31.24 84.96
N PRO B 1140 3.59 -31.45 83.99
CA PRO B 1140 2.16 -31.64 84.33
C PRO B 1140 1.89 -32.88 85.16
N LEU B 1141 2.81 -33.85 85.16
CA LEU B 1141 2.59 -35.09 85.90
C LEU B 1141 2.92 -34.96 87.38
N GLN B 1142 3.62 -33.90 87.79
CA GLN B 1142 4.01 -33.77 89.19
C GLN B 1142 2.81 -33.75 90.13
N PRO B 1143 1.76 -32.95 89.89
CA PRO B 1143 0.60 -33.01 90.78
C PRO B 1143 -0.02 -34.40 90.87
N GLU B 1144 -0.05 -35.13 89.76
CA GLU B 1144 -0.59 -36.49 89.78
C GLU B 1144 0.41 -37.47 90.40
N LEU B 1145 1.70 -37.26 90.18
CA LEU B 1145 2.70 -38.13 90.80
C LEU B 1145 2.65 -38.02 92.31
N ASP B 1146 2.45 -36.81 92.84
CA ASP B 1146 2.38 -36.63 94.28
C ASP B 1146 1.23 -37.42 94.88
N SER B 1147 0.07 -37.40 94.22
CA SER B 1147 -1.09 -38.13 94.71
C SER B 1147 -0.94 -39.63 94.46
N CYS C 15 57.18 3.89 -30.85
CA CYS C 15 57.59 3.73 -32.24
C CYS C 15 58.81 2.82 -32.35
N VAL C 16 59.14 2.13 -31.27
CA VAL C 16 60.27 1.21 -31.23
C VAL C 16 59.78 -0.13 -30.69
N ASN C 17 60.12 -1.20 -31.41
CA ASN C 17 59.73 -2.54 -30.99
C ASN C 17 60.79 -3.15 -30.09
N LEU C 18 60.35 -3.75 -29.00
CA LEU C 18 61.27 -4.41 -28.09
C LEU C 18 61.93 -5.61 -28.78
N THR C 19 63.22 -5.78 -28.52
CA THR C 19 64.02 -6.82 -29.15
C THR C 19 64.65 -7.71 -28.09
N THR C 20 64.63 -9.01 -28.34
CA THR C 20 65.25 -10.00 -27.44
C THR C 20 64.67 -9.91 -26.04
N ARG C 21 63.37 -10.17 -25.95
CA ARG C 21 62.64 -10.19 -24.68
C ARG C 21 62.33 -11.63 -24.30
N THR C 22 62.75 -12.02 -23.10
CA THR C 22 62.54 -13.39 -22.64
C THR C 22 61.09 -13.59 -22.18
N GLN C 23 60.68 -14.85 -22.17
CA GLN C 23 59.34 -15.24 -21.75
C GLN C 23 59.45 -16.27 -20.63
N LEU C 24 58.68 -16.06 -19.56
CA LEU C 24 58.67 -16.95 -18.41
C LEU C 24 57.24 -17.13 -17.96
N PRO C 25 56.96 -18.22 -17.24
CA PRO C 25 55.60 -18.43 -16.75
C PRO C 25 55.20 -17.34 -15.79
N PRO C 26 53.91 -16.97 -15.75
CA PRO C 26 53.47 -15.90 -14.84
C PRO C 26 53.39 -16.42 -13.41
N ALA C 27 54.12 -15.75 -12.51
CA ALA C 27 54.09 -16.12 -11.10
C ALA C 27 52.76 -15.71 -10.47
N TYR C 28 52.42 -16.40 -9.38
CA TYR C 28 51.18 -16.15 -8.67
C TYR C 28 51.44 -16.13 -7.17
N THR C 29 50.60 -15.40 -6.45
CA THR C 29 50.71 -15.29 -5.01
C THR C 29 49.36 -14.86 -4.44
N ASN C 30 49.07 -15.30 -3.23
CA ASN C 30 47.83 -14.92 -2.58
C ASN C 30 47.84 -13.43 -2.27
N SER C 31 46.69 -12.78 -2.48
CA SER C 31 46.58 -11.33 -2.30
C SER C 31 46.56 -10.92 -0.84
N PHE C 32 46.45 -11.87 0.09
CA PHE C 32 46.38 -11.53 1.52
C PHE C 32 45.16 -10.62 1.72
N THR C 33 45.22 -9.72 2.69
CA THR C 33 44.15 -8.77 2.96
C THR C 33 44.33 -7.45 2.21
N ARG C 34 45.37 -7.34 1.39
CA ARG C 34 45.61 -6.10 0.66
C ARG C 34 44.51 -5.86 -0.37
N GLY C 35 44.31 -4.60 -0.70
CA GLY C 35 43.31 -4.21 -1.67
C GLY C 35 42.03 -3.71 -1.04
N VAL C 36 42.17 -2.92 0.03
CA VAL C 36 41.04 -2.36 0.75
C VAL C 36 41.12 -0.84 0.69
N TYR C 37 40.00 -0.21 0.32
CA TYR C 37 39.92 1.24 0.21
C TYR C 37 38.64 1.73 0.86
N TYR C 38 38.64 3.01 1.23
CA TYR C 38 37.46 3.60 1.85
C TYR C 38 36.34 3.70 0.82
N PRO C 39 35.16 3.12 1.08
CA PRO C 39 34.08 3.20 0.09
C PRO C 39 33.65 4.62 -0.23
N ASP C 40 33.70 5.54 0.74
CA ASP C 40 33.28 6.91 0.53
C ASP C 40 34.09 7.80 1.47
N LYS C 41 33.71 9.08 1.54
CA LYS C 41 34.41 10.06 2.36
C LYS C 41 33.74 10.25 3.71
N VAL C 42 32.74 9.44 4.04
CA VAL C 42 32.05 9.58 5.32
C VAL C 42 32.98 9.20 6.46
N PHE C 43 32.75 9.79 7.62
CA PHE C 43 33.54 9.54 8.82
C PHE C 43 32.72 8.75 9.83
N ARG C 44 33.31 7.69 10.37
CA ARG C 44 32.68 6.84 11.36
C ARG C 44 33.67 6.54 12.47
N SER C 45 33.16 6.43 13.69
CA SER C 45 33.99 6.19 14.87
C SER C 45 33.57 4.88 15.52
N SER C 46 34.51 3.93 15.59
CA SER C 46 34.26 2.63 16.22
C SER C 46 33.00 1.99 15.66
N VAL C 47 32.92 1.96 14.32
CA VAL C 47 31.71 1.51 13.63
C VAL C 47 32.07 0.33 12.72
N LEU C 48 31.26 -0.72 12.78
CA LEU C 48 31.38 -1.87 11.90
C LEU C 48 30.37 -1.68 10.78
N HIS C 49 30.85 -1.26 9.61
CA HIS C 49 29.99 -0.89 8.49
C HIS C 49 30.10 -1.93 7.40
N SER C 50 28.96 -2.46 6.96
CA SER C 50 28.90 -3.44 5.89
C SER C 50 28.51 -2.73 4.60
N THR C 51 29.34 -2.84 3.58
CA THR C 51 29.10 -2.17 2.30
C THR C 51 29.36 -3.13 1.16
N GLN C 52 28.48 -3.10 0.15
CA GLN C 52 28.62 -3.91 -1.05
C GLN C 52 29.13 -3.04 -2.18
N ASP C 53 30.27 -3.40 -2.75
CA ASP C 53 30.90 -2.61 -3.79
C ASP C 53 32.02 -3.44 -4.39
N LEU C 54 32.73 -2.86 -5.37
CA LEU C 54 33.87 -3.54 -5.96
C LEU C 54 35.00 -3.62 -4.94
N PHE C 55 35.57 -4.81 -4.79
CA PHE C 55 36.65 -5.03 -3.85
C PHE C 55 37.48 -6.23 -4.30
N LEU C 56 38.69 -6.33 -3.76
CA LEU C 56 39.56 -7.46 -4.06
C LEU C 56 39.36 -8.53 -3.00
N PRO C 57 38.82 -9.69 -3.34
CA PRO C 57 38.64 -10.74 -2.33
C PRO C 57 39.98 -11.17 -1.74
N PHE C 58 39.96 -11.46 -0.44
CA PHE C 58 41.18 -11.85 0.25
C PHE C 58 41.74 -13.15 -0.32
N PHE C 59 43.05 -13.19 -0.49
CA PHE C 59 43.76 -14.38 -0.97
C PHE C 59 43.31 -14.80 -2.37
N SER C 60 42.80 -13.86 -3.16
CA SER C 60 42.31 -14.19 -4.51
C SER C 60 43.41 -14.03 -5.56
N ASN C 61 44.57 -14.62 -5.29
CA ASN C 61 45.66 -14.65 -6.27
C ASN C 61 46.11 -13.25 -6.66
N VAL C 62 47.26 -13.16 -7.34
CA VAL C 62 47.74 -11.92 -7.92
C VAL C 62 48.55 -12.26 -9.16
N THR C 63 48.32 -11.50 -10.24
CA THR C 63 49.07 -11.72 -11.47
C THR C 63 50.46 -11.11 -11.34
N TRP C 64 51.32 -11.75 -10.55
CA TRP C 64 52.65 -11.22 -10.32
C TRP C 64 53.42 -11.08 -11.63
N PHE C 65 54.06 -9.93 -11.80
CA PHE C 65 54.87 -9.63 -12.97
C PHE C 65 56.26 -9.18 -12.53
N HIS C 66 57.24 -9.46 -13.38
CA HIS C 66 58.64 -9.13 -13.11
C HIS C 66 59.22 -8.33 -14.25
N ALA C 67 60.04 -7.34 -13.89
CA ALA C 67 60.79 -6.52 -14.86
C ALA C 67 62.23 -6.46 -14.35
N ILE C 68 63.03 -7.44 -14.76
CA ILE C 68 64.38 -7.61 -14.22
C ILE C 68 65.32 -8.06 -15.33
N HIS C 69 66.55 -7.56 -15.28
CA HIS C 69 67.62 -7.96 -16.19
C HIS C 69 68.75 -8.56 -15.38
N VAL C 70 69.10 -9.81 -15.69
CA VAL C 70 70.18 -10.53 -15.03
C VAL C 70 71.08 -11.11 -16.11
N SER C 71 72.40 -10.93 -15.94
CA SER C 71 73.37 -11.41 -16.92
C SER C 71 73.74 -12.87 -16.65
N GLY C 72 74.72 -13.37 -17.39
CA GLY C 72 75.18 -14.73 -17.24
C GLY C 72 74.41 -15.71 -18.11
N THR C 73 74.91 -16.95 -18.11
CA THR C 73 74.25 -18.00 -18.90
C THR C 73 72.83 -18.23 -18.43
N ASN C 74 72.62 -18.24 -17.11
CA ASN C 74 71.28 -18.40 -16.55
C ASN C 74 70.54 -17.08 -16.42
N GLY C 75 71.11 -15.99 -16.91
CA GLY C 75 70.47 -14.71 -16.81
C GLY C 75 69.23 -14.62 -17.67
N THR C 76 68.42 -13.60 -17.38
CA THR C 76 67.15 -13.40 -18.08
C THR C 76 66.84 -11.91 -18.10
N LYS C 77 66.35 -11.42 -19.23
CA LYS C 77 65.96 -10.02 -19.40
C LYS C 77 64.46 -9.99 -19.68
N ARG C 78 63.67 -9.89 -18.62
CA ARG C 78 62.21 -9.95 -18.71
C ARG C 78 61.63 -8.58 -18.42
N PHE C 79 60.76 -8.13 -19.32
CA PHE C 79 59.97 -6.91 -19.13
C PHE C 79 58.50 -7.27 -19.31
N ASP C 80 57.68 -6.93 -18.32
CA ASP C 80 56.27 -7.29 -18.31
C ASP C 80 55.43 -6.04 -18.55
N ASN C 81 55.03 -5.84 -19.80
CA ASN C 81 54.09 -4.77 -20.15
C ASN C 81 53.02 -5.31 -21.08
N PRO C 82 52.16 -6.23 -20.62
CA PRO C 82 51.12 -6.76 -21.51
C PRO C 82 49.85 -5.94 -21.45
N VAL C 83 48.82 -6.37 -22.19
CA VAL C 83 47.53 -5.68 -22.19
C VAL C 83 46.61 -6.47 -21.27
N LEU C 84 46.60 -6.08 -20.00
CA LEU C 84 45.76 -6.74 -19.01
C LEU C 84 44.36 -6.17 -19.05
N PRO C 85 43.31 -6.98 -19.23
CA PRO C 85 41.96 -6.43 -19.23
C PRO C 85 41.64 -5.73 -17.91
N PHE C 86 40.93 -4.61 -18.01
CA PHE C 86 40.57 -3.84 -16.81
C PHE C 86 39.37 -4.42 -16.10
N ASN C 87 38.48 -5.11 -16.82
CA ASN C 87 37.28 -5.68 -16.23
C ASN C 87 36.44 -4.60 -15.56
N ASP C 88 36.34 -4.62 -14.23
CA ASP C 88 35.53 -3.66 -13.48
C ASP C 88 36.32 -3.15 -12.28
N GLY C 89 37.59 -2.78 -12.51
CA GLY C 89 38.45 -2.30 -11.46
C GLY C 89 39.68 -3.17 -11.29
N VAL C 90 40.82 -2.57 -10.98
CA VAL C 90 42.10 -3.28 -10.91
C VAL C 90 42.87 -2.79 -9.70
N TYR C 91 43.48 -3.73 -8.97
CA TYR C 91 44.38 -3.41 -7.88
C TYR C 91 45.83 -3.57 -8.34
N PHE C 92 46.63 -2.54 -8.08
CA PHE C 92 48.00 -2.50 -8.58
C PHE C 92 48.94 -2.20 -7.41
N ALA C 93 49.85 -3.12 -7.13
CA ALA C 93 50.83 -2.96 -6.07
C ALA C 93 52.24 -3.00 -6.65
N SER C 94 53.05 -2.00 -6.27
CA SER C 94 54.43 -1.90 -6.73
C SER C 94 55.33 -1.89 -5.50
N THR C 95 56.20 -2.89 -5.39
CA THR C 95 57.16 -2.99 -4.29
C THR C 95 58.56 -2.79 -4.87
N GLU C 96 59.17 -1.65 -4.57
CA GLU C 96 60.47 -1.30 -5.13
C GLU C 96 61.03 -0.12 -4.36
N LYS C 97 62.17 0.39 -4.82
CA LYS C 97 62.79 1.57 -4.24
C LYS C 97 63.22 2.62 -5.26
N SER C 98 63.44 2.26 -6.52
CA SER C 98 63.88 3.19 -7.54
C SER C 98 62.72 3.75 -8.36
N ASN C 99 61.48 3.38 -8.03
CA ASN C 99 60.30 3.92 -8.69
C ASN C 99 60.35 3.69 -10.20
N ILE C 100 60.62 2.45 -10.61
CA ILE C 100 60.63 2.12 -12.02
C ILE C 100 59.23 2.24 -12.62
N ILE C 101 58.21 1.85 -11.86
CA ILE C 101 56.84 2.03 -12.32
C ILE C 101 56.50 3.51 -12.31
N ARG C 102 56.03 4.03 -13.45
CA ARG C 102 55.81 5.46 -13.57
C ARG C 102 54.41 5.82 -14.01
N GLY C 103 53.80 5.03 -14.89
CA GLY C 103 52.50 5.40 -15.42
C GLY C 103 51.69 4.20 -15.84
N TRP C 104 50.44 4.45 -16.20
CA TRP C 104 49.52 3.42 -16.65
C TRP C 104 48.79 3.92 -17.89
N ILE C 105 48.34 2.97 -18.70
CA ILE C 105 47.59 3.24 -19.92
C ILE C 105 46.27 2.49 -19.84
N PHE C 106 45.17 3.18 -20.13
CA PHE C 106 43.83 2.61 -20.10
C PHE C 106 43.13 2.90 -21.42
N GLY C 107 41.87 2.49 -21.51
CA GLY C 107 41.05 2.70 -22.68
C GLY C 107 40.48 1.39 -23.19
N THR C 108 39.72 1.52 -24.28
CA THR C 108 39.10 0.36 -24.91
C THR C 108 39.99 -0.24 -26.00
N THR C 109 40.33 0.56 -27.01
CA THR C 109 41.17 0.10 -28.11
C THR C 109 42.65 0.41 -27.91
N LEU C 110 42.99 1.30 -26.97
CA LEU C 110 44.38 1.67 -26.72
C LEU C 110 45.06 2.12 -28.01
N ASP C 111 44.36 2.96 -28.78
CA ASP C 111 44.86 3.44 -30.05
C ASP C 111 44.19 4.76 -30.39
N SER C 112 44.73 5.45 -31.39
CA SER C 112 44.20 6.74 -31.80
C SER C 112 42.79 6.64 -32.39
N LYS C 113 42.32 5.43 -32.72
CA LYS C 113 40.98 5.29 -33.26
C LYS C 113 39.94 5.80 -32.27
N THR C 114 40.10 5.51 -30.99
CA THR C 114 39.20 5.97 -29.94
C THR C 114 40.00 6.67 -28.85
N GLN C 115 39.34 7.59 -28.15
CA GLN C 115 39.99 8.30 -27.06
C GLN C 115 40.54 7.32 -26.04
N SER C 116 41.60 7.72 -25.35
CA SER C 116 42.27 6.86 -24.39
C SER C 116 42.84 7.70 -23.25
N LEU C 117 42.93 7.09 -22.07
CA LEU C 117 43.49 7.73 -20.90
C LEU C 117 44.98 7.42 -20.81
N LEU C 118 45.74 8.40 -20.34
CA LEU C 118 47.20 8.30 -20.26
C LEU C 118 47.66 8.98 -18.98
N ILE C 119 48.25 8.20 -18.08
CA ILE C 119 48.82 8.72 -16.83
C ILE C 119 50.30 8.40 -16.86
N VAL C 120 51.13 9.43 -16.75
CA VAL C 120 52.59 9.28 -16.82
C VAL C 120 53.22 10.11 -15.71
N ASN C 121 54.10 9.48 -14.94
CA ASN C 121 54.91 10.16 -13.93
C ASN C 121 56.34 10.19 -14.45
N ASN C 122 56.64 11.20 -15.26
CA ASN C 122 57.96 11.38 -15.86
C ASN C 122 58.77 12.43 -15.11
N ALA C 123 58.62 12.47 -13.78
CA ALA C 123 59.23 13.52 -12.96
C ALA C 123 58.63 14.87 -13.33
N THR C 124 59.02 15.91 -12.60
CA THR C 124 58.48 17.25 -12.83
C THR C 124 57.00 17.28 -12.51
N ASN C 125 56.17 16.67 -13.36
CA ASN C 125 54.73 16.68 -13.20
C ASN C 125 54.15 15.31 -13.46
N VAL C 126 53.02 15.03 -12.83
CA VAL C 126 52.26 13.80 -13.08
C VAL C 126 51.21 14.15 -14.12
N VAL C 127 51.50 13.81 -15.37
CA VAL C 127 50.66 14.22 -16.49
C VAL C 127 49.52 13.22 -16.66
N ILE C 128 48.29 13.71 -16.66
CA ILE C 128 47.11 12.90 -16.95
C ILE C 128 46.42 13.51 -18.16
N LYS C 129 46.05 12.68 -19.13
CA LYS C 129 45.45 13.16 -20.35
C LYS C 129 44.38 12.19 -20.81
N VAL C 130 43.37 12.73 -21.51
CA VAL C 130 42.31 11.93 -22.13
C VAL C 130 42.28 12.34 -23.59
N CYS C 131 42.99 11.60 -24.43
CA CYS C 131 43.13 11.97 -25.84
C CYS C 131 43.27 10.69 -26.67
N GLU C 132 43.02 10.83 -27.97
CA GLU C 132 43.14 9.72 -28.90
C GLU C 132 44.61 9.43 -29.18
N PHE C 133 45.33 8.96 -28.16
CA PHE C 133 46.75 8.71 -28.31
C PHE C 133 47.01 7.53 -29.25
N GLN C 134 48.03 7.66 -30.08
CA GLN C 134 48.44 6.61 -31.01
C GLN C 134 49.48 5.74 -30.31
N PHE C 135 48.97 4.90 -29.40
CA PHE C 135 49.86 4.03 -28.63
C PHE C 135 50.58 3.06 -29.55
N CYS C 136 51.86 2.81 -29.25
CA CYS C 136 52.66 1.86 -30.00
C CYS C 136 52.45 0.44 -29.47
N ASN C 137 53.12 -0.52 -30.08
CA ASN C 137 52.96 -1.91 -29.67
C ASN C 137 53.55 -2.15 -28.29
N ASP C 138 54.65 -1.48 -27.96
CA ASP C 138 55.34 -1.66 -26.68
C ASP C 138 55.61 -0.29 -26.04
N PRO C 139 54.57 0.36 -25.53
CA PRO C 139 54.79 1.64 -24.84
C PRO C 139 55.68 1.48 -23.62
N PHE C 140 56.49 2.50 -23.34
CA PHE C 140 57.35 2.52 -22.18
C PHE C 140 57.91 3.92 -22.02
N LEU C 141 58.59 4.14 -20.89
CA LEU C 141 59.24 5.40 -20.58
C LEU C 141 60.73 5.12 -20.46
N GLY C 142 61.47 5.41 -21.53
CA GLY C 142 62.89 5.13 -21.57
C GLY C 142 63.75 6.33 -21.22
N VAL C 143 64.60 6.19 -20.20
CA VAL C 143 65.45 7.27 -19.73
C VAL C 143 66.89 6.95 -20.13
N TYR C 144 67.56 7.94 -20.72
CA TYR C 144 68.95 7.81 -21.12
C TYR C 144 69.85 8.50 -20.08
N TYR C 145 71.01 7.90 -19.83
CA TYR C 145 71.96 8.42 -18.87
C TYR C 145 72.88 9.41 -19.60
N HIS C 146 72.60 10.70 -19.46
CA HIS C 146 73.42 11.72 -20.10
C HIS C 146 74.82 11.70 -19.52
N LYS C 147 75.81 11.30 -20.32
CA LYS C 147 77.17 11.13 -19.84
C LYS C 147 77.92 12.44 -19.71
N ASN C 148 77.41 13.54 -20.26
CA ASN C 148 78.12 14.82 -20.14
C ASN C 148 78.24 15.25 -18.70
N ASN C 149 77.17 15.11 -17.91
CA ASN C 149 77.19 15.46 -16.50
C ASN C 149 76.68 14.31 -15.63
N LYS C 150 76.50 13.12 -16.19
CA LYS C 150 76.13 11.92 -15.44
C LYS C 150 74.80 12.14 -14.70
N SER C 151 73.76 12.34 -15.49
CA SER C 151 72.42 12.56 -14.96
C SER C 151 71.43 11.72 -15.75
N TRP C 152 70.34 11.33 -15.07
CA TRP C 152 69.27 10.57 -15.71
C TRP C 152 68.22 11.51 -16.28
N MET C 153 67.73 11.20 -17.48
CA MET C 153 66.70 12.00 -18.11
C MET C 153 65.91 11.12 -19.06
N GLU C 154 64.70 11.58 -19.39
CA GLU C 154 63.80 10.84 -20.27
C GLU C 154 64.06 11.24 -21.71
N SER C 155 64.35 10.25 -22.56
CA SER C 155 64.63 10.52 -23.97
C SER C 155 64.01 9.49 -24.90
N GLU C 156 63.10 8.64 -24.43
CA GLU C 156 62.43 7.66 -25.27
C GLU C 156 60.93 7.66 -24.99
N PHE C 157 60.32 8.84 -25.08
CA PHE C 157 58.89 8.97 -24.83
C PHE C 157 58.10 8.42 -26.01
N ARG C 158 58.16 7.10 -26.19
CA ARG C 158 57.47 6.42 -27.28
C ARG C 158 56.11 5.88 -26.86
N VAL C 159 55.50 6.46 -25.83
CA VAL C 159 54.21 5.97 -25.36
C VAL C 159 53.17 6.08 -26.46
N TYR C 160 53.14 7.21 -27.15
CA TYR C 160 52.20 7.43 -28.24
C TYR C 160 52.88 8.26 -29.33
N SER C 161 52.50 7.98 -30.58
CA SER C 161 53.07 8.73 -31.70
C SER C 161 52.52 10.15 -31.75
N SER C 162 51.21 10.31 -31.56
CA SER C 162 50.60 11.62 -31.61
C SER C 162 49.29 11.59 -30.83
N ALA C 163 48.80 12.77 -30.49
CA ALA C 163 47.56 12.93 -29.74
C ALA C 163 46.59 13.80 -30.54
N ASN C 164 45.33 13.39 -30.57
CA ASN C 164 44.29 14.10 -31.31
C ASN C 164 43.01 14.11 -30.50
N ASN C 165 42.17 15.11 -30.76
CA ASN C 165 40.88 15.26 -30.11
C ASN C 165 41.02 15.23 -28.59
N CYS C 166 41.87 16.12 -28.09
CA CYS C 166 42.08 16.23 -26.65
C CYS C 166 40.81 16.73 -25.97
N THR C 167 40.49 16.15 -24.82
CA THR C 167 39.29 16.50 -24.07
C THR C 167 39.53 16.79 -22.60
N PHE C 168 40.69 16.44 -22.04
CA PHE C 168 40.97 16.69 -20.65
C PHE C 168 42.46 16.50 -20.39
N GLU C 169 43.03 17.41 -19.59
CA GLU C 169 44.44 17.34 -19.24
C GLU C 169 44.64 17.89 -17.84
N TYR C 170 45.52 17.25 -17.07
CA TYR C 170 45.85 17.65 -15.71
C TYR C 170 47.36 17.54 -15.53
N VAL C 171 47.95 18.60 -14.97
CA VAL C 171 49.38 18.69 -14.74
C VAL C 171 49.62 19.08 -13.28
N SER C 172 50.51 18.35 -12.62
CA SER C 172 50.80 18.61 -11.21
C SER C 172 51.93 19.63 -11.08
N GLN C 173 52.28 19.95 -9.84
CA GLN C 173 53.33 20.93 -9.58
C GLN C 173 54.71 20.32 -9.86
N PRO C 174 55.72 21.16 -10.06
CA PRO C 174 57.07 20.63 -10.30
C PRO C 174 57.57 19.81 -9.11
N PHE C 175 58.29 18.73 -9.43
CA PHE C 175 58.95 17.91 -8.42
C PHE C 175 59.81 16.89 -9.13
N LEU C 176 60.86 16.44 -8.43
CA LEU C 176 61.82 15.49 -8.99
C LEU C 176 62.17 14.45 -7.94
N MET C 177 62.58 13.28 -8.41
CA MET C 177 62.98 12.19 -7.54
C MET C 177 64.19 11.49 -8.15
N ASP C 178 64.77 10.56 -7.38
CA ASP C 178 65.92 9.81 -7.87
C ASP C 178 65.50 8.90 -9.03
N LEU C 179 66.34 8.83 -10.05
CA LEU C 179 66.10 7.99 -11.21
C LEU C 179 67.02 6.79 -11.29
N GLU C 180 68.08 6.74 -10.49
CA GLU C 180 69.00 5.61 -10.55
C GLU C 180 68.31 4.32 -10.11
N GLY C 181 68.65 3.23 -10.77
CA GLY C 181 68.09 1.93 -10.44
C GLY C 181 68.79 1.27 -9.27
N LYS C 182 68.53 1.77 -8.06
CA LYS C 182 69.19 1.23 -6.88
C LYS C 182 68.81 -0.23 -6.68
N GLN C 183 69.78 -1.04 -6.24
CA GLN C 183 69.59 -2.45 -5.99
C GLN C 183 69.30 -2.68 -4.51
N GLY C 184 69.13 -3.95 -4.15
CA GLY C 184 68.84 -4.33 -2.77
C GLY C 184 67.39 -4.67 -2.56
N ASN C 185 67.09 -5.07 -1.33
CA ASN C 185 65.72 -5.44 -0.98
C ASN C 185 64.79 -4.24 -1.14
N PHE C 186 63.63 -4.49 -1.75
CA PHE C 186 62.65 -3.44 -1.94
C PHE C 186 62.13 -2.96 -0.59
N LYS C 187 61.87 -1.65 -0.49
CA LYS C 187 61.45 -1.05 0.77
C LYS C 187 60.20 -0.18 0.66
N ASN C 188 59.84 0.31 -0.52
CA ASN C 188 58.68 1.18 -0.69
C ASN C 188 57.58 0.41 -1.41
N LEU C 189 56.40 0.34 -0.79
CA LEU C 189 55.23 -0.32 -1.36
C LEU C 189 54.18 0.72 -1.66
N ARG C 190 53.74 0.77 -2.92
CA ARG C 190 52.71 1.70 -3.37
C ARG C 190 51.52 0.89 -3.88
N GLU C 191 50.35 1.12 -3.28
CA GLU C 191 49.13 0.41 -3.63
C GLU C 191 48.12 1.37 -4.20
N PHE C 192 47.52 1.00 -5.33
CA PHE C 192 46.52 1.82 -6.00
C PHE C 192 45.35 0.93 -6.40
N VAL C 193 44.16 1.52 -6.43
CA VAL C 193 42.95 0.83 -6.89
C VAL C 193 42.31 1.71 -7.95
N PHE C 194 42.26 1.21 -9.19
CA PHE C 194 41.65 1.92 -10.30
C PHE C 194 40.23 1.42 -10.48
N LYS C 195 39.27 2.34 -10.50
CA LYS C 195 37.86 1.98 -10.66
C LYS C 195 37.23 2.87 -11.71
N ASN C 196 36.21 2.34 -12.37
CA ASN C 196 35.47 3.07 -13.41
C ASN C 196 33.99 2.76 -13.23
N ILE C 197 33.25 3.71 -12.66
CA ILE C 197 31.82 3.53 -12.39
C ILE C 197 31.07 4.79 -12.76
N ASP C 198 29.90 4.59 -13.39
CA ASP C 198 28.93 5.63 -13.74
C ASP C 198 29.62 6.95 -14.14
N GLY C 199 30.46 6.90 -15.17
CA GLY C 199 31.08 8.11 -15.68
C GLY C 199 32.04 8.77 -14.71
N TYR C 200 32.84 7.96 -14.02
CA TYR C 200 33.83 8.46 -13.06
C TYR C 200 34.96 7.46 -12.93
N PHE C 201 36.18 7.95 -13.04
CA PHE C 201 37.38 7.14 -12.88
C PHE C 201 38.00 7.48 -11.52
N LYS C 202 37.98 6.53 -10.60
CA LYS C 202 38.46 6.73 -9.25
C LYS C 202 39.85 6.14 -9.10
N ILE C 203 40.78 6.96 -8.63
CA ILE C 203 42.17 6.55 -8.40
C ILE C 203 42.43 6.63 -6.91
N TYR C 204 42.77 5.50 -6.31
CA TYR C 204 43.18 5.40 -4.92
C TYR C 204 44.69 5.20 -4.85
N SER C 205 45.28 5.52 -3.70
CA SER C 205 46.72 5.39 -3.54
C SER C 205 47.07 5.24 -2.08
N LYS C 206 48.26 4.69 -1.83
CA LYS C 206 48.81 4.61 -0.49
C LYS C 206 50.27 4.19 -0.60
N HIS C 207 51.12 4.83 0.21
CA HIS C 207 52.54 4.55 0.24
C HIS C 207 52.94 4.09 1.63
N THR C 208 53.75 3.03 1.68
CA THR C 208 54.17 2.45 2.95
C THR C 208 55.64 2.06 2.85
N PRO C 209 56.38 2.10 3.95
CA PRO C 209 57.72 1.51 3.97
C PRO C 209 57.68 0.07 4.47
N ILE C 210 58.52 -0.76 3.85
CA ILE C 210 58.60 -2.18 4.14
C ILE C 210 60.06 -2.62 4.06
N ASN C 211 60.29 -3.90 4.34
CA ASN C 211 61.61 -4.49 4.27
C ASN C 211 61.64 -5.84 3.57
N LEU C 212 60.49 -6.34 3.12
CA LEU C 212 60.44 -7.62 2.44
C LEU C 212 61.01 -7.49 1.02
N VAL C 213 61.31 -8.65 0.42
CA VAL C 213 61.89 -8.69 -0.90
C VAL C 213 60.90 -9.19 -1.96
N ARG C 214 59.90 -9.97 -1.58
CA ARG C 214 58.95 -10.52 -2.54
C ARG C 214 57.61 -10.74 -1.85
N ASP C 215 56.57 -10.91 -2.68
CA ASP C 215 55.22 -11.20 -2.22
C ASP C 215 54.64 -10.03 -1.43
N LEU C 216 53.31 -9.92 -1.42
CA LEU C 216 52.67 -8.83 -0.70
C LEU C 216 52.77 -9.07 0.80
N PRO C 217 53.23 -8.07 1.58
CA PRO C 217 53.26 -8.25 3.03
C PRO C 217 51.86 -8.50 3.58
N GLN C 218 51.80 -9.35 4.62
CA GLN C 218 50.52 -9.70 5.23
C GLN C 218 49.86 -8.53 5.95
N GLY C 219 50.57 -7.42 6.16
CA GLY C 219 49.99 -6.30 6.86
C GLY C 219 48.78 -5.74 6.13
N PHE C 220 47.86 -5.19 6.90
CA PHE C 220 46.61 -4.63 6.39
C PHE C 220 46.70 -3.12 6.42
N SER C 221 46.36 -2.48 5.30
CA SER C 221 46.39 -1.04 5.18
C SER C 221 45.35 -0.59 4.17
N ALA C 222 44.48 0.34 4.58
CA ALA C 222 43.44 0.85 3.71
C ALA C 222 43.99 1.88 2.74
N LEU C 223 43.44 1.88 1.53
CA LEU C 223 43.85 2.81 0.48
C LEU C 223 42.88 3.98 0.48
N GLU C 224 43.35 5.14 0.94
CA GLU C 224 42.51 6.33 1.00
C GLU C 224 42.26 6.88 -0.40
N PRO C 225 41.13 7.55 -0.61
CA PRO C 225 40.86 8.15 -1.92
C PRO C 225 41.94 9.16 -2.29
N LEU C 226 42.32 9.15 -3.57
CA LEU C 226 43.31 10.10 -4.08
C LEU C 226 42.67 11.11 -5.05
N VAL C 227 42.04 10.64 -6.12
CA VAL C 227 41.49 11.55 -7.12
C VAL C 227 40.27 10.91 -7.75
N ASP C 228 39.34 11.74 -8.22
CA ASP C 228 38.21 11.31 -9.03
C ASP C 228 38.20 12.13 -10.32
N LEU C 229 38.09 11.44 -11.45
CA LEU C 229 38.18 12.06 -12.77
C LEU C 229 36.84 11.92 -13.48
N PRO C 230 36.27 13.01 -14.02
CA PRO C 230 35.14 12.87 -14.94
C PRO C 230 35.63 12.51 -16.33
N ILE C 231 35.45 11.24 -16.70
CA ILE C 231 35.92 10.72 -17.97
C ILE C 231 34.85 9.80 -18.54
N GLY C 232 34.62 9.90 -19.85
CA GLY C 232 33.60 9.13 -20.52
C GLY C 232 34.10 7.91 -21.27
N ILE C 233 35.40 7.66 -21.28
CA ILE C 233 35.93 6.51 -22.00
C ILE C 233 35.47 5.21 -21.34
N ASN C 234 35.22 4.20 -22.16
CA ASN C 234 34.75 2.89 -21.69
C ASN C 234 35.95 1.96 -21.58
N ILE C 235 36.67 2.10 -20.45
CA ILE C 235 37.90 1.34 -20.25
C ILE C 235 37.57 -0.15 -20.16
N THR C 236 38.29 -0.96 -20.93
CA THR C 236 38.15 -2.40 -20.87
C THR C 236 39.52 -3.08 -20.76
N ARG C 237 40.56 -2.42 -21.26
CA ARG C 237 41.92 -2.95 -21.24
C ARG C 237 42.87 -1.86 -20.80
N PHE C 238 43.95 -2.27 -20.14
CA PHE C 238 44.92 -1.32 -19.60
C PHE C 238 46.30 -1.95 -19.62
N GLN C 239 47.32 -1.10 -19.47
CA GLN C 239 48.71 -1.52 -19.47
C GLN C 239 49.44 -0.81 -18.35
N THR C 240 50.77 -0.95 -18.33
CA THR C 240 51.61 -0.34 -17.31
C THR C 240 52.84 0.25 -17.97
N LEU C 241 53.43 1.26 -17.33
CA LEU C 241 54.61 1.95 -17.85
C LEU C 241 55.75 1.82 -16.85
N LEU C 242 56.89 1.33 -17.34
CA LEU C 242 58.09 1.13 -16.55
C LEU C 242 59.16 2.12 -16.97
N ALA C 243 59.94 2.60 -16.00
CA ALA C 243 61.03 3.52 -16.26
C ALA C 243 62.19 2.73 -16.84
N LEU C 244 62.04 2.35 -18.11
CA LEU C 244 63.04 1.53 -18.78
C LEU C 244 64.39 2.25 -18.78
N HIS C 245 65.45 1.48 -18.53
CA HIS C 245 66.82 2.01 -18.55
C HIS C 245 67.49 1.54 -19.83
N ARG C 246 67.62 2.43 -20.80
CA ARG C 246 68.25 2.07 -22.07
C ARG C 246 69.68 1.61 -21.83
N SER C 247 69.96 0.36 -22.19
CA SER C 247 71.28 -0.20 -21.93
C SER C 247 72.39 0.59 -22.63
N TYR C 248 72.06 1.26 -23.73
CA TYR C 248 73.08 1.99 -24.47
C TYR C 248 73.68 3.11 -23.62
N LEU C 249 72.85 3.82 -22.86
CA LEU C 249 73.29 4.92 -22.01
C LEU C 249 72.96 4.56 -20.57
N THR C 250 73.91 3.90 -19.91
CA THR C 250 73.79 3.51 -18.50
C THR C 250 75.07 3.87 -17.78
N PRO C 251 74.99 4.08 -16.46
CA PRO C 251 76.21 4.42 -15.70
C PRO C 251 77.14 3.21 -15.58
N GLY C 252 78.34 3.36 -16.13
CA GLY C 252 79.36 2.34 -16.05
C GLY C 252 79.40 1.39 -17.23
N ASP C 253 78.39 1.40 -18.09
CA ASP C 253 78.36 0.51 -19.24
C ASP C 253 77.46 1.11 -20.31
N SER C 254 77.68 0.66 -21.55
CA SER C 254 76.89 1.11 -22.70
C SER C 254 76.55 -0.07 -23.59
N SER C 255 76.15 -1.18 -22.99
CA SER C 255 75.82 -2.37 -23.75
C SER C 255 74.54 -2.16 -24.56
N SER C 256 74.40 -2.98 -25.60
CA SER C 256 73.23 -2.90 -26.48
C SER C 256 72.04 -3.59 -25.82
N GLY C 257 70.89 -3.49 -26.48
CA GLY C 257 69.68 -4.10 -25.99
C GLY C 257 68.96 -3.23 -24.96
N TRP C 258 67.95 -3.83 -24.34
CA TRP C 258 67.11 -3.15 -23.36
C TRP C 258 67.31 -3.81 -22.01
N THR C 259 67.52 -3.00 -20.97
CA THR C 259 67.80 -3.50 -19.63
C THR C 259 67.04 -2.67 -18.61
N ALA C 260 66.92 -3.21 -17.40
CA ALA C 260 66.26 -2.51 -16.31
C ALA C 260 66.81 -3.03 -14.99
N GLY C 261 66.62 -2.24 -13.93
CA GLY C 261 67.05 -2.61 -12.61
C GLY C 261 66.04 -3.48 -11.89
N ALA C 262 66.32 -3.73 -10.62
CA ALA C 262 65.44 -4.55 -9.81
C ALA C 262 64.14 -3.80 -9.53
N ALA C 263 63.02 -4.45 -9.83
CA ALA C 263 61.70 -3.86 -9.60
C ALA C 263 60.65 -4.94 -9.78
N ALA C 264 59.68 -4.96 -8.88
CA ALA C 264 58.59 -5.93 -8.91
C ALA C 264 57.27 -5.23 -8.66
N TYR C 265 56.21 -5.71 -9.32
CA TYR C 265 54.88 -5.16 -9.14
C TYR C 265 53.86 -6.28 -9.30
N TYR C 266 52.68 -6.06 -8.72
CA TYR C 266 51.61 -7.05 -8.70
C TYR C 266 50.33 -6.43 -9.23
N VAL C 267 49.42 -7.29 -9.68
CA VAL C 267 48.14 -6.88 -10.23
C VAL C 267 47.03 -7.69 -9.56
N GLY C 268 45.85 -7.08 -9.50
CA GLY C 268 44.68 -7.73 -8.93
C GLY C 268 43.39 -7.30 -9.58
N TYR C 269 42.40 -8.18 -9.62
CA TYR C 269 41.12 -7.90 -10.26
C TYR C 269 40.03 -7.80 -9.22
N LEU C 270 39.26 -6.71 -9.27
CA LEU C 270 38.19 -6.49 -8.32
C LEU C 270 36.89 -7.14 -8.78
N GLN C 271 36.07 -7.54 -7.81
CA GLN C 271 34.79 -8.17 -8.06
C GLN C 271 33.77 -7.54 -7.12
N PRO C 272 32.47 -7.62 -7.46
CA PRO C 272 31.45 -7.09 -6.55
C PRO C 272 31.30 -7.95 -5.31
N ARG C 273 31.74 -7.44 -4.15
CA ARG C 273 31.73 -8.18 -2.91
C ARG C 273 31.19 -7.29 -1.80
N THR C 274 30.74 -7.93 -0.73
CA THR C 274 30.29 -7.25 0.48
C THR C 274 31.39 -7.35 1.53
N PHE C 275 31.82 -6.19 2.03
CA PHE C 275 32.92 -6.10 2.99
C PHE C 275 32.45 -5.41 4.26
N LEU C 276 32.89 -5.93 5.39
CA LEU C 276 32.65 -5.33 6.69
C LEU C 276 33.92 -4.61 7.11
N LEU C 277 33.85 -3.29 7.25
CA LEU C 277 34.99 -2.46 7.61
C LEU C 277 34.84 -1.98 9.05
N LYS C 278 35.95 -2.02 9.79
CA LYS C 278 35.97 -1.61 11.20
C LYS C 278 36.65 -0.25 11.28
N TYR C 279 35.83 0.82 11.28
CA TYR C 279 36.34 2.16 11.46
C TYR C 279 36.65 2.38 12.94
N ASN C 280 37.89 2.78 13.23
CA ASN C 280 38.32 2.97 14.61
C ASN C 280 37.79 4.30 15.13
N GLU C 281 38.28 4.72 16.30
CA GLU C 281 37.75 5.92 16.94
C GLU C 281 37.97 7.18 16.11
N ASN C 282 38.96 7.18 15.22
CA ASN C 282 39.29 8.36 14.42
C ASN C 282 39.10 8.11 12.93
N GLY C 283 38.15 7.24 12.58
CA GLY C 283 37.72 7.11 11.21
C GLY C 283 38.81 6.70 10.24
N THR C 284 39.71 5.82 10.66
CA THR C 284 40.68 5.20 9.77
C THR C 284 40.45 3.69 9.79
N ILE C 285 40.34 3.10 8.60
CA ILE C 285 40.02 1.69 8.48
C ILE C 285 41.17 0.89 9.10
N THR C 286 40.85 0.05 10.09
CA THR C 286 41.87 -0.77 10.75
C THR C 286 41.76 -2.24 10.37
N ASP C 287 40.58 -2.70 9.96
CA ASP C 287 40.40 -4.11 9.62
C ASP C 287 39.21 -4.25 8.67
N ALA C 288 39.30 -5.28 7.83
CA ALA C 288 38.26 -5.57 6.85
C ALA C 288 37.99 -7.07 6.84
N VAL C 289 36.74 -7.44 6.59
CA VAL C 289 36.31 -8.82 6.53
C VAL C 289 35.49 -9.02 5.25
N ASP C 290 35.77 -10.10 4.54
CA ASP C 290 35.08 -10.41 3.29
C ASP C 290 33.95 -11.40 3.58
N CYS C 291 32.72 -11.03 3.20
CA CYS C 291 31.57 -11.89 3.48
C CYS C 291 31.67 -13.24 2.79
N ALA C 292 32.09 -13.28 1.53
CA ALA C 292 32.08 -14.49 0.72
C ALA C 292 33.46 -15.14 0.66
N LEU C 293 34.23 -15.02 1.74
CA LEU C 293 35.53 -15.66 1.81
C LEU C 293 35.45 -17.04 2.46
N ASP C 294 34.99 -17.10 3.70
CA ASP C 294 34.81 -18.35 4.42
C ASP C 294 33.54 -18.23 5.25
N PRO C 295 32.95 -19.36 5.64
CA PRO C 295 31.71 -19.28 6.44
C PRO C 295 31.87 -18.47 7.72
N LEU C 296 33.05 -18.49 8.34
CA LEU C 296 33.25 -17.68 9.54
C LEU C 296 33.11 -16.20 9.23
N SER C 297 33.71 -15.74 8.12
CA SER C 297 33.58 -14.33 7.75
C SER C 297 32.15 -13.99 7.37
N GLU C 298 31.44 -14.91 6.71
CA GLU C 298 30.04 -14.67 6.41
C GLU C 298 29.23 -14.49 7.68
N THR C 299 29.45 -15.36 8.68
CA THR C 299 28.76 -15.20 9.95
C THR C 299 29.13 -13.87 10.61
N LYS C 300 30.42 -13.51 10.57
CA LYS C 300 30.85 -12.25 11.18
C LYS C 300 30.16 -11.05 10.55
N CYS C 301 30.09 -11.03 9.22
CA CYS C 301 29.54 -9.86 8.55
C CYS C 301 28.01 -9.88 8.53
N THR C 302 27.40 -11.04 8.78
CA THR C 302 25.96 -11.07 9.00
C THR C 302 25.61 -10.58 10.39
N LEU C 303 26.45 -10.89 11.38
CA LEU C 303 26.28 -10.36 12.72
C LEU C 303 26.83 -8.95 12.88
N LYS C 304 27.49 -8.42 11.85
CA LYS C 304 28.06 -7.07 11.90
C LYS C 304 29.01 -6.91 13.08
N SER C 305 29.81 -7.95 13.33
CA SER C 305 30.79 -7.91 14.40
C SER C 305 32.00 -8.74 13.98
N PHE C 306 33.16 -8.40 14.54
CA PHE C 306 34.39 -9.10 14.25
C PHE C 306 34.64 -10.29 15.17
N THR C 307 33.82 -10.47 16.20
CA THR C 307 33.94 -11.59 17.12
C THR C 307 32.61 -12.34 17.17
N VAL C 308 32.70 -13.67 17.14
CA VAL C 308 31.53 -14.54 17.16
C VAL C 308 31.68 -15.50 18.34
N GLU C 309 30.65 -15.58 19.16
CA GLU C 309 30.64 -16.48 20.31
C GLU C 309 30.07 -17.84 19.91
N LYS C 310 30.17 -18.78 20.85
CA LYS C 310 29.68 -20.13 20.59
C LYS C 310 28.19 -20.11 20.28
N GLY C 311 27.80 -20.80 19.23
CA GLY C 311 26.41 -20.88 18.84
C GLY C 311 26.26 -21.21 17.38
N ILE C 312 25.01 -21.26 16.95
CA ILE C 312 24.65 -21.55 15.56
C ILE C 312 23.88 -20.35 15.02
N TYR C 313 24.32 -19.84 13.87
CA TYR C 313 23.72 -18.67 13.24
C TYR C 313 23.37 -19.00 11.81
N GLN C 314 22.14 -18.67 11.41
CA GLN C 314 21.70 -18.85 10.02
C GLN C 314 22.20 -17.66 9.21
N THR C 315 23.15 -17.92 8.30
CA THR C 315 23.78 -16.86 7.53
C THR C 315 22.96 -16.45 6.30
N SER C 316 22.54 -17.42 5.49
CA SER C 316 21.82 -17.13 4.26
C SER C 316 21.10 -18.39 3.80
N ASN C 317 20.59 -18.35 2.57
CA ASN C 317 19.88 -19.47 1.97
C ASN C 317 20.51 -19.81 0.63
N PHE C 318 20.34 -21.06 0.22
CA PHE C 318 20.89 -21.55 -1.03
C PHE C 318 19.77 -22.19 -1.85
N ARG C 319 19.93 -22.16 -3.16
CA ARG C 319 18.94 -22.72 -4.07
C ARG C 319 19.66 -23.25 -5.30
N VAL C 320 19.49 -24.54 -5.59
CA VAL C 320 20.12 -25.12 -6.77
C VAL C 320 19.53 -24.45 -8.00
N GLN C 321 20.37 -23.72 -8.73
CA GLN C 321 19.90 -22.98 -9.89
C GLN C 321 19.49 -23.94 -11.01
N PRO C 322 18.60 -23.52 -11.89
CA PRO C 322 18.17 -24.40 -12.99
C PRO C 322 19.35 -24.82 -13.85
N THR C 323 19.58 -26.13 -13.94
CA THR C 323 20.66 -26.63 -14.76
C THR C 323 20.45 -26.30 -16.22
N GLU C 324 19.21 -26.43 -16.71
CA GLU C 324 18.91 -26.16 -18.10
C GLU C 324 17.42 -25.83 -18.22
N SER C 325 17.06 -25.24 -19.36
CA SER C 325 15.68 -24.88 -19.65
C SER C 325 15.07 -25.89 -20.60
N ILE C 326 13.92 -26.43 -20.22
CA ILE C 326 13.21 -27.44 -21.01
C ILE C 326 11.81 -26.91 -21.33
N VAL C 327 11.46 -26.93 -22.61
CA VAL C 327 10.14 -26.53 -23.08
C VAL C 327 9.55 -27.68 -23.88
N ARG C 328 8.31 -28.06 -23.58
CA ARG C 328 7.66 -29.19 -24.22
C ARG C 328 6.24 -28.80 -24.60
N PHE C 329 5.91 -29.00 -25.87
CA PHE C 329 4.60 -28.69 -26.44
C PHE C 329 4.06 -29.90 -27.19
N PRO C 330 2.75 -29.94 -27.47
CA PRO C 330 2.18 -31.11 -28.15
C PRO C 330 2.90 -31.49 -29.43
N ASN C 331 2.62 -32.68 -29.94
CA ASN C 331 3.32 -33.22 -31.10
C ASN C 331 3.00 -32.40 -32.35
N ILE C 332 3.66 -32.78 -33.45
CA ILE C 332 3.45 -32.10 -34.72
C ILE C 332 2.04 -32.39 -35.25
N THR C 333 1.55 -33.61 -35.05
CA THR C 333 0.22 -34.01 -35.52
C THR C 333 0.22 -34.14 -37.04
N ASN C 334 -0.98 -34.34 -37.61
CA ASN C 334 -1.09 -34.50 -39.05
C ASN C 334 -0.68 -33.22 -39.77
N LEU C 335 -0.11 -33.37 -40.97
CA LEU C 335 0.31 -32.24 -41.76
C LEU C 335 -0.87 -31.31 -42.05
N CYS C 336 -0.83 -30.10 -41.52
CA CYS C 336 -1.91 -29.16 -41.67
C CYS C 336 -1.92 -28.56 -43.08
N PRO C 337 -3.05 -27.99 -43.51
CA PRO C 337 -3.07 -27.29 -44.81
C PRO C 337 -2.20 -26.05 -44.85
N PHE C 338 -1.62 -25.64 -43.72
CA PHE C 338 -0.76 -24.47 -43.71
C PHE C 338 0.32 -24.56 -44.80
N GLY C 339 1.03 -25.70 -44.84
CA GLY C 339 1.97 -25.91 -45.93
C GLY C 339 1.30 -25.93 -47.27
N GLU C 340 0.11 -26.54 -47.35
CA GLU C 340 -0.64 -26.54 -48.60
C GLU C 340 -1.02 -25.12 -49.02
N VAL C 341 -1.44 -24.30 -48.05
CA VAL C 341 -1.75 -22.91 -48.36
C VAL C 341 -0.52 -22.20 -48.90
N PHE C 342 0.63 -22.40 -48.25
CA PHE C 342 1.87 -21.80 -48.70
C PHE C 342 2.60 -22.64 -49.74
N ASN C 343 2.07 -23.81 -50.09
CA ASN C 343 2.63 -24.64 -51.15
C ASN C 343 1.52 -25.19 -52.03
N ALA C 344 0.48 -24.38 -52.26
CA ALA C 344 -0.64 -24.82 -53.06
C ALA C 344 -0.23 -25.03 -54.50
N THR C 345 -0.74 -26.10 -55.12
CA THR C 345 -0.46 -26.36 -56.53
C THR C 345 -1.01 -25.24 -57.40
N ARG C 346 -2.21 -24.78 -57.10
CA ARG C 346 -2.86 -23.69 -57.83
C ARG C 346 -3.10 -22.52 -56.88
N PHE C 347 -2.74 -21.32 -57.31
CA PHE C 347 -2.90 -20.11 -56.52
C PHE C 347 -3.93 -19.21 -57.19
N ALA C 348 -4.87 -18.69 -56.41
CA ALA C 348 -5.91 -17.84 -56.94
C ALA C 348 -5.34 -16.48 -57.34
N SER C 349 -6.08 -15.79 -58.21
CA SER C 349 -5.66 -14.47 -58.66
C SER C 349 -5.81 -13.44 -57.55
N VAL C 350 -5.16 -12.29 -57.74
CA VAL C 350 -5.21 -11.23 -56.74
C VAL C 350 -6.63 -10.73 -56.56
N TYR C 351 -7.36 -10.54 -57.66
CA TYR C 351 -8.72 -10.03 -57.57
C TYR C 351 -9.65 -11.03 -56.90
N ALA C 352 -9.27 -12.31 -56.88
CA ALA C 352 -10.07 -13.36 -56.27
C ALA C 352 -9.27 -14.09 -55.19
N TRP C 353 -8.56 -13.32 -54.35
CA TRP C 353 -7.77 -13.92 -53.29
C TRP C 353 -8.64 -14.75 -52.37
N ASN C 354 -8.15 -15.93 -52.00
CA ASN C 354 -8.91 -16.88 -51.20
C ASN C 354 -8.62 -16.64 -49.71
N ARG C 355 -9.68 -16.44 -48.93
CA ARG C 355 -9.55 -16.25 -47.49
C ARG C 355 -9.66 -17.62 -46.79
N LYS C 356 -8.55 -18.36 -46.85
CA LYS C 356 -8.52 -19.69 -46.28
C LYS C 356 -8.33 -19.62 -44.78
N ARG C 357 -8.87 -20.62 -44.08
CA ARG C 357 -8.79 -20.70 -42.64
C ARG C 357 -8.31 -22.08 -42.22
N ILE C 358 -7.58 -22.12 -41.11
CA ILE C 358 -7.02 -23.34 -40.56
C ILE C 358 -7.56 -23.52 -39.15
N SER C 359 -8.07 -24.72 -38.86
CA SER C 359 -8.61 -25.01 -37.54
C SER C 359 -8.53 -26.52 -37.31
N ASN C 360 -8.64 -26.91 -36.05
CA ASN C 360 -8.52 -28.31 -35.64
C ASN C 360 -7.18 -28.89 -36.07
N CYS C 361 -6.14 -28.05 -36.14
CA CYS C 361 -4.84 -28.49 -36.61
C CYS C 361 -3.79 -27.51 -36.10
N VAL C 362 -2.64 -28.05 -35.72
CA VAL C 362 -1.52 -27.27 -35.21
C VAL C 362 -0.47 -27.20 -36.31
N ALA C 363 -0.14 -25.99 -36.74
CA ALA C 363 0.76 -25.75 -37.86
C ALA C 363 1.78 -24.69 -37.47
N ASP C 364 3.06 -25.03 -37.55
CA ASP C 364 4.15 -24.11 -37.24
C ASP C 364 4.95 -23.85 -38.50
N TYR C 365 5.21 -22.57 -38.79
CA TYR C 365 6.03 -22.22 -39.94
C TYR C 365 7.46 -22.72 -39.78
N SER C 366 7.93 -22.85 -38.55
CA SER C 366 9.28 -23.35 -38.32
C SER C 366 9.44 -24.77 -38.88
N VAL C 367 8.45 -25.62 -38.67
CA VAL C 367 8.50 -26.97 -39.22
C VAL C 367 8.48 -26.92 -40.74
N LEU C 368 7.70 -25.99 -41.32
CA LEU C 368 7.60 -25.82 -42.75
C LEU C 368 8.65 -24.85 -43.29
N TYR C 369 9.76 -24.66 -42.58
CA TYR C 369 10.83 -23.77 -43.00
C TYR C 369 11.73 -24.38 -44.07
N ASN C 370 11.52 -25.65 -44.42
CA ASN C 370 12.40 -26.30 -45.39
C ASN C 370 12.48 -25.53 -46.70
N SER C 371 11.38 -24.87 -47.10
CA SER C 371 11.39 -24.11 -48.34
C SER C 371 12.42 -22.99 -48.28
N ALA C 372 12.21 -22.02 -47.36
CA ALA C 372 13.15 -20.92 -47.16
C ALA C 372 13.39 -20.16 -48.47
N SER C 373 12.39 -20.13 -49.34
CA SER C 373 12.49 -19.45 -50.63
C SER C 373 11.88 -18.06 -50.60
N PHE C 374 11.44 -17.60 -49.42
CA PHE C 374 10.80 -16.29 -49.32
C PHE C 374 11.78 -15.19 -49.70
N SER C 375 11.32 -14.26 -50.55
CA SER C 375 12.15 -13.13 -50.95
C SER C 375 12.06 -11.95 -49.99
N THR C 376 11.15 -11.99 -49.03
CA THR C 376 10.99 -10.91 -48.07
C THR C 376 10.31 -11.44 -46.82
N PHE C 377 10.77 -10.98 -45.66
CA PHE C 377 10.22 -11.39 -44.36
C PHE C 377 9.65 -10.13 -43.69
N LYS C 378 8.36 -9.88 -43.91
CA LYS C 378 7.68 -8.72 -43.35
C LYS C 378 6.70 -9.18 -42.28
N CYS C 379 6.79 -8.60 -41.09
CA CYS C 379 5.89 -8.90 -39.99
C CYS C 379 5.62 -7.63 -39.20
N TYR C 380 4.36 -7.25 -39.13
CA TYR C 380 3.93 -6.10 -38.32
C TYR C 380 3.50 -6.50 -36.92
N GLY C 381 3.51 -7.80 -36.59
CA GLY C 381 3.16 -8.28 -35.27
C GLY C 381 4.11 -9.34 -34.78
N VAL C 382 3.56 -10.48 -34.35
CA VAL C 382 4.35 -11.61 -33.87
C VAL C 382 3.95 -12.85 -34.67
N SER C 383 4.93 -13.48 -35.30
CA SER C 383 4.71 -14.70 -36.07
C SER C 383 4.79 -15.92 -35.18
N PRO C 384 4.16 -17.04 -35.57
CA PRO C 384 4.34 -18.27 -34.78
C PRO C 384 5.80 -18.68 -34.65
N THR C 385 6.59 -18.50 -35.71
CA THR C 385 8.02 -18.78 -35.60
C THR C 385 8.73 -17.70 -34.78
N LYS C 386 8.41 -16.43 -35.03
CA LYS C 386 9.02 -15.35 -34.27
C LYS C 386 8.65 -15.46 -32.79
N LEU C 387 7.38 -15.74 -32.49
CA LEU C 387 6.90 -15.94 -31.14
C LEU C 387 6.23 -17.31 -31.07
N ASN C 388 6.74 -18.17 -30.19
CA ASN C 388 6.31 -19.57 -30.13
C ASN C 388 5.53 -19.86 -28.85
N ASP C 389 4.82 -18.87 -28.32
CA ASP C 389 4.06 -19.03 -27.09
C ASP C 389 2.70 -18.36 -27.23
N LEU C 390 2.04 -18.56 -28.36
CA LEU C 390 0.74 -17.95 -28.60
C LEU C 390 -0.02 -18.80 -29.62
N CYS C 391 -1.35 -18.71 -29.56
CA CYS C 391 -2.26 -19.61 -30.27
C CYS C 391 -3.36 -18.82 -30.97
N PHE C 392 -2.97 -17.85 -31.80
CA PHE C 392 -3.91 -16.95 -32.46
C PHE C 392 -5.20 -17.67 -32.85
N THR C 393 -6.33 -17.11 -32.42
CA THR C 393 -7.63 -17.72 -32.66
C THR C 393 -7.96 -17.74 -34.15
N ASN C 394 -8.11 -16.57 -34.76
CA ASN C 394 -8.48 -16.46 -36.17
C ASN C 394 -7.23 -16.25 -37.02
N VAL C 395 -6.45 -17.32 -37.15
CA VAL C 395 -5.24 -17.30 -37.98
C VAL C 395 -5.68 -17.71 -39.38
N TYR C 396 -6.11 -16.72 -40.16
CA TYR C 396 -6.58 -16.93 -41.52
C TYR C 396 -5.56 -16.38 -42.51
N ALA C 397 -5.40 -17.07 -43.63
CA ALA C 397 -4.41 -16.73 -44.64
C ALA C 397 -5.10 -16.29 -45.93
N ASP C 398 -4.61 -15.19 -46.50
CA ASP C 398 -5.08 -14.69 -47.78
C ASP C 398 -4.16 -15.24 -48.87
N SER C 399 -4.59 -16.31 -49.52
CA SER C 399 -3.79 -16.95 -50.56
C SER C 399 -4.11 -16.32 -51.91
N PHE C 400 -3.07 -15.88 -52.61
CA PHE C 400 -3.22 -15.23 -53.92
C PHE C 400 -1.83 -15.01 -54.49
N VAL C 401 -1.79 -14.49 -55.71
CA VAL C 401 -0.56 -14.19 -56.42
C VAL C 401 -0.68 -12.79 -57.02
N ILE C 402 0.37 -11.98 -56.86
CA ILE C 402 0.38 -10.61 -57.33
C ILE C 402 1.67 -10.34 -58.08
N ARG C 403 1.66 -9.27 -58.88
CA ARG C 403 2.84 -8.86 -59.61
C ARG C 403 3.94 -8.41 -58.64
N GLY C 404 5.19 -8.52 -59.09
CA GLY C 404 6.30 -8.19 -58.22
C GLY C 404 6.24 -6.77 -57.70
N ASP C 405 5.95 -5.81 -58.59
CA ASP C 405 5.93 -4.41 -58.19
C ASP C 405 4.92 -4.13 -57.09
N GLU C 406 3.90 -4.99 -56.94
CA GLU C 406 2.88 -4.80 -55.92
C GLU C 406 3.33 -5.27 -54.54
N VAL C 407 4.47 -5.95 -54.43
CA VAL C 407 4.91 -6.44 -53.13
C VAL C 407 5.11 -5.29 -52.16
N ARG C 408 5.65 -4.16 -52.66
CA ARG C 408 5.86 -3.00 -51.81
C ARG C 408 4.54 -2.41 -51.32
N GLN C 409 3.44 -2.69 -52.00
CA GLN C 409 2.15 -2.10 -51.68
C GLN C 409 1.36 -2.92 -50.67
N ILE C 410 1.92 -4.01 -50.16
CA ILE C 410 1.26 -4.81 -49.12
C ILE C 410 1.73 -4.23 -47.79
N ALA C 411 1.03 -3.18 -47.33
CA ALA C 411 1.38 -2.51 -46.10
C ALA C 411 0.11 -1.89 -45.52
N PRO C 412 0.09 -1.59 -44.22
CA PRO C 412 -1.11 -1.01 -43.62
C PRO C 412 -1.44 0.35 -44.23
N GLY C 413 -2.73 0.59 -44.44
CA GLY C 413 -3.18 1.87 -44.95
C GLY C 413 -2.57 2.25 -46.27
N GLN C 414 -2.15 1.29 -47.07
CA GLN C 414 -1.51 1.58 -48.34
C GLN C 414 -2.54 2.04 -49.37
N THR C 415 -2.07 2.81 -50.35
CA THR C 415 -2.90 3.30 -51.44
C THR C 415 -2.15 3.12 -52.76
N GLY C 416 -2.89 2.81 -53.81
CA GLY C 416 -2.30 2.68 -55.14
C GLY C 416 -2.46 1.31 -55.74
N LYS C 417 -3.21 1.22 -56.84
CA LYS C 417 -3.36 -0.01 -57.60
C LYS C 417 -3.87 -1.16 -56.71
N ILE C 418 -2.96 -2.03 -56.27
CA ILE C 418 -3.39 -3.21 -55.52
C ILE C 418 -4.05 -2.81 -54.21
N ALA C 419 -3.47 -1.83 -53.51
CA ALA C 419 -4.02 -1.41 -52.23
C ALA C 419 -5.38 -0.72 -52.37
N ASP C 420 -5.79 -0.38 -53.59
CA ASP C 420 -7.06 0.31 -53.82
C ASP C 420 -8.16 -0.64 -54.26
N TYR C 421 -7.92 -1.42 -55.32
CA TYR C 421 -8.95 -2.22 -55.96
C TYR C 421 -8.70 -3.72 -55.84
N ASN C 422 -7.51 -4.19 -56.24
CA ASN C 422 -7.28 -5.63 -56.30
C ASN C 422 -7.37 -6.27 -54.92
N TYR C 423 -6.64 -5.73 -53.94
CA TYR C 423 -6.63 -6.31 -52.60
C TYR C 423 -6.19 -5.22 -51.62
N LYS C 424 -7.14 -4.76 -50.80
CA LYS C 424 -6.85 -3.82 -49.71
C LYS C 424 -7.03 -4.59 -48.41
N LEU C 425 -5.92 -4.97 -47.79
CA LEU C 425 -5.98 -5.71 -46.54
C LEU C 425 -6.49 -4.80 -45.42
N PRO C 426 -7.02 -5.38 -44.34
CA PRO C 426 -7.59 -4.56 -43.27
C PRO C 426 -6.57 -3.58 -42.70
N ASP C 427 -7.03 -2.37 -42.40
CA ASP C 427 -6.18 -1.34 -41.84
C ASP C 427 -5.64 -1.71 -40.46
N ASP C 428 -6.47 -2.28 -39.59
CA ASP C 428 -6.06 -2.67 -38.25
C ASP C 428 -5.61 -4.13 -38.20
N PHE C 429 -5.12 -4.67 -39.31
CA PHE C 429 -4.71 -6.06 -39.36
C PHE C 429 -3.43 -6.27 -38.56
N THR C 430 -3.18 -7.53 -38.22
CA THR C 430 -1.95 -7.96 -37.54
C THR C 430 -1.53 -9.27 -38.18
N GLY C 431 -0.40 -9.26 -38.88
CA GLY C 431 0.05 -10.47 -39.55
C GLY C 431 1.33 -10.22 -40.32
N CYS C 432 1.82 -11.29 -40.94
CA CYS C 432 3.02 -11.25 -41.76
C CYS C 432 2.64 -11.41 -43.23
N VAL C 433 3.22 -10.58 -44.08
CA VAL C 433 3.03 -10.67 -45.53
C VAL C 433 4.31 -11.27 -46.11
N ILE C 434 4.18 -12.42 -46.76
CA ILE C 434 5.30 -13.16 -47.31
C ILE C 434 5.16 -13.19 -48.83
N ALA C 435 6.16 -12.69 -49.53
CA ALA C 435 6.16 -12.62 -50.99
C ALA C 435 7.36 -13.42 -51.50
N TRP C 436 7.10 -14.63 -52.00
CA TRP C 436 8.13 -15.49 -52.55
C TRP C 436 7.90 -15.66 -54.05
N ASN C 437 8.98 -15.55 -54.82
CA ASN C 437 8.92 -15.66 -56.28
C ASN C 437 9.40 -17.05 -56.68
N SER C 438 8.54 -17.79 -57.39
CA SER C 438 8.86 -19.14 -57.84
C SER C 438 8.95 -19.23 -59.35
N ASN C 439 7.90 -18.82 -60.07
CA ASN C 439 7.88 -18.86 -61.53
C ASN C 439 8.24 -20.25 -62.05
N ASN C 440 7.74 -21.29 -61.38
CA ASN C 440 7.99 -22.67 -61.80
C ASN C 440 6.79 -23.23 -62.56
N LEU C 441 5.61 -23.21 -61.94
CA LEU C 441 4.40 -23.68 -62.60
C LEU C 441 3.92 -22.74 -63.69
N ASP C 442 4.45 -21.51 -63.76
CA ASP C 442 3.99 -20.57 -64.77
C ASP C 442 4.40 -21.02 -66.17
N SER C 443 5.44 -21.84 -66.28
CA SER C 443 6.00 -22.34 -67.54
C SER C 443 6.79 -21.28 -68.29
N LYS C 444 6.80 -20.03 -67.82
CA LYS C 444 7.55 -18.95 -68.44
C LYS C 444 7.49 -17.75 -67.52
N VAL C 445 8.60 -17.04 -67.40
CA VAL C 445 8.67 -15.85 -66.52
C VAL C 445 8.24 -14.67 -67.38
N GLY C 446 6.91 -14.51 -67.52
CA GLY C 446 6.35 -13.36 -68.17
C GLY C 446 5.12 -12.82 -67.47
N GLY C 447 4.57 -13.60 -66.54
CA GLY C 447 3.33 -13.24 -65.88
C GLY C 447 2.14 -13.90 -66.54
N ASN C 448 1.59 -14.92 -65.89
CA ASN C 448 0.49 -15.67 -66.48
C ASN C 448 -0.75 -14.79 -66.62
N TYR C 449 -1.40 -14.88 -67.78
CA TYR C 449 -2.63 -14.12 -68.01
C TYR C 449 -3.77 -14.59 -67.11
N ASN C 450 -3.72 -15.84 -66.65
CA ASN C 450 -4.77 -16.33 -65.77
C ASN C 450 -4.80 -15.58 -64.43
N TYR C 451 -3.65 -15.02 -64.01
CA TYR C 451 -3.57 -14.26 -62.77
C TYR C 451 -3.89 -12.79 -63.05
N LEU C 452 -5.17 -12.55 -63.36
CA LEU C 452 -5.63 -11.21 -63.67
C LEU C 452 -5.73 -10.37 -62.40
N TYR C 453 -5.82 -9.06 -62.59
CA TYR C 453 -5.99 -8.11 -61.50
C TYR C 453 -6.97 -7.02 -61.93
N ARG C 454 -7.89 -6.68 -61.05
CA ARG C 454 -8.94 -5.73 -61.36
C ARG C 454 -8.40 -4.30 -61.33
N LEU C 455 -9.25 -3.35 -61.71
CA LEU C 455 -8.88 -1.95 -61.72
C LEU C 455 -10.12 -1.13 -62.01
N PHE C 456 -10.04 0.18 -61.76
CA PHE C 456 -11.13 1.10 -62.06
C PHE C 456 -12.32 0.83 -61.15
N ARG C 457 -13.53 0.91 -61.71
CA ARG C 457 -14.81 0.78 -61.01
C ARG C 457 -15.14 2.01 -60.15
N LYS C 458 -14.24 2.99 -60.07
CA LYS C 458 -14.48 4.24 -59.34
C LYS C 458 -14.84 4.00 -57.88
N SER C 459 -14.44 2.86 -57.32
CA SER C 459 -14.73 2.55 -55.93
C SER C 459 -13.65 1.59 -55.43
N ASN C 460 -12.70 2.13 -54.67
CA ASN C 460 -11.65 1.30 -54.09
C ASN C 460 -12.24 0.29 -53.11
N LEU C 461 -11.69 -0.91 -53.13
CA LEU C 461 -12.16 -1.96 -52.22
C LEU C 461 -11.95 -1.52 -50.78
N LYS C 462 -12.90 -1.86 -49.92
CA LYS C 462 -12.78 -1.56 -48.51
C LYS C 462 -11.71 -2.45 -47.88
N PRO C 463 -11.20 -2.08 -46.70
CA PRO C 463 -10.11 -2.86 -46.09
C PRO C 463 -10.46 -4.32 -45.86
N PHE C 464 -11.74 -4.68 -45.80
CA PHE C 464 -12.13 -6.06 -45.57
C PHE C 464 -13.23 -6.54 -46.50
N GLU C 465 -13.30 -6.04 -47.74
CA GLU C 465 -14.34 -6.43 -48.68
C GLU C 465 -13.73 -6.95 -49.98
N ARG C 466 -14.55 -7.62 -50.77
CA ARG C 466 -14.15 -8.16 -52.06
C ARG C 466 -15.22 -7.83 -53.10
N ASP C 467 -14.79 -7.77 -54.35
CA ASP C 467 -15.69 -7.47 -55.46
C ASP C 467 -15.45 -8.46 -56.60
N ILE C 468 -15.39 -9.75 -56.25
CA ILE C 468 -15.17 -10.78 -57.26
C ILE C 468 -16.35 -10.81 -58.21
N SER C 469 -16.10 -10.43 -59.47
CA SER C 469 -17.15 -10.40 -60.48
C SER C 469 -16.56 -10.30 -61.88
N THR C 470 -16.95 -11.22 -62.76
CA THR C 470 -16.48 -11.20 -64.15
C THR C 470 -17.41 -10.34 -65.01
N GLU C 471 -17.45 -9.06 -64.65
CA GLU C 471 -18.30 -8.07 -65.31
C GLU C 471 -17.45 -7.09 -66.10
N ILE C 472 -18.13 -6.15 -66.75
CA ILE C 472 -17.48 -5.13 -67.58
C ILE C 472 -17.75 -3.77 -66.97
N TYR C 473 -16.71 -2.98 -66.80
CA TYR C 473 -16.85 -1.66 -66.19
C TYR C 473 -17.87 -0.82 -66.96
N GLN C 474 -18.78 -0.20 -66.23
CA GLN C 474 -19.84 0.58 -66.86
C GLN C 474 -19.25 1.80 -67.57
N ALA C 475 -19.69 2.03 -68.80
CA ALA C 475 -19.23 3.18 -69.56
C ALA C 475 -19.93 4.46 -69.09
N GLY C 476 -19.21 5.57 -69.14
CA GLY C 476 -19.72 6.85 -68.71
C GLY C 476 -20.52 7.61 -69.75
N SER C 477 -20.60 7.11 -70.97
CA SER C 477 -21.31 7.79 -72.06
C SER C 477 -22.56 7.05 -72.50
N THR C 478 -22.42 5.77 -72.88
CA THR C 478 -23.54 4.98 -73.35
C THR C 478 -23.54 3.62 -72.67
N PRO C 479 -24.71 2.99 -72.53
CA PRO C 479 -24.74 1.66 -71.90
C PRO C 479 -23.97 0.64 -72.70
N CYS C 480 -23.36 -0.31 -71.97
CA CYS C 480 -22.64 -1.40 -72.61
C CYS C 480 -22.30 -2.43 -71.54
N ASN C 481 -22.34 -3.71 -71.94
CA ASN C 481 -22.01 -4.80 -71.03
C ASN C 481 -21.16 -5.87 -71.70
N GLY C 482 -20.43 -5.51 -72.76
CA GLY C 482 -19.63 -6.49 -73.47
C GLY C 482 -18.96 -5.86 -74.67
N VAL C 483 -18.39 -6.72 -75.51
CA VAL C 483 -17.69 -6.32 -76.72
C VAL C 483 -16.79 -5.13 -76.43
N GLU C 484 -16.50 -4.32 -77.45
CA GLU C 484 -15.63 -3.15 -77.31
C GLU C 484 -16.44 -1.91 -77.67
N GLY C 485 -17.11 -1.34 -76.67
CA GLY C 485 -17.88 -0.13 -76.82
C GLY C 485 -17.12 1.08 -76.30
N PHE C 486 -17.82 2.23 -76.32
CA PHE C 486 -17.23 3.47 -75.83
C PHE C 486 -17.08 3.40 -74.31
N ASN C 487 -15.85 3.64 -73.83
CA ASN C 487 -15.55 3.61 -72.40
C ASN C 487 -15.97 2.29 -71.76
N CYS C 488 -15.83 1.19 -72.51
CA CYS C 488 -16.14 -0.15 -72.02
C CYS C 488 -14.82 -0.92 -71.93
N TYR C 489 -14.38 -1.20 -70.71
CA TYR C 489 -13.11 -1.86 -70.47
C TYR C 489 -13.32 -3.10 -69.60
N PHE C 490 -12.44 -4.08 -69.77
CA PHE C 490 -12.47 -5.27 -68.94
C PHE C 490 -11.75 -4.96 -67.63
N PRO C 491 -12.43 -4.98 -66.49
CA PRO C 491 -11.76 -4.57 -65.24
C PRO C 491 -10.56 -5.42 -64.90
N LEU C 492 -10.61 -6.72 -65.18
CA LEU C 492 -9.54 -7.65 -64.82
C LEU C 492 -8.46 -7.57 -65.89
N GLN C 493 -7.28 -7.07 -65.51
CA GLN C 493 -6.15 -6.97 -66.42
C GLN C 493 -5.26 -8.19 -66.27
N SER C 494 -4.96 -8.85 -67.39
CA SER C 494 -4.18 -10.07 -67.39
C SER C 494 -2.71 -9.76 -67.65
N TYR C 495 -1.84 -10.35 -66.84
CA TYR C 495 -0.41 -10.18 -67.04
C TYR C 495 0.00 -10.67 -68.42
N GLY C 496 0.78 -9.86 -69.13
CA GLY C 496 1.21 -10.21 -70.47
C GLY C 496 1.99 -11.51 -70.52
N PHE C 497 1.62 -12.40 -71.44
CA PHE C 497 2.33 -13.66 -71.58
C PHE C 497 3.71 -13.49 -72.19
N GLN C 498 3.98 -12.36 -72.83
CA GLN C 498 5.29 -12.11 -73.40
C GLN C 498 6.31 -11.86 -72.29
N PRO C 499 7.60 -11.95 -72.61
CA PRO C 499 8.62 -11.79 -71.57
C PRO C 499 8.48 -10.46 -70.84
N THR C 500 8.70 -10.49 -69.53
CA THR C 500 8.53 -9.35 -68.66
C THR C 500 9.87 -8.97 -68.05
N ASN C 501 9.89 -7.85 -67.34
CA ASN C 501 11.11 -7.35 -66.73
C ASN C 501 11.46 -8.21 -65.52
N GLY C 502 12.44 -7.78 -64.74
CA GLY C 502 12.96 -8.56 -63.63
C GLY C 502 11.92 -8.88 -62.56
N VAL C 503 12.39 -9.41 -61.43
CA VAL C 503 11.48 -9.88 -60.39
C VAL C 503 10.50 -8.80 -59.95
N GLY C 504 10.85 -7.53 -60.14
CA GLY C 504 9.93 -6.45 -59.78
C GLY C 504 8.65 -6.46 -60.56
N TYR C 505 8.60 -7.19 -61.67
CA TYR C 505 7.42 -7.29 -62.52
C TYR C 505 7.07 -8.75 -62.78
N GLN C 506 7.06 -9.56 -61.73
CA GLN C 506 6.80 -10.98 -61.80
C GLN C 506 5.68 -11.35 -60.84
N PRO C 507 4.97 -12.45 -61.10
CA PRO C 507 3.83 -12.85 -60.24
C PRO C 507 4.25 -13.51 -58.93
N TYR C 508 4.59 -12.67 -57.95
CA TYR C 508 4.97 -13.17 -56.64
C TYR C 508 3.81 -13.96 -56.02
N ARG C 509 4.12 -15.12 -55.46
CA ARG C 509 3.13 -15.92 -54.72
C ARG C 509 3.06 -15.36 -53.29
N VAL C 510 2.27 -14.31 -53.14
CA VAL C 510 2.22 -13.52 -51.90
C VAL C 510 1.05 -14.02 -51.06
N VAL C 511 1.33 -14.26 -49.78
CA VAL C 511 0.33 -14.71 -48.81
C VAL C 511 0.42 -13.83 -47.57
N VAL C 512 -0.74 -13.43 -47.07
CA VAL C 512 -0.84 -12.56 -45.90
C VAL C 512 -1.27 -13.40 -44.72
N LEU C 513 -0.44 -13.42 -43.67
CA LEU C 513 -0.74 -14.17 -42.45
C LEU C 513 -1.50 -13.26 -41.45
N SER C 514 -2.62 -12.73 -41.93
CA SER C 514 -3.41 -11.80 -41.13
C SER C 514 -4.15 -12.53 -40.03
N PHE C 515 -3.46 -12.80 -38.92
CA PHE C 515 -4.08 -13.45 -37.77
C PHE C 515 -4.85 -12.44 -36.96
N GLU C 516 -5.98 -12.87 -36.39
CA GLU C 516 -6.80 -12.03 -35.53
C GLU C 516 -7.25 -12.83 -34.32
N LEU C 517 -7.49 -12.13 -33.22
CA LEU C 517 -7.96 -12.74 -31.98
C LEU C 517 -9.20 -12.00 -31.53
N LEU C 518 -10.30 -12.73 -31.37
CA LEU C 518 -11.54 -12.18 -30.87
C LEU C 518 -11.66 -12.47 -29.37
N HIS C 519 -12.85 -12.22 -28.81
CA HIS C 519 -13.07 -12.52 -27.41
C HIS C 519 -12.89 -14.00 -27.08
N ALA C 520 -12.96 -14.86 -28.09
CA ALA C 520 -12.79 -16.28 -27.86
C ALA C 520 -11.37 -16.59 -27.44
N PRO C 521 -11.16 -17.65 -26.65
CA PRO C 521 -9.81 -17.99 -26.22
C PRO C 521 -8.92 -18.39 -27.39
N ALA C 522 -7.62 -18.18 -27.22
CA ALA C 522 -6.66 -18.56 -28.25
C ALA C 522 -6.74 -20.05 -28.52
N THR C 523 -6.77 -20.41 -29.80
CA THR C 523 -6.88 -21.81 -30.23
C THR C 523 -6.08 -21.98 -31.51
N VAL C 524 -6.21 -23.14 -32.14
CA VAL C 524 -5.46 -23.50 -33.34
C VAL C 524 -4.03 -23.01 -33.18
N CYS C 525 -3.33 -23.57 -32.20
CA CYS C 525 -1.97 -23.13 -31.90
C CYS C 525 -1.06 -23.29 -33.10
N GLY C 526 -0.26 -22.26 -33.36
CA GLY C 526 0.69 -22.28 -34.45
C GLY C 526 1.97 -22.98 -34.12
N PRO C 527 2.71 -22.47 -33.13
CA PRO C 527 4.06 -22.99 -32.86
C PRO C 527 4.03 -24.40 -32.29
N LYS C 528 5.14 -25.11 -32.52
CA LYS C 528 5.33 -26.46 -32.00
C LYS C 528 6.68 -26.61 -31.31
N LYS C 529 7.19 -25.53 -30.72
CA LYS C 529 8.51 -25.58 -30.09
C LYS C 529 8.54 -26.64 -29.00
N SER C 530 9.59 -27.45 -29.01
CA SER C 530 9.74 -28.52 -28.03
C SER C 530 11.21 -28.84 -27.87
N THR C 531 11.53 -29.53 -26.77
CA THR C 531 12.90 -29.91 -26.45
C THR C 531 12.89 -31.32 -25.87
N ASN C 532 14.07 -31.83 -25.54
CA ASN C 532 14.20 -33.16 -24.98
C ASN C 532 13.67 -33.19 -23.55
N LEU C 533 13.48 -34.40 -23.04
CA LEU C 533 12.95 -34.61 -21.70
C LEU C 533 14.09 -34.83 -20.71
N VAL C 534 14.04 -34.12 -19.59
CA VAL C 534 15.06 -34.19 -18.55
C VAL C 534 14.39 -34.59 -17.25
N LYS C 535 14.97 -35.57 -16.55
CA LYS C 535 14.44 -36.07 -15.30
C LYS C 535 15.53 -36.07 -14.24
N ASN C 536 15.11 -35.97 -12.98
CA ASN C 536 16.03 -35.99 -11.84
C ASN C 536 17.10 -34.91 -11.99
N LYS C 537 16.69 -33.73 -12.44
CA LYS C 537 17.61 -32.62 -12.60
C LYS C 537 16.86 -31.31 -12.41
N CYS C 538 17.47 -30.37 -11.69
CA CYS C 538 16.86 -29.08 -11.46
C CYS C 538 16.83 -28.28 -12.75
N VAL C 539 15.62 -28.04 -13.28
CA VAL C 539 15.45 -27.38 -14.57
C VAL C 539 14.18 -26.53 -14.52
N ASN C 540 14.11 -25.58 -15.46
CA ASN C 540 12.92 -24.77 -15.67
C ASN C 540 12.06 -25.45 -16.74
N PHE C 541 10.83 -25.78 -16.39
CA PHE C 541 9.93 -26.54 -17.25
C PHE C 541 8.76 -25.68 -17.69
N ASN C 542 8.44 -25.74 -18.99
CA ASN C 542 7.28 -25.08 -19.56
C ASN C 542 6.42 -26.15 -20.23
N PHE C 543 5.17 -26.26 -19.79
CA PHE C 543 4.23 -27.26 -20.30
C PHE C 543 2.94 -26.56 -20.68
N ASN C 544 2.76 -26.29 -21.98
CA ASN C 544 1.53 -25.72 -22.50
C ASN C 544 1.13 -24.45 -21.75
N GLY C 545 2.13 -23.60 -21.47
CA GLY C 545 1.91 -22.35 -20.80
C GLY C 545 2.18 -22.38 -19.31
N LEU C 546 2.20 -23.56 -18.70
CA LEU C 546 2.50 -23.69 -17.27
C LEU C 546 4.01 -23.65 -17.09
N THR C 547 4.50 -22.58 -16.49
CA THR C 547 5.94 -22.37 -16.30
C THR C 547 6.30 -22.56 -14.84
N GLY C 548 7.38 -23.29 -14.60
CA GLY C 548 7.84 -23.51 -13.24
C GLY C 548 9.28 -23.95 -13.22
N THR C 549 9.80 -24.17 -12.01
CA THR C 549 11.16 -24.64 -11.82
C THR C 549 11.15 -25.78 -10.82
N GLY C 550 11.87 -26.85 -11.13
CA GLY C 550 11.91 -27.99 -10.25
C GLY C 550 12.64 -29.16 -10.89
N VAL C 551 12.57 -30.29 -10.18
CA VAL C 551 13.23 -31.52 -10.61
C VAL C 551 12.13 -32.49 -11.06
N LEU C 552 11.96 -32.64 -12.36
CA LEU C 552 10.97 -33.57 -12.88
C LEU C 552 11.39 -35.00 -12.59
N THR C 553 10.42 -35.84 -12.21
CA THR C 553 10.67 -37.22 -11.88
C THR C 553 9.48 -38.06 -12.32
N GLU C 554 9.74 -39.35 -12.56
CA GLU C 554 8.68 -40.26 -12.97
C GLU C 554 7.63 -40.37 -11.86
N SER C 555 6.37 -40.41 -12.26
CA SER C 555 5.25 -40.44 -11.34
C SER C 555 4.43 -41.71 -11.56
N ASN C 556 3.99 -42.30 -10.44
CA ASN C 556 3.13 -43.47 -10.47
C ASN C 556 1.65 -43.11 -10.41
N LYS C 557 1.32 -41.81 -10.33
CA LYS C 557 -0.07 -41.39 -10.27
C LYS C 557 -0.78 -41.76 -11.56
N LYS C 558 -2.04 -42.16 -11.43
CA LYS C 558 -2.86 -42.59 -12.57
C LYS C 558 -3.79 -41.43 -12.94
N PHE C 559 -3.27 -40.51 -13.74
CA PHE C 559 -4.08 -39.40 -14.22
C PHE C 559 -5.15 -39.90 -15.18
N LEU C 560 -6.32 -39.25 -15.14
CA LEU C 560 -7.40 -39.60 -16.05
C LEU C 560 -7.03 -39.19 -17.47
N PRO C 561 -7.65 -39.82 -18.48
CA PRO C 561 -7.27 -39.49 -19.87
C PRO C 561 -7.39 -38.02 -20.19
N PHE C 562 -8.42 -37.34 -19.68
CA PHE C 562 -8.60 -35.92 -19.95
C PHE C 562 -7.78 -35.04 -19.00
N GLN C 563 -7.28 -35.60 -17.90
CA GLN C 563 -6.52 -34.81 -16.94
C GLN C 563 -5.11 -34.54 -17.46
N GLN C 564 -4.63 -33.32 -17.25
CA GLN C 564 -3.32 -32.90 -17.70
C GLN C 564 -2.40 -32.52 -16.54
N PHE C 565 -2.86 -31.64 -15.64
CA PHE C 565 -2.06 -31.14 -14.54
C PHE C 565 -2.52 -31.74 -13.23
N GLY C 566 -1.65 -31.68 -12.22
CA GLY C 566 -1.96 -32.14 -10.90
C GLY C 566 -1.72 -31.04 -9.87
N ARG C 567 -2.36 -31.21 -8.72
CA ARG C 567 -2.26 -30.21 -7.65
C ARG C 567 -2.49 -30.89 -6.32
N ASP C 568 -2.07 -30.22 -5.25
CA ASP C 568 -2.21 -30.69 -3.89
C ASP C 568 -3.26 -29.86 -3.16
N ILE C 569 -3.40 -30.12 -1.85
CA ILE C 569 -4.38 -29.40 -1.05
C ILE C 569 -4.09 -27.91 -1.06
N ALA C 570 -2.81 -27.54 -1.04
CA ALA C 570 -2.40 -26.14 -1.00
C ALA C 570 -2.60 -25.42 -2.34
N ASP C 571 -3.11 -26.10 -3.36
CA ASP C 571 -3.36 -25.50 -4.67
C ASP C 571 -2.04 -25.15 -5.35
N THR C 572 -1.05 -26.04 -5.24
CA THR C 572 0.25 -25.88 -5.87
C THR C 572 0.53 -27.08 -6.75
N THR C 573 1.08 -26.83 -7.94
CA THR C 573 1.36 -27.90 -8.89
C THR C 573 2.34 -28.90 -8.28
N ASP C 574 2.03 -30.18 -8.44
CA ASP C 574 2.90 -31.26 -7.97
C ASP C 574 3.12 -32.35 -9.01
N ALA C 575 2.38 -32.34 -10.11
CA ALA C 575 2.55 -33.32 -11.17
C ALA C 575 2.12 -32.70 -12.48
N VAL C 576 2.58 -33.30 -13.58
CA VAL C 576 2.28 -32.79 -14.91
C VAL C 576 2.33 -33.96 -15.89
N ARG C 577 1.51 -33.88 -16.93
CA ARG C 577 1.47 -34.88 -17.98
C ARG C 577 2.17 -34.33 -19.23
N ASP C 578 3.09 -35.10 -19.78
CA ASP C 578 3.80 -34.68 -20.98
C ASP C 578 2.82 -34.59 -22.14
N PRO C 579 2.70 -33.44 -22.80
CA PRO C 579 1.76 -33.36 -23.95
C PRO C 579 2.12 -34.32 -25.08
N GLN C 580 3.41 -34.59 -25.28
CA GLN C 580 3.84 -35.43 -26.39
C GLN C 580 3.72 -36.93 -26.09
N THR C 581 3.53 -37.32 -24.83
CA THR C 581 3.42 -38.73 -24.48
C THR C 581 2.57 -38.85 -23.22
N LEU C 582 1.76 -39.91 -23.17
CA LEU C 582 0.86 -40.14 -22.04
C LEU C 582 1.64 -40.62 -20.82
N GLU C 583 2.48 -39.73 -20.30
CA GLU C 583 3.32 -40.00 -19.14
C GLU C 583 3.14 -38.89 -18.12
N ILE C 584 3.09 -39.27 -16.84
CA ILE C 584 2.93 -38.33 -15.74
C ILE C 584 4.25 -38.21 -15.00
N LEU C 585 4.72 -36.98 -14.82
CA LEU C 585 5.98 -36.70 -14.16
C LEU C 585 5.73 -35.81 -12.94
N ASP C 586 6.26 -36.22 -11.80
CA ASP C 586 6.11 -35.43 -10.59
C ASP C 586 6.99 -34.19 -10.65
N ILE C 587 6.51 -33.11 -10.02
CA ILE C 587 7.23 -31.85 -9.95
C ILE C 587 7.59 -31.59 -8.51
N THR C 588 8.87 -31.40 -8.24
CA THR C 588 9.39 -31.10 -6.91
C THR C 588 10.40 -29.98 -7.03
N PRO C 589 10.26 -28.92 -6.24
CA PRO C 589 11.25 -27.84 -6.28
C PRO C 589 12.63 -28.37 -5.88
N CYS C 590 13.67 -27.72 -6.40
CA CYS C 590 14.99 -28.31 -6.45
C CYS C 590 15.59 -28.62 -5.08
N SER C 591 15.97 -27.59 -4.32
CA SER C 591 16.80 -27.78 -3.13
C SER C 591 16.14 -27.33 -1.84
N PHE C 592 15.67 -26.08 -1.75
CA PHE C 592 15.36 -25.45 -0.47
C PHE C 592 16.59 -25.47 0.42
N GLY C 593 16.41 -25.13 1.69
CA GLY C 593 17.44 -25.27 2.69
C GLY C 593 18.25 -24.01 2.89
N GLY C 594 18.45 -23.64 4.14
CA GLY C 594 19.34 -22.56 4.52
C GLY C 594 20.70 -23.08 4.95
N VAL C 595 21.59 -22.13 5.24
CA VAL C 595 22.95 -22.44 5.66
C VAL C 595 23.17 -21.89 7.05
N SER C 596 23.56 -22.74 7.98
CA SER C 596 23.89 -22.36 9.35
C SER C 596 25.35 -22.63 9.62
N VAL C 597 25.98 -21.73 10.37
CA VAL C 597 27.39 -21.81 10.69
C VAL C 597 27.52 -22.18 12.16
N ILE C 598 27.83 -23.44 12.43
CA ILE C 598 28.11 -23.91 13.79
C ILE C 598 29.57 -23.58 14.07
N THR C 599 29.80 -22.51 14.83
CA THR C 599 31.15 -22.02 15.09
C THR C 599 31.34 -21.85 16.59
N PRO C 600 32.40 -22.40 17.18
CA PRO C 600 32.70 -22.09 18.57
C PRO C 600 33.17 -20.65 18.72
N GLY C 601 33.40 -20.24 19.97
CA GLY C 601 33.86 -18.89 20.23
C GLY C 601 35.13 -18.58 19.47
N THR C 602 35.15 -17.43 18.79
CA THR C 602 36.32 -17.06 18.01
C THR C 602 37.58 -16.97 18.86
N ASN C 603 37.43 -16.75 20.18
CA ASN C 603 38.59 -16.71 21.06
C ASN C 603 39.24 -18.09 21.17
N THR C 604 38.52 -19.15 20.84
CA THR C 604 39.05 -20.51 20.95
C THR C 604 39.65 -20.97 19.63
N SER C 605 38.86 -20.97 18.55
CA SER C 605 39.33 -21.43 17.26
C SER C 605 38.53 -20.75 16.16
N ASN C 606 39.05 -20.83 14.93
CA ASN C 606 38.43 -20.20 13.78
C ASN C 606 37.71 -21.19 12.87
N GLN C 607 38.05 -22.48 12.93
CA GLN C 607 37.38 -23.46 12.09
C GLN C 607 35.92 -23.59 12.49
N VAL C 608 35.04 -23.73 11.49
CA VAL C 608 33.60 -23.78 11.71
C VAL C 608 33.02 -24.91 10.87
N ALA C 609 31.81 -25.32 11.24
CA ALA C 609 31.05 -26.34 10.52
C ALA C 609 29.87 -25.69 9.83
N VAL C 610 29.48 -26.27 8.69
CA VAL C 610 28.40 -25.75 7.87
C VAL C 610 27.27 -26.77 7.82
N LEU C 611 26.06 -26.33 8.14
CA LEU C 611 24.86 -27.16 8.10
C LEU C 611 23.94 -26.65 7.01
N TYR C 612 23.63 -27.52 6.05
CA TYR C 612 22.68 -27.21 4.99
C TYR C 612 21.36 -27.89 5.35
N GLN C 613 20.30 -27.09 5.47
CA GLN C 613 19.05 -27.58 6.03
C GLN C 613 18.30 -28.46 5.04
N ASP C 614 17.88 -29.64 5.51
CA ASP C 614 17.00 -30.54 4.77
C ASP C 614 17.40 -30.65 3.30
N VAL C 615 18.62 -31.11 3.08
CA VAL C 615 19.13 -31.39 1.74
C VAL C 615 20.05 -32.59 1.81
N ASN C 616 19.97 -33.46 0.80
CA ASN C 616 20.85 -34.61 0.73
C ASN C 616 22.30 -34.16 0.61
N CYS C 617 23.21 -34.90 1.27
CA CYS C 617 24.60 -34.50 1.27
C CYS C 617 25.19 -34.51 -0.14
N THR C 618 24.82 -35.50 -0.95
CA THR C 618 25.36 -35.59 -2.30
C THR C 618 25.07 -34.34 -3.11
N GLU C 619 24.00 -33.63 -2.80
CA GLU C 619 23.62 -32.42 -3.53
C GLU C 619 24.28 -31.17 -2.98
N VAL C 620 24.95 -31.24 -1.82
CA VAL C 620 25.57 -30.05 -1.24
C VAL C 620 26.63 -29.47 -2.15
N PRO C 621 27.55 -30.25 -2.74
CA PRO C 621 28.56 -29.63 -3.61
C PRO C 621 27.96 -28.81 -4.74
N VAL C 622 26.83 -29.26 -5.31
CA VAL C 622 26.14 -28.49 -6.34
C VAL C 622 25.16 -27.48 -5.74
N ALA C 623 24.84 -27.61 -4.45
CA ALA C 623 23.88 -26.70 -3.84
C ALA C 623 24.39 -25.26 -3.88
N ILE C 624 25.67 -25.05 -3.58
CA ILE C 624 26.27 -23.72 -3.60
C ILE C 624 27.04 -23.47 -4.89
N HIS C 625 27.02 -24.41 -5.84
CA HIS C 625 27.64 -24.35 -7.15
C HIS C 625 29.15 -24.52 -7.08
N ALA C 626 29.75 -24.59 -5.91
CA ALA C 626 31.20 -24.75 -5.76
C ALA C 626 31.98 -23.71 -6.56
N ASP C 627 31.39 -22.53 -6.79
CA ASP C 627 32.00 -21.47 -7.55
C ASP C 627 32.61 -20.39 -6.66
N GLN C 628 32.69 -20.62 -5.36
CA GLN C 628 33.25 -19.64 -4.44
C GLN C 628 34.78 -19.72 -4.50
N LEU C 629 35.44 -19.06 -3.53
CA LEU C 629 36.90 -19.06 -3.49
C LEU C 629 37.43 -20.48 -3.44
N THR C 630 38.50 -20.73 -4.21
CA THR C 630 39.10 -22.06 -4.27
C THR C 630 39.45 -22.64 -2.90
N PRO C 631 40.08 -21.90 -1.99
CA PRO C 631 40.25 -22.43 -0.63
C PRO C 631 39.03 -22.15 0.24
N THR C 632 39.11 -22.49 1.53
CA THR C 632 38.05 -22.17 2.46
C THR C 632 36.73 -22.83 2.08
N TRP C 633 35.88 -22.11 1.34
CA TRP C 633 34.52 -22.59 1.09
C TRP C 633 34.55 -23.95 0.41
N ARG C 634 35.44 -24.14 -0.57
CA ARG C 634 35.53 -25.43 -1.25
C ARG C 634 35.74 -26.57 -0.27
N VAL C 635 36.54 -26.34 0.78
CA VAL C 635 36.75 -27.36 1.79
C VAL C 635 35.44 -27.66 2.52
N TYR C 636 34.68 -26.63 2.86
CA TYR C 636 33.44 -26.81 3.59
C TYR C 636 32.29 -27.33 2.72
N SER C 637 32.42 -27.27 1.40
CA SER C 637 31.38 -27.79 0.52
C SER C 637 31.40 -29.31 0.42
N THR C 638 32.52 -29.94 0.77
CA THR C 638 32.63 -31.39 0.71
C THR C 638 33.94 -31.80 1.38
N GLY C 639 33.95 -32.99 1.95
CA GLY C 639 35.13 -33.49 2.63
C GLY C 639 34.88 -34.86 3.21
N SER C 640 35.90 -35.36 3.92
CA SER C 640 35.79 -36.67 4.53
C SER C 640 34.72 -36.69 5.62
N ASN C 641 34.65 -35.62 6.42
CA ASN C 641 33.72 -35.54 7.55
C ASN C 641 32.42 -34.91 7.05
N VAL C 642 31.52 -35.77 6.58
CA VAL C 642 30.18 -35.36 6.13
C VAL C 642 29.17 -36.25 6.84
N PHE C 643 28.16 -35.64 7.45
CA PHE C 643 27.16 -36.37 8.22
C PHE C 643 25.77 -35.97 7.73
N GLN C 644 24.85 -36.93 7.80
CA GLN C 644 23.46 -36.73 7.39
C GLN C 644 22.54 -36.91 8.58
N THR C 645 21.58 -35.99 8.74
CA THR C 645 20.64 -36.04 9.84
C THR C 645 19.30 -35.50 9.34
N ARG C 646 18.26 -35.71 10.15
CA ARG C 646 16.95 -35.17 9.80
C ARG C 646 16.98 -33.66 9.67
N ALA C 647 17.94 -32.99 10.30
CA ALA C 647 18.08 -31.55 10.13
C ALA C 647 18.67 -31.19 8.77
N GLY C 648 19.58 -32.00 8.27
CA GLY C 648 20.20 -31.75 6.98
C GLY C 648 21.59 -32.36 6.92
N CYS C 649 22.45 -31.74 6.12
CA CYS C 649 23.81 -32.22 5.91
C CYS C 649 24.79 -31.34 6.67
N LEU C 650 25.64 -31.96 7.49
CA LEU C 650 26.63 -31.25 8.28
C LEU C 650 28.01 -31.57 7.72
N ILE C 651 28.81 -30.52 7.47
CA ILE C 651 30.15 -30.65 6.93
C ILE C 651 31.11 -29.93 7.87
N GLY C 652 32.28 -30.53 8.09
CA GLY C 652 33.26 -29.99 9.00
C GLY C 652 33.16 -30.51 10.42
N ALA C 653 32.12 -31.28 10.74
CA ALA C 653 31.96 -31.87 12.06
C ALA C 653 32.17 -33.37 11.97
N GLU C 654 32.99 -33.91 12.86
CA GLU C 654 33.32 -35.33 12.86
C GLU C 654 32.33 -36.05 13.78
N HIS C 655 31.52 -36.93 13.18
CA HIS C 655 30.57 -37.71 13.97
C HIS C 655 31.31 -38.68 14.89
N VAL C 656 30.85 -38.76 16.14
CA VAL C 656 31.49 -39.60 17.14
C VAL C 656 30.48 -40.55 17.76
N ASN C 657 29.19 -40.30 17.52
CA ASN C 657 28.10 -41.12 18.06
C ASN C 657 28.32 -41.44 19.54
N ASN C 658 28.91 -40.49 20.28
CA ASN C 658 29.16 -40.63 21.70
C ASN C 658 28.34 -39.59 22.44
N SER C 659 27.62 -40.03 23.48
CA SER C 659 26.72 -39.16 24.21
C SER C 659 27.51 -38.09 24.97
N TYR C 660 27.08 -36.84 24.83
CA TYR C 660 27.64 -35.72 25.57
C TYR C 660 26.57 -34.66 25.75
N GLU C 661 26.77 -33.79 26.73
CA GLU C 661 25.85 -32.68 26.94
C GLU C 661 25.85 -31.77 25.73
N CYS C 662 24.66 -31.38 25.29
CA CYS C 662 24.53 -30.54 24.11
C CYS C 662 25.29 -29.23 24.31
N ASP C 663 26.10 -28.87 23.32
CA ASP C 663 26.89 -27.63 23.35
C ASP C 663 26.32 -26.58 22.41
N ILE C 664 26.15 -26.92 21.13
CA ILE C 664 25.56 -26.03 20.15
C ILE C 664 24.36 -26.76 19.54
N PRO C 665 23.14 -26.23 19.67
CA PRO C 665 21.98 -26.96 19.16
C PRO C 665 21.88 -26.97 17.64
N ILE C 666 22.16 -28.12 17.02
CA ILE C 666 21.99 -28.26 15.58
C ILE C 666 20.55 -28.61 15.23
N GLY C 667 19.99 -29.63 15.87
CA GLY C 667 18.62 -30.02 15.65
C GLY C 667 18.49 -31.51 15.39
N ALA C 668 17.24 -31.95 15.29
CA ALA C 668 16.93 -33.37 15.12
C ALA C 668 17.54 -34.18 16.24
N GLY C 669 17.58 -33.59 17.43
CA GLY C 669 18.23 -34.22 18.56
C GLY C 669 19.72 -34.45 18.37
N ILE C 670 20.41 -33.50 17.75
CA ILE C 670 21.84 -33.60 17.50
C ILE C 670 22.48 -32.25 17.80
N CYS C 671 23.63 -32.28 18.47
CA CYS C 671 24.37 -31.08 18.84
C CYS C 671 25.84 -31.28 18.52
N ALA C 672 26.54 -30.16 18.30
CA ALA C 672 27.95 -30.17 17.98
C ALA C 672 28.73 -29.38 19.03
N SER C 673 29.95 -29.85 19.31
CA SER C 673 30.86 -29.20 20.25
C SER C 673 32.23 -29.09 19.60
N TYR C 674 33.16 -28.44 20.31
CA TYR C 674 34.51 -28.23 19.82
C TYR C 674 35.55 -29.11 20.49
N GLN C 675 35.25 -29.66 21.67
CA GLN C 675 36.23 -30.48 22.36
C GLN C 675 36.61 -31.69 21.53
N THR C 676 37.89 -32.06 21.58
CA THR C 676 38.39 -33.20 20.83
C THR C 676 37.70 -34.48 21.26
N SER C 689 44.43 -33.30 17.92
CA SER C 689 44.15 -31.87 17.83
C SER C 689 42.66 -31.61 18.01
N GLN C 690 42.31 -30.43 18.52
CA GLN C 690 40.92 -30.07 18.73
C GLN C 690 40.20 -29.94 17.39
N SER C 691 38.96 -30.41 17.35
CA SER C 691 38.16 -30.34 16.14
C SER C 691 36.69 -30.33 16.52
N ILE C 692 35.86 -29.90 15.58
CA ILE C 692 34.42 -29.84 15.80
C ILE C 692 33.84 -31.25 15.64
N ILE C 693 33.09 -31.69 16.64
CA ILE C 693 32.47 -33.02 16.63
C ILE C 693 30.97 -32.85 16.74
N ALA C 694 30.24 -33.82 16.20
CA ALA C 694 28.78 -33.84 16.24
C ALA C 694 28.32 -35.13 16.88
N TYR C 695 27.26 -35.05 17.69
CA TYR C 695 26.78 -36.18 18.45
C TYR C 695 25.31 -35.99 18.77
N THR C 696 24.73 -36.97 19.45
CA THR C 696 23.36 -36.89 19.93
C THR C 696 23.37 -36.38 21.36
N MET C 697 22.56 -35.35 21.63
CA MET C 697 22.55 -34.75 22.95
C MET C 697 22.21 -35.79 24.01
N SER C 698 22.93 -35.76 25.12
CA SER C 698 22.71 -36.66 26.24
C SER C 698 21.72 -36.01 27.19
N LEU C 699 20.56 -36.64 27.37
CA LEU C 699 19.55 -36.09 28.26
C LEU C 699 20.04 -35.98 29.69
N GLY C 700 20.99 -36.81 30.09
CA GLY C 700 21.54 -36.74 31.42
C GLY C 700 22.28 -38.02 31.76
N ALA C 701 22.85 -38.03 32.96
CA ALA C 701 23.58 -39.19 33.44
C ALA C 701 22.59 -40.21 34.02
N GLU C 702 22.70 -41.45 33.57
CA GLU C 702 21.78 -42.49 34.03
C GLU C 702 21.96 -42.71 35.53
N ASN C 703 20.85 -42.83 36.25
CA ASN C 703 20.85 -43.05 37.69
C ASN C 703 19.73 -44.04 38.01
N SER C 704 20.07 -45.32 38.06
CA SER C 704 19.11 -46.37 38.40
C SER C 704 18.93 -46.37 39.92
N VAL C 705 17.99 -45.54 40.38
CA VAL C 705 17.74 -45.44 41.82
C VAL C 705 17.28 -46.80 42.33
N ALA C 706 18.07 -47.42 43.19
CA ALA C 706 17.71 -48.70 43.77
C ALA C 706 16.45 -48.54 44.60
N TYR C 707 15.40 -49.28 44.24
CA TYR C 707 14.10 -49.17 44.89
C TYR C 707 13.73 -50.50 45.52
N SER C 708 13.27 -50.46 46.77
CA SER C 708 12.76 -51.63 47.46
C SER C 708 11.61 -51.19 48.35
N ASN C 709 10.76 -52.15 48.70
CA ASN C 709 9.55 -51.83 49.46
C ASN C 709 9.79 -51.73 50.95
N ASN C 710 11.03 -51.90 51.42
CA ASN C 710 11.34 -51.79 52.85
C ASN C 710 12.64 -51.03 53.08
N SER C 711 12.97 -50.08 52.21
CA SER C 711 14.18 -49.28 52.34
C SER C 711 13.87 -47.83 52.04
N ILE C 712 14.47 -46.93 52.82
CA ILE C 712 14.31 -45.49 52.65
C ILE C 712 15.69 -44.84 52.71
N ALA C 713 15.77 -43.60 52.25
CA ALA C 713 17.00 -42.80 52.28
C ALA C 713 16.70 -41.51 53.03
N ILE C 714 17.48 -41.24 54.07
CA ILE C 714 17.31 -40.04 54.88
C ILE C 714 18.57 -39.18 54.74
N PRO C 715 18.44 -37.86 54.59
CA PRO C 715 19.65 -37.03 54.52
C PRO C 715 20.21 -36.73 55.90
N THR C 716 21.43 -37.22 56.16
CA THR C 716 22.12 -36.93 57.40
C THR C 716 22.84 -35.59 57.37
N ASN C 717 23.02 -35.00 56.18
CA ASN C 717 23.68 -33.72 56.02
C ASN C 717 22.92 -32.90 54.99
N PHE C 718 23.00 -31.58 55.13
CA PHE C 718 22.26 -30.65 54.27
C PHE C 718 23.20 -29.59 53.75
N THR C 719 22.64 -28.67 52.95
CA THR C 719 23.40 -27.56 52.40
C THR C 719 22.45 -26.40 52.16
N ILE C 720 22.98 -25.18 52.25
CA ILE C 720 22.24 -23.96 51.96
C ILE C 720 22.74 -23.46 50.62
N SER C 721 21.86 -23.48 49.61
CA SER C 721 22.22 -23.11 48.24
C SER C 721 21.53 -21.81 47.86
N VAL C 722 22.29 -20.86 47.36
CA VAL C 722 21.76 -19.58 46.91
C VAL C 722 21.86 -19.56 45.39
N THR C 723 20.72 -19.41 44.73
CA THR C 723 20.63 -19.40 43.27
C THR C 723 20.05 -18.09 42.80
N THR C 724 20.62 -17.55 41.72
CA THR C 724 20.20 -16.26 41.19
C THR C 724 19.24 -16.46 40.03
N GLU C 725 18.09 -15.79 40.09
CA GLU C 725 17.09 -15.81 39.04
C GLU C 725 16.84 -14.38 38.60
N ILE C 726 17.05 -14.11 37.32
CA ILE C 726 16.93 -12.75 36.77
C ILE C 726 15.66 -12.67 35.95
N LEU C 727 14.87 -11.62 36.20
CA LEU C 727 13.60 -11.42 35.51
C LEU C 727 13.53 -9.98 35.02
N PRO C 728 13.35 -9.73 33.73
CA PRO C 728 13.11 -8.35 33.28
C PRO C 728 11.85 -7.79 33.91
N VAL C 729 11.90 -6.50 34.24
CA VAL C 729 10.77 -5.83 34.88
C VAL C 729 10.18 -4.72 34.02
N SER C 730 10.93 -4.13 33.11
CA SER C 730 10.41 -3.06 32.27
C SER C 730 11.31 -2.91 31.05
N MET C 731 10.92 -2.00 30.17
CA MET C 731 11.69 -1.67 28.98
C MET C 731 11.74 -0.16 28.82
N THR C 732 12.69 0.31 28.03
CA THR C 732 12.86 1.75 27.83
C THR C 732 11.56 2.37 27.33
N LYS C 733 11.17 3.47 27.95
CA LYS C 733 9.93 4.16 27.59
C LYS C 733 10.15 4.99 26.33
N THR C 734 10.12 4.28 25.20
CA THR C 734 10.34 4.92 23.90
C THR C 734 9.05 5.54 23.41
N SER C 735 9.11 6.84 23.09
CA SER C 735 7.98 7.56 22.51
C SER C 735 8.41 8.08 21.15
N VAL C 736 7.60 7.80 20.13
CA VAL C 736 7.93 8.13 18.74
C VAL C 736 6.93 9.17 18.26
N ASP C 737 7.44 10.30 17.77
CA ASP C 737 6.61 11.32 17.13
C ASP C 737 6.32 10.86 15.71
N CYS C 738 5.14 10.24 15.53
CA CYS C 738 4.84 9.60 14.25
C CYS C 738 4.89 10.61 13.11
N THR C 739 4.26 11.78 13.29
CA THR C 739 4.24 12.78 12.22
C THR C 739 5.65 13.23 11.88
N MET C 740 6.47 13.51 12.91
CA MET C 740 7.84 13.94 12.65
C MET C 740 8.65 12.84 11.99
N TYR C 741 8.54 11.61 12.48
CA TYR C 741 9.33 10.52 11.91
C TYR C 741 8.96 10.29 10.44
N ILE C 742 7.67 10.34 10.12
CA ILE C 742 7.24 10.09 8.75
C ILE C 742 7.63 11.26 7.85
N CYS C 743 7.46 12.50 8.33
CA CYS C 743 7.64 13.68 7.51
C CYS C 743 8.91 14.47 7.82
N GLY C 744 9.13 14.82 9.08
CA GLY C 744 10.29 15.63 9.42
C GLY C 744 10.17 17.06 8.96
N ASP C 745 9.27 17.82 9.60
CA ASP C 745 9.04 19.24 9.32
C ASP C 745 8.86 19.50 7.83
N SER C 746 8.08 18.61 7.21
CA SER C 746 7.68 18.75 5.81
C SER C 746 6.20 19.08 5.76
N THR C 747 5.88 20.34 5.44
CA THR C 747 4.49 20.78 5.44
C THR C 747 3.68 20.00 4.41
N GLU C 748 4.25 19.77 3.22
CA GLU C 748 3.53 19.01 2.20
C GLU C 748 3.29 17.58 2.66
N CYS C 749 4.30 16.95 3.28
CA CYS C 749 4.14 15.60 3.78
C CYS C 749 3.09 15.54 4.88
N SER C 750 3.09 16.54 5.77
CA SER C 750 2.10 16.58 6.83
C SER C 750 0.70 16.72 6.25
N ASN C 751 0.53 17.58 5.24
CA ASN C 751 -0.77 17.74 4.61
C ASN C 751 -1.22 16.44 3.96
N LEU C 752 -0.31 15.75 3.29
CA LEU C 752 -0.66 14.46 2.69
C LEU C 752 -1.04 13.44 3.75
N LEU C 753 -0.31 13.42 4.87
CA LEU C 753 -0.55 12.43 5.91
C LEU C 753 -1.87 12.67 6.64
N LEU C 754 -2.26 13.94 6.81
CA LEU C 754 -3.54 14.21 7.45
C LEU C 754 -4.69 13.56 6.71
N GLN C 755 -4.53 13.32 5.41
CA GLN C 755 -5.56 12.64 4.62
C GLN C 755 -5.68 11.16 4.98
N TYR C 756 -4.73 10.60 5.72
CA TYR C 756 -4.76 9.19 6.08
C TYR C 756 -5.58 8.91 7.34
N GLY C 757 -6.11 9.94 7.99
CA GLY C 757 -6.91 9.74 9.19
C GLY C 757 -6.14 10.12 10.43
N SER C 758 -6.02 9.18 11.36
CA SER C 758 -5.34 9.40 12.63
C SER C 758 -4.44 8.25 13.03
N PHE C 759 -3.73 7.64 12.08
CA PHE C 759 -2.84 6.53 12.41
C PHE C 759 -1.79 6.96 13.42
N CYS C 760 -1.20 8.14 13.22
CA CYS C 760 -0.20 8.64 14.15
C CYS C 760 -0.76 8.77 15.56
N THR C 761 -2.02 9.20 15.68
CA THR C 761 -2.64 9.30 17.00
C THR C 761 -2.71 7.93 17.68
N GLN C 762 -3.13 6.90 16.93
CA GLN C 762 -3.21 5.57 17.50
C GLN C 762 -1.84 5.05 17.91
N LEU C 763 -0.82 5.28 17.06
CA LEU C 763 0.52 4.81 17.40
C LEU C 763 1.05 5.53 18.64
N ASN C 764 0.85 6.84 18.73
CA ASN C 764 1.30 7.58 19.90
C ASN C 764 0.57 7.11 21.16
N ARG C 765 -0.73 6.86 21.05
CA ARG C 765 -1.47 6.36 22.19
C ARG C 765 -0.96 4.99 22.62
N ALA C 766 -0.64 4.12 21.66
CA ALA C 766 -0.11 2.80 22.00
C ALA C 766 1.24 2.92 22.70
N LEU C 767 2.11 3.80 22.21
CA LEU C 767 3.41 3.95 22.85
C LEU C 767 3.28 4.54 24.25
N THR C 768 2.39 5.52 24.42
CA THR C 768 2.16 6.08 25.74
C THR C 768 1.62 5.02 26.69
N GLY C 769 0.69 4.19 26.20
CA GLY C 769 0.19 3.09 27.02
C GLY C 769 1.29 2.13 27.40
N ILE C 770 2.19 1.84 26.47
CA ILE C 770 3.31 0.94 26.76
C ILE C 770 4.19 1.54 27.85
N ALA C 771 4.49 2.84 27.76
CA ALA C 771 5.31 3.48 28.77
C ALA C 771 4.64 3.45 30.14
N VAL C 772 3.35 3.78 30.19
CA VAL C 772 2.61 3.73 31.45
C VAL C 772 2.59 2.30 31.99
N GLU C 773 2.49 1.32 31.09
CA GLU C 773 2.47 -0.08 31.50
C GLU C 773 3.80 -0.48 32.13
N GLN C 774 4.91 -0.04 31.53
CA GLN C 774 6.22 -0.31 32.11
C GLN C 774 6.35 0.35 33.48
N ASP C 775 5.87 1.59 33.60
CA ASP C 775 5.93 2.27 34.89
C ASP C 775 5.11 1.50 35.94
N LYS C 776 3.92 1.04 35.56
CA LYS C 776 3.09 0.27 36.49
C LYS C 776 3.77 -1.03 36.87
N ASN C 777 4.41 -1.69 35.91
CA ASN C 777 5.13 -2.93 36.20
C ASN C 777 6.24 -2.69 37.21
N THR C 778 7.02 -1.63 37.00
CA THR C 778 8.09 -1.31 37.96
C THR C 778 7.52 -1.01 39.33
N GLN C 779 6.44 -0.23 39.39
CA GLN C 779 5.83 0.09 40.67
C GLN C 779 5.36 -1.17 41.39
N GLU C 780 4.67 -2.05 40.66
CA GLU C 780 4.16 -3.27 41.27
C GLU C 780 5.30 -4.14 41.78
N VAL C 781 6.39 -4.23 41.00
CA VAL C 781 7.50 -5.07 41.42
C VAL C 781 8.18 -4.51 42.66
N PHE C 782 8.38 -3.18 42.70
CA PHE C 782 9.23 -2.58 43.72
C PHE C 782 8.47 -1.78 44.77
N ALA C 783 7.18 -1.49 44.57
CA ALA C 783 6.40 -0.70 45.54
C ALA C 783 5.53 -1.59 46.40
N GLN C 784 6.01 -2.78 46.77
CA GLN C 784 5.26 -3.71 47.59
C GLN C 784 5.50 -3.50 49.08
N VAL C 785 6.26 -2.49 49.46
CA VAL C 785 6.58 -2.21 50.86
C VAL C 785 5.91 -0.91 51.25
N LYS C 786 5.13 -0.95 52.34
CA LYS C 786 4.40 0.23 52.78
C LYS C 786 5.35 1.32 53.28
N GLN C 787 6.37 0.93 54.06
CA GLN C 787 7.29 1.88 54.68
C GLN C 787 8.71 1.50 54.34
N ILE C 788 9.59 2.52 54.32
CA ILE C 788 11.00 2.33 53.99
C ILE C 788 11.70 1.91 55.28
N TYR C 789 11.84 0.60 55.46
CA TYR C 789 12.52 0.07 56.64
C TYR C 789 14.03 0.27 56.50
N LYS C 790 14.70 0.37 57.65
CA LYS C 790 16.14 0.58 57.70
C LYS C 790 16.77 -0.45 58.62
N THR C 791 17.90 -1.01 58.19
CA THR C 791 18.60 -1.98 58.99
C THR C 791 19.24 -1.32 60.21
N PRO C 792 19.48 -2.06 61.29
CA PRO C 792 20.08 -1.48 62.49
C PRO C 792 21.52 -1.07 62.22
N PRO C 793 22.06 -0.12 62.99
CA PRO C 793 23.45 0.30 62.75
C PRO C 793 24.45 -0.84 62.87
N ILE C 794 24.20 -1.81 63.74
CA ILE C 794 25.11 -2.93 63.96
C ILE C 794 24.49 -4.19 63.36
N LYS C 795 25.27 -4.89 62.55
CA LYS C 795 24.80 -6.11 61.88
C LYS C 795 25.05 -7.32 62.78
N ASP C 796 24.31 -7.35 63.89
CA ASP C 796 24.39 -8.45 64.85
C ASP C 796 23.30 -9.47 64.54
N PHE C 797 23.48 -10.18 63.42
CA PHE C 797 22.52 -11.14 62.92
C PHE C 797 22.91 -12.58 63.25
N GLY C 798 23.56 -12.80 64.40
CA GLY C 798 23.91 -14.15 64.81
C GLY C 798 24.83 -14.87 63.84
N GLY C 799 25.84 -14.17 63.34
CA GLY C 799 26.81 -14.76 62.44
C GLY C 799 26.49 -14.62 60.97
N PHE C 800 25.27 -14.25 60.62
CA PHE C 800 24.91 -14.07 59.23
C PHE C 800 25.55 -12.79 58.67
N ASN C 801 25.74 -12.78 57.36
CA ASN C 801 26.46 -11.69 56.68
C ASN C 801 25.64 -11.26 55.48
N PHE C 802 25.16 -10.02 55.50
CA PHE C 802 24.37 -9.45 54.41
C PHE C 802 25.06 -8.24 53.78
N SER C 803 26.38 -8.12 53.95
CA SER C 803 27.09 -6.98 53.39
C SER C 803 26.97 -6.93 51.87
N GLN C 804 27.10 -8.09 51.22
CA GLN C 804 27.06 -8.14 49.76
C GLN C 804 25.69 -7.73 49.20
N ILE C 805 24.64 -7.80 50.01
CA ILE C 805 23.30 -7.46 49.55
C ILE C 805 22.77 -6.16 50.16
N LEU C 806 23.30 -5.73 51.30
CA LEU C 806 22.86 -4.48 51.90
C LEU C 806 23.55 -3.29 51.23
N PRO C 807 22.95 -2.11 51.32
CA PRO C 807 23.56 -0.93 50.70
C PRO C 807 24.93 -0.62 51.32
N ASP C 808 25.81 -0.06 50.49
CA ASP C 808 27.15 0.31 50.94
C ASP C 808 27.22 1.82 51.09
N PRO C 809 27.25 2.37 52.30
CA PRO C 809 27.31 3.83 52.44
C PRO C 809 28.54 4.45 51.81
N SER C 810 29.65 3.72 51.74
CA SER C 810 30.89 4.30 51.23
C SER C 810 30.73 4.76 49.78
N LYS C 811 30.07 3.95 48.95
CA LYS C 811 29.91 4.30 47.56
C LYS C 811 29.01 5.52 47.42
N PRO C 812 29.18 6.33 46.36
CA PRO C 812 28.32 7.51 46.20
C PRO C 812 26.85 7.16 46.12
N SER C 813 26.51 6.03 45.51
CA SER C 813 25.14 5.55 45.41
C SER C 813 24.94 4.43 46.42
N LYS C 814 23.85 4.52 47.19
CA LYS C 814 23.56 3.53 48.24
C LYS C 814 23.06 2.24 47.58
N ARG C 815 23.99 1.55 46.93
CA ARG C 815 23.74 0.30 46.25
C ARG C 815 24.62 -0.80 46.83
N SER C 816 24.07 -2.01 46.89
CA SER C 816 24.81 -3.15 47.41
C SER C 816 25.91 -3.56 46.43
N PHE C 817 26.85 -4.36 46.94
CA PHE C 817 27.94 -4.82 46.10
C PHE C 817 27.43 -5.63 44.92
N ILE C 818 26.47 -6.53 45.17
CA ILE C 818 25.89 -7.30 44.08
C ILE C 818 25.13 -6.39 43.14
N GLU C 819 24.43 -5.40 43.67
CA GLU C 819 23.72 -4.44 42.82
C GLU C 819 24.70 -3.66 41.95
N ASP C 820 25.83 -3.22 42.55
CA ASP C 820 26.83 -2.51 41.77
C ASP C 820 27.42 -3.39 40.68
N LEU C 821 27.69 -4.66 40.99
CA LEU C 821 28.20 -5.57 39.98
C LEU C 821 27.20 -5.76 38.85
N LEU C 822 25.92 -5.92 39.19
CA LEU C 822 24.90 -6.08 38.16
C LEU C 822 24.81 -4.83 37.28
N PHE C 823 24.86 -3.65 37.90
CA PHE C 823 24.81 -2.41 37.12
C PHE C 823 26.01 -2.30 36.19
N ASN C 824 27.20 -2.63 36.69
CA ASN C 824 28.41 -2.50 35.88
C ASN C 824 28.41 -3.50 34.73
N LYS C 825 27.97 -4.73 34.98
CA LYS C 825 28.01 -5.76 33.94
C LYS C 825 27.13 -5.38 32.76
N VAL C 826 25.94 -4.85 33.03
CA VAL C 826 25.03 -4.47 31.96
C VAL C 826 25.56 -3.19 31.30
N THR C 827 25.74 -3.24 29.98
CA THR C 827 26.24 -2.10 29.24
C THR C 827 25.70 -2.10 27.81
N LEU C 849 24.22 3.62 23.08
CA LEU C 849 23.45 3.42 21.85
C LEU C 849 22.05 4.02 21.99
N ILE C 850 21.39 3.71 23.10
CA ILE C 850 20.04 4.21 23.33
C ILE C 850 20.04 5.72 23.42
N CYS C 851 21.03 6.30 24.13
CA CYS C 851 21.10 7.74 24.29
C CYS C 851 21.50 8.47 23.01
N ALA C 852 21.98 7.74 21.99
CA ALA C 852 22.43 8.32 20.74
C ALA C 852 21.47 8.01 19.59
N GLN C 853 20.17 8.02 19.87
CA GLN C 853 19.17 7.75 18.85
C GLN C 853 17.97 8.70 18.93
N LYS C 854 18.09 9.79 19.69
CA LYS C 854 17.00 10.76 19.82
C LYS C 854 17.15 11.88 18.78
N PHE C 855 17.14 11.48 17.52
CA PHE C 855 17.30 12.42 16.41
C PHE C 855 16.18 12.32 15.38
N ASN C 856 15.68 11.12 15.11
CA ASN C 856 14.68 10.88 14.07
C ASN C 856 13.30 10.64 14.67
N GLY C 857 12.98 11.35 15.74
CA GLY C 857 11.67 11.25 16.36
C GLY C 857 11.57 10.27 17.51
N LEU C 858 12.44 10.38 18.52
CA LEU C 858 12.45 9.43 19.63
C LEU C 858 12.79 10.15 20.93
N THR C 859 12.05 9.82 21.99
CA THR C 859 12.35 10.26 23.35
C THR C 859 12.23 9.06 24.28
N VAL C 860 13.33 8.70 24.93
CA VAL C 860 13.42 7.41 25.62
C VAL C 860 13.73 7.58 27.10
N LEU C 861 14.63 8.52 27.42
CA LEU C 861 15.30 8.48 28.72
C LEU C 861 14.35 8.54 29.93
N PRO C 862 13.39 9.45 30.00
CA PRO C 862 12.78 9.76 31.32
C PRO C 862 12.05 8.57 31.90
N PRO C 863 12.56 7.99 33.01
CA PRO C 863 11.81 6.95 33.72
C PRO C 863 11.01 7.53 34.88
N LEU C 864 9.94 6.86 35.29
CA LEU C 864 9.16 7.34 36.43
C LEU C 864 9.97 7.23 37.72
N LEU C 865 10.61 6.09 37.95
CA LEU C 865 11.39 5.84 39.15
C LEU C 865 12.86 5.76 38.79
N THR C 866 13.68 6.54 39.48
CA THR C 866 15.12 6.52 39.23
C THR C 866 15.75 5.28 39.85
N ASP C 867 17.01 5.02 39.47
CA ASP C 867 17.71 3.87 40.02
C ASP C 867 17.87 4.00 41.53
N GLU C 868 18.04 5.22 42.04
CA GLU C 868 18.17 5.41 43.47
C GLU C 868 16.91 4.98 44.21
N MET C 869 15.74 5.32 43.66
CA MET C 869 14.49 4.95 44.31
C MET C 869 14.29 3.43 44.31
N ILE C 870 14.65 2.77 43.20
CA ILE C 870 14.54 1.31 43.16
C ILE C 870 15.51 0.69 44.16
N ALA C 871 16.72 1.25 44.27
CA ALA C 871 17.67 0.74 45.25
C ALA C 871 17.13 0.92 46.67
N GLN C 872 16.50 2.06 46.94
CA GLN C 872 15.91 2.29 48.26
C GLN C 872 14.80 1.29 48.53
N TYR C 873 13.96 1.01 47.53
CA TYR C 873 12.89 0.02 47.71
C TYR C 873 13.47 -1.35 48.01
N THR C 874 14.50 -1.75 47.27
CA THR C 874 15.13 -3.05 47.52
C THR C 874 15.75 -3.10 48.92
N SER C 875 16.39 -2.01 49.35
CA SER C 875 16.96 -1.97 50.69
C SER C 875 15.88 -2.08 51.75
N ALA C 876 14.75 -1.41 51.55
CA ALA C 876 13.64 -1.51 52.50
C ALA C 876 13.11 -2.93 52.55
N LEU C 877 12.98 -3.58 51.39
CA LEU C 877 12.51 -4.97 51.38
C LEU C 877 13.49 -5.87 52.12
N LEU C 878 14.80 -5.67 51.89
CA LEU C 878 15.80 -6.48 52.58
C LEU C 878 15.73 -6.27 54.08
N ALA C 879 15.59 -5.01 54.51
CA ALA C 879 15.51 -4.73 55.95
C ALA C 879 14.26 -5.37 56.55
N GLY C 880 13.13 -5.28 55.86
CA GLY C 880 11.92 -5.92 56.36
C GLY C 880 12.05 -7.42 56.46
N THR C 881 12.67 -8.04 55.45
CA THR C 881 12.85 -9.49 55.48
C THR C 881 13.79 -9.91 56.60
N ILE C 882 14.85 -9.14 56.83
CA ILE C 882 15.86 -9.52 57.82
C ILE C 882 15.33 -9.28 59.23
N THR C 883 14.96 -8.04 59.54
CA THR C 883 14.59 -7.68 60.90
C THR C 883 13.15 -8.11 61.21
N SER C 884 12.19 -7.59 60.46
CA SER C 884 10.78 -7.82 60.76
C SER C 884 10.28 -9.19 60.30
N GLY C 885 11.10 -9.95 59.58
CA GLY C 885 10.62 -11.23 59.08
C GLY C 885 9.64 -11.05 57.94
N TRP C 886 8.78 -12.06 57.75
CA TRP C 886 7.72 -11.98 56.75
C TRP C 886 6.48 -11.29 57.29
N THR C 887 6.46 -10.90 58.57
CA THR C 887 5.28 -10.28 59.14
C THR C 887 4.99 -8.94 58.47
N PHE C 888 6.02 -8.17 58.17
CA PHE C 888 5.82 -6.85 57.56
C PHE C 888 5.13 -6.96 56.20
N GLY C 889 5.20 -8.11 55.54
CA GLY C 889 4.53 -8.32 54.29
C GLY C 889 3.07 -8.69 54.41
N ALA C 890 2.54 -8.80 55.64
CA ALA C 890 1.14 -9.14 55.85
C ALA C 890 0.51 -8.31 56.95
N GLY C 891 1.06 -7.15 57.25
CA GLY C 891 0.54 -6.30 58.31
C GLY C 891 1.67 -5.51 58.95
N ALA C 892 1.48 -5.19 60.22
CA ALA C 892 2.49 -4.45 60.97
C ALA C 892 3.78 -5.24 61.04
N ALA C 893 4.90 -4.54 60.93
CA ALA C 893 6.22 -5.18 60.96
C ALA C 893 6.54 -5.57 62.40
N LEU C 894 6.86 -6.84 62.61
CA LEU C 894 7.19 -7.38 63.92
C LEU C 894 8.65 -7.84 63.92
N GLN C 895 9.45 -7.28 64.80
CA GLN C 895 10.86 -7.62 64.86
C GLN C 895 11.05 -9.04 65.38
N ILE C 896 12.16 -9.65 64.99
CA ILE C 896 12.50 -11.01 65.43
C ILE C 896 13.97 -11.28 65.09
N PRO C 897 14.73 -11.95 65.95
CA PRO C 897 16.11 -12.28 65.60
C PRO C 897 16.17 -13.14 64.34
N PHE C 898 17.22 -12.92 63.54
CA PHE C 898 17.35 -13.66 62.29
C PHE C 898 17.49 -15.15 62.53
N ALA C 899 18.16 -15.55 63.62
CA ALA C 899 18.26 -16.97 63.94
C ALA C 899 16.89 -17.58 64.18
N MET C 900 16.03 -16.87 64.91
CA MET C 900 14.67 -17.36 65.13
C MET C 900 13.87 -17.37 63.83
N GLN C 901 14.13 -16.41 62.93
CA GLN C 901 13.46 -16.43 61.63
C GLN C 901 13.85 -17.66 60.84
N MET C 902 15.14 -18.00 60.82
CA MET C 902 15.58 -19.20 60.13
C MET C 902 15.04 -20.46 60.79
N ALA C 903 14.92 -20.45 62.13
CA ALA C 903 14.28 -21.58 62.81
C ALA C 903 12.84 -21.73 62.37
N TYR C 904 12.12 -20.62 62.27
CA TYR C 904 10.74 -20.65 61.80
C TYR C 904 10.67 -21.22 60.39
N ARG C 905 11.58 -20.79 59.52
CA ARG C 905 11.59 -21.31 58.14
C ARG C 905 11.88 -22.80 58.13
N PHE C 906 12.83 -23.26 58.93
CA PHE C 906 13.14 -24.68 58.98
C PHE C 906 11.94 -25.48 59.45
N ASN C 907 11.21 -24.96 60.45
CA ASN C 907 9.97 -25.61 60.87
C ASN C 907 8.97 -25.62 59.73
N GLY C 908 8.88 -24.53 58.97
CA GLY C 908 7.93 -24.45 57.88
C GLY C 908 8.21 -25.44 56.76
N ILE C 909 9.49 -25.75 56.53
CA ILE C 909 9.86 -26.67 55.47
C ILE C 909 9.91 -28.09 56.01
N GLY C 910 9.29 -28.32 57.16
CA GLY C 910 9.25 -29.64 57.75
C GLY C 910 10.59 -30.12 58.29
N VAL C 911 11.37 -29.23 58.89
CA VAL C 911 12.63 -29.58 59.54
C VAL C 911 12.61 -28.99 60.94
N THR C 912 12.87 -29.83 61.94
CA THR C 912 12.83 -29.37 63.32
C THR C 912 13.80 -28.21 63.51
N GLN C 913 13.34 -27.17 64.23
CA GLN C 913 14.15 -25.97 64.43
C GLN C 913 15.42 -26.26 65.21
N ASN C 914 15.47 -27.37 65.94
CA ASN C 914 16.64 -27.66 66.77
C ASN C 914 17.90 -27.79 65.92
N VAL C 915 17.77 -28.20 64.66
CA VAL C 915 18.94 -28.41 63.81
C VAL C 915 19.68 -27.09 63.61
N LEU C 916 18.94 -26.01 63.35
CA LEU C 916 19.58 -24.72 63.12
C LEU C 916 20.37 -24.27 64.34
N TYR C 917 19.73 -24.30 65.51
CA TYR C 917 20.42 -23.88 66.73
C TYR C 917 21.60 -24.79 67.04
N GLU C 918 21.51 -26.07 66.68
CA GLU C 918 22.63 -26.98 66.86
C GLU C 918 23.74 -26.73 65.84
N ASN C 919 23.39 -26.20 64.66
CA ASN C 919 24.35 -25.91 63.61
C ASN C 919 24.19 -24.49 63.08
N GLN C 920 23.91 -23.53 63.97
CA GLN C 920 23.72 -22.15 63.55
C GLN C 920 24.98 -21.59 62.91
N LYS C 921 26.14 -21.84 63.52
CA LYS C 921 27.39 -21.33 62.97
C LYS C 921 27.68 -21.94 61.61
N LEU C 922 27.47 -23.26 61.47
CA LEU C 922 27.71 -23.91 60.19
C LEU C 922 26.79 -23.37 59.11
N ILE C 923 25.50 -23.18 59.45
CA ILE C 923 24.56 -22.67 58.46
C ILE C 923 24.93 -21.25 58.05
N ALA C 924 25.31 -20.41 59.02
CA ALA C 924 25.71 -19.05 58.69
C ALA C 924 26.94 -19.04 57.79
N ASN C 925 27.93 -19.89 58.10
CA ASN C 925 29.13 -19.95 57.28
C ASN C 925 28.79 -20.42 55.86
N GLN C 926 27.91 -21.42 55.75
CA GLN C 926 27.51 -21.90 54.43
C GLN C 926 26.80 -20.80 53.65
N PHE C 927 25.92 -20.05 54.32
CA PHE C 927 25.22 -18.96 53.65
C PHE C 927 26.19 -17.89 53.16
N ASN C 928 27.16 -17.52 54.01
CA ASN C 928 28.15 -16.52 53.60
C ASN C 928 28.98 -17.03 52.42
N SER C 929 29.39 -18.30 52.46
CA SER C 929 30.17 -18.86 51.37
C SER C 929 29.37 -18.88 50.07
N ALA C 930 28.08 -19.23 50.16
CA ALA C 930 27.24 -19.23 48.97
C ALA C 930 27.06 -17.82 48.41
N ILE C 931 26.90 -16.83 49.30
CA ILE C 931 26.78 -15.45 48.84
C ILE C 931 28.05 -15.03 48.11
N GLY C 932 29.21 -15.33 48.70
CA GLY C 932 30.46 -15.01 48.03
C GLY C 932 30.62 -15.70 46.70
N LYS C 933 30.21 -16.98 46.64
CA LYS C 933 30.33 -17.74 45.41
C LYS C 933 29.45 -17.16 44.31
N ILE C 934 28.21 -16.78 44.64
CA ILE C 934 27.33 -16.21 43.63
C ILE C 934 27.85 -14.85 43.19
N GLN C 935 28.41 -14.06 44.12
CA GLN C 935 28.99 -12.78 43.74
C GLN C 935 30.15 -12.98 42.78
N ASP C 936 31.02 -13.95 43.06
CA ASP C 936 32.15 -14.22 42.18
C ASP C 936 31.68 -14.71 40.83
N SER C 937 30.66 -15.58 40.80
CA SER C 937 30.14 -16.07 39.54
C SER C 937 29.56 -14.94 38.70
N LEU C 938 28.81 -14.04 39.33
CA LEU C 938 28.26 -12.90 38.61
C LEU C 938 29.38 -12.01 38.07
N SER C 939 30.40 -11.77 38.88
CA SER C 939 31.51 -10.91 38.44
C SER C 939 32.26 -11.52 37.27
N SER C 940 32.52 -12.83 37.32
CA SER C 940 33.36 -13.48 36.33
C SER C 940 32.57 -14.04 35.15
N THR C 941 31.24 -14.00 35.18
CA THR C 941 30.40 -14.53 34.11
C THR C 941 29.67 -13.37 33.44
N ALA C 942 29.87 -13.23 32.13
CA ALA C 942 29.18 -12.19 31.37
C ALA C 942 27.81 -12.63 30.87
N SER C 943 27.52 -13.92 30.90
CA SER C 943 26.23 -14.45 30.46
C SER C 943 25.24 -14.62 31.59
N ALA C 944 25.61 -14.24 32.82
CA ALA C 944 24.68 -14.37 33.94
C ALA C 944 23.47 -13.48 33.74
N LEU C 945 23.65 -12.30 33.17
CA LEU C 945 22.58 -11.34 32.94
C LEU C 945 22.05 -11.42 31.51
N GLY C 946 21.97 -12.64 30.98
CA GLY C 946 21.61 -12.81 29.59
C GLY C 946 20.23 -12.24 29.25
N LYS C 947 19.27 -12.39 30.15
CA LYS C 947 17.90 -11.97 29.84
C LYS C 947 17.80 -10.46 29.68
N LEU C 948 18.31 -9.70 30.65
CA LEU C 948 18.24 -8.26 30.58
C LEU C 948 19.04 -7.72 29.39
N GLN C 949 20.23 -8.27 29.17
CA GLN C 949 21.05 -7.84 28.04
C GLN C 949 20.34 -8.13 26.72
N ASP C 950 19.71 -9.29 26.61
CA ASP C 950 18.99 -9.62 25.38
C ASP C 950 17.81 -8.69 25.16
N VAL C 951 17.09 -8.36 26.23
CA VAL C 951 15.96 -7.43 26.09
C VAL C 951 16.45 -6.07 25.62
N VAL C 952 17.53 -5.57 26.25
CA VAL C 952 18.07 -4.27 25.86
C VAL C 952 18.55 -4.29 24.43
N ASN C 953 19.22 -5.37 24.02
CA ASN C 953 19.72 -5.48 22.65
C ASN C 953 18.56 -5.52 21.67
N GLN C 954 17.49 -6.24 22.00
CA GLN C 954 16.33 -6.30 21.12
C GLN C 954 15.70 -4.92 20.96
N ASN C 955 15.55 -4.19 22.06
CA ASN C 955 14.99 -2.84 21.97
C ASN C 955 15.87 -1.93 21.13
N ALA C 956 17.19 -1.98 21.37
CA ALA C 956 18.11 -1.14 20.61
C ALA C 956 18.08 -1.49 19.13
N GLN C 957 18.04 -2.78 18.81
CA GLN C 957 17.98 -3.21 17.41
C GLN C 957 16.69 -2.74 16.74
N ALA C 958 15.57 -2.84 17.46
CA ALA C 958 14.31 -2.37 16.90
C ALA C 958 14.36 -0.88 16.61
N LEU C 959 14.89 -0.10 17.56
CA LEU C 959 14.99 1.34 17.35
C LEU C 959 15.93 1.65 16.18
N ASN C 960 17.07 0.96 16.10
CA ASN C 960 18.01 1.20 15.02
C ASN C 960 17.40 0.87 13.67
N THR C 961 16.68 -0.25 13.58
CA THR C 961 16.04 -0.61 12.32
C THR C 961 14.95 0.38 11.94
N LEU C 962 14.17 0.85 12.93
CA LEU C 962 13.17 1.86 12.64
C LEU C 962 13.81 3.13 12.11
N VAL C 963 14.92 3.56 12.71
CA VAL C 963 15.61 4.75 12.22
C VAL C 963 16.14 4.53 10.81
N LYS C 964 16.74 3.36 10.57
CA LYS C 964 17.33 3.09 9.27
C LYS C 964 16.27 2.97 8.18
N GLN C 965 15.05 2.59 8.55
CA GLN C 965 13.99 2.47 7.56
C GLN C 965 13.71 3.79 6.84
N LEU C 966 14.09 4.92 7.45
CA LEU C 966 13.90 6.20 6.79
C LEU C 966 14.72 6.33 5.52
N SER C 967 15.78 5.53 5.37
CA SER C 967 16.65 5.57 4.20
C SER C 967 16.26 4.53 3.16
N SER C 968 14.98 4.17 3.10
CA SER C 968 14.48 3.18 2.15
C SER C 968 13.58 3.89 1.13
N ASN C 969 13.87 3.65 -0.15
CA ASN C 969 13.11 4.32 -1.21
C ASN C 969 11.66 3.86 -1.22
N PHE C 970 11.41 2.58 -0.95
CA PHE C 970 10.07 2.00 -1.02
C PHE C 970 9.46 2.18 -2.41
N GLY C 971 10.30 2.08 -3.45
CA GLY C 971 9.86 2.28 -4.81
C GLY C 971 9.87 3.72 -5.27
N ALA C 972 10.18 4.67 -4.40
CA ALA C 972 10.22 6.08 -4.76
C ALA C 972 11.55 6.43 -5.41
N ILE C 973 11.60 7.63 -5.99
CA ILE C 973 12.82 8.09 -6.66
C ILE C 973 13.94 8.27 -5.65
N SER C 974 13.62 8.73 -4.45
CA SER C 974 14.62 8.99 -3.42
C SER C 974 13.97 8.84 -2.05
N SER C 975 14.83 8.72 -1.03
CA SER C 975 14.38 8.56 0.35
C SER C 975 14.49 9.85 1.15
N VAL C 976 14.79 10.97 0.49
CA VAL C 976 14.92 12.27 1.15
C VAL C 976 13.80 13.16 0.61
N LEU C 977 12.91 13.58 1.50
CA LEU C 977 11.74 14.36 1.08
C LEU C 977 12.16 15.62 0.34
N ASN C 978 13.27 16.24 0.75
CA ASN C 978 13.73 17.46 0.09
C ASN C 978 14.07 17.19 -1.37
N ASP C 979 14.70 16.06 -1.66
CA ASP C 979 15.06 15.73 -3.04
C ASP C 979 13.81 15.60 -3.91
N ILE C 980 12.79 14.90 -3.41
CA ILE C 980 11.55 14.77 -4.18
C ILE C 980 10.88 16.13 -4.36
N LEU C 981 10.85 16.94 -3.29
CA LEU C 981 10.20 18.24 -3.38
C LEU C 981 10.89 19.14 -4.41
N SER C 982 12.22 19.11 -4.45
CA SER C 982 12.97 19.99 -5.35
C SER C 982 12.98 19.45 -6.78
N ARG C 983 13.51 18.24 -6.98
CA ARG C 983 13.67 17.72 -8.32
C ARG C 983 12.35 17.55 -9.05
N LEU C 984 11.32 17.03 -8.36
CA LEU C 984 10.05 16.70 -8.98
C LEU C 984 9.02 17.80 -8.70
N ASP C 985 8.23 18.10 -9.73
CA ASP C 985 7.18 19.10 -9.59
C ASP C 985 6.04 18.56 -8.73
N PRO C 986 5.18 19.44 -8.22
CA PRO C 986 4.15 19.01 -7.26
C PRO C 986 3.27 17.90 -7.82
N PRO C 987 2.91 17.93 -9.11
CA PRO C 987 2.01 16.88 -9.62
C PRO C 987 2.54 15.47 -9.40
N GLU C 988 3.84 15.24 -9.55
CA GLU C 988 4.43 13.93 -9.29
C GLU C 988 5.10 13.84 -7.92
N ALA C 989 5.57 14.97 -7.39
CA ALA C 989 6.08 14.97 -6.02
C ALA C 989 5.01 14.52 -5.04
N GLU C 990 3.74 14.81 -5.33
CA GLU C 990 2.66 14.39 -4.45
C GLU C 990 2.61 12.87 -4.35
N VAL C 991 2.63 12.18 -5.49
CA VAL C 991 2.56 10.73 -5.47
C VAL C 991 3.84 10.13 -4.88
N GLN C 992 4.99 10.74 -5.17
CA GLN C 992 6.24 10.25 -4.59
C GLN C 992 6.22 10.35 -3.07
N ILE C 993 5.77 11.49 -2.55
CA ILE C 993 5.68 11.67 -1.10
C ILE C 993 4.63 10.74 -0.52
N ASP C 994 3.55 10.47 -1.26
CA ASP C 994 2.55 9.53 -0.78
C ASP C 994 3.14 8.13 -0.66
N ARG C 995 3.94 7.71 -1.64
CA ARG C 995 4.59 6.40 -1.55
C ARG C 995 5.55 6.35 -0.38
N LEU C 996 6.34 7.41 -0.18
CA LEU C 996 7.25 7.45 0.97
C LEU C 996 6.47 7.39 2.28
N ILE C 997 5.35 8.11 2.36
CA ILE C 997 4.54 8.09 3.56
C ILE C 997 3.99 6.71 3.81
N THR C 998 3.52 6.03 2.75
CA THR C 998 3.01 4.67 2.91
C THR C 998 4.10 3.75 3.45
N GLY C 999 5.30 3.82 2.87
CA GLY C 999 6.38 2.96 3.34
C GLY C 999 6.75 3.22 4.78
N ARG C 1000 6.92 4.50 5.13
CA ARG C 1000 7.30 4.85 6.50
C ARG C 1000 6.20 4.49 7.48
N LEU C 1001 4.94 4.69 7.12
CA LEU C 1001 3.84 4.34 8.00
C LEU C 1001 3.77 2.83 8.21
N GLN C 1002 3.98 2.05 7.15
CA GLN C 1002 4.00 0.60 7.31
C GLN C 1002 5.14 0.16 8.22
N SER C 1003 6.33 0.74 8.04
CA SER C 1003 7.46 0.41 8.90
C SER C 1003 7.15 0.75 10.35
N LEU C 1004 6.58 1.94 10.58
CA LEU C 1004 6.27 2.36 11.94
C LEU C 1004 5.20 1.47 12.56
N GLN C 1005 4.19 1.07 11.76
CA GLN C 1005 3.15 0.19 12.27
C GLN C 1005 3.73 -1.16 12.66
N THR C 1006 4.62 -1.72 11.83
CA THR C 1006 5.26 -2.97 12.18
C THR C 1006 6.09 -2.84 13.45
N TYR C 1007 6.83 -1.73 13.57
CA TYR C 1007 7.63 -1.50 14.78
C TYR C 1007 6.74 -1.40 16.01
N VAL C 1008 5.60 -0.71 15.88
CA VAL C 1008 4.70 -0.53 17.01
C VAL C 1008 4.06 -1.85 17.41
N THR C 1009 3.71 -2.69 16.42
CA THR C 1009 3.16 -4.00 16.75
C THR C 1009 4.20 -4.86 17.46
N GLN C 1010 5.44 -4.84 16.98
CA GLN C 1010 6.50 -5.58 17.66
C GLN C 1010 6.71 -5.06 19.08
N GLN C 1011 6.68 -3.74 19.25
CA GLN C 1011 6.82 -3.15 20.57
C GLN C 1011 5.68 -3.56 21.49
N LEU C 1012 4.46 -3.62 20.95
CA LEU C 1012 3.32 -4.05 21.76
C LEU C 1012 3.48 -5.50 22.20
N ILE C 1013 3.92 -6.37 21.29
CA ILE C 1013 4.13 -7.77 21.66
C ILE C 1013 5.21 -7.88 22.73
N ARG C 1014 6.32 -7.16 22.54
CA ARG C 1014 7.39 -7.19 23.53
C ARG C 1014 6.94 -6.61 24.86
N ALA C 1015 6.09 -5.59 24.83
CA ALA C 1015 5.58 -5.00 26.07
C ALA C 1015 4.66 -5.98 26.79
N ALA C 1016 3.85 -6.73 26.05
CA ALA C 1016 3.03 -7.77 26.66
C ALA C 1016 3.91 -8.84 27.31
N GLU C 1017 4.97 -9.26 26.62
CA GLU C 1017 5.88 -10.24 27.20
C GLU C 1017 6.55 -9.69 28.45
N ILE C 1018 6.97 -8.42 28.41
CA ILE C 1018 7.60 -7.80 29.57
C ILE C 1018 6.61 -7.66 30.72
N ARG C 1019 5.34 -7.39 30.41
CA ARG C 1019 4.32 -7.33 31.46
C ARG C 1019 4.14 -8.69 32.11
N ALA C 1020 4.13 -9.77 31.31
CA ALA C 1020 4.04 -11.10 31.88
C ALA C 1020 5.25 -11.38 32.78
N SER C 1021 6.44 -11.02 32.31
CA SER C 1021 7.64 -11.22 33.11
C SER C 1021 7.59 -10.42 34.41
N ALA C 1022 7.10 -9.18 34.34
CA ALA C 1022 7.02 -8.34 35.53
C ALA C 1022 5.97 -8.86 36.51
N ASN C 1023 4.85 -9.38 36.00
CA ASN C 1023 3.88 -10.00 36.88
C ASN C 1023 4.46 -11.23 37.56
N LEU C 1024 5.21 -12.03 36.82
CA LEU C 1024 5.88 -13.18 37.45
C LEU C 1024 6.87 -12.71 38.51
N ALA C 1025 7.62 -11.64 38.23
CA ALA C 1025 8.58 -11.13 39.19
C ALA C 1025 7.88 -10.60 40.44
N ALA C 1026 6.75 -9.91 40.27
CA ALA C 1026 6.01 -9.41 41.42
C ALA C 1026 5.45 -10.57 42.25
N THR C 1027 4.94 -11.60 41.59
CA THR C 1027 4.47 -12.78 42.31
C THR C 1027 5.60 -13.43 43.09
N LYS C 1028 6.79 -13.52 42.48
CA LYS C 1028 7.93 -14.09 43.17
C LYS C 1028 8.33 -13.23 44.36
N MET C 1029 8.32 -11.90 44.20
CA MET C 1029 8.63 -11.01 45.31
C MET C 1029 7.64 -11.21 46.45
N SER C 1030 6.36 -11.35 46.12
CA SER C 1030 5.35 -11.51 47.16
C SER C 1030 5.47 -12.84 47.88
N GLU C 1031 5.61 -13.94 47.13
CA GLU C 1031 5.55 -15.27 47.70
C GLU C 1031 6.90 -15.78 48.20
N CYS C 1032 8.00 -15.13 47.84
CA CYS C 1032 9.34 -15.57 48.21
C CYS C 1032 10.04 -14.61 49.14
N VAL C 1033 10.16 -13.35 48.77
CA VAL C 1033 10.80 -12.34 49.61
C VAL C 1033 9.94 -12.01 50.83
N LEU C 1034 8.64 -11.81 50.62
CA LEU C 1034 7.74 -11.44 51.69
C LEU C 1034 7.16 -12.64 52.42
N GLY C 1035 7.56 -13.86 52.05
CA GLY C 1035 7.09 -15.04 52.74
C GLY C 1035 7.71 -16.28 52.14
N GLN C 1036 7.49 -17.40 52.81
CA GLN C 1036 8.00 -18.69 52.36
C GLN C 1036 6.98 -19.35 51.45
N SER C 1037 7.45 -19.84 50.30
CA SER C 1037 6.60 -20.45 49.29
C SER C 1037 6.75 -21.96 49.33
N LYS C 1038 5.62 -22.67 49.35
CA LYS C 1038 5.63 -24.12 49.29
C LYS C 1038 5.70 -24.64 47.87
N ARG C 1039 5.59 -23.77 46.87
CA ARG C 1039 5.67 -24.20 45.48
C ARG C 1039 7.07 -24.71 45.17
N VAL C 1040 7.15 -25.80 44.41
CA VAL C 1040 8.43 -26.42 44.08
C VAL C 1040 9.00 -25.74 42.84
N ASP C 1041 10.28 -25.39 42.91
CA ASP C 1041 11.01 -24.78 41.79
C ASP C 1041 10.42 -23.42 41.39
N PHE C 1042 9.63 -22.81 42.28
CA PHE C 1042 9.12 -21.46 42.03
C PHE C 1042 10.10 -20.40 42.51
N CYS C 1043 10.42 -20.42 43.80
CA CYS C 1043 11.44 -19.52 44.36
C CYS C 1043 12.80 -20.21 44.35
N GLY C 1044 13.20 -20.68 43.17
CA GLY C 1044 14.47 -21.35 43.01
C GLY C 1044 14.39 -22.84 43.26
N LYS C 1045 15.50 -23.52 42.95
CA LYS C 1045 15.57 -24.97 43.09
C LYS C 1045 15.76 -25.35 44.56
N GLY C 1046 15.20 -26.50 44.93
CA GLY C 1046 15.33 -27.01 46.28
C GLY C 1046 14.27 -26.46 47.20
N TYR C 1047 14.27 -26.98 48.43
CA TYR C 1047 13.34 -26.51 49.45
C TYR C 1047 13.64 -25.05 49.78
N HIS C 1048 12.80 -24.15 49.30
CA HIS C 1048 13.07 -22.72 49.43
C HIS C 1048 12.98 -22.28 50.89
N LEU C 1049 13.97 -21.51 51.32
CA LEU C 1049 13.93 -20.87 52.63
C LEU C 1049 13.52 -19.40 52.51
N MET C 1050 14.28 -18.61 51.75
CA MET C 1050 14.02 -17.18 51.66
C MET C 1050 14.56 -16.66 50.33
N SER C 1051 14.45 -15.35 50.13
CA SER C 1051 14.91 -14.74 48.88
C SER C 1051 15.29 -13.29 49.13
N PHE C 1052 16.37 -12.86 48.49
CA PHE C 1052 16.84 -11.48 48.53
C PHE C 1052 16.59 -10.80 47.19
N PRO C 1053 15.90 -9.67 47.15
CA PRO C 1053 15.76 -8.93 45.90
C PRO C 1053 16.87 -7.93 45.68
N GLN C 1054 17.28 -7.81 44.41
CA GLN C 1054 18.30 -6.85 44.00
C GLN C 1054 17.85 -6.21 42.70
N SER C 1055 18.20 -4.94 42.53
CA SER C 1055 17.82 -4.22 41.33
C SER C 1055 18.84 -4.45 40.21
N ALA C 1056 18.41 -4.18 38.98
CA ALA C 1056 19.28 -4.22 37.82
C ALA C 1056 18.64 -3.38 36.72
N PRO C 1057 19.41 -2.92 35.75
CA PRO C 1057 18.82 -2.09 34.69
C PRO C 1057 17.59 -2.74 34.07
N HIS C 1058 16.43 -2.15 34.31
CA HIS C 1058 15.16 -2.67 33.78
C HIS C 1058 14.98 -4.15 34.11
N GLY C 1059 15.28 -4.54 35.35
CA GLY C 1059 15.13 -5.92 35.75
C GLY C 1059 15.39 -6.10 37.23
N VAL C 1060 15.06 -7.30 37.70
CA VAL C 1060 15.26 -7.67 39.10
C VAL C 1060 16.00 -8.99 39.15
N VAL C 1061 16.74 -9.19 40.25
CA VAL C 1061 17.49 -10.41 40.48
C VAL C 1061 17.11 -10.94 41.86
N PHE C 1062 16.58 -12.15 41.91
CA PHE C 1062 16.21 -12.79 43.16
C PHE C 1062 17.26 -13.82 43.52
N LEU C 1063 17.94 -13.62 44.64
CA LEU C 1063 18.86 -14.61 45.20
C LEU C 1063 18.05 -15.48 46.15
N HIS C 1064 17.64 -16.66 45.68
CA HIS C 1064 16.83 -17.58 46.47
C HIS C 1064 17.75 -18.48 47.27
N VAL C 1065 17.61 -18.43 48.60
CA VAL C 1065 18.33 -19.30 49.52
C VAL C 1065 17.43 -20.46 49.87
N THR C 1066 17.90 -21.68 49.62
CA THR C 1066 17.09 -22.88 49.76
C THR C 1066 17.89 -23.96 50.48
N TYR C 1067 17.16 -24.91 51.06
CA TYR C 1067 17.72 -26.03 51.79
C TYR C 1067 17.74 -27.24 50.86
N VAL C 1068 18.91 -27.83 50.67
CA VAL C 1068 19.10 -28.94 49.74
C VAL C 1068 19.73 -30.10 50.51
N PRO C 1069 19.16 -31.32 50.46
CA PRO C 1069 19.84 -32.46 51.07
C PRO C 1069 21.20 -32.68 50.43
N ALA C 1070 22.18 -33.09 51.24
CA ALA C 1070 23.56 -33.22 50.81
C ALA C 1070 24.03 -34.67 50.81
N GLN C 1071 23.94 -35.36 51.95
CA GLN C 1071 24.48 -36.72 52.09
C GLN C 1071 23.36 -37.64 52.58
N GLU C 1072 22.88 -38.50 51.69
CA GLU C 1072 21.78 -39.40 52.00
C GLU C 1072 22.33 -40.76 52.44
N LYS C 1073 21.75 -41.31 53.51
CA LYS C 1073 22.10 -42.62 54.02
C LYS C 1073 20.86 -43.51 54.00
N ASN C 1074 21.05 -44.78 53.66
CA ASN C 1074 19.95 -45.71 53.52
C ASN C 1074 19.69 -46.45 54.82
N PHE C 1075 18.41 -46.77 55.04
CA PHE C 1075 17.98 -47.48 56.24
C PHE C 1075 16.79 -48.36 55.89
N THR C 1076 16.52 -49.33 56.75
CA THR C 1076 15.34 -50.18 56.62
C THR C 1076 14.18 -49.54 57.37
N THR C 1077 13.01 -49.52 56.72
CA THR C 1077 11.84 -48.87 57.27
C THR C 1077 10.61 -49.76 57.07
N ALA C 1078 9.64 -49.58 57.95
CA ALA C 1078 8.36 -50.27 57.88
C ALA C 1078 7.23 -49.27 58.01
N PRO C 1079 6.09 -49.52 57.36
CA PRO C 1079 4.99 -48.55 57.41
C PRO C 1079 4.47 -48.31 58.82
N ALA C 1080 4.48 -49.32 59.67
CA ALA C 1080 3.96 -49.19 61.03
C ALA C 1080 4.70 -50.15 61.95
N ILE C 1081 4.36 -50.09 63.23
CA ILE C 1081 5.00 -50.91 64.25
C ILE C 1081 3.92 -51.42 65.20
N CYS C 1082 4.03 -52.70 65.57
CA CYS C 1082 3.11 -53.33 66.52
C CYS C 1082 3.86 -53.59 67.81
N HIS C 1083 3.35 -53.05 68.92
CA HIS C 1083 3.96 -53.21 70.24
C HIS C 1083 3.15 -54.16 71.12
N ASP C 1084 1.86 -53.87 71.30
CA ASP C 1084 0.98 -54.68 72.14
C ASP C 1084 -0.21 -55.18 71.34
N GLY C 1085 0.03 -55.65 70.13
CA GLY C 1085 -1.02 -56.13 69.26
C GLY C 1085 -1.74 -55.05 68.48
N LYS C 1086 -1.30 -53.80 68.57
CA LYS C 1086 -1.90 -52.68 67.86
C LYS C 1086 -0.85 -51.96 67.03
N ALA C 1087 -1.22 -51.62 65.80
CA ALA C 1087 -0.29 -50.92 64.92
C ALA C 1087 0.00 -49.52 65.44
N HIS C 1088 1.24 -49.08 65.27
CA HIS C 1088 1.68 -47.75 65.67
C HIS C 1088 2.20 -47.01 64.45
N PHE C 1089 1.77 -45.75 64.28
CA PHE C 1089 2.22 -44.94 63.18
C PHE C 1089 2.84 -43.65 63.70
N PRO C 1090 3.93 -43.17 63.09
CA PRO C 1090 4.61 -41.98 63.63
C PRO C 1090 3.69 -40.78 63.65
N ARG C 1091 3.80 -39.98 64.71
CA ARG C 1091 3.07 -38.72 64.76
C ARG C 1091 3.57 -37.78 63.67
N GLU C 1092 4.89 -37.63 63.55
CA GLU C 1092 5.48 -36.86 62.47
C GLU C 1092 6.91 -37.38 62.27
N GLY C 1093 7.09 -38.20 61.27
CA GLY C 1093 8.38 -38.80 61.00
C GLY C 1093 8.21 -40.13 60.28
N VAL C 1094 9.31 -40.88 60.23
CA VAL C 1094 9.34 -42.17 59.56
C VAL C 1094 10.15 -43.14 60.41
N PHE C 1095 9.70 -44.40 60.46
CA PHE C 1095 10.34 -45.43 61.27
C PHE C 1095 11.51 -46.02 60.49
N VAL C 1096 12.61 -45.28 60.46
CA VAL C 1096 13.84 -45.81 59.87
C VAL C 1096 14.51 -46.75 60.86
N SER C 1097 15.50 -47.50 60.38
CA SER C 1097 16.21 -48.44 61.22
C SER C 1097 17.56 -48.77 60.61
N ASN C 1098 18.61 -48.65 61.41
CA ASN C 1098 19.94 -49.10 61.03
C ASN C 1098 20.01 -50.61 61.24
N GLY C 1099 21.22 -51.17 61.19
CA GLY C 1099 21.43 -52.60 61.27
C GLY C 1099 20.55 -53.33 62.26
N THR C 1100 20.51 -52.89 63.51
CA THR C 1100 19.83 -53.63 64.58
C THR C 1100 18.63 -52.89 65.13
N HIS C 1101 18.80 -51.65 65.60
CA HIS C 1101 17.77 -50.95 66.34
C HIS C 1101 16.87 -50.15 65.42
N TRP C 1102 15.63 -49.92 65.88
CA TRP C 1102 14.65 -49.13 65.16
C TRP C 1102 14.57 -47.73 65.77
N PHE C 1103 14.29 -46.74 64.91
CA PHE C 1103 14.23 -45.35 65.34
C PHE C 1103 13.21 -44.61 64.49
N VAL C 1104 12.77 -43.46 65.01
CA VAL C 1104 11.86 -42.57 64.31
C VAL C 1104 12.56 -41.23 64.12
N THR C 1105 12.54 -40.73 62.89
CA THR C 1105 13.23 -39.49 62.57
C THR C 1105 12.42 -38.71 61.55
N GLN C 1106 12.69 -37.40 61.49
CA GLN C 1106 12.02 -36.54 60.53
C GLN C 1106 12.43 -36.91 59.11
N ARG C 1107 11.53 -36.63 58.16
CA ARG C 1107 11.74 -37.06 56.79
C ARG C 1107 12.97 -36.40 56.17
N ASN C 1108 13.15 -35.10 56.41
CA ASN C 1108 14.17 -34.31 55.73
C ASN C 1108 15.51 -34.28 56.46
N PHE C 1109 15.62 -34.92 57.63
CA PHE C 1109 16.86 -34.93 58.37
C PHE C 1109 16.95 -36.21 59.18
N TYR C 1110 18.16 -36.76 59.30
CA TYR C 1110 18.38 -38.00 60.04
C TYR C 1110 18.65 -37.65 61.50
N GLU C 1111 17.60 -37.66 62.30
CA GLU C 1111 17.68 -37.42 63.74
C GLU C 1111 16.94 -38.54 64.45
N PRO C 1112 17.53 -39.74 64.50
CA PRO C 1112 16.83 -40.88 65.10
C PRO C 1112 16.48 -40.61 66.56
N GLN C 1113 15.29 -41.06 66.95
CA GLN C 1113 14.80 -40.92 68.31
C GLN C 1113 14.18 -42.23 68.77
N ILE C 1114 14.22 -42.46 70.08
CA ILE C 1114 13.63 -43.66 70.65
C ILE C 1114 12.13 -43.60 70.43
N ILE C 1115 11.56 -44.70 69.92
CA ILE C 1115 10.14 -44.73 69.61
C ILE C 1115 9.34 -44.78 70.91
N THR C 1116 8.38 -43.88 71.05
CA THR C 1116 7.55 -43.80 72.24
C THR C 1116 6.15 -43.38 71.82
N THR C 1117 5.20 -43.57 72.74
CA THR C 1117 3.82 -43.17 72.47
C THR C 1117 3.70 -41.67 72.23
N ASP C 1118 4.66 -40.88 72.70
CA ASP C 1118 4.58 -39.43 72.52
C ASP C 1118 4.62 -39.05 71.05
N ASN C 1119 5.48 -39.72 70.26
CA ASN C 1119 5.65 -39.40 68.84
C ASN C 1119 5.02 -40.44 67.93
N THR C 1120 4.10 -41.25 68.47
CA THR C 1120 3.39 -42.24 67.67
C THR C 1120 1.96 -42.33 68.16
N PHE C 1121 1.07 -42.80 67.27
CA PHE C 1121 -0.33 -42.98 67.59
C PHE C 1121 -0.80 -44.35 67.13
N VAL C 1122 -1.79 -44.88 67.83
CA VAL C 1122 -2.30 -46.23 67.61
C VAL C 1122 -3.63 -46.14 66.89
N SER C 1123 -3.89 -47.10 66.00
CA SER C 1123 -5.15 -47.17 65.27
C SER C 1123 -5.38 -48.62 64.86
N GLY C 1124 -6.24 -49.32 65.60
CA GLY C 1124 -6.61 -50.68 65.25
C GLY C 1124 -5.53 -51.69 65.60
N ASN C 1125 -5.81 -52.94 65.25
CA ASN C 1125 -4.88 -54.02 65.49
C ASN C 1125 -3.87 -54.12 64.35
N CYS C 1126 -2.76 -54.82 64.63
CA CYS C 1126 -1.68 -54.96 63.66
C CYS C 1126 -1.84 -56.27 62.88
N ASP C 1127 -2.93 -56.34 62.12
CA ASP C 1127 -3.19 -57.50 61.27
C ASP C 1127 -3.73 -57.10 59.90
N VAL C 1128 -3.85 -55.81 59.60
CA VAL C 1128 -4.39 -55.35 58.33
C VAL C 1128 -3.29 -54.59 57.57
N VAL C 1129 -2.36 -54.00 58.30
CA VAL C 1129 -1.27 -53.24 57.70
C VAL C 1129 -0.26 -54.20 57.13
N ILE C 1130 0.12 -53.98 55.86
CA ILE C 1130 1.10 -54.81 55.16
C ILE C 1130 2.48 -54.25 55.43
N GLY C 1131 3.41 -55.12 55.82
CA GLY C 1131 4.77 -54.73 56.11
C GLY C 1131 5.02 -54.29 57.53
N ILE C 1132 4.02 -54.37 58.42
CA ILE C 1132 4.23 -53.98 59.81
C ILE C 1132 5.28 -54.90 60.43
N VAL C 1133 6.07 -54.34 61.34
CA VAL C 1133 7.21 -55.03 61.93
C VAL C 1133 7.09 -54.98 63.45
N ASN C 1134 7.37 -56.10 64.11
CA ASN C 1134 7.37 -56.13 65.56
C ASN C 1134 8.45 -55.21 66.12
N ASN C 1135 8.13 -54.55 67.22
CA ASN C 1135 9.07 -53.68 67.92
C ASN C 1135 8.45 -53.28 69.25
N THR C 1136 9.30 -52.75 70.13
CA THR C 1136 8.88 -52.30 71.45
C THR C 1136 8.84 -50.78 71.48
N VAL C 1137 7.71 -50.23 71.91
CA VAL C 1137 7.52 -48.79 72.02
C VAL C 1137 7.65 -48.45 73.50
N TYR C 1138 8.77 -47.85 73.88
CA TYR C 1138 9.01 -47.52 75.28
C TYR C 1138 7.99 -46.51 75.77
N ASP C 1139 7.48 -46.73 76.99
CA ASP C 1139 6.49 -45.84 77.57
C ASP C 1139 7.20 -44.82 78.47
N PRO C 1140 7.07 -43.52 78.19
CA PRO C 1140 7.76 -42.53 79.05
C PRO C 1140 7.27 -42.53 80.49
N LEU C 1141 6.08 -43.06 80.75
CA LEU C 1141 5.54 -43.06 82.12
C LEU C 1141 6.09 -44.19 82.97
N GLN C 1142 6.75 -45.18 82.37
CA GLN C 1142 7.23 -46.32 83.15
C GLN C 1142 8.19 -45.90 84.25
N PRO C 1143 9.22 -45.08 83.99
CA PRO C 1143 10.08 -44.64 85.10
C PRO C 1143 9.32 -43.93 86.20
N GLU C 1144 8.32 -43.14 85.85
CA GLU C 1144 7.50 -42.47 86.86
C GLU C 1144 6.53 -43.44 87.53
N LEU C 1145 5.97 -44.38 86.76
CA LEU C 1145 5.09 -45.38 87.36
C LEU C 1145 5.83 -46.25 88.36
N ASP C 1146 7.14 -46.44 88.16
CA ASP C 1146 7.91 -47.25 89.11
C ASP C 1146 7.91 -46.62 90.49
N SER C 1147 8.06 -45.30 90.57
CA SER C 1147 8.07 -44.60 91.85
C SER C 1147 6.65 -44.47 92.39
N GLU D 1 11.10 8.11 -69.62
CA GLU D 1 9.96 9.08 -69.72
C GLU D 1 9.12 8.79 -70.95
N VAL D 2 7.81 9.00 -70.83
CA VAL D 2 6.89 8.79 -71.95
C VAL D 2 6.97 9.98 -72.89
N GLN D 3 7.24 9.71 -74.16
CA GLN D 3 7.40 10.75 -75.16
C GLN D 3 6.44 10.52 -76.32
N LEU D 4 5.72 11.57 -76.70
CA LEU D 4 4.79 11.54 -77.82
C LEU D 4 5.23 12.59 -78.83
N VAL D 5 5.39 12.18 -80.08
CA VAL D 5 5.84 13.06 -81.16
C VAL D 5 4.80 13.04 -82.27
N GLU D 6 4.37 14.22 -82.71
CA GLU D 6 3.36 14.35 -83.76
C GLU D 6 4.02 14.87 -85.03
N SER D 7 3.64 14.27 -86.16
CA SER D 7 4.15 14.65 -87.47
C SER D 7 3.01 14.71 -88.47
N GLY D 8 3.20 15.52 -89.50
CA GLY D 8 2.18 15.70 -90.52
C GLY D 8 1.63 17.10 -90.53
N GLY D 9 0.34 17.24 -90.85
CA GLY D 9 -0.28 18.55 -90.86
C GLY D 9 0.24 19.41 -92.01
N GLY D 10 0.22 20.72 -91.78
CA GLY D 10 0.61 21.69 -92.77
C GLY D 10 -0.58 22.44 -93.34
N LEU D 11 -0.35 23.09 -94.47
CA LEU D 11 -1.38 23.87 -95.16
C LEU D 11 -1.98 23.02 -96.27
N VAL D 12 -3.31 22.95 -96.30
CA VAL D 12 -4.03 22.15 -97.28
C VAL D 12 -5.24 22.93 -97.78
N GLN D 13 -5.55 22.78 -99.06
CA GLN D 13 -6.73 23.41 -99.62
C GLN D 13 -8.00 22.75 -99.06
N THR D 14 -9.06 23.54 -98.96
CA THR D 14 -10.32 23.03 -98.45
C THR D 14 -10.81 21.87 -99.32
N GLY D 15 -11.35 20.84 -98.68
CA GLY D 15 -11.81 19.65 -99.36
C GLY D 15 -10.73 18.63 -99.63
N GLY D 16 -9.49 18.87 -99.21
CA GLY D 16 -8.40 17.93 -99.41
C GLY D 16 -8.38 16.86 -98.34
N SER D 17 -7.27 16.11 -98.33
CA SER D 17 -7.06 15.03 -97.39
C SER D 17 -5.67 15.14 -96.78
N LEU D 18 -5.54 14.61 -95.57
CA LEU D 18 -4.27 14.66 -94.85
C LEU D 18 -4.17 13.45 -93.93
N ARG D 19 -2.94 13.17 -93.50
CA ARG D 19 -2.67 12.08 -92.56
C ARG D 19 -1.73 12.59 -91.49
N LEU D 20 -2.12 12.43 -90.23
CA LEU D 20 -1.31 12.84 -89.09
C LEU D 20 -0.83 11.60 -88.35
N SER D 21 0.46 11.56 -88.04
CA SER D 21 1.07 10.42 -87.36
C SER D 21 1.52 10.83 -85.95
N CYS D 22 1.35 9.92 -85.00
CA CYS D 22 1.78 10.14 -83.63
C CYS D 22 2.57 8.92 -83.17
N ALA D 23 3.81 9.13 -82.78
CA ALA D 23 4.69 8.08 -82.27
C ALA D 23 4.79 8.22 -80.76
N LEU D 24 4.47 7.15 -80.05
CA LEU D 24 4.45 7.14 -78.59
C LEU D 24 5.46 6.11 -78.10
N SER D 25 6.28 6.50 -77.12
CA SER D 25 7.31 5.63 -76.58
C SER D 25 7.41 5.83 -75.07
N GLY D 26 7.96 4.83 -74.41
CA GLY D 26 8.19 4.89 -72.97
C GLY D 26 7.13 4.22 -72.12
N TYR D 27 6.22 3.46 -72.71
CA TYR D 27 5.16 2.80 -71.97
C TYR D 27 4.52 1.76 -72.87
N THR D 28 3.48 1.10 -72.37
CA THR D 28 2.76 0.07 -73.10
C THR D 28 1.62 0.72 -73.87
N PHE D 29 1.91 1.17 -75.09
CA PHE D 29 0.91 1.81 -75.91
C PHE D 29 -0.11 0.81 -76.46
N SER D 30 0.19 -0.48 -76.43
CA SER D 30 -0.67 -1.47 -77.07
C SER D 30 -2.07 -1.47 -76.46
N ILE D 31 -2.16 -1.38 -75.13
CA ILE D 31 -3.44 -1.53 -74.44
C ILE D 31 -4.05 -0.18 -74.08
N PHE D 32 -3.23 0.78 -73.64
CA PHE D 32 -3.78 2.04 -73.18
C PHE D 32 -4.33 2.84 -74.36
N PRO D 33 -5.55 3.40 -74.26
CA PRO D 33 -6.10 4.17 -75.37
C PRO D 33 -5.29 5.43 -75.65
N THR D 34 -5.32 5.85 -76.91
CA THR D 34 -4.69 7.10 -77.34
C THR D 34 -5.73 7.96 -78.03
N ALA D 35 -5.76 9.24 -77.66
CA ALA D 35 -6.79 10.17 -78.12
C ALA D 35 -6.17 11.36 -78.83
N TRP D 36 -6.77 11.74 -79.95
CA TRP D 36 -6.34 12.90 -80.73
C TRP D 36 -7.28 14.06 -80.42
N PHE D 37 -6.71 15.18 -80.00
CA PHE D 37 -7.45 16.40 -79.71
C PHE D 37 -6.95 17.52 -80.60
N ARG D 38 -7.80 18.54 -80.78
CA ARG D 38 -7.45 19.71 -81.57
C ARG D 38 -7.83 20.96 -80.80
N GLN D 39 -6.90 21.92 -80.76
CA GLN D 39 -7.13 23.21 -80.12
C GLN D 39 -7.03 24.30 -81.18
N ALA D 40 -8.07 25.12 -81.29
CA ALA D 40 -8.14 26.17 -82.28
C ALA D 40 -8.07 27.54 -81.62
N PRO D 41 -7.66 28.58 -82.37
CA PRO D 41 -7.61 29.93 -81.79
C PRO D 41 -8.94 30.33 -81.15
N GLY D 42 -8.92 30.56 -79.84
CA GLY D 42 -10.12 30.90 -79.11
C GLY D 42 -10.91 29.70 -78.61
N LYS D 43 -10.48 28.48 -78.93
CA LYS D 43 -11.16 27.26 -78.51
C LYS D 43 -10.27 26.48 -77.56
N GLU D 44 -10.89 25.87 -76.55
CA GLU D 44 -10.16 25.06 -75.59
C GLU D 44 -9.88 23.69 -76.20
N ARG D 45 -9.36 22.77 -75.39
CA ARG D 45 -9.04 21.42 -75.85
C ARG D 45 -10.24 20.51 -75.59
N GLU D 46 -10.74 19.88 -76.65
CA GLU D 46 -11.90 19.00 -76.56
C GLU D 46 -11.63 17.72 -77.35
N PHE D 47 -12.34 16.66 -76.98
CA PHE D 47 -12.18 15.38 -77.65
C PHE D 47 -12.51 15.51 -79.14
N VAL D 48 -11.64 14.96 -79.98
CA VAL D 48 -11.83 14.94 -81.42
C VAL D 48 -11.90 13.52 -81.96
N ALA D 49 -10.97 12.66 -81.55
CA ALA D 49 -10.99 11.26 -81.95
C ALA D 49 -10.24 10.45 -80.91
N GLY D 50 -10.44 9.13 -80.96
CA GLY D 50 -9.74 8.25 -80.04
C GLY D 50 -9.75 6.82 -80.51
N ILE D 51 -8.75 6.07 -80.07
CA ILE D 51 -8.64 4.65 -80.39
C ILE D 51 -8.19 3.90 -79.14
N ARG D 52 -8.79 2.73 -78.94
CA ARG D 52 -8.50 1.91 -77.77
C ARG D 52 -8.38 0.46 -78.18
N TRP D 53 -7.71 -0.31 -77.34
CA TRP D 53 -7.48 -1.75 -77.57
C TRP D 53 -8.02 -2.50 -76.36
N ASN D 54 -9.29 -2.88 -76.41
CA ASN D 54 -9.91 -3.58 -75.29
C ASN D 54 -9.24 -4.92 -75.01
N GLY D 55 -8.58 -5.52 -76.00
CA GLY D 55 -7.81 -6.72 -75.80
C GLY D 55 -8.47 -8.01 -76.23
N SER D 56 -9.69 -7.97 -76.76
CA SER D 56 -10.39 -9.21 -77.10
C SER D 56 -10.16 -9.58 -78.56
N THR D 57 -10.60 -8.74 -79.50
CA THR D 57 -10.42 -9.03 -80.92
C THR D 57 -10.11 -7.83 -81.79
N ARG D 58 -10.34 -6.59 -81.35
CA ARG D 58 -10.26 -5.45 -82.25
C ARG D 58 -9.96 -4.18 -81.45
N ASP D 59 -9.61 -3.13 -82.19
CA ASP D 59 -9.38 -1.81 -81.62
C ASP D 59 -10.61 -0.95 -81.87
N TYR D 60 -11.24 -0.49 -80.80
CA TYR D 60 -12.42 0.35 -80.93
C TYR D 60 -12.03 1.78 -81.25
N THR D 61 -12.82 2.42 -82.12
CA THR D 61 -12.57 3.78 -82.56
C THR D 61 -13.75 4.66 -82.18
N GLU D 62 -13.45 5.88 -81.72
CA GLU D 62 -14.46 6.85 -81.31
C GLU D 62 -14.19 8.15 -82.07
N TYR D 63 -15.24 8.70 -82.66
CA TYR D 63 -15.14 9.92 -83.46
C TYR D 63 -16.15 10.94 -82.94
N ALA D 64 -15.73 12.20 -82.86
CA ALA D 64 -16.62 13.25 -82.42
C ALA D 64 -17.68 13.53 -83.48
N ASP D 65 -18.84 14.03 -83.02
CA ASP D 65 -19.96 14.26 -83.92
C ASP D 65 -19.61 15.28 -85.00
N PHE D 66 -18.93 16.37 -84.61
CA PHE D 66 -18.63 17.42 -85.57
C PHE D 66 -17.65 16.97 -86.65
N VAL D 67 -16.97 15.85 -86.45
CA VAL D 67 -16.06 15.31 -87.46
C VAL D 67 -16.37 13.84 -87.71
N LYS D 68 -17.56 13.39 -87.28
CA LYS D 68 -17.95 12.01 -87.49
C LYS D 68 -18.14 11.73 -88.97
N GLY D 69 -17.66 10.57 -89.42
CA GLY D 69 -17.78 10.16 -90.79
C GLY D 69 -16.71 10.72 -91.73
N ARG D 70 -15.79 11.54 -91.22
CA ARG D 70 -14.73 12.11 -92.03
C ARG D 70 -13.34 11.81 -91.51
N PHE D 71 -13.18 11.57 -90.21
CA PHE D 71 -11.89 11.27 -89.61
C PHE D 71 -11.82 9.79 -89.28
N THR D 72 -10.72 9.14 -89.66
CA THR D 72 -10.50 7.73 -89.37
C THR D 72 -9.23 7.58 -88.55
N ILE D 73 -9.33 6.88 -87.43
CA ILE D 73 -8.21 6.71 -86.50
C ILE D 73 -7.85 5.24 -86.45
N SER D 74 -6.55 4.95 -86.60
CA SER D 74 -6.04 3.58 -86.54
C SER D 74 -4.80 3.55 -85.66
N ARG D 75 -4.55 2.41 -85.05
CA ARG D 75 -3.41 2.22 -84.16
C ARG D 75 -2.62 0.99 -84.59
N ASP D 76 -1.31 1.13 -84.68
CA ASP D 76 -0.40 0.03 -84.97
C ASP D 76 0.42 -0.22 -83.71
N ASN D 77 0.04 -1.26 -82.97
CA ASN D 77 0.74 -1.60 -81.73
C ASN D 77 2.18 -2.02 -82.00
N ALA D 78 2.42 -2.79 -83.07
CA ALA D 78 3.77 -3.23 -83.38
C ALA D 78 4.69 -2.04 -83.61
N LYS D 79 4.22 -1.04 -84.36
CA LYS D 79 4.98 0.17 -84.59
C LYS D 79 4.74 1.24 -83.52
N ASN D 80 3.79 1.02 -82.62
CA ASN D 80 3.44 1.99 -81.59
C ASN D 80 3.09 3.34 -82.22
N MET D 81 2.29 3.30 -83.29
CA MET D 81 1.93 4.49 -84.04
C MET D 81 0.43 4.69 -84.02
N VAL D 82 0.01 5.95 -84.13
CA VAL D 82 -1.40 6.31 -84.28
C VAL D 82 -1.53 7.15 -85.54
N TYR D 83 -2.40 6.71 -86.45
CA TYR D 83 -2.60 7.39 -87.73
C TYR D 83 -4.02 7.94 -87.79
N LEU D 84 -4.13 9.23 -88.09
CA LEU D 84 -5.43 9.89 -88.22
C LEU D 84 -5.53 10.42 -89.66
N GLN D 85 -6.47 9.86 -90.41
CA GLN D 85 -6.71 10.26 -91.79
C GLN D 85 -7.93 11.17 -91.84
N MET D 86 -7.77 12.35 -92.42
CA MET D 86 -8.83 13.35 -92.51
C MET D 86 -9.13 13.63 -93.98
N ILE D 87 -10.43 13.69 -94.29
CA ILE D 87 -10.90 13.99 -95.63
C ILE D 87 -12.00 15.04 -95.54
N SER D 88 -12.22 15.75 -96.66
CA SER D 88 -13.22 16.80 -96.72
C SER D 88 -12.99 17.85 -95.63
N LEU D 89 -11.75 18.29 -95.51
CA LEU D 89 -11.39 19.27 -94.49
C LEU D 89 -12.09 20.60 -94.76
N LYS D 90 -12.30 21.35 -93.69
CA LYS D 90 -13.01 22.63 -93.73
C LYS D 90 -12.15 23.71 -93.10
N PRO D 91 -12.43 24.98 -93.40
CA PRO D 91 -11.60 26.06 -92.82
C PRO D 91 -11.56 26.03 -91.30
N GLU D 92 -12.66 25.64 -90.66
CA GLU D 92 -12.70 25.60 -89.19
C GLU D 92 -11.76 24.54 -88.63
N ASP D 93 -11.29 23.60 -89.45
CA ASP D 93 -10.41 22.55 -88.97
C ASP D 93 -9.01 23.07 -88.64
N THR D 94 -8.68 24.29 -89.03
CA THR D 94 -7.37 24.85 -88.71
C THR D 94 -7.16 24.87 -87.20
N ALA D 95 -6.12 24.19 -86.73
CA ALA D 95 -5.88 24.07 -85.30
C ALA D 95 -4.57 23.33 -85.08
N LEU D 96 -4.16 23.28 -83.81
CA LEU D 96 -3.00 22.51 -83.38
C LEU D 96 -3.51 21.19 -82.80
N TYR D 97 -2.99 20.08 -83.33
CA TYR D 97 -3.46 18.75 -82.98
C TYR D 97 -2.47 18.07 -82.07
N TYR D 98 -2.96 17.54 -80.96
CA TYR D 98 -2.17 16.78 -79.99
C TYR D 98 -2.66 15.33 -79.95
N CYS D 99 -1.72 14.44 -79.63
CA CYS D 99 -2.05 13.05 -79.35
C CYS D 99 -1.64 12.75 -77.91
N ALA D 100 -2.57 12.21 -77.13
CA ALA D 100 -2.40 12.01 -75.70
C ALA D 100 -2.64 10.56 -75.33
N ALA D 101 -1.85 10.06 -74.38
CA ALA D 101 -1.97 8.71 -73.87
C ALA D 101 -1.98 8.75 -72.35
N SER D 102 -2.53 7.71 -71.75
CA SER D 102 -2.69 7.61 -70.31
C SER D 102 -1.97 6.37 -69.78
N ASP D 103 -1.48 6.47 -68.55
CA ASP D 103 -0.84 5.32 -67.91
C ASP D 103 -1.82 4.18 -67.68
N GLY D 104 -3.13 4.46 -67.71
CA GLY D 104 -4.15 3.43 -67.61
C GLY D 104 -5.25 3.65 -68.63
N VAL D 105 -6.21 2.72 -68.61
CA VAL D 105 -7.34 2.77 -69.52
C VAL D 105 -8.38 3.73 -68.94
N ILE D 106 -8.66 4.80 -69.66
CA ILE D 106 -9.57 5.85 -69.21
C ILE D 106 -10.57 6.16 -70.32
N ASP D 107 -11.58 6.93 -69.97
CA ASP D 107 -12.60 7.33 -70.95
C ASP D 107 -11.97 8.16 -72.06
N GLY D 108 -12.48 7.98 -73.28
CA GLY D 108 -11.92 8.70 -74.40
C GLY D 108 -12.07 10.21 -74.27
N THR D 109 -13.23 10.67 -73.82
CA THR D 109 -13.49 12.09 -73.69
C THR D 109 -12.81 12.72 -72.49
N ASN D 110 -12.26 11.91 -71.57
CA ASN D 110 -11.59 12.44 -70.38
C ASN D 110 -10.19 12.92 -70.79
N ALA D 111 -10.16 14.12 -71.35
CA ALA D 111 -8.89 14.69 -71.79
C ALA D 111 -7.94 14.93 -70.63
N ASN D 112 -8.48 15.41 -69.50
CA ASN D 112 -7.62 15.71 -68.35
C ASN D 112 -6.95 14.45 -67.82
N ALA D 113 -7.67 13.33 -67.79
CA ALA D 113 -7.11 12.10 -67.26
C ALA D 113 -5.88 11.63 -68.02
N TYR D 114 -5.74 12.04 -69.28
CA TYR D 114 -4.57 11.68 -70.09
C TYR D 114 -3.35 12.37 -69.49
N ARG D 115 -2.46 11.57 -68.88
CA ARG D 115 -1.29 12.13 -68.21
C ARG D 115 -0.14 12.44 -69.17
N TYR D 116 -0.21 11.96 -70.42
CA TYR D 116 0.84 12.18 -71.40
C TYR D 116 0.28 12.98 -72.57
N TRP D 117 0.99 14.03 -72.95
CA TRP D 117 0.59 14.87 -74.07
C TRP D 117 1.82 15.18 -74.94
N GLY D 118 1.61 15.18 -76.25
CA GLY D 118 2.69 15.43 -77.19
C GLY D 118 2.75 16.89 -77.63
N GLN D 119 3.81 17.20 -78.37
CA GLN D 119 4.00 18.56 -78.88
C GLN D 119 2.91 18.95 -79.88
N GLY D 120 2.51 18.03 -80.75
CA GLY D 120 1.45 18.30 -81.70
C GLY D 120 1.94 18.90 -82.99
N THR D 121 1.01 19.02 -83.94
CA THR D 121 1.31 19.56 -85.26
C THR D 121 0.23 20.56 -85.66
N GLN D 122 0.64 21.58 -86.40
CA GLN D 122 -0.28 22.62 -86.85
C GLN D 122 -0.89 22.23 -88.19
N VAL D 123 -2.20 22.44 -88.32
CA VAL D 123 -2.94 22.16 -89.55
C VAL D 123 -3.74 23.40 -89.92
N THR D 124 -3.67 23.79 -91.19
CA THR D 124 -4.39 24.94 -91.70
C THR D 124 -5.13 24.54 -92.97
N VAL D 125 -6.38 24.99 -93.09
CA VAL D 125 -7.23 24.70 -94.23
C VAL D 125 -7.55 26.01 -94.92
N SER D 126 -7.26 26.09 -96.22
CA SER D 126 -7.46 27.29 -97.02
C SER D 126 -8.54 27.04 -98.06
N SER D 127 -9.45 27.99 -98.19
CA SER D 127 -10.53 27.90 -99.17
C SER D 127 -9.98 27.92 -100.59
N GLU E 1 12.06 47.70 -50.24
CA GLU E 1 11.92 46.63 -51.27
C GLU E 1 12.98 46.80 -52.35
N VAL E 2 13.45 45.68 -52.90
CA VAL E 2 14.46 45.71 -53.94
C VAL E 2 13.78 46.06 -55.27
N GLN E 3 14.29 47.10 -55.93
CA GLN E 3 13.72 47.59 -57.17
C GLN E 3 14.78 47.60 -58.27
N LEU E 4 14.43 47.02 -59.42
CA LEU E 4 15.30 46.99 -60.59
C LEU E 4 14.57 47.67 -61.75
N VAL E 5 15.26 48.61 -62.40
CA VAL E 5 14.70 49.37 -63.51
C VAL E 5 15.62 49.21 -64.71
N GLU E 6 15.04 48.89 -65.87
CA GLU E 6 15.78 48.70 -67.10
C GLU E 6 15.48 49.84 -68.07
N SER E 7 16.52 50.36 -68.72
CA SER E 7 16.38 51.43 -69.67
C SER E 7 17.27 51.14 -70.88
N GLY E 8 16.85 51.68 -72.04
CA GLY E 8 17.55 51.45 -73.29
C GLY E 8 16.71 50.68 -74.28
N GLY E 9 17.36 49.87 -75.12
CA GLY E 9 16.63 49.07 -76.08
C GLY E 9 16.03 49.92 -77.19
N GLY E 10 14.89 49.46 -77.70
CA GLY E 10 14.23 50.12 -78.81
C GLY E 10 14.47 49.39 -80.12
N LEU E 11 14.23 50.07 -81.24
CA LEU E 11 14.40 49.50 -82.57
C LEU E 11 15.76 49.91 -83.12
N VAL E 12 16.52 48.92 -83.60
CA VAL E 12 17.85 49.16 -84.15
C VAL E 12 18.02 48.34 -85.41
N GLN E 13 18.72 48.91 -86.39
CA GLN E 13 19.03 48.18 -87.61
C GLN E 13 20.00 47.04 -87.33
N THR E 14 19.87 45.97 -88.11
CA THR E 14 20.75 44.82 -87.95
C THR E 14 22.20 45.23 -88.13
N GLY E 15 23.07 44.67 -87.29
CA GLY E 15 24.47 45.00 -87.31
C GLY E 15 24.86 46.23 -86.51
N GLY E 16 23.90 46.88 -85.85
CA GLY E 16 24.17 48.06 -85.06
C GLY E 16 24.66 47.70 -83.67
N SER E 17 24.69 48.73 -82.81
CA SER E 17 25.14 48.59 -81.43
C SER E 17 24.13 49.26 -80.51
N LEU E 18 24.08 48.77 -79.27
CA LEU E 18 23.14 49.29 -78.28
C LEU E 18 23.73 49.15 -76.89
N ARG E 19 23.18 49.92 -75.96
CA ARG E 19 23.60 49.87 -74.56
C ARG E 19 22.36 49.83 -73.69
N LEU E 20 22.30 48.85 -72.80
CA LEU E 20 21.19 48.69 -71.87
C LEU E 20 21.67 48.97 -70.45
N SER E 21 20.91 49.76 -69.70
CA SER E 21 21.27 50.13 -68.34
C SER E 21 20.27 49.52 -67.37
N CYS E 22 20.78 48.93 -66.28
CA CYS E 22 19.94 48.36 -65.23
C CYS E 22 20.34 48.99 -63.91
N ALA E 23 19.40 49.71 -63.29
CA ALA E 23 19.61 50.36 -62.01
C ALA E 23 18.93 49.54 -60.92
N LEU E 24 19.69 49.19 -59.88
CA LEU E 24 19.21 48.34 -58.80
C LEU E 24 19.31 49.11 -57.49
N SER E 25 18.29 48.96 -56.64
CA SER E 25 18.25 49.64 -55.35
C SER E 25 17.55 48.75 -54.33
N GLY E 26 17.82 49.04 -53.06
CA GLY E 26 17.18 48.33 -51.97
C GLY E 26 17.96 47.18 -51.38
N TYR E 27 19.23 47.02 -51.74
CA TYR E 27 20.05 45.93 -51.21
C TYR E 27 21.52 46.24 -51.53
N THR E 28 22.38 45.26 -51.23
CA THR E 28 23.82 45.39 -51.47
C THR E 28 24.13 44.83 -52.85
N PHE E 29 24.14 45.72 -53.85
CA PHE E 29 24.42 45.31 -55.22
C PHE E 29 25.90 45.05 -55.45
N SER E 30 26.77 45.54 -54.57
CA SER E 30 28.21 45.47 -54.82
C SER E 30 28.69 44.03 -54.94
N ILE E 31 28.22 43.14 -54.06
CA ILE E 31 28.74 41.79 -53.96
C ILE E 31 27.87 40.78 -54.71
N PHE E 32 26.56 40.89 -54.58
CA PHE E 32 25.69 39.90 -55.19
C PHE E 32 25.72 40.02 -56.71
N PRO E 33 25.91 38.91 -57.43
CA PRO E 33 25.99 39.00 -58.90
C PRO E 33 24.66 39.43 -59.51
N THR E 34 24.76 40.03 -60.70
CA THR E 34 23.59 40.46 -61.46
C THR E 34 23.64 39.82 -62.84
N ALA E 35 22.50 39.31 -63.30
CA ALA E 35 22.42 38.55 -64.53
C ALA E 35 21.41 39.16 -65.49
N TRP E 36 21.79 39.28 -66.76
CA TRP E 36 20.92 39.76 -67.82
C TRP E 36 20.36 38.58 -68.59
N PHE E 37 19.04 38.56 -68.74
CA PHE E 37 18.34 37.52 -69.48
C PHE E 37 17.48 38.15 -70.57
N ARG E 38 17.18 37.37 -71.60
CA ARG E 38 16.33 37.80 -72.70
C ARG E 38 15.28 36.75 -72.98
N GLN E 39 14.03 37.18 -73.13
CA GLN E 39 12.91 36.30 -73.45
C GLN E 39 12.34 36.73 -74.80
N ALA E 40 12.28 35.81 -75.75
CA ALA E 40 11.81 36.08 -77.08
C ALA E 40 10.46 35.42 -77.33
N PRO E 41 9.67 35.93 -78.29
CA PRO E 41 8.38 35.29 -78.59
C PRO E 41 8.51 33.80 -78.86
N GLY E 42 7.87 32.98 -78.02
CA GLY E 42 7.98 31.55 -78.13
C GLY E 42 9.18 30.94 -77.41
N LYS E 43 10.03 31.76 -76.80
CA LYS E 43 11.21 31.28 -76.09
C LYS E 43 11.05 31.57 -74.61
N GLU E 44 11.53 30.65 -73.78
CA GLU E 44 11.48 30.81 -72.33
C GLU E 44 12.62 31.74 -71.90
N ARG E 45 12.86 31.82 -70.59
CA ARG E 45 13.92 32.66 -70.04
C ARG E 45 15.16 31.80 -69.80
N GLU E 46 16.28 32.19 -70.40
CA GLU E 46 17.53 31.48 -70.26
C GLU E 46 18.67 32.47 -70.02
N PHE E 47 19.74 31.97 -69.42
CA PHE E 47 20.89 32.81 -69.12
C PHE E 47 21.46 33.40 -70.42
N VAL E 48 21.71 34.71 -70.39
CA VAL E 48 22.30 35.43 -71.52
C VAL E 48 23.64 36.03 -71.15
N ALA E 49 23.71 36.73 -70.01
CA ALA E 49 24.97 37.29 -69.53
C ALA E 49 24.90 37.43 -68.03
N GLY E 50 26.06 37.59 -67.41
CA GLY E 50 26.11 37.76 -65.97
C GLY E 50 27.42 38.40 -65.54
N ILE E 51 27.36 39.09 -64.41
CA ILE E 51 28.53 39.73 -63.83
C ILE E 51 28.52 39.48 -62.33
N ARG E 52 29.69 39.18 -61.77
CA ARG E 52 29.84 38.87 -60.36
C ARG E 52 31.04 39.63 -59.80
N TRP E 53 30.97 39.91 -58.50
CA TRP E 53 32.02 40.62 -57.77
C TRP E 53 32.62 39.65 -56.76
N ASN E 54 33.70 38.97 -57.15
CA ASN E 54 34.33 38.00 -56.26
C ASN E 54 34.85 38.64 -54.99
N GLY E 55 35.07 39.95 -55.00
CA GLY E 55 35.48 40.68 -53.81
C GLY E 55 36.98 40.81 -53.61
N SER E 56 37.80 40.17 -54.44
CA SER E 56 39.25 40.19 -54.23
C SER E 56 39.90 41.32 -55.05
N THR E 57 39.78 41.24 -56.37
CA THR E 57 40.41 42.25 -57.22
C THR E 57 39.61 42.65 -58.46
N ARG E 58 38.62 41.89 -58.91
CA ARG E 58 37.99 42.14 -60.19
C ARG E 58 36.58 41.57 -60.22
N ASP E 59 35.82 42.00 -61.22
CA ASP E 59 34.47 41.48 -61.47
C ASP E 59 34.54 40.52 -62.65
N TYR E 60 34.05 39.30 -62.45
CA TYR E 60 34.06 38.30 -63.51
C TYR E 60 32.78 38.39 -64.34
N THR E 61 32.93 38.21 -65.65
CA THR E 61 31.83 38.30 -66.59
C THR E 61 31.65 36.96 -67.30
N GLU E 62 30.42 36.49 -67.34
CA GLU E 62 30.05 35.26 -68.04
C GLU E 62 29.13 35.61 -69.20
N TYR E 63 29.43 35.09 -70.37
CA TYR E 63 28.66 35.36 -71.58
C TYR E 63 28.20 34.04 -72.18
N ALA E 64 26.94 34.00 -72.63
CA ALA E 64 26.40 32.80 -73.26
C ALA E 64 27.09 32.55 -74.60
N ASP E 65 27.15 31.28 -74.99
CA ASP E 65 27.85 30.91 -76.21
C ASP E 65 27.23 31.57 -77.44
N PHE E 66 25.89 31.58 -77.52
CA PHE E 66 25.23 32.13 -78.70
C PHE E 66 25.47 33.63 -78.84
N VAL E 67 25.94 34.31 -77.80
CA VAL E 67 26.25 35.73 -77.87
C VAL E 67 27.67 35.98 -77.38
N LYS E 68 28.44 34.91 -77.21
CA LYS E 68 29.82 35.06 -76.75
C LYS E 68 30.65 35.80 -77.79
N GLY E 69 31.51 36.70 -77.32
CA GLY E 69 32.36 37.48 -78.19
C GLY E 69 31.72 38.73 -78.75
N ARG E 70 30.45 38.99 -78.45
CA ARG E 70 29.74 40.16 -78.95
C ARG E 70 29.04 40.96 -77.86
N PHE E 71 28.69 40.32 -76.74
CA PHE E 71 27.99 40.98 -75.64
C PHE E 71 28.98 41.23 -74.51
N THR E 72 28.99 42.46 -73.99
CA THR E 72 29.84 42.84 -72.87
C THR E 72 28.96 43.30 -71.72
N ILE E 73 29.34 42.93 -70.50
CA ILE E 73 28.59 43.29 -69.30
C ILE E 73 29.57 43.89 -68.30
N SER E 74 29.19 45.03 -67.71
CA SER E 74 30.01 45.69 -66.70
C SER E 74 29.11 46.19 -65.58
N ARG E 75 29.69 46.31 -64.38
CA ARG E 75 28.96 46.74 -63.20
C ARG E 75 29.68 47.90 -62.54
N ASP E 76 28.93 48.92 -62.14
CA ASP E 76 29.43 50.04 -61.36
C ASP E 76 28.78 49.93 -59.98
N ASN E 77 29.58 49.55 -58.98
CA ASN E 77 29.07 49.43 -57.62
C ASN E 77 28.84 50.78 -56.97
N ALA E 78 29.67 51.77 -57.29
CA ALA E 78 29.48 53.10 -56.74
C ALA E 78 28.12 53.68 -57.16
N LYS E 79 27.76 53.50 -58.43
CA LYS E 79 26.46 53.92 -58.93
C LYS E 79 25.39 52.84 -58.77
N ASN E 80 25.77 51.63 -58.36
CA ASN E 80 24.83 50.52 -58.22
C ASN E 80 24.03 50.33 -59.50
N MET E 81 24.74 50.07 -60.60
CA MET E 81 24.12 49.99 -61.92
C MET E 81 24.94 49.07 -62.83
N VAL E 82 24.31 48.59 -63.89
CA VAL E 82 24.91 47.61 -64.79
C VAL E 82 24.75 48.10 -66.23
N TYR E 83 25.86 48.07 -66.97
CA TYR E 83 25.88 48.31 -68.41
C TYR E 83 25.92 46.99 -69.15
N LEU E 84 25.15 46.89 -70.23
CA LEU E 84 25.21 45.75 -71.15
C LEU E 84 25.34 46.32 -72.56
N GLN E 85 26.53 46.14 -73.15
CA GLN E 85 26.82 46.64 -74.48
C GLN E 85 26.69 45.51 -75.50
N MET E 86 25.98 45.77 -76.59
CA MET E 86 25.77 44.80 -77.65
C MET E 86 26.23 45.39 -78.97
N ILE E 87 26.94 44.57 -79.76
CA ILE E 87 27.42 44.97 -81.07
C ILE E 87 27.10 43.85 -82.06
N SER E 88 26.98 44.24 -83.33
CA SER E 88 26.68 43.29 -84.41
C SER E 88 25.41 42.51 -84.09
N LEU E 89 24.35 43.23 -83.76
CA LEU E 89 23.09 42.62 -83.42
C LEU E 89 22.50 41.89 -84.63
N LYS E 90 21.63 40.92 -84.35
CA LYS E 90 21.01 40.08 -85.36
C LYS E 90 19.51 40.11 -85.18
N PRO E 91 18.75 39.77 -86.22
CA PRO E 91 17.28 39.81 -86.09
C PRO E 91 16.75 38.94 -84.96
N GLU E 92 17.39 37.81 -84.69
CA GLU E 92 16.94 36.93 -83.62
C GLU E 92 17.11 37.55 -82.23
N ASP E 93 17.88 38.63 -82.11
CA ASP E 93 18.09 39.27 -80.82
C ASP E 93 16.85 39.99 -80.32
N THR E 94 15.83 40.18 -81.15
CA THR E 94 14.61 40.84 -80.71
C THR E 94 13.98 40.08 -79.55
N ALA E 95 13.82 40.76 -78.42
CA ALA E 95 13.31 40.11 -77.22
C ALA E 95 13.13 41.17 -76.12
N LEU E 96 12.50 40.74 -75.03
CA LEU E 96 12.37 41.56 -73.83
C LEU E 96 13.49 41.18 -72.88
N TYR E 97 14.27 42.16 -72.46
CA TYR E 97 15.46 41.94 -71.64
C TYR E 97 15.17 42.31 -70.19
N TYR E 98 15.51 41.39 -69.29
CA TYR E 98 15.39 41.58 -67.85
C TYR E 98 16.78 41.55 -67.22
N CYS E 99 16.91 42.25 -66.08
CA CYS E 99 18.10 42.17 -65.25
C CYS E 99 17.67 41.73 -63.85
N ALA E 100 18.33 40.70 -63.33
CA ALA E 100 17.94 40.06 -62.08
C ALA E 100 19.11 40.05 -61.11
N ALA E 101 18.79 40.14 -59.82
CA ALA E 101 19.77 40.11 -58.76
C ALA E 101 19.31 39.15 -57.67
N SER E 102 20.26 38.68 -56.86
CA SER E 102 20.00 37.70 -55.82
C SER E 102 20.30 38.30 -54.45
N ASP E 103 19.50 37.89 -53.46
CA ASP E 103 19.76 38.30 -52.09
C ASP E 103 21.09 37.79 -51.58
N GLY E 104 21.62 36.73 -52.19
CA GLY E 104 22.93 36.21 -51.83
C GLY E 104 23.74 35.85 -53.06
N VAL E 105 24.81 35.09 -52.89
CA VAL E 105 25.63 34.65 -54.00
C VAL E 105 25.12 33.31 -54.48
N ILE E 106 24.80 33.23 -55.78
CA ILE E 106 24.24 32.03 -56.40
C ILE E 106 24.91 31.82 -57.76
N ASP E 107 24.69 30.63 -58.32
CA ASP E 107 25.24 30.33 -59.64
C ASP E 107 24.70 31.31 -60.67
N GLY E 108 25.60 31.74 -61.57
CA GLY E 108 25.19 32.72 -62.57
C GLY E 108 24.11 32.20 -63.49
N THR E 109 24.20 30.93 -63.90
CA THR E 109 23.24 30.35 -64.83
C THR E 109 21.91 29.99 -64.17
N ASN E 110 21.82 30.03 -62.84
CA ASN E 110 20.59 29.68 -62.13
C ASN E 110 19.66 30.88 -62.16
N ALA E 111 18.86 30.97 -63.24
CA ALA E 111 17.93 32.07 -63.38
C ALA E 111 16.87 32.05 -62.29
N ASN E 112 16.35 30.86 -61.96
CA ASN E 112 15.29 30.75 -60.96
C ASN E 112 15.76 31.24 -59.60
N ALA E 113 17.01 30.92 -59.23
CA ALA E 113 17.52 31.30 -57.92
C ALA E 113 17.52 32.80 -57.70
N TYR E 114 17.56 33.59 -58.77
CA TYR E 114 17.52 35.04 -58.67
C TYR E 114 16.15 35.45 -58.14
N ARG E 115 16.12 35.93 -56.88
CA ARG E 115 14.86 36.28 -56.25
C ARG E 115 14.33 37.64 -56.68
N TYR E 116 15.14 38.46 -57.33
CA TYR E 116 14.75 39.81 -57.75
C TYR E 116 14.78 39.89 -59.27
N TRP E 117 13.70 40.40 -59.86
CA TRP E 117 13.59 40.56 -61.30
C TRP E 117 13.02 41.95 -61.60
N GLY E 118 13.55 42.56 -62.67
CA GLY E 118 13.10 43.88 -63.07
C GLY E 118 12.03 43.84 -64.15
N GLN E 119 11.48 45.02 -64.43
CA GLN E 119 10.45 45.12 -65.46
C GLN E 119 11.01 44.78 -66.85
N GLY E 120 12.21 45.24 -67.15
CA GLY E 120 12.83 44.95 -68.43
C GLY E 120 12.45 45.94 -69.50
N THR E 121 13.08 45.77 -70.67
CA THR E 121 12.83 46.66 -71.81
C THR E 121 12.87 45.85 -73.10
N GLN E 122 12.12 46.34 -74.09
CA GLN E 122 12.00 45.66 -75.37
C GLN E 122 13.10 46.10 -76.32
N VAL E 123 13.68 45.13 -77.05
CA VAL E 123 14.69 45.39 -78.06
C VAL E 123 14.26 44.69 -79.34
N THR E 124 14.34 45.41 -80.46
CA THR E 124 13.98 44.88 -81.76
C THR E 124 15.10 45.16 -82.75
N VAL E 125 15.42 44.17 -83.57
CA VAL E 125 16.47 44.28 -84.58
C VAL E 125 15.83 44.10 -85.95
N SER E 126 16.06 45.07 -86.84
CA SER E 126 15.49 45.09 -88.17
C SER E 126 16.59 44.96 -89.21
N SER E 127 16.35 44.13 -90.22
CA SER E 127 17.32 43.94 -91.30
C SER E 127 17.51 45.22 -92.10
N GLU F 1 -26.58 28.80 -58.60
CA GLU F 1 -25.31 29.55 -58.82
C GLU F 1 -25.58 30.98 -59.27
N VAL F 2 -24.72 31.90 -58.86
CA VAL F 2 -24.86 33.31 -59.21
C VAL F 2 -24.34 33.50 -60.63
N GLN F 3 -25.17 34.08 -61.50
CA GLN F 3 -24.83 34.27 -62.90
C GLN F 3 -24.94 35.75 -63.25
N LEU F 4 -23.91 36.27 -63.90
CA LEU F 4 -23.88 37.65 -64.37
C LEU F 4 -23.65 37.66 -65.87
N VAL F 5 -24.49 38.39 -66.60
CA VAL F 5 -24.43 38.46 -68.05
C VAL F 5 -24.35 39.92 -68.47
N GLU F 6 -23.38 40.24 -69.33
CA GLU F 6 -23.16 41.59 -69.82
C GLU F 6 -23.59 41.69 -71.27
N SER F 7 -24.29 42.78 -71.60
CA SER F 7 -24.77 43.03 -72.95
C SER F 7 -24.51 44.48 -73.33
N GLY F 8 -24.35 44.70 -74.64
CA GLY F 8 -24.06 46.02 -75.16
C GLY F 8 -22.68 46.08 -75.79
N GLY F 9 -22.06 47.26 -75.77
CA GLY F 9 -20.72 47.39 -76.29
C GLY F 9 -20.68 47.47 -77.80
N GLY F 10 -19.59 46.97 -78.37
CA GLY F 10 -19.37 47.03 -79.80
C GLY F 10 -18.42 48.15 -80.18
N LEU F 11 -18.46 48.50 -81.46
CA LEU F 11 -17.60 49.55 -82.02
C LEU F 11 -18.38 50.85 -82.08
N VAL F 12 -17.79 51.93 -81.56
CA VAL F 12 -18.43 53.24 -81.53
C VAL F 12 -17.41 54.29 -81.92
N GLN F 13 -17.86 55.31 -82.65
CA GLN F 13 -16.98 56.41 -83.00
C GLN F 13 -16.62 57.23 -81.76
N THR F 14 -15.42 57.80 -81.79
CA THR F 14 -14.96 58.62 -80.67
C THR F 14 -15.90 59.79 -80.44
N GLY F 15 -16.16 60.08 -79.18
CA GLY F 15 -17.09 61.13 -78.80
C GLY F 15 -18.54 60.72 -78.75
N GLY F 16 -18.85 59.47 -79.04
CA GLY F 16 -20.22 58.99 -79.03
C GLY F 16 -20.67 58.60 -77.63
N SER F 17 -21.84 57.98 -77.58
CA SER F 17 -22.46 57.54 -76.33
C SER F 17 -22.93 56.11 -76.47
N LEU F 18 -22.99 55.40 -75.34
CA LEU F 18 -23.41 54.01 -75.33
C LEU F 18 -23.95 53.66 -73.95
N ARG F 19 -24.62 52.51 -73.88
CA ARG F 19 -25.24 52.03 -72.64
C ARG F 19 -25.02 50.54 -72.53
N LEU F 20 -24.26 50.12 -71.52
CA LEU F 20 -24.05 48.71 -71.21
C LEU F 20 -25.07 48.26 -70.18
N SER F 21 -25.48 47.00 -70.27
CA SER F 21 -26.42 46.41 -69.33
C SER F 21 -25.81 45.16 -68.70
N CYS F 22 -26.09 44.96 -67.42
CA CYS F 22 -25.63 43.77 -66.71
C CYS F 22 -26.80 43.17 -65.96
N ALA F 23 -27.07 41.89 -66.21
CA ALA F 23 -28.14 41.17 -65.55
C ALA F 23 -27.54 40.17 -64.57
N LEU F 24 -28.03 40.20 -63.33
CA LEU F 24 -27.52 39.36 -62.25
C LEU F 24 -28.65 38.48 -61.73
N SER F 25 -28.33 37.21 -61.46
CA SER F 25 -29.31 36.27 -60.94
C SER F 25 -28.64 35.31 -59.97
N GLY F 26 -29.45 34.71 -59.12
CA GLY F 26 -28.98 33.70 -58.18
C GLY F 26 -28.65 34.19 -56.80
N TYR F 27 -29.00 35.43 -56.44
CA TYR F 27 -28.72 35.97 -55.12
C TYR F 27 -29.55 37.24 -54.94
N THR F 28 -29.31 37.94 -53.84
CA THR F 28 -30.02 39.17 -53.51
C THR F 28 -29.21 40.35 -54.05
N PHE F 29 -29.52 40.75 -55.28
CA PHE F 29 -28.83 41.87 -55.90
C PHE F 29 -29.27 43.21 -55.33
N SER F 30 -30.41 43.26 -54.64
CA SER F 30 -30.97 44.54 -54.21
C SER F 30 -30.01 45.28 -53.27
N ILE F 31 -29.42 44.57 -52.31
CA ILE F 31 -28.63 45.20 -51.26
C ILE F 31 -27.14 45.19 -51.57
N PHE F 32 -26.63 44.09 -52.10
CA PHE F 32 -25.19 43.98 -52.30
C PHE F 32 -24.74 44.90 -53.43
N PRO F 33 -23.63 45.62 -53.26
CA PRO F 33 -23.19 46.53 -54.32
C PRO F 33 -22.73 45.77 -55.56
N THR F 34 -22.81 46.46 -56.71
CA THR F 34 -22.35 45.93 -57.98
C THR F 34 -21.37 46.91 -58.60
N ALA F 35 -20.23 46.40 -59.08
CA ALA F 35 -19.14 47.22 -59.57
C ALA F 35 -18.82 46.89 -61.02
N TRP F 36 -18.63 47.94 -61.82
CA TRP F 36 -18.25 47.80 -63.22
C TRP F 36 -16.75 48.08 -63.35
N PHE F 37 -16.02 47.13 -63.94
CA PHE F 37 -14.59 47.24 -64.17
C PHE F 37 -14.32 47.11 -65.66
N ARG F 38 -13.16 47.64 -66.08
CA ARG F 38 -12.73 47.55 -67.47
C ARG F 38 -11.27 47.11 -67.51
N GLN F 39 -10.98 46.14 -68.37
CA GLN F 39 -9.62 45.64 -68.56
C GLN F 39 -9.22 45.91 -70.00
N ALA F 40 -8.10 46.59 -70.19
CA ALA F 40 -7.61 46.96 -71.51
C ALA F 40 -6.35 46.19 -71.86
N PRO F 41 -6.03 46.05 -73.15
CA PRO F 41 -4.80 45.35 -73.54
C PRO F 41 -3.57 45.91 -72.84
N GLY F 42 -2.91 45.08 -72.03
CA GLY F 42 -1.77 45.51 -71.25
C GLY F 42 -2.11 46.14 -69.92
N LYS F 43 -3.39 46.29 -69.59
CA LYS F 43 -3.82 46.87 -68.33
C LYS F 43 -4.52 45.82 -67.48
N GLU F 44 -4.31 45.89 -66.18
CA GLU F 44 -4.94 44.96 -65.24
C GLU F 44 -6.38 45.41 -65.00
N ARG F 45 -7.03 44.81 -64.01
CA ARG F 45 -8.41 45.14 -63.66
C ARG F 45 -8.41 46.12 -62.50
N GLU F 46 -9.04 47.28 -62.69
CA GLU F 46 -9.13 48.32 -61.69
C GLU F 46 -10.55 48.85 -61.62
N PHE F 47 -10.88 49.43 -60.47
CA PHE F 47 -12.22 49.97 -60.28
C PHE F 47 -12.51 51.07 -61.30
N VAL F 48 -13.67 51.00 -61.92
CA VAL F 48 -14.12 51.98 -62.90
C VAL F 48 -15.40 52.68 -62.44
N ALA F 49 -16.37 51.91 -61.97
CA ALA F 49 -17.60 52.48 -61.44
C ALA F 49 -18.23 51.49 -60.47
N GLY F 50 -19.16 51.99 -59.67
CA GLY F 50 -19.85 51.13 -58.72
C GLY F 50 -21.14 51.75 -58.26
N ILE F 51 -22.07 50.88 -57.86
CA ILE F 51 -23.37 51.32 -57.34
C ILE F 51 -23.72 50.44 -56.14
N ARG F 52 -24.31 51.07 -55.12
CA ARG F 52 -24.65 50.38 -53.90
C ARG F 52 -26.00 50.86 -53.40
N TRP F 53 -26.65 50.02 -52.61
CA TRP F 53 -27.97 50.29 -52.05
C TRP F 53 -27.87 50.21 -50.53
N ASN F 54 -27.70 51.37 -49.88
CA ASN F 54 -27.52 51.39 -48.43
C ASN F 54 -28.76 50.93 -47.68
N GLY F 55 -29.92 50.90 -48.34
CA GLY F 55 -31.13 50.37 -47.74
C GLY F 55 -32.07 51.40 -47.16
N SER F 56 -31.65 52.66 -47.05
CA SER F 56 -32.49 53.69 -46.40
C SER F 56 -33.34 54.44 -47.41
N THR F 57 -32.71 55.24 -48.27
CA THR F 57 -33.47 56.11 -49.17
C THR F 57 -33.00 56.11 -50.62
N ARG F 58 -31.76 55.78 -50.93
CA ARG F 58 -31.24 56.01 -52.27
C ARG F 58 -30.12 55.03 -52.60
N ASP F 59 -29.80 54.96 -53.89
CA ASP F 59 -28.66 54.20 -54.40
C ASP F 59 -27.49 55.15 -54.61
N TYR F 60 -26.36 54.87 -53.98
CA TYR F 60 -25.18 55.69 -54.14
C TYR F 60 -24.30 55.17 -55.27
N THR F 61 -23.64 56.09 -55.96
CA THR F 61 -22.80 55.77 -57.10
C THR F 61 -21.39 56.32 -56.90
N GLU F 62 -20.39 55.52 -57.24
CA GLU F 62 -19.00 55.91 -57.20
C GLU F 62 -18.43 55.83 -58.61
N TYR F 63 -17.72 56.88 -59.03
CA TYR F 63 -17.14 56.96 -60.36
C TYR F 63 -15.65 57.20 -60.24
N ALA F 64 -14.86 56.49 -61.06
CA ALA F 64 -13.42 56.68 -61.05
C ALA F 64 -13.06 58.06 -61.58
N ASP F 65 -11.92 58.58 -61.10
CA ASP F 65 -11.51 59.94 -61.48
C ASP F 65 -11.28 60.05 -62.98
N PHE F 66 -10.63 59.05 -63.58
CA PHE F 66 -10.30 59.13 -65.00
C PHE F 66 -11.54 59.10 -65.88
N VAL F 67 -12.70 58.71 -65.35
CA VAL F 67 -13.95 58.70 -66.10
C VAL F 67 -15.02 59.43 -65.31
N LYS F 68 -14.61 60.21 -64.31
CA LYS F 68 -15.59 60.95 -63.51
C LYS F 68 -16.25 62.03 -64.35
N GLY F 69 -17.56 62.19 -64.16
CA GLY F 69 -18.32 63.18 -64.90
C GLY F 69 -18.81 62.73 -66.25
N ARG F 70 -18.47 61.52 -66.68
CA ARG F 70 -18.90 60.99 -67.97
C ARG F 70 -19.62 59.66 -67.88
N PHE F 71 -19.38 58.88 -66.83
CA PHE F 71 -20.03 57.59 -66.65
C PHE F 71 -21.14 57.73 -65.61
N THR F 72 -22.30 57.16 -65.90
CA THR F 72 -23.43 57.14 -64.99
C THR F 72 -23.89 55.71 -64.79
N ILE F 73 -23.93 55.27 -63.53
CA ILE F 73 -24.29 53.90 -63.17
C ILE F 73 -25.58 53.93 -62.38
N SER F 74 -26.55 53.11 -62.80
CA SER F 74 -27.82 53.00 -62.11
C SER F 74 -28.17 51.53 -61.93
N ARG F 75 -28.94 51.23 -60.89
CA ARG F 75 -29.32 49.87 -60.56
C ARG F 75 -30.83 49.77 -60.45
N ASP F 76 -31.39 48.70 -61.00
CA ASP F 76 -32.82 48.41 -60.92
C ASP F 76 -32.96 47.12 -60.12
N ASN F 77 -33.39 47.24 -58.86
CA ASN F 77 -33.60 46.07 -58.02
C ASN F 77 -34.81 45.27 -58.45
N ALA F 78 -35.86 45.94 -58.92
CA ALA F 78 -37.05 45.22 -59.40
C ALA F 78 -36.69 44.33 -60.58
N LYS F 79 -35.90 44.85 -61.52
CA LYS F 79 -35.41 44.06 -62.65
C LYS F 79 -34.11 43.34 -62.34
N ASN F 80 -33.48 43.62 -61.19
CA ASN F 80 -32.23 42.97 -60.80
C ASN F 80 -31.17 43.13 -61.89
N MET F 81 -30.88 44.38 -62.26
CA MET F 81 -29.91 44.65 -63.30
C MET F 81 -29.25 46.01 -63.07
N VAL F 82 -28.28 46.32 -63.92
CA VAL F 82 -27.48 47.54 -63.81
C VAL F 82 -27.33 48.14 -65.19
N TYR F 83 -27.55 49.45 -65.30
CA TYR F 83 -27.28 50.22 -66.50
C TYR F 83 -26.02 51.05 -66.28
N LEU F 84 -25.19 51.15 -67.33
CA LEU F 84 -23.99 51.99 -67.31
C LEU F 84 -23.97 52.80 -68.60
N GLN F 85 -24.28 54.09 -68.50
CA GLN F 85 -24.35 54.98 -69.65
C GLN F 85 -23.09 55.85 -69.69
N MET F 86 -22.41 55.86 -70.83
CA MET F 86 -21.22 56.68 -71.01
C MET F 86 -21.37 57.55 -72.24
N ILE F 87 -20.84 58.77 -72.16
CA ILE F 87 -20.87 59.74 -73.25
C ILE F 87 -19.47 60.28 -73.46
N SER F 88 -19.24 60.83 -74.65
CA SER F 88 -17.95 61.41 -75.01
C SER F 88 -16.82 60.40 -74.80
N LEU F 89 -16.96 59.23 -75.43
CA LEU F 89 -15.96 58.18 -75.30
C LEU F 89 -14.66 58.60 -75.96
N LYS F 90 -13.57 57.95 -75.55
CA LYS F 90 -12.23 58.23 -76.03
C LYS F 90 -11.59 56.95 -76.53
N PRO F 91 -10.57 57.05 -77.39
CA PRO F 91 -9.94 55.83 -77.91
C PRO F 91 -9.40 54.91 -76.82
N GLU F 92 -8.90 55.48 -75.73
CA GLU F 92 -8.36 54.67 -74.64
C GLU F 92 -9.42 53.85 -73.92
N ASP F 93 -10.71 54.17 -74.11
CA ASP F 93 -11.78 53.45 -73.45
C ASP F 93 -11.96 52.03 -74.00
N THR F 94 -11.34 51.70 -75.13
CA THR F 94 -11.44 50.36 -75.68
C THR F 94 -10.97 49.33 -74.66
N ALA F 95 -11.85 48.41 -74.30
CA ALA F 95 -11.53 47.42 -73.27
C ALA F 95 -12.68 46.43 -73.15
N LEU F 96 -12.44 45.39 -72.36
CA LEU F 96 -13.46 44.41 -72.01
C LEU F 96 -14.02 44.79 -70.65
N TYR F 97 -15.34 44.95 -70.57
CA TYR F 97 -16.00 45.44 -69.37
C TYR F 97 -16.69 44.28 -68.66
N TYR F 98 -16.45 44.18 -67.35
CA TYR F 98 -17.06 43.18 -66.48
C TYR F 98 -17.94 43.88 -65.44
N CYS F 99 -18.99 43.18 -65.03
CA CYS F 99 -19.82 43.59 -63.90
C CYS F 99 -19.74 42.51 -62.83
N ALA F 100 -19.40 42.92 -61.61
CA ALA F 100 -19.10 41.99 -60.53
C ALA F 100 -19.97 42.30 -59.32
N ALA F 101 -20.36 41.25 -58.60
CA ALA F 101 -21.14 41.36 -57.38
C ALA F 101 -20.55 40.42 -56.34
N SER F 102 -20.87 40.69 -55.08
CA SER F 102 -20.34 39.94 -53.95
C SER F 102 -21.48 39.24 -53.21
N ASP F 103 -21.15 38.09 -52.62
CA ASP F 103 -22.14 37.37 -51.81
C ASP F 103 -22.62 38.22 -50.64
N GLY F 104 -21.77 39.13 -50.16
CA GLY F 104 -22.14 40.06 -49.11
C GLY F 104 -21.96 41.50 -49.55
N VAL F 105 -21.67 42.38 -48.59
CA VAL F 105 -21.41 43.78 -48.87
C VAL F 105 -19.94 44.05 -48.63
N ILE F 106 -19.25 44.56 -49.66
CA ILE F 106 -17.82 44.80 -49.60
C ILE F 106 -17.52 46.16 -50.22
N ASP F 107 -16.31 46.65 -49.97
CA ASP F 107 -15.87 47.92 -50.53
C ASP F 107 -15.90 47.85 -52.06
N GLY F 108 -16.40 48.92 -52.68
CA GLY F 108 -16.46 48.95 -54.13
C GLY F 108 -15.09 48.88 -54.77
N THR F 109 -14.11 49.58 -54.21
CA THR F 109 -12.76 49.58 -54.76
C THR F 109 -12.07 48.22 -54.59
N ASN F 110 -12.60 47.36 -53.73
CA ASN F 110 -12.01 46.04 -53.48
C ASN F 110 -12.47 45.10 -54.59
N ALA F 111 -11.77 45.17 -55.73
CA ALA F 111 -12.11 44.31 -56.86
C ALA F 111 -11.92 42.84 -56.52
N ASN F 112 -10.85 42.51 -55.81
CA ASN F 112 -10.56 41.11 -55.50
C ASN F 112 -11.66 40.51 -54.64
N ALA F 113 -12.18 41.28 -53.68
CA ALA F 113 -13.20 40.75 -52.77
C ALA F 113 -14.47 40.35 -53.50
N TYR F 114 -14.71 40.89 -54.69
CA TYR F 114 -15.91 40.54 -55.46
C TYR F 114 -15.83 39.07 -55.86
N ARG F 115 -16.69 38.24 -55.26
CA ARG F 115 -16.63 36.80 -55.48
C ARG F 115 -17.30 36.37 -56.78
N TYR F 116 -18.10 37.24 -57.41
CA TYR F 116 -18.80 36.91 -58.64
C TYR F 116 -18.35 37.85 -59.75
N TRP F 117 -18.04 37.29 -60.91
CA TRP F 117 -17.62 38.05 -62.07
C TRP F 117 -18.33 37.53 -63.30
N GLY F 118 -18.78 38.45 -64.17
CA GLY F 118 -19.48 38.07 -65.38
C GLY F 118 -18.55 37.90 -66.57
N GLN F 119 -19.13 37.41 -67.66
CA GLN F 119 -18.35 37.21 -68.88
C GLN F 119 -17.86 38.54 -69.45
N GLY F 120 -18.70 39.58 -69.42
CA GLY F 120 -18.30 40.89 -69.89
C GLY F 120 -18.57 41.09 -71.37
N THR F 121 -18.37 42.33 -71.81
CA THR F 121 -18.59 42.71 -73.19
C THR F 121 -17.45 43.59 -73.68
N GLN F 122 -17.13 43.46 -74.97
CA GLN F 122 -16.04 44.21 -75.57
C GLN F 122 -16.55 45.55 -76.10
N VAL F 123 -15.78 46.60 -75.84
CA VAL F 123 -16.10 47.95 -76.33
C VAL F 123 -14.87 48.50 -77.02
N THR F 124 -15.07 49.08 -78.20
CA THR F 124 -13.98 49.67 -78.98
C THR F 124 -14.39 51.08 -79.41
N VAL F 125 -13.46 52.01 -79.31
CA VAL F 125 -13.68 53.41 -79.67
C VAL F 125 -12.76 53.75 -80.82
N SER F 126 -13.34 54.24 -81.92
CA SER F 126 -12.61 54.59 -83.13
C SER F 126 -12.66 56.09 -83.35
N SER F 127 -11.50 56.67 -83.69
CA SER F 127 -11.41 58.10 -83.95
C SER F 127 -12.23 58.47 -85.19
#